data_8G5A
#
_entry.id   8G5A
#
loop_
_entity.id
_entity.type
_entity.pdbx_description
1 polymer Hemagglutinin
2 polymer 'FL-1086 Fab heavy chain'
3 polymer 'FL-1086 light chain'
4 non-polymer 2-acetamido-2-deoxy-beta-D-glucopyranose
#
loop_
_entity_poly.entity_id
_entity_poly.type
_entity_poly.pdbx_seq_one_letter_code
_entity_poly.pdbx_strand_id
1 'polypeptide(L)'
;MKRGLCCVLLLCGAVFVSPSASQDLPGNDNSTATLCLGHHAVPNGTLVKTITDDQIEVTNATELVQSSSTGKICNNPHRI
LDGIDCTLIDALLGDPHCDVFQNETWDLFVERSKAFSNCYPYDVPDYASLRSLVASSGTLEFITEGFTWTGVTQNGGSNA
CKRGPGSGFFSRLNWLTKSGSTYPVLNVTMPNNDNFDKLYIWGIHHPSTDQEQTSLYVQASGRVTVSTRRSQQTIIPNIG
SRPWVRGLSSRISIYWTIVKPGDVLVINSNGNLIAPRGYFKMRTGKSSIMRSDAPIDTCISECITPNGSIPNDKPFQNVN
KITYGACPKYVKQNTLKLATGMRNVPEKQTRGLFGAIAGFIENGWEGMIDGWYGFRHQNSEGTGQAADLKSTQAAIDQIN
GKLNRVIEKTNEKFHQIEKEFSEVEGRIQDLEKYVEDTKIDLWSYNAELLVALENQHTIDLTDSEMNKLFEKTRRQLREN
AEDMGNGCFKIYHKCDNACIESIRNGTYDHDVYRDEALNNRFQIKGVELKSGAGSSLEVLFQGPGSGSSLGGSGYIPEAP
RDGQAYVRKDGEWVLLSTFLGSGSSHHHHHHHHGGSGSSMDEKTTGWRGGHVVEGLAGELEQLRARLEHHPQGQREP
;
A,B,C
2 'polypeptide(L)'
;ASQVQLQQSGAELMQPGASVKLSCKATGYTFAGYWIEWVKQRPGHGLEWIGEILPGIGSTNYNGKFKGKATFTADSSSNT
AYMELSSLTTEDSAIYYCARSGAQATFAMDYWGQGTSVTVSGASTKGPSVFPLAPSSKSTSGGTAALGCLVKDYFPEPVT
VSWNSGALTSGVHTFPAVLQSSGLYSLSSVVTVPSSSLGTQTYICNVNHKPSNTKVDKRVEPKSCDKGSSLEVLFQGPLG
HHHHHH
;
H,I,J
3 'polypeptide(L)'
;ASDVQMTQSPSYLAASPGETITINCRASKSISKFLAWYQEKPGKTNKLLIYSGSTLQSGIPSRFSGSGSGTDFTLTISSL
EPEDFAMYYCQQHNEYPYTFGAGTKLELKRTVAAPSVFIFPPSDEQLKSGTASVVCLLNNFYPREAKVQWKVDNALQSGN
SQESVTEQDSKDSTYSLSSTLTLSKADYEKHKVYACEVTHQGLSSPVTKSFNRGEC
;
L,M,N
#
loop_
_chem_comp.id
_chem_comp.type
_chem_comp.name
_chem_comp.formula
NAG D-saccharide, beta linking 2-acetamido-2-deoxy-beta-D-glucopyranose 'C8 H15 N O6'
#
# COMPACT_ATOMS: atom_id res chain seq x y z
N SER A 31 46.89 -18.72 -89.98
CA SER A 31 47.24 -17.30 -90.21
C SER A 31 47.44 -16.56 -88.89
N THR A 32 46.52 -16.78 -87.96
CA THR A 32 46.53 -16.08 -86.68
C THR A 32 45.83 -16.96 -85.65
N ALA A 33 45.96 -16.56 -84.39
CA ALA A 33 45.31 -17.26 -83.28
C ALA A 33 44.34 -16.31 -82.58
N THR A 34 43.45 -16.88 -81.78
CA THR A 34 42.48 -16.11 -81.02
C THR A 34 42.45 -16.65 -79.59
N LEU A 35 42.55 -15.74 -78.62
CA LEU A 35 42.53 -16.08 -77.21
C LEU A 35 41.45 -15.26 -76.53
N CYS A 36 40.42 -15.92 -76.04
CA CYS A 36 39.28 -15.26 -75.40
C CYS A 36 39.29 -15.57 -73.91
N LEU A 37 38.97 -14.57 -73.12
CA LEU A 37 38.91 -14.69 -71.67
C LEU A 37 37.46 -14.64 -71.21
N GLY A 38 37.12 -15.50 -70.25
CA GLY A 38 35.76 -15.56 -69.80
C GLY A 38 35.64 -16.13 -68.40
N HIS A 39 34.40 -16.28 -67.96
CA HIS A 39 34.08 -16.70 -66.61
C HIS A 39 32.97 -17.74 -66.65
N HIS A 40 32.86 -18.49 -65.56
CA HIS A 40 31.88 -19.56 -65.50
C HIS A 40 30.47 -19.00 -65.35
N ALA A 41 29.50 -19.76 -65.86
CA ALA A 41 28.09 -19.45 -65.69
C ALA A 41 27.34 -20.74 -65.43
N VAL A 42 26.10 -20.62 -64.99
CA VAL A 42 25.28 -21.77 -64.65
C VAL A 42 23.95 -21.68 -65.39
N PRO A 43 23.29 -22.82 -65.66
CA PRO A 43 22.02 -22.74 -66.42
C PRO A 43 20.99 -21.83 -65.78
N ASN A 44 20.85 -21.85 -64.46
CA ASN A 44 19.95 -20.94 -63.78
C ASN A 44 20.52 -20.67 -62.39
N GLY A 45 20.88 -19.42 -62.15
CA GLY A 45 21.40 -18.99 -60.87
C GLY A 45 20.31 -18.58 -59.92
N THR A 46 20.69 -17.79 -58.92
CA THR A 46 19.77 -17.31 -57.89
C THR A 46 19.77 -15.79 -57.87
N LEU A 47 18.58 -15.22 -57.67
CA LEU A 47 18.44 -13.78 -57.60
C LEU A 47 18.85 -13.26 -56.23
N VAL A 48 19.54 -12.12 -56.23
CA VAL A 48 19.95 -11.46 -54.99
C VAL A 48 19.71 -9.97 -55.14
N LYS A 49 19.60 -9.30 -53.99
CA LYS A 49 19.48 -7.85 -53.93
C LYS A 49 20.87 -7.22 -53.84
N THR A 50 20.95 -5.97 -54.26
CA THR A 50 22.18 -5.20 -54.19
C THR A 50 21.83 -3.74 -53.93
N ILE A 51 22.86 -2.92 -53.78
CA ILE A 51 22.66 -1.49 -53.63
C ILE A 51 22.07 -0.89 -54.90
N THR A 52 22.55 -1.35 -56.06
CA THR A 52 22.12 -0.80 -57.34
C THR A 52 20.92 -1.57 -57.91
N ASP A 53 21.09 -2.87 -58.14
CA ASP A 53 20.07 -3.69 -58.78
C ASP A 53 19.21 -4.35 -57.71
N ASP A 54 17.89 -4.22 -57.86
CA ASP A 54 16.98 -4.83 -56.91
C ASP A 54 16.95 -6.35 -57.07
N GLN A 55 17.25 -6.86 -58.26
CA GLN A 55 17.20 -8.29 -58.53
C GLN A 55 18.25 -8.60 -59.58
N ILE A 56 19.33 -9.26 -59.18
CA ILE A 56 20.42 -9.61 -60.07
C ILE A 56 20.81 -11.06 -59.85
N GLU A 57 21.07 -11.78 -60.94
CA GLU A 57 21.38 -13.20 -60.85
C GLU A 57 22.85 -13.41 -60.50
N VAL A 58 23.09 -14.43 -59.68
CA VAL A 58 24.44 -14.88 -59.36
C VAL A 58 24.49 -16.39 -59.48
N THR A 59 25.69 -16.91 -59.69
CA THR A 59 25.86 -18.35 -59.89
C THR A 59 25.54 -19.14 -58.63
N ASN A 60 25.91 -18.61 -57.47
CA ASN A 60 25.74 -19.33 -56.22
C ASN A 60 25.42 -18.35 -55.10
N ALA A 61 24.54 -18.75 -54.19
CA ALA A 61 24.13 -17.90 -53.09
C ALA A 61 23.80 -18.77 -51.89
N THR A 62 23.80 -18.14 -50.72
CA THR A 62 23.52 -18.83 -49.47
C THR A 62 22.47 -18.07 -48.67
N GLU A 63 21.63 -18.81 -47.96
CA GLU A 63 20.60 -18.22 -47.12
C GLU A 63 21.19 -17.85 -45.77
N LEU A 64 20.99 -16.60 -45.35
CA LEU A 64 21.52 -16.10 -44.08
C LEU A 64 20.48 -16.05 -42.98
N VAL A 65 19.23 -16.38 -43.28
CA VAL A 65 18.15 -16.37 -42.29
C VAL A 65 17.73 -17.81 -42.02
N GLN A 66 17.81 -18.21 -40.77
CA GLN A 66 17.34 -19.53 -40.34
C GLN A 66 15.85 -19.42 -40.06
N SER A 67 15.03 -19.86 -41.02
CA SER A 67 13.60 -19.69 -40.96
C SER A 67 12.86 -20.97 -40.59
N SER A 68 13.58 -22.00 -40.16
CA SER A 68 12.97 -23.27 -39.82
C SER A 68 13.58 -23.79 -38.52
N SER A 69 12.82 -24.64 -37.83
CA SER A 69 13.22 -25.17 -36.53
C SER A 69 13.12 -26.68 -36.52
N THR A 70 13.92 -27.30 -35.67
CA THR A 70 13.87 -28.76 -35.51
C THR A 70 12.53 -29.21 -34.95
N GLY A 71 11.85 -28.34 -34.19
CA GLY A 71 10.64 -28.72 -33.50
C GLY A 71 10.85 -29.36 -32.16
N LYS A 72 12.10 -29.56 -31.74
CA LYS A 72 12.43 -30.16 -30.46
C LYS A 72 13.51 -29.35 -29.78
N ILE A 73 13.49 -29.39 -28.44
CA ILE A 73 14.48 -28.68 -27.64
C ILE A 73 15.59 -29.67 -27.29
N CYS A 74 16.75 -29.51 -27.91
CA CYS A 74 17.90 -30.33 -27.55
C CYS A 74 18.27 -30.12 -26.09
N ASN A 75 18.62 -31.21 -25.42
CA ASN A 75 18.90 -31.19 -23.99
C ASN A 75 20.37 -30.94 -23.69
N ASN A 76 21.19 -30.68 -24.70
CA ASN A 76 22.60 -30.39 -24.50
C ASN A 76 22.99 -29.23 -25.40
N PRO A 77 24.03 -28.47 -25.04
CA PRO A 77 24.82 -28.63 -23.80
C PRO A 77 24.15 -28.01 -22.59
N HIS A 78 23.14 -27.17 -22.82
CA HIS A 78 22.44 -26.51 -21.73
C HIS A 78 21.62 -27.53 -20.94
N ARG A 79 21.64 -27.37 -19.61
CA ARG A 79 20.88 -28.25 -18.72
C ARG A 79 19.43 -27.82 -18.75
N ILE A 80 18.62 -28.52 -19.53
CA ILE A 80 17.20 -28.22 -19.64
C ILE A 80 16.43 -28.90 -18.51
N LEU A 81 15.53 -28.17 -17.89
CA LEU A 81 14.67 -28.69 -16.84
C LEU A 81 13.22 -28.51 -17.30
N ASP A 82 12.51 -29.62 -17.46
CA ASP A 82 11.15 -29.60 -17.98
C ASP A 82 10.17 -29.43 -16.82
N GLY A 83 9.47 -28.30 -16.81
CA GLY A 83 8.40 -28.07 -15.86
C GLY A 83 7.09 -28.62 -16.39
N ILE A 84 6.95 -29.95 -16.35
CA ILE A 84 5.85 -30.62 -17.04
C ILE A 84 4.51 -29.99 -16.64
N ASP A 85 4.17 -30.09 -15.35
CA ASP A 85 2.89 -29.60 -14.85
C ASP A 85 3.07 -28.49 -13.82
N CYS A 86 4.23 -27.86 -13.77
CA CYS A 86 4.57 -26.93 -12.69
C CYS A 86 5.11 -25.63 -13.25
N THR A 87 4.59 -24.52 -12.78
CA THR A 87 5.24 -23.25 -12.97
C THR A 87 6.43 -23.14 -12.03
N LEU A 88 7.36 -22.24 -12.37
CA LEU A 88 8.56 -22.10 -11.54
C LEU A 88 8.22 -21.70 -10.12
N ILE A 89 7.20 -20.85 -9.95
CA ILE A 89 6.83 -20.40 -8.61
C ILE A 89 6.25 -21.56 -7.80
N ASP A 90 5.48 -22.43 -8.45
CA ASP A 90 4.92 -23.58 -7.74
C ASP A 90 6.04 -24.49 -7.23
N ALA A 91 7.05 -24.73 -8.06
CA ALA A 91 8.20 -25.50 -7.61
C ALA A 91 8.94 -24.79 -6.48
N LEU A 92 9.06 -23.46 -6.58
CA LEU A 92 9.75 -22.69 -5.55
C LEU A 92 9.06 -22.83 -4.21
N LEU A 93 7.73 -22.70 -4.19
CA LEU A 93 7.00 -22.76 -2.93
C LEU A 93 6.89 -24.18 -2.41
N GLY A 94 6.92 -25.17 -3.29
CA GLY A 94 6.81 -26.55 -2.87
C GLY A 94 5.41 -27.10 -3.04
N ASP A 95 4.82 -26.84 -4.19
CA ASP A 95 3.50 -27.39 -4.48
C ASP A 95 3.56 -28.92 -4.41
N PRO A 96 2.57 -29.58 -3.80
CA PRO A 96 2.70 -31.03 -3.60
C PRO A 96 2.97 -31.81 -4.87
N HIS A 97 2.37 -31.43 -6.00
CA HIS A 97 2.66 -32.09 -7.26
C HIS A 97 3.91 -31.53 -7.93
N CYS A 98 4.64 -30.64 -7.26
CA CYS A 98 5.89 -30.10 -7.76
C CYS A 98 7.07 -30.46 -6.87
N ASP A 99 6.86 -31.27 -5.84
CA ASP A 99 7.94 -31.62 -4.92
C ASP A 99 9.07 -32.38 -5.59
N VAL A 100 8.83 -32.92 -6.79
CA VAL A 100 9.90 -33.58 -7.53
C VAL A 100 10.97 -32.59 -7.96
N PHE A 101 10.71 -31.29 -7.91
CA PHE A 101 11.66 -30.28 -8.35
C PHE A 101 12.49 -29.73 -7.20
N GLN A 102 12.42 -30.33 -6.02
CA GLN A 102 13.19 -29.83 -4.89
C GLN A 102 14.68 -29.89 -5.19
N ASN A 103 15.40 -28.82 -4.85
CA ASN A 103 16.84 -28.72 -5.00
C ASN A 103 17.28 -28.88 -6.45
N GLU A 104 16.39 -28.65 -7.41
CA GLU A 104 16.74 -28.78 -8.81
C GLU A 104 17.54 -27.57 -9.28
N THR A 105 18.29 -27.78 -10.36
CA THR A 105 19.06 -26.73 -11.00
C THR A 105 18.88 -26.83 -12.50
N TRP A 106 19.05 -25.70 -13.17
CA TRP A 106 18.80 -25.64 -14.60
C TRP A 106 19.62 -24.53 -15.24
N ASP A 107 19.88 -24.69 -16.53
CA ASP A 107 20.31 -23.59 -17.37
C ASP A 107 19.16 -22.99 -18.16
N LEU A 108 18.05 -23.72 -18.29
CA LEU A 108 16.85 -23.21 -18.95
C LEU A 108 15.66 -23.96 -18.37
N PHE A 109 14.83 -23.26 -17.60
CA PHE A 109 13.59 -23.84 -17.12
C PHE A 109 12.50 -23.65 -18.17
N VAL A 110 11.87 -24.74 -18.56
CA VAL A 110 10.86 -24.73 -19.63
C VAL A 110 9.50 -24.90 -18.97
N GLU A 111 8.67 -23.87 -19.08
CA GLU A 111 7.31 -23.91 -18.56
C GLU A 111 6.34 -24.33 -19.67
N ARG A 112 5.43 -25.22 -19.31
CA ARG A 112 4.44 -25.72 -20.26
C ARG A 112 3.12 -25.00 -20.06
N SER A 113 2.41 -24.80 -21.18
CA SER A 113 1.13 -24.11 -21.12
C SER A 113 0.11 -24.88 -20.28
N LYS A 114 0.27 -26.20 -20.17
CA LYS A 114 -0.63 -27.02 -19.39
C LYS A 114 -0.38 -26.93 -17.89
N ALA A 115 0.67 -26.23 -17.47
CA ALA A 115 1.02 -26.18 -16.06
C ALA A 115 -0.12 -25.58 -15.24
N PHE A 116 -0.29 -26.09 -14.03
CA PHE A 116 -1.38 -25.66 -13.17
C PHE A 116 -0.91 -25.69 -11.71
N SER A 117 -1.64 -24.97 -10.87
CA SER A 117 -1.40 -24.96 -9.43
C SER A 117 -2.46 -25.80 -8.74
N ASN A 118 -2.02 -26.61 -7.78
CA ASN A 118 -2.91 -27.54 -7.10
C ASN A 118 -2.77 -27.47 -5.58
N CYS A 119 -2.39 -26.29 -5.07
CA CYS A 119 -2.32 -26.06 -3.63
C CYS A 119 -3.11 -24.80 -3.30
N TYR A 120 -2.95 -24.31 -2.08
CA TYR A 120 -3.67 -23.12 -1.64
C TYR A 120 -3.60 -22.03 -2.70
N PRO A 121 -4.71 -21.36 -3.02
CA PRO A 121 -4.67 -20.29 -4.01
C PRO A 121 -3.80 -19.14 -3.51
N TYR A 122 -2.89 -18.68 -4.37
CA TYR A 122 -1.94 -17.65 -4.01
C TYR A 122 -1.77 -16.67 -5.16
N ASP A 123 -1.35 -15.46 -4.82
CA ASP A 123 -1.01 -14.43 -5.80
C ASP A 123 0.29 -13.78 -5.37
N VAL A 124 1.16 -13.52 -6.33
CA VAL A 124 2.48 -12.95 -6.07
C VAL A 124 2.47 -11.51 -6.56
N PRO A 125 2.41 -10.52 -5.68
CA PRO A 125 2.61 -9.13 -6.12
C PRO A 125 3.98 -8.99 -6.78
N ASP A 126 3.98 -8.50 -8.01
CA ASP A 126 5.19 -8.47 -8.83
C ASP A 126 5.66 -9.90 -9.12
N TYR A 127 4.72 -10.71 -9.61
CA TYR A 127 5.02 -12.10 -9.94
C TYR A 127 6.18 -12.20 -10.93
N ALA A 128 6.22 -11.28 -11.90
CA ALA A 128 7.25 -11.34 -12.92
C ALA A 128 8.64 -11.17 -12.33
N SER A 129 8.78 -10.25 -11.37
CA SER A 129 10.10 -10.00 -10.78
C SER A 129 10.61 -11.24 -10.06
N LEU A 130 9.76 -11.86 -9.24
CA LEU A 130 10.17 -13.07 -8.52
C LEU A 130 10.50 -14.18 -9.49
N ARG A 131 9.66 -14.39 -10.49
CA ARG A 131 9.90 -15.44 -11.48
C ARG A 131 11.23 -15.21 -12.18
N SER A 132 11.49 -13.98 -12.61
CA SER A 132 12.71 -13.68 -13.34
C SER A 132 13.94 -13.85 -12.48
N LEU A 133 13.90 -13.38 -11.23
CA LEU A 133 15.09 -13.50 -10.39
C LEU A 133 15.35 -14.93 -9.98
N VAL A 134 14.29 -15.73 -9.75
CA VAL A 134 14.49 -17.14 -9.45
C VAL A 134 15.06 -17.86 -10.67
N ALA A 135 14.55 -17.57 -11.85
CA ALA A 135 15.07 -18.19 -13.06
C ALA A 135 16.54 -17.82 -13.28
N SER A 136 16.88 -16.55 -13.08
CA SER A 136 18.27 -16.13 -13.24
C SER A 136 19.16 -16.77 -12.18
N SER A 137 18.62 -17.01 -10.99
CA SER A 137 19.40 -17.71 -9.96
C SER A 137 19.80 -19.09 -10.43
N GLY A 138 18.88 -19.80 -11.08
CA GLY A 138 19.17 -21.08 -11.69
C GLY A 138 19.08 -22.28 -10.77
N THR A 139 18.74 -22.08 -9.50
CA THR A 139 18.66 -23.19 -8.56
C THR A 139 17.50 -22.98 -7.61
N LEU A 140 16.94 -24.10 -7.15
CA LEU A 140 15.98 -24.13 -6.06
C LEU A 140 16.58 -24.71 -4.79
N GLU A 141 17.90 -24.65 -4.66
CA GLU A 141 18.58 -25.22 -3.51
C GLU A 141 18.10 -24.55 -2.23
N PHE A 142 17.38 -25.30 -1.41
CA PHE A 142 16.74 -24.77 -0.21
C PHE A 142 17.44 -25.31 1.03
N ILE A 143 17.85 -24.41 1.90
CA ILE A 143 18.46 -24.75 3.18
C ILE A 143 17.48 -24.37 4.27
N THR A 144 17.09 -25.35 5.07
CA THR A 144 16.22 -25.10 6.20
C THR A 144 16.99 -24.39 7.31
N GLU A 145 16.29 -23.52 8.04
CA GLU A 145 16.89 -22.76 9.12
C GLU A 145 16.04 -22.91 10.37
N GLY A 146 16.71 -22.82 11.52
CA GLY A 146 16.05 -23.08 12.79
C GLY A 146 15.29 -21.89 13.34
N PHE A 147 14.28 -21.42 12.60
CA PHE A 147 13.42 -20.38 13.12
C PHE A 147 12.72 -20.87 14.38
N THR A 148 12.77 -20.06 15.44
CA THR A 148 12.16 -20.42 16.71
C THR A 148 10.85 -19.65 16.85
N TRP A 149 9.79 -20.22 16.27
CA TRP A 149 8.46 -19.65 16.34
C TRP A 149 7.86 -20.05 17.68
N THR A 150 7.89 -19.12 18.64
CA THR A 150 7.48 -19.38 20.00
C THR A 150 6.03 -18.98 20.21
N GLY A 151 5.26 -19.86 20.85
CA GLY A 151 3.89 -19.53 21.21
C GLY A 151 2.90 -19.60 20.07
N VAL A 152 3.20 -20.34 19.01
CA VAL A 152 2.30 -20.48 17.88
C VAL A 152 2.35 -21.91 17.37
N THR A 153 1.33 -22.27 16.59
CA THR A 153 1.20 -23.60 16.02
C THR A 153 1.85 -23.61 14.65
N GLN A 154 2.87 -24.46 14.49
CA GLN A 154 3.57 -24.57 13.21
C GLN A 154 2.91 -25.65 12.34
N ASN A 155 3.31 -25.65 11.07
CA ASN A 155 2.92 -26.69 10.13
C ASN A 155 1.40 -26.73 9.95
N GLY A 156 0.83 -25.57 9.66
CA GLY A 156 -0.58 -25.50 9.32
C GLY A 156 -0.84 -26.04 7.92
N GLY A 157 -2.11 -26.31 7.65
CA GLY A 157 -2.50 -26.88 6.38
C GLY A 157 -3.91 -26.51 6.00
N SER A 158 -4.34 -27.00 4.84
CA SER A 158 -5.66 -26.71 4.31
C SER A 158 -6.15 -27.90 3.51
N ASN A 159 -7.47 -27.95 3.31
CA ASN A 159 -8.06 -29.04 2.55
C ASN A 159 -7.66 -28.99 1.09
N ALA A 160 -7.47 -27.78 0.55
CA ALA A 160 -7.18 -27.63 -0.87
C ALA A 160 -5.83 -28.22 -1.26
N CYS A 161 -4.90 -28.28 -0.32
CA CYS A 161 -3.51 -28.63 -0.60
C CYS A 161 -3.24 -29.99 0.05
N LYS A 162 -3.56 -31.05 -0.68
CA LYS A 162 -3.49 -32.42 -0.15
C LYS A 162 -2.10 -32.98 -0.45
N ARG A 163 -1.24 -32.96 0.57
CA ARG A 163 0.11 -33.48 0.43
C ARG A 163 0.12 -35.00 0.40
N GLY A 164 -0.74 -35.63 1.21
CA GLY A 164 -0.81 -37.07 1.28
C GLY A 164 -2.24 -37.53 1.46
N PRO A 165 -2.48 -38.41 2.45
CA PRO A 165 -3.85 -38.88 2.67
C PRO A 165 -4.81 -37.79 3.10
N GLY A 166 -4.31 -36.67 3.62
CA GLY A 166 -5.16 -35.61 4.13
C GLY A 166 -4.62 -34.25 3.80
N SER A 167 -4.78 -33.32 4.74
CA SER A 167 -4.44 -31.92 4.50
C SER A 167 -2.92 -31.74 4.39
N GLY A 168 -2.54 -30.62 3.79
CA GLY A 168 -1.14 -30.30 3.61
C GLY A 168 -0.97 -28.82 3.29
N PHE A 169 0.25 -28.48 2.88
CA PHE A 169 0.58 -27.09 2.58
C PHE A 169 1.88 -27.07 1.79
N PHE A 170 2.25 -25.88 1.34
CA PHE A 170 3.51 -25.70 0.64
C PHE A 170 4.66 -26.21 1.50
N SER A 171 5.56 -26.98 0.88
CA SER A 171 6.64 -27.60 1.62
C SER A 171 7.71 -26.61 2.04
N ARG A 172 7.83 -25.48 1.34
CA ARG A 172 8.82 -24.46 1.65
C ARG A 172 8.23 -23.30 2.45
N LEU A 173 7.00 -23.43 2.92
CA LEU A 173 6.37 -22.41 3.73
C LEU A 173 5.80 -23.05 4.99
N ASN A 174 5.67 -22.26 6.05
CA ASN A 174 5.20 -22.72 7.35
C ASN A 174 4.01 -21.86 7.74
N TRP A 175 2.83 -22.45 7.75
CA TRP A 175 1.60 -21.72 8.08
C TRP A 175 1.48 -21.67 9.59
N LEU A 176 1.85 -20.54 10.17
CA LEU A 176 1.74 -20.37 11.62
C LEU A 176 0.30 -20.07 12.00
N THR A 177 -0.14 -20.69 13.08
CA THR A 177 -1.50 -20.55 13.58
C THR A 177 -1.45 -20.32 15.08
N LYS A 178 -2.49 -19.68 15.59
CA LYS A 178 -2.60 -19.40 17.02
C LYS A 178 -2.26 -20.61 17.87
N SER A 179 -1.75 -20.37 19.07
CA SER A 179 -1.67 -21.42 20.07
C SER A 179 -3.07 -21.62 20.62
N GLY A 180 -3.17 -22.38 21.71
CA GLY A 180 -4.47 -22.68 22.30
C GLY A 180 -5.42 -21.50 22.27
N SER A 181 -4.98 -20.35 22.80
CA SER A 181 -5.82 -19.16 22.75
C SER A 181 -5.02 -17.87 22.54
N THR A 182 -3.77 -17.94 22.11
CA THR A 182 -2.94 -16.76 21.99
C THR A 182 -2.09 -16.82 20.73
N TYR A 183 -1.80 -15.65 20.17
CA TYR A 183 -0.89 -15.50 19.05
C TYR A 183 0.07 -14.37 19.37
N PRO A 184 1.19 -14.66 20.03
CA PRO A 184 2.10 -13.59 20.45
C PRO A 184 2.63 -12.80 19.27
N VAL A 185 3.32 -11.72 19.59
CA VAL A 185 3.98 -10.88 18.59
C VAL A 185 5.32 -11.54 18.28
N LEU A 186 5.33 -12.40 17.27
CA LEU A 186 6.57 -13.05 16.86
C LEU A 186 7.60 -11.99 16.48
N ASN A 187 8.83 -12.16 16.96
CA ASN A 187 9.91 -11.21 16.74
C ASN A 187 11.20 -11.95 16.41
N VAL A 188 11.15 -12.87 15.45
CA VAL A 188 12.32 -13.72 15.22
C VAL A 188 13.33 -13.00 14.33
N THR A 189 14.56 -13.52 14.34
CA THR A 189 15.64 -12.93 13.57
C THR A 189 16.54 -14.05 13.06
N MET A 190 17.29 -13.72 12.01
CA MET A 190 18.19 -14.68 11.36
C MET A 190 19.32 -13.91 10.71
N PRO A 191 20.53 -13.98 11.25
CA PRO A 191 21.66 -13.31 10.61
C PRO A 191 22.20 -14.12 9.45
N ASN A 192 22.75 -13.41 8.47
CA ASN A 192 23.41 -14.04 7.33
C ASN A 192 24.91 -13.98 7.54
N ASN A 193 25.41 -14.95 8.29
CA ASN A 193 26.84 -15.08 8.50
C ASN A 193 27.55 -15.77 7.35
N ASP A 194 26.80 -16.26 6.36
CA ASP A 194 27.38 -16.93 5.21
C ASP A 194 27.93 -15.90 4.22
N ASN A 195 28.44 -16.42 3.10
CA ASN A 195 29.14 -15.62 2.10
C ASN A 195 28.33 -15.47 0.82
N PHE A 196 27.01 -15.59 0.89
CA PHE A 196 26.17 -15.49 -0.29
C PHE A 196 24.82 -14.90 0.09
N ASP A 197 24.12 -14.40 -0.93
CA ASP A 197 22.79 -13.85 -0.72
C ASP A 197 21.80 -14.95 -0.40
N LYS A 198 20.88 -14.66 0.51
CA LYS A 198 19.84 -15.58 0.93
C LYS A 198 18.49 -15.06 0.47
N LEU A 199 17.72 -15.89 -0.22
CA LEU A 199 16.39 -15.54 -0.71
C LEU A 199 15.36 -16.21 0.19
N TYR A 200 14.62 -15.40 0.94
CA TYR A 200 13.57 -15.88 1.83
C TYR A 200 12.22 -15.61 1.17
N ILE A 201 11.44 -16.66 0.99
CA ILE A 201 10.09 -16.57 0.44
C ILE A 201 9.11 -16.72 1.59
N TRP A 202 8.29 -15.69 1.80
CA TRP A 202 7.29 -15.70 2.86
C TRP A 202 5.98 -15.21 2.29
N GLY A 203 4.97 -15.11 3.15
CA GLY A 203 3.67 -14.69 2.67
C GLY A 203 2.78 -14.21 3.80
N ILE A 204 1.63 -13.66 3.39
CA ILE A 204 0.60 -13.12 4.33
C ILE A 204 -0.75 -13.73 3.94
N HIS A 205 -1.47 -14.26 4.92
CA HIS A 205 -2.76 -14.91 4.69
C HIS A 205 -3.87 -13.87 4.65
N HIS A 206 -4.79 -14.04 3.70
CA HIS A 206 -5.95 -13.18 3.53
C HIS A 206 -7.20 -14.01 3.79
N PRO A 207 -7.75 -13.99 5.00
CA PRO A 207 -8.95 -14.77 5.28
C PRO A 207 -10.17 -14.19 4.58
N SER A 208 -11.17 -15.05 4.38
CA SER A 208 -12.38 -14.64 3.70
C SER A 208 -13.28 -13.80 4.60
N THR A 209 -13.33 -14.10 5.89
CA THR A 209 -14.23 -13.46 6.82
C THR A 209 -13.51 -13.08 8.11
N ASP A 210 -14.07 -12.09 8.81
CA ASP A 210 -13.51 -11.59 10.08
C ASP A 210 -13.47 -12.73 11.10
N GLN A 211 -14.54 -13.54 11.17
CA GLN A 211 -14.58 -14.64 12.13
C GLN A 211 -13.47 -15.65 11.82
N GLU A 212 -13.22 -15.91 10.54
CA GLU A 212 -12.13 -16.80 10.17
C GLU A 212 -10.79 -16.23 10.62
N GLN A 213 -10.60 -14.93 10.43
CA GLN A 213 -9.36 -14.27 10.88
C GLN A 213 -9.18 -14.46 12.37
N THR A 214 -10.22 -14.17 13.16
CA THR A 214 -10.13 -14.32 14.61
C THR A 214 -9.94 -15.77 15.03
N SER A 215 -10.47 -16.72 14.25
CA SER A 215 -10.32 -18.12 14.58
C SER A 215 -8.90 -18.59 14.35
N LEU A 216 -8.29 -18.23 13.21
CA LEU A 216 -6.91 -18.62 12.96
C LEU A 216 -5.95 -17.82 13.82
N TYR A 217 -6.22 -16.53 13.97
CA TYR A 217 -5.36 -15.62 14.71
C TYR A 217 -6.20 -14.83 15.69
N VAL A 218 -5.77 -14.78 16.94
CA VAL A 218 -6.59 -14.20 17.99
C VAL A 218 -6.90 -12.74 17.69
N GLN A 219 -5.97 -12.04 17.06
CA GLN A 219 -6.17 -10.62 16.79
C GLN A 219 -7.18 -10.42 15.66
N ALA A 220 -7.97 -9.36 15.77
CA ALA A 220 -8.96 -9.06 14.74
C ALA A 220 -8.30 -8.67 13.43
N SER A 221 -7.12 -8.07 13.50
CA SER A 221 -6.38 -7.67 12.31
C SER A 221 -4.93 -8.08 12.46
N GLY A 222 -4.35 -8.61 11.38
CA GLY A 222 -2.99 -9.07 11.40
C GLY A 222 -2.01 -8.02 10.92
N ARG A 223 -0.73 -8.39 10.93
CA ARG A 223 0.35 -7.52 10.52
C ARG A 223 1.63 -8.33 10.36
N VAL A 224 2.29 -8.19 9.22
CA VAL A 224 3.56 -8.86 8.96
C VAL A 224 4.58 -7.80 8.60
N THR A 225 5.78 -7.90 9.17
CA THR A 225 6.88 -7.01 8.86
C THR A 225 8.13 -7.85 8.68
N VAL A 226 8.80 -7.69 7.55
CA VAL A 226 10.03 -8.40 7.24
C VAL A 226 11.06 -7.37 6.80
N SER A 227 12.18 -7.31 7.50
CA SER A 227 13.11 -6.21 7.29
C SER A 227 14.55 -6.68 7.40
N THR A 228 15.42 -5.89 6.79
CA THR A 228 16.87 -6.01 6.89
C THR A 228 17.41 -4.67 7.41
N ARG A 229 18.73 -4.54 7.40
CA ARG A 229 19.33 -3.30 7.89
C ARG A 229 18.85 -2.10 7.10
N ARG A 230 18.79 -2.24 5.77
CA ARG A 230 18.32 -1.16 4.90
C ARG A 230 16.84 -1.29 4.56
N SER A 231 16.44 -2.38 3.95
CA SER A 231 15.11 -2.52 3.40
C SER A 231 14.11 -2.94 4.48
N GLN A 232 12.83 -2.79 4.15
CA GLN A 232 11.74 -3.24 5.01
C GLN A 232 10.48 -3.39 4.16
N GLN A 233 9.64 -4.34 4.56
CA GLN A 233 8.33 -4.53 3.95
C GLN A 233 7.32 -4.82 5.04
N THR A 234 6.17 -4.17 4.97
CA THR A 234 5.08 -4.45 5.88
C THR A 234 3.81 -4.69 5.09
N ILE A 235 3.10 -5.76 5.45
CA ILE A 235 1.88 -6.18 4.79
C ILE A 235 0.77 -6.25 5.83
N ILE A 236 -0.36 -5.63 5.50
CA ILE A 236 -1.56 -5.66 6.31
C ILE A 236 -2.55 -6.62 5.65
N PRO A 237 -2.92 -7.72 6.29
CA PRO A 237 -3.88 -8.63 5.65
C PRO A 237 -5.22 -7.94 5.40
N ASN A 238 -5.83 -8.30 4.27
CA ASN A 238 -7.15 -7.81 3.90
C ASN A 238 -8.14 -8.95 4.05
N ILE A 239 -9.17 -8.72 4.85
CA ILE A 239 -10.16 -9.75 5.17
C ILE A 239 -11.36 -9.52 4.24
N GLY A 240 -11.49 -10.39 3.25
CA GLY A 240 -12.58 -10.27 2.30
C GLY A 240 -12.66 -11.53 1.45
N SER A 241 -13.82 -11.71 0.85
CA SER A 241 -14.10 -12.92 0.09
C SER A 241 -13.61 -12.77 -1.35
N ARG A 242 -12.81 -13.73 -1.78
CA ARG A 242 -12.36 -13.85 -3.16
C ARG A 242 -13.11 -14.96 -3.86
N PRO A 243 -12.97 -15.05 -5.19
CA PRO A 243 -13.69 -16.11 -5.91
C PRO A 243 -13.30 -17.50 -5.44
N TRP A 244 -14.28 -18.39 -5.45
CA TRP A 244 -14.07 -19.78 -5.05
C TRP A 244 -13.00 -20.41 -5.91
N VAL A 245 -11.89 -20.80 -5.28
CA VAL A 245 -10.81 -21.51 -5.96
C VAL A 245 -10.45 -22.72 -5.10
N ARG A 246 -10.64 -23.92 -5.65
CA ARG A 246 -10.31 -25.15 -4.96
C ARG A 246 -10.90 -25.17 -3.56
N GLY A 247 -12.14 -24.73 -3.44
CA GLY A 247 -12.87 -24.77 -2.19
C GLY A 247 -12.58 -23.64 -1.24
N LEU A 248 -11.83 -22.62 -1.64
CA LEU A 248 -11.39 -21.57 -0.74
C LEU A 248 -11.70 -20.20 -1.33
N SER A 249 -12.15 -19.30 -0.46
CA SER A 249 -12.33 -17.89 -0.81
C SER A 249 -11.23 -17.01 -0.23
N SER A 250 -10.26 -17.60 0.46
CA SER A 250 -9.14 -16.87 1.02
C SER A 250 -7.96 -16.92 0.06
N ARG A 251 -6.88 -16.22 0.42
CA ARG A 251 -5.71 -16.16 -0.44
C ARG A 251 -4.45 -16.10 0.39
N ILE A 252 -3.32 -16.26 -0.30
CA ILE A 252 -2.00 -16.03 0.28
C ILE A 252 -1.22 -15.14 -0.68
N SER A 253 -0.73 -14.02 -0.17
CA SER A 253 0.09 -13.11 -0.95
C SER A 253 1.55 -13.40 -0.65
N ILE A 254 2.31 -13.72 -1.68
CA ILE A 254 3.69 -14.18 -1.55
C ILE A 254 4.63 -13.00 -1.77
N TYR A 255 5.57 -12.83 -0.85
CA TYR A 255 6.61 -11.81 -0.95
C TYR A 255 7.96 -12.47 -0.74
N TRP A 256 9.01 -11.75 -1.14
CA TRP A 256 10.37 -12.27 -1.04
C TRP A 256 11.29 -11.20 -0.49
N THR A 257 12.33 -11.64 0.20
CA THR A 257 13.34 -10.76 0.75
C THR A 257 14.71 -11.36 0.47
N ILE A 258 15.65 -10.50 0.09
CA ILE A 258 17.02 -10.92 -0.21
C ILE A 258 17.95 -10.32 0.84
N VAL A 259 18.74 -11.17 1.47
CA VAL A 259 19.62 -10.79 2.56
C VAL A 259 21.06 -10.96 2.09
N LYS A 260 21.82 -9.88 2.14
CA LYS A 260 23.21 -9.93 1.74
C LYS A 260 24.08 -10.42 2.89
N PRO A 261 25.31 -10.85 2.61
CA PRO A 261 26.21 -11.27 3.69
C PRO A 261 26.40 -10.15 4.69
N GLY A 262 26.41 -10.52 5.97
CA GLY A 262 26.50 -9.56 7.05
C GLY A 262 25.18 -8.94 7.45
N ASP A 263 24.21 -8.88 6.53
CA ASP A 263 22.90 -8.37 6.86
C ASP A 263 22.10 -9.41 7.65
N VAL A 264 21.05 -8.94 8.30
CA VAL A 264 20.25 -9.76 9.20
C VAL A 264 18.78 -9.57 8.87
N LEU A 265 18.04 -10.68 8.84
CA LEU A 265 16.60 -10.65 8.63
C LEU A 265 15.89 -10.58 9.96
N VAL A 266 14.83 -9.78 10.03
CA VAL A 266 13.96 -9.72 11.20
C VAL A 266 12.52 -9.85 10.73
N ILE A 267 11.79 -10.78 11.34
CA ILE A 267 10.39 -11.01 11.05
C ILE A 267 9.59 -10.70 12.32
N ASN A 268 8.77 -9.67 12.24
CA ASN A 268 7.90 -9.25 13.34
C ASN A 268 6.46 -9.30 12.87
N SER A 269 5.65 -10.12 13.53
CA SER A 269 4.28 -10.33 13.08
C SER A 269 3.35 -10.45 14.28
N ASN A 270 2.11 -10.03 14.08
CA ASN A 270 1.06 -10.26 15.07
C ASN A 270 -0.11 -11.04 14.51
N GLY A 271 0.08 -11.73 13.40
CA GLY A 271 -0.97 -12.53 12.80
C GLY A 271 -0.82 -12.58 11.30
N ASN A 272 -1.38 -13.64 10.71
CA ASN A 272 -1.44 -13.80 9.27
C ASN A 272 -0.08 -13.94 8.64
N LEU A 273 0.85 -14.63 9.31
CA LEU A 273 2.20 -14.82 8.79
C LEU A 273 2.33 -16.21 8.19
N ILE A 274 2.67 -16.26 6.90
CA ILE A 274 3.08 -17.51 6.26
C ILE A 274 4.59 -17.53 6.26
N ALA A 275 5.18 -18.05 7.33
CA ALA A 275 6.60 -17.89 7.56
C ALA A 275 7.42 -18.72 6.59
N PRO A 276 8.70 -18.38 6.43
CA PRO A 276 9.61 -19.26 5.67
C PRO A 276 10.16 -20.36 6.55
N ARG A 277 10.51 -21.47 5.90
CA ARG A 277 11.19 -22.58 6.55
C ARG A 277 12.71 -22.51 6.38
N GLY A 278 13.19 -21.52 5.65
CA GLY A 278 14.62 -21.43 5.35
C GLY A 278 14.86 -20.42 4.24
N TYR A 279 15.90 -20.68 3.46
CA TYR A 279 16.29 -19.76 2.40
C TYR A 279 16.77 -20.53 1.18
N PHE A 280 16.58 -19.92 0.02
CA PHE A 280 17.08 -20.45 -1.24
C PHE A 280 18.43 -19.81 -1.55
N LYS A 281 19.43 -20.64 -1.81
CA LYS A 281 20.77 -20.15 -2.09
C LYS A 281 20.78 -19.51 -3.47
N MET A 282 20.95 -18.19 -3.51
CA MET A 282 20.97 -17.46 -4.76
C MET A 282 22.31 -17.65 -5.48
N ARG A 283 22.26 -17.58 -6.80
CA ARG A 283 23.45 -17.69 -7.63
C ARG A 283 23.33 -16.72 -8.80
N THR A 284 24.46 -16.47 -9.44
CA THR A 284 24.53 -15.65 -10.64
C THR A 284 25.14 -16.48 -11.76
N GLY A 285 24.50 -16.47 -12.92
CA GLY A 285 24.99 -17.27 -14.02
C GLY A 285 24.10 -17.17 -15.24
N LYS A 286 24.20 -18.21 -16.06
CA LYS A 286 23.55 -18.26 -17.37
C LYS A 286 22.12 -18.77 -17.32
N SER A 287 21.59 -19.09 -16.14
CA SER A 287 20.26 -19.68 -16.05
C SER A 287 19.20 -18.69 -16.49
N SER A 288 18.11 -19.23 -17.02
CA SER A 288 16.97 -18.43 -17.48
C SER A 288 15.74 -19.32 -17.47
N ILE A 289 14.66 -18.80 -18.04
CA ILE A 289 13.38 -19.50 -18.10
C ILE A 289 12.72 -19.21 -19.43
N MET A 290 11.88 -20.15 -19.88
CA MET A 290 11.23 -20.04 -21.17
C MET A 290 9.90 -20.75 -21.13
N ARG A 291 8.93 -20.23 -21.88
CA ARG A 291 7.63 -20.86 -22.06
C ARG A 291 7.63 -21.58 -23.39
N SER A 292 7.40 -22.89 -23.37
CA SER A 292 7.43 -23.68 -24.60
C SER A 292 6.68 -24.98 -24.37
N ASP A 293 5.94 -25.40 -25.40
CA ASP A 293 5.29 -26.70 -25.41
C ASP A 293 6.06 -27.73 -26.21
N ALA A 294 7.24 -27.38 -26.72
CA ALA A 294 7.99 -28.30 -27.56
C ALA A 294 8.58 -29.43 -26.73
N PRO A 295 8.68 -30.64 -27.28
CA PRO A 295 9.31 -31.72 -26.53
C PRO A 295 10.83 -31.56 -26.47
N ILE A 296 11.43 -32.30 -25.54
CA ILE A 296 12.87 -32.28 -25.32
C ILE A 296 13.45 -33.59 -25.82
N ASP A 297 14.57 -33.50 -26.53
CA ASP A 297 15.18 -34.65 -27.17
C ASP A 297 16.67 -34.67 -26.87
N THR A 298 17.28 -35.85 -27.05
CA THR A 298 18.70 -36.04 -26.83
C THR A 298 19.44 -35.64 -28.10
N CYS A 299 20.03 -34.45 -28.08
CA CYS A 299 20.72 -33.90 -29.24
C CYS A 299 21.48 -32.66 -28.79
N ILE A 300 22.30 -32.14 -29.70
CA ILE A 300 23.19 -31.02 -29.43
C ILE A 300 22.66 -29.79 -30.15
N SER A 301 22.62 -28.66 -29.44
CA SER A 301 22.29 -27.39 -30.06
C SER A 301 22.71 -26.27 -29.12
N GLU A 302 23.43 -25.28 -29.66
CA GLU A 302 23.85 -24.14 -28.87
C GLU A 302 22.75 -23.09 -28.71
N CYS A 303 21.64 -23.22 -29.43
CA CYS A 303 20.57 -22.24 -29.42
C CYS A 303 19.24 -22.93 -29.17
N ILE A 304 18.37 -22.24 -28.44
CA ILE A 304 17.05 -22.77 -28.08
C ILE A 304 16.02 -21.66 -28.27
N THR A 305 14.85 -22.03 -28.77
CA THR A 305 13.73 -21.13 -28.92
C THR A 305 12.46 -21.87 -28.54
N PRO A 306 11.37 -21.15 -28.23
CA PRO A 306 10.11 -21.83 -27.91
C PRO A 306 9.64 -22.74 -29.03
N ASN A 307 9.99 -22.42 -30.27
CA ASN A 307 9.67 -23.28 -31.41
C ASN A 307 10.60 -24.47 -31.53
N GLY A 308 11.62 -24.55 -30.69
CA GLY A 308 12.59 -25.63 -30.71
C GLY A 308 13.99 -25.15 -31.04
N SER A 309 14.93 -26.06 -30.83
CA SER A 309 16.33 -25.76 -31.12
C SER A 309 16.53 -25.48 -32.61
N ILE A 310 17.44 -24.56 -32.90
CA ILE A 310 17.73 -24.19 -34.29
C ILE A 310 19.23 -24.11 -34.48
N PRO A 311 19.70 -24.42 -35.69
CA PRO A 311 21.13 -24.23 -35.98
C PRO A 311 21.52 -22.77 -35.87
N ASN A 312 22.77 -22.55 -35.49
CA ASN A 312 23.30 -21.20 -35.30
C ASN A 312 24.43 -20.88 -36.27
N ASP A 313 24.54 -21.64 -37.35
CA ASP A 313 25.55 -21.33 -38.37
C ASP A 313 25.21 -20.04 -39.09
N LYS A 314 23.94 -19.83 -39.42
CA LYS A 314 23.53 -18.62 -40.09
C LYS A 314 23.53 -17.43 -39.11
N PRO A 315 23.80 -16.22 -39.59
CA PRO A 315 23.89 -15.08 -38.68
C PRO A 315 22.54 -14.54 -38.22
N PHE A 316 21.47 -14.75 -38.98
CA PHE A 316 20.16 -14.23 -38.65
C PHE A 316 19.14 -15.36 -38.66
N GLN A 317 18.04 -15.14 -37.96
CA GLN A 317 16.97 -16.14 -37.88
C GLN A 317 15.63 -15.42 -37.82
N ASN A 318 14.59 -16.12 -38.30
CA ASN A 318 13.23 -15.60 -38.31
C ASN A 318 12.28 -16.52 -37.56
N VAL A 319 12.81 -17.39 -36.70
CA VAL A 319 11.97 -18.36 -36.01
C VAL A 319 11.18 -17.69 -34.88
N ASN A 320 11.89 -17.15 -33.90
CA ASN A 320 11.27 -16.51 -32.76
C ASN A 320 12.22 -15.49 -32.17
N LYS A 321 11.64 -14.41 -31.63
CA LYS A 321 12.44 -13.39 -30.97
C LYS A 321 12.85 -13.81 -29.56
N ILE A 322 12.18 -14.81 -28.98
CA ILE A 322 12.60 -15.37 -27.71
C ILE A 322 13.68 -16.40 -27.99
N THR A 323 14.85 -16.21 -27.37
CA THR A 323 16.01 -17.04 -27.68
C THR A 323 16.80 -17.29 -26.41
N TYR A 324 17.56 -18.38 -26.43
CA TYR A 324 18.48 -18.71 -25.35
C TYR A 324 19.73 -19.32 -25.95
N GLY A 325 20.89 -18.84 -25.49
CA GLY A 325 22.16 -19.36 -25.95
C GLY A 325 22.73 -18.53 -27.08
N ALA A 326 23.65 -19.17 -27.82
CA ALA A 326 24.31 -18.53 -28.96
C ALA A 326 23.39 -18.57 -30.18
N CYS A 327 22.27 -17.90 -30.05
CA CYS A 327 21.27 -17.89 -31.11
C CYS A 327 21.59 -16.80 -32.14
N PRO A 328 21.19 -17.00 -33.39
CA PRO A 328 21.29 -15.91 -34.37
C PRO A 328 20.34 -14.77 -34.04
N LYS A 329 20.70 -13.59 -34.50
CA LYS A 329 19.90 -12.40 -34.25
C LYS A 329 18.59 -12.47 -35.01
N TYR A 330 17.50 -12.07 -34.34
CA TYR A 330 16.19 -12.12 -34.95
C TYR A 330 16.02 -10.99 -35.96
N VAL A 331 15.37 -11.31 -37.08
CA VAL A 331 15.09 -10.34 -38.12
C VAL A 331 13.72 -10.65 -38.71
N LYS A 332 13.06 -9.60 -39.19
CA LYS A 332 11.72 -9.77 -39.77
C LYS A 332 11.77 -10.45 -41.13
N GLN A 333 12.87 -10.32 -41.85
CA GLN A 333 12.97 -10.91 -43.18
C GLN A 333 12.92 -12.43 -43.10
N ASN A 334 12.13 -13.03 -43.98
CA ASN A 334 12.08 -14.48 -44.07
C ASN A 334 13.29 -15.06 -44.78
N THR A 335 13.86 -14.32 -45.74
CA THR A 335 15.01 -14.79 -46.48
C THR A 335 15.97 -13.63 -46.73
N LEU A 336 17.25 -13.97 -46.84
CA LEU A 336 18.29 -13.00 -47.18
C LEU A 336 19.39 -13.76 -47.90
N LYS A 337 19.40 -13.68 -49.22
CA LYS A 337 20.36 -14.41 -50.04
C LYS A 337 21.64 -13.59 -50.16
N LEU A 338 22.75 -14.18 -49.75
CA LEU A 338 24.07 -13.57 -49.87
C LEU A 338 24.78 -14.20 -51.05
N ALA A 339 25.34 -13.35 -51.91
CA ALA A 339 26.04 -13.81 -53.10
C ALA A 339 27.35 -14.48 -52.74
N THR A 340 27.37 -15.81 -52.85
CA THR A 340 28.58 -16.60 -52.67
C THR A 340 29.13 -16.98 -54.05
N GLY A 341 28.94 -16.09 -55.01
CA GLY A 341 29.36 -16.31 -56.37
C GLY A 341 29.37 -15.01 -57.13
N MET A 342 29.57 -15.11 -58.43
CA MET A 342 29.71 -13.95 -59.30
C MET A 342 28.52 -13.85 -60.24
N ARG A 343 28.50 -12.75 -60.99
CA ARG A 343 27.38 -12.44 -61.86
C ARG A 343 27.18 -13.55 -62.89
N ASN A 344 25.92 -13.89 -63.13
CA ASN A 344 25.55 -14.99 -64.02
C ASN A 344 25.04 -14.44 -65.34
N VAL A 345 25.71 -14.81 -66.42
CA VAL A 345 25.29 -14.43 -67.78
C VAL A 345 25.35 -15.67 -68.66
N PRO A 346 24.28 -16.46 -68.73
CA PRO A 346 24.36 -17.73 -69.47
C PRO A 346 24.49 -17.52 -70.96
N GLU A 347 24.93 -18.58 -71.65
CA GLU A 347 25.32 -18.49 -73.05
C GLU A 347 24.89 -19.71 -73.87
N LYS A 348 23.79 -20.38 -73.53
CA LYS A 348 23.40 -21.58 -74.25
C LYS A 348 23.45 -21.53 -75.79
N GLN A 349 22.73 -20.59 -76.40
CA GLN A 349 22.47 -20.62 -77.84
C GLN A 349 23.48 -19.84 -78.70
N THR A 350 24.70 -19.68 -78.20
CA THR A 350 25.80 -19.03 -78.92
C THR A 350 25.61 -17.52 -79.00
N ARG A 351 24.42 -17.04 -78.63
CA ARG A 351 24.17 -15.64 -78.30
C ARG A 351 24.93 -14.68 -79.20
N GLY A 352 24.63 -14.76 -80.51
CA GLY A 352 25.09 -13.76 -81.45
C GLY A 352 25.72 -14.30 -82.72
N LEU A 353 26.46 -15.40 -82.61
CA LEU A 353 27.11 -16.01 -83.76
C LEU A 353 26.95 -17.53 -83.78
N PHE A 354 27.36 -18.12 -84.90
CA PHE A 354 27.40 -19.60 -85.08
C PHE A 354 28.73 -20.14 -84.47
N GLY A 355 28.91 -21.47 -84.37
CA GLY A 355 30.10 -22.10 -83.78
C GLY A 355 31.46 -21.60 -84.37
N ALA A 356 31.52 -21.25 -85.68
CA ALA A 356 32.74 -20.73 -86.38
C ALA A 356 33.56 -19.77 -85.43
N ILE A 357 32.97 -18.63 -85.06
CA ILE A 357 33.61 -17.59 -84.19
C ILE A 357 32.76 -17.41 -82.90
N ALA A 358 33.19 -17.90 -81.71
CA ALA A 358 32.51 -17.80 -80.37
C ALA A 358 33.52 -17.48 -79.23
N GLY A 359 33.05 -17.27 -77.98
CA GLY A 359 33.85 -17.01 -76.76
C GLY A 359 34.11 -15.52 -76.54
N PHE A 360 33.72 -15.00 -75.36
CA PHE A 360 33.90 -13.56 -74.99
C PHE A 360 33.63 -13.29 -73.49
N ILE A 361 33.76 -12.02 -73.07
CA ILE A 361 33.54 -11.58 -71.68
C ILE A 361 32.12 -11.08 -71.48
N GLU A 362 31.45 -10.64 -72.55
CA GLU A 362 30.08 -10.17 -72.44
C GLU A 362 29.13 -11.28 -72.01
N ASN A 363 29.53 -12.54 -72.17
CA ASN A 363 28.69 -13.67 -71.85
C ASN A 363 29.51 -14.73 -71.12
N GLY A 364 28.86 -15.40 -70.15
CA GLY A 364 29.53 -16.42 -69.38
C GLY A 364 29.62 -17.73 -70.13
N TRP A 365 30.37 -18.67 -69.54
CA TRP A 365 30.56 -20.00 -70.11
C TRP A 365 30.07 -21.03 -69.10
N GLU A 366 29.18 -21.92 -69.55
CA GLU A 366 28.71 -23.02 -68.74
C GLU A 366 29.55 -24.28 -68.90
N GLY A 367 30.55 -24.27 -69.78
CA GLY A 367 31.29 -25.47 -70.11
C GLY A 367 32.55 -25.67 -69.29
N MET A 368 32.67 -24.98 -68.16
CA MET A 368 33.81 -25.15 -67.29
C MET A 368 33.31 -25.34 -65.85
N ILE A 369 34.00 -26.22 -65.13
CA ILE A 369 33.64 -26.52 -63.75
C ILE A 369 34.88 -26.48 -62.85
N ASP A 370 36.06 -26.40 -63.46
CA ASP A 370 37.32 -26.44 -62.73
C ASP A 370 37.77 -25.08 -62.25
N GLY A 371 37.06 -24.00 -62.59
CA GLY A 371 37.47 -22.68 -62.15
C GLY A 371 36.43 -21.66 -62.54
N TRP A 372 36.47 -20.54 -61.82
CA TRP A 372 35.54 -19.44 -62.10
C TRP A 372 35.94 -18.66 -63.34
N TYR A 373 37.24 -18.49 -63.56
CA TYR A 373 37.77 -17.71 -64.67
C TYR A 373 38.64 -18.59 -65.54
N GLY A 374 38.71 -18.28 -66.83
CA GLY A 374 39.51 -19.10 -67.71
C GLY A 374 39.59 -18.54 -69.12
N PHE A 375 40.16 -19.36 -69.99
CA PHE A 375 40.46 -19.00 -71.37
C PHE A 375 39.90 -20.05 -72.32
N ARG A 376 39.55 -19.58 -73.52
CA ARG A 376 39.21 -20.43 -74.65
C ARG A 376 39.99 -19.95 -75.86
N HIS A 377 40.67 -20.85 -76.55
CA HIS A 377 41.60 -20.45 -77.60
C HIS A 377 41.38 -21.26 -78.86
N GLN A 378 41.62 -20.62 -80.00
CA GLN A 378 41.65 -21.25 -81.30
C GLN A 378 42.97 -20.92 -81.99
N ASN A 379 43.53 -21.90 -82.68
CA ASN A 379 44.81 -21.73 -83.36
C ASN A 379 44.96 -22.82 -84.41
N SER A 380 46.08 -22.79 -85.12
CA SER A 380 46.33 -23.79 -86.16
C SER A 380 46.39 -25.19 -85.57
N GLU A 381 46.79 -25.32 -84.31
CA GLU A 381 46.82 -26.62 -83.65
C GLU A 381 45.44 -27.12 -83.27
N GLY A 382 44.42 -26.27 -83.31
CA GLY A 382 43.07 -26.69 -83.01
C GLY A 382 42.33 -25.72 -82.12
N THR A 383 41.70 -26.24 -81.07
CA THR A 383 40.93 -25.43 -80.15
C THR A 383 41.06 -26.02 -78.75
N GLY A 384 40.97 -25.16 -77.75
CA GLY A 384 41.15 -25.62 -76.38
C GLY A 384 40.54 -24.67 -75.37
N GLN A 385 40.50 -25.13 -74.13
CA GLN A 385 39.94 -24.37 -73.03
C GLN A 385 40.71 -24.70 -71.76
N ALA A 386 40.80 -23.74 -70.86
CA ALA A 386 41.50 -23.93 -69.59
C ALA A 386 40.98 -22.94 -68.58
N ALA A 387 41.38 -23.14 -67.32
CA ALA A 387 40.95 -22.29 -66.23
C ALA A 387 42.15 -21.59 -65.59
N ASP A 388 41.91 -20.40 -65.05
CA ASP A 388 42.93 -19.62 -64.35
C ASP A 388 42.76 -19.86 -62.86
N LEU A 389 43.74 -20.53 -62.25
CA LEU A 389 43.63 -20.88 -60.85
C LEU A 389 43.88 -19.69 -59.94
N LYS A 390 44.71 -18.74 -60.37
CA LYS A 390 45.10 -17.63 -59.50
C LYS A 390 43.91 -16.73 -59.19
N SER A 391 43.25 -16.20 -60.22
CA SER A 391 42.12 -15.32 -60.01
C SER A 391 40.97 -16.05 -59.32
N THR A 392 40.73 -17.29 -59.73
CA THR A 392 39.69 -18.10 -59.10
C THR A 392 39.93 -18.22 -57.61
N GLN A 393 41.16 -18.57 -57.22
CA GLN A 393 41.48 -18.75 -55.81
C GLN A 393 41.37 -17.42 -55.06
N ALA A 394 41.84 -16.33 -55.65
CA ALA A 394 41.75 -15.04 -54.97
C ALA A 394 40.30 -14.66 -54.72
N ALA A 395 39.46 -14.76 -55.75
CA ALA A 395 38.06 -14.41 -55.58
C ALA A 395 37.38 -15.31 -54.56
N ILE A 396 37.63 -16.61 -54.63
CA ILE A 396 37.01 -17.54 -53.70
C ILE A 396 37.45 -17.23 -52.28
N ASP A 397 38.73 -16.90 -52.10
CA ASP A 397 39.23 -16.56 -50.78
C ASP A 397 38.53 -15.34 -50.23
N GLN A 398 38.38 -14.30 -51.05
CA GLN A 398 37.69 -13.11 -50.58
C GLN A 398 36.23 -13.40 -50.23
N ILE A 399 35.56 -14.20 -51.05
CA ILE A 399 34.15 -14.51 -50.80
C ILE A 399 34.01 -15.27 -49.48
N ASN A 400 34.83 -16.32 -49.30
CA ASN A 400 34.75 -17.09 -48.07
C ASN A 400 35.15 -16.25 -46.86
N GLY A 401 36.10 -15.33 -47.03
CA GLY A 401 36.47 -14.46 -45.93
C GLY A 401 35.33 -13.57 -45.49
N LYS A 402 34.62 -12.96 -46.45
CA LYS A 402 33.48 -12.12 -46.08
C LYS A 402 32.36 -12.97 -45.47
N LEU A 403 32.17 -14.18 -45.97
CA LEU A 403 31.17 -15.06 -45.37
C LEU A 403 31.53 -15.36 -43.92
N ASN A 404 32.79 -15.68 -43.65
CA ASN A 404 33.22 -15.96 -42.29
C ASN A 404 33.06 -14.74 -41.40
N ARG A 405 33.41 -13.56 -41.92
CA ARG A 405 33.18 -12.33 -41.17
C ARG A 405 31.71 -12.19 -40.81
N VAL A 406 30.82 -12.48 -41.77
CA VAL A 406 29.39 -12.34 -41.54
C VAL A 406 28.92 -13.29 -40.45
N ILE A 407 29.38 -14.55 -40.50
CA ILE A 407 28.79 -15.58 -39.65
C ILE A 407 29.51 -15.73 -38.31
N GLU A 408 30.79 -15.41 -38.24
CA GLU A 408 31.56 -15.69 -37.04
C GLU A 408 31.17 -14.74 -35.90
N LYS A 409 31.58 -15.12 -34.69
CA LYS A 409 31.31 -14.35 -33.48
C LYS A 409 29.81 -14.16 -33.26
N THR A 410 29.13 -15.29 -33.04
CA THR A 410 27.71 -15.25 -32.72
C THR A 410 27.51 -14.77 -31.29
N ASN A 411 26.57 -13.84 -31.12
CA ASN A 411 26.28 -13.30 -29.80
C ASN A 411 25.58 -14.33 -28.94
N GLU A 412 25.97 -14.39 -27.66
CA GLU A 412 25.41 -15.34 -26.71
C GLU A 412 24.62 -14.58 -25.67
N LYS A 413 23.33 -14.92 -25.53
CA LYS A 413 22.43 -14.26 -24.60
C LYS A 413 21.68 -15.32 -23.82
N PHE A 414 21.57 -15.11 -22.51
CA PHE A 414 21.03 -16.14 -21.62
C PHE A 414 19.72 -15.71 -20.96
N HIS A 415 19.71 -14.60 -20.25
CA HIS A 415 18.50 -14.10 -19.60
C HIS A 415 18.10 -12.77 -20.22
N GLN A 416 16.81 -12.60 -20.46
CA GLN A 416 16.31 -11.45 -21.19
C GLN A 416 14.92 -11.10 -20.68
N ILE A 417 14.47 -9.90 -21.07
CA ILE A 417 13.13 -9.47 -20.73
C ILE A 417 12.10 -10.43 -21.30
N GLU A 418 10.89 -10.39 -20.73
CA GLU A 418 9.78 -11.13 -21.30
C GLU A 418 9.27 -10.42 -22.55
N LYS A 419 9.08 -11.19 -23.62
CA LYS A 419 8.69 -10.64 -24.90
C LYS A 419 7.30 -11.06 -25.34
N GLU A 420 6.67 -12.01 -24.65
CA GLU A 420 5.28 -12.38 -24.90
C GLU A 420 4.53 -12.30 -23.58
N PHE A 421 3.35 -11.70 -23.61
CA PHE A 421 2.58 -11.41 -22.41
C PHE A 421 1.17 -11.97 -22.54
N SER A 422 0.70 -12.59 -21.46
CA SER A 422 -0.64 -13.13 -21.38
C SER A 422 -1.61 -12.19 -20.67
N GLU A 423 -1.15 -11.00 -20.29
CA GLU A 423 -1.94 -10.06 -19.51
C GLU A 423 -1.92 -8.69 -20.19
N VAL A 424 -2.70 -7.79 -19.65
CA VAL A 424 -2.67 -6.38 -20.02
C VAL A 424 -2.23 -5.60 -18.79
N GLU A 425 -1.09 -4.91 -18.90
CA GLU A 425 -0.48 -4.24 -17.77
C GLU A 425 -0.19 -2.77 -17.99
N GLY A 426 -0.01 -2.33 -19.23
CA GLY A 426 0.10 -0.91 -19.52
C GLY A 426 1.55 -0.47 -19.67
N ARG A 427 1.97 0.45 -18.79
CA ARG A 427 3.18 1.23 -19.03
C ARG A 427 4.40 0.34 -19.20
N ILE A 428 4.64 -0.55 -18.24
CA ILE A 428 5.86 -1.36 -18.27
C ILE A 428 5.82 -2.35 -19.42
N GLN A 429 4.68 -2.99 -19.63
CA GLN A 429 4.55 -3.94 -20.73
C GLN A 429 4.70 -3.25 -22.08
N ASP A 430 4.08 -2.07 -22.23
CA ASP A 430 4.24 -1.33 -23.46
C ASP A 430 5.70 -0.94 -23.69
N LEU A 431 6.39 -0.55 -22.62
CA LEU A 431 7.80 -0.21 -22.75
C LEU A 431 8.63 -1.40 -23.19
N GLU A 432 8.37 -2.58 -22.62
CA GLU A 432 9.09 -3.78 -23.02
C GLU A 432 8.82 -4.11 -24.48
N LYS A 433 7.55 -4.03 -24.89
CA LYS A 433 7.21 -4.29 -26.28
C LYS A 433 7.91 -3.32 -27.21
N TYR A 434 7.93 -2.04 -26.85
CA TYR A 434 8.58 -1.04 -27.68
C TYR A 434 10.07 -1.29 -27.78
N VAL A 435 10.71 -1.64 -26.67
CA VAL A 435 12.14 -1.92 -26.70
C VAL A 435 12.44 -3.07 -27.64
N GLU A 436 11.69 -4.17 -27.50
CA GLU A 436 11.95 -5.33 -28.35
C GLU A 436 11.67 -5.02 -29.81
N ASP A 437 10.60 -4.28 -30.10
CA ASP A 437 10.28 -3.93 -31.48
C ASP A 437 11.35 -3.05 -32.07
N THR A 438 11.86 -2.09 -31.30
CA THR A 438 12.94 -1.24 -31.79
C THR A 438 14.18 -2.07 -32.11
N LYS A 439 14.54 -2.99 -31.21
CA LYS A 439 15.70 -3.84 -31.48
C LYS A 439 15.50 -4.66 -32.74
N ILE A 440 14.31 -5.23 -32.89
CA ILE A 440 14.03 -6.08 -34.05
C ILE A 440 14.11 -5.27 -35.34
N ASP A 441 13.50 -4.08 -35.35
CA ASP A 441 13.53 -3.26 -36.56
C ASP A 441 14.95 -2.83 -36.90
N LEU A 442 15.72 -2.41 -35.90
CA LEU A 442 17.08 -1.98 -36.16
C LEU A 442 17.93 -3.13 -36.71
N TRP A 443 17.79 -4.31 -36.12
CA TRP A 443 18.59 -5.43 -36.60
C TRP A 443 18.14 -5.92 -37.97
N SER A 444 16.84 -5.83 -38.26
CA SER A 444 16.38 -6.16 -39.61
C SER A 444 16.96 -5.21 -40.63
N TYR A 445 16.97 -3.90 -40.32
CA TYR A 445 17.56 -2.94 -41.23
C TYR A 445 19.06 -3.20 -41.39
N ASN A 446 19.74 -3.52 -40.29
CA ASN A 446 21.17 -3.81 -40.37
C ASN A 446 21.43 -5.00 -41.26
N ALA A 447 20.64 -6.06 -41.12
CA ALA A 447 20.81 -7.24 -41.96
C ALA A 447 20.55 -6.91 -43.42
N GLU A 448 19.49 -6.16 -43.71
CA GLU A 448 19.19 -5.79 -45.08
C GLU A 448 20.36 -5.02 -45.70
N LEU A 449 20.82 -3.99 -45.00
CA LEU A 449 21.90 -3.17 -45.52
C LEU A 449 23.18 -3.98 -45.69
N LEU A 450 23.50 -4.83 -44.71
CA LEU A 450 24.71 -5.63 -44.78
C LEU A 450 24.67 -6.57 -45.96
N VAL A 451 23.54 -7.24 -46.17
CA VAL A 451 23.44 -8.17 -47.28
C VAL A 451 23.54 -7.43 -48.61
N ALA A 452 22.86 -6.29 -48.72
CA ALA A 452 22.93 -5.52 -49.96
C ALA A 452 24.37 -5.09 -50.25
N LEU A 453 25.06 -4.55 -49.25
CA LEU A 453 26.43 -4.10 -49.44
C LEU A 453 27.33 -5.27 -49.81
N GLU A 454 27.19 -6.40 -49.12
CA GLU A 454 28.05 -7.53 -49.38
C GLU A 454 27.83 -8.08 -50.78
N ASN A 455 26.57 -8.19 -51.22
CA ASN A 455 26.30 -8.65 -52.58
C ASN A 455 26.85 -7.68 -53.61
N GLN A 456 26.66 -6.38 -53.38
CA GLN A 456 27.15 -5.38 -54.32
C GLN A 456 28.67 -5.48 -54.45
N HIS A 457 29.37 -5.57 -53.33
CA HIS A 457 30.82 -5.63 -53.38
C HIS A 457 31.31 -6.97 -53.91
N THR A 458 30.57 -8.04 -53.67
CA THR A 458 30.93 -9.33 -54.25
C THR A 458 30.90 -9.27 -55.77
N ILE A 459 29.80 -8.74 -56.32
CA ILE A 459 29.70 -8.60 -57.77
C ILE A 459 30.79 -7.68 -58.28
N ASP A 460 31.01 -6.56 -57.59
CA ASP A 460 32.01 -5.60 -58.04
C ASP A 460 33.40 -6.19 -58.04
N LEU A 461 33.75 -6.95 -56.99
CA LEU A 461 35.10 -7.50 -56.92
C LEU A 461 35.29 -8.65 -57.90
N THR A 462 34.24 -9.42 -58.18
CA THR A 462 34.36 -10.45 -59.20
C THR A 462 34.56 -9.84 -60.57
N ASP A 463 33.78 -8.82 -60.91
CA ASP A 463 33.98 -8.12 -62.17
C ASP A 463 35.37 -7.49 -62.23
N SER A 464 35.83 -6.95 -61.10
CA SER A 464 37.16 -6.36 -61.04
C SER A 464 38.25 -7.41 -61.27
N GLU A 465 38.06 -8.60 -60.71
CA GLU A 465 39.02 -9.69 -60.96
C GLU A 465 39.04 -10.05 -62.43
N MET A 466 37.87 -10.13 -63.06
CA MET A 466 37.82 -10.45 -64.48
C MET A 466 38.54 -9.39 -65.30
N ASN A 467 38.28 -8.12 -65.00
CA ASN A 467 38.94 -7.03 -65.72
C ASN A 467 40.44 -7.02 -65.47
N LYS A 468 40.85 -7.33 -64.24
CA LYS A 468 42.27 -7.40 -63.91
C LYS A 468 42.95 -8.48 -64.73
N LEU A 469 42.32 -9.66 -64.81
CA LEU A 469 42.88 -10.74 -65.61
C LEU A 469 42.98 -10.34 -67.08
N PHE A 470 41.93 -9.69 -67.61
CA PHE A 470 41.97 -9.26 -69.00
C PHE A 470 43.07 -8.25 -69.25
N GLU A 471 43.19 -7.29 -68.32
CA GLU A 471 44.22 -6.22 -68.41
C GLU A 471 45.62 -6.86 -68.38
N LYS A 472 45.84 -7.81 -67.47
CA LYS A 472 47.13 -8.48 -67.36
C LYS A 472 47.45 -9.24 -68.63
N THR A 473 46.47 -9.95 -69.19
CA THR A 473 46.69 -10.65 -70.45
C THR A 473 47.03 -9.67 -71.57
N ARG A 474 46.30 -8.55 -71.60
CA ARG A 474 46.50 -7.50 -72.65
C ARG A 474 47.92 -6.92 -72.54
N ARG A 475 48.41 -6.71 -71.31
CA ARG A 475 49.74 -6.15 -71.11
C ARG A 475 50.82 -7.19 -71.37
N GLN A 476 50.51 -8.48 -71.18
CA GLN A 476 51.41 -9.53 -71.63
C GLN A 476 51.52 -9.53 -73.15
N LEU A 477 50.37 -9.41 -73.82
CA LEU A 477 50.35 -9.29 -75.32
C LEU A 477 50.74 -7.83 -75.60
N ARG A 478 51.98 -7.41 -75.26
CA ARG A 478 52.41 -5.96 -75.35
C ARG A 478 52.00 -5.36 -76.75
N GLU A 479 52.42 -6.04 -77.84
CA GLU A 479 52.11 -5.57 -79.22
C GLU A 479 51.78 -6.74 -80.16
N ASN A 480 52.08 -7.98 -79.77
CA ASN A 480 51.80 -9.12 -80.64
C ASN A 480 50.33 -9.27 -80.95
N ALA A 481 49.45 -8.68 -80.14
CA ALA A 481 48.03 -8.97 -80.20
C ALA A 481 47.25 -7.67 -80.36
N GLU A 482 45.95 -7.82 -80.54
CA GLU A 482 45.08 -6.66 -80.72
C GLU A 482 43.71 -7.01 -80.15
N ASP A 483 43.18 -6.12 -79.31
CA ASP A 483 41.98 -6.41 -78.54
C ASP A 483 40.74 -6.36 -79.43
N MET A 484 39.86 -7.34 -79.25
CA MET A 484 38.69 -7.47 -80.11
C MET A 484 37.50 -6.64 -79.64
N GLY A 485 37.41 -6.34 -78.35
CA GLY A 485 36.28 -5.64 -77.80
C GLY A 485 35.20 -6.53 -77.23
N ASN A 486 35.22 -7.82 -77.56
CA ASN A 486 34.29 -8.80 -77.00
C ASN A 486 34.92 -9.64 -75.90
N GLY A 487 36.07 -9.22 -75.37
CA GLY A 487 36.80 -10.00 -74.40
C GLY A 487 37.85 -10.91 -74.99
N CYS A 488 38.23 -10.70 -76.25
CA CYS A 488 39.16 -11.57 -76.94
C CYS A 488 40.33 -10.76 -77.50
N PHE A 489 41.48 -11.42 -77.59
CA PHE A 489 42.66 -10.88 -78.23
C PHE A 489 42.94 -11.70 -79.49
N LYS A 490 43.23 -11.01 -80.59
CA LYS A 490 43.69 -11.67 -81.80
C LYS A 490 45.21 -11.62 -81.81
N ILE A 491 45.84 -12.79 -81.85
CA ILE A 491 47.29 -12.92 -81.92
C ILE A 491 47.67 -13.03 -83.40
N TYR A 492 48.57 -12.16 -83.83
CA TYR A 492 48.93 -12.06 -85.24
C TYR A 492 50.07 -12.98 -85.63
N HIS A 493 50.40 -13.97 -84.81
CA HIS A 493 51.43 -14.96 -85.13
C HIS A 493 50.90 -16.35 -84.80
N LYS A 494 51.74 -17.36 -85.06
CA LYS A 494 51.38 -18.75 -84.84
C LYS A 494 51.54 -19.07 -83.36
N CYS A 495 50.54 -18.65 -82.57
CA CYS A 495 50.55 -18.87 -81.13
C CYS A 495 50.01 -20.28 -80.88
N ASP A 496 50.92 -21.25 -80.87
CA ASP A 496 50.56 -22.64 -80.71
C ASP A 496 50.11 -22.90 -79.26
N ASN A 497 49.81 -24.17 -78.98
CA ASN A 497 49.36 -24.53 -77.63
C ASN A 497 50.43 -24.20 -76.59
N ALA A 498 51.71 -24.36 -76.95
CA ALA A 498 52.77 -23.92 -76.05
C ALA A 498 52.74 -22.41 -75.86
N CYS A 499 52.50 -21.67 -76.94
CA CYS A 499 52.34 -20.22 -76.84
C CYS A 499 51.17 -19.85 -75.91
N ILE A 500 50.03 -20.51 -76.10
CA ILE A 500 48.87 -20.21 -75.27
C ILE A 500 49.15 -20.57 -73.81
N GLU A 501 49.84 -21.68 -73.58
CA GLU A 501 50.19 -22.08 -72.23
C GLU A 501 51.12 -21.04 -71.59
N SER A 502 52.09 -20.54 -72.36
CA SER A 502 52.98 -19.52 -71.83
C SER A 502 52.22 -18.25 -71.48
N ILE A 503 51.27 -17.86 -72.33
CA ILE A 503 50.45 -16.68 -72.04
C ILE A 503 49.65 -16.91 -70.76
N ARG A 504 49.06 -18.09 -70.62
CA ARG A 504 48.20 -18.36 -69.47
C ARG A 504 49.00 -18.44 -68.18
N ASN A 505 50.21 -18.97 -68.23
CA ASN A 505 51.00 -19.19 -67.03
C ASN A 505 52.05 -18.11 -66.79
N GLY A 506 52.25 -17.19 -67.73
CA GLY A 506 53.03 -16.00 -67.48
C GLY A 506 54.45 -16.01 -68.01
N THR A 507 54.89 -17.07 -68.67
CA THR A 507 56.23 -17.14 -69.22
C THR A 507 56.29 -16.62 -70.65
N TYR A 508 55.20 -16.09 -71.19
CA TYR A 508 55.16 -15.64 -72.57
C TYR A 508 56.17 -14.51 -72.80
N ASP A 509 56.85 -14.57 -73.94
CA ASP A 509 57.80 -13.54 -74.35
C ASP A 509 57.29 -12.91 -75.65
N HIS A 510 57.08 -11.60 -75.61
CA HIS A 510 56.52 -10.90 -76.77
C HIS A 510 57.55 -10.68 -77.86
N ASP A 511 58.80 -10.41 -77.50
CA ASP A 511 59.79 -9.97 -78.47
C ASP A 511 60.04 -11.03 -79.54
N VAL A 512 60.11 -12.31 -79.14
CA VAL A 512 60.51 -13.37 -80.05
C VAL A 512 59.41 -13.65 -81.07
N TYR A 513 58.27 -12.96 -80.94
CA TYR A 513 57.23 -12.98 -81.95
C TYR A 513 56.93 -11.61 -82.54
N ARG A 514 57.48 -10.57 -81.90
CA ARG A 514 57.21 -9.13 -82.22
C ARG A 514 57.33 -8.80 -83.71
N ASP A 515 58.40 -9.24 -84.38
CA ASP A 515 58.63 -8.86 -85.76
C ASP A 515 57.51 -9.35 -86.66
N GLU A 516 57.20 -10.64 -86.61
CA GLU A 516 56.15 -11.19 -87.45
C GLU A 516 54.78 -10.65 -87.05
N ALA A 517 54.55 -10.45 -85.75
CA ALA A 517 53.25 -9.95 -85.33
C ALA A 517 52.99 -8.55 -85.89
N LEU A 518 53.97 -7.66 -85.78
CA LEU A 518 53.83 -6.32 -86.33
C LEU A 518 53.68 -6.37 -87.85
N ASN A 519 54.48 -7.20 -88.52
CA ASN A 519 54.40 -7.28 -89.97
C ASN A 519 53.01 -7.72 -90.42
N ASN A 520 52.44 -8.71 -89.73
CA ASN A 520 51.09 -9.14 -90.06
C ASN A 520 50.06 -8.08 -89.70
N ARG A 521 50.28 -7.34 -88.61
CA ARG A 521 49.34 -6.30 -88.22
C ARG A 521 49.23 -5.22 -89.28
N PHE A 522 50.37 -4.67 -89.69
CA PHE A 522 50.37 -3.52 -90.59
C PHE A 522 50.56 -3.89 -92.05
N GLN A 523 50.97 -5.11 -92.35
CA GLN A 523 51.22 -5.52 -93.73
C GLN A 523 50.69 -6.93 -93.97
N SER B 31 40.89 15.98 -93.36
CA SER B 31 42.08 15.12 -93.10
C SER B 31 41.73 14.00 -92.13
N THR B 32 41.04 14.36 -91.06
CA THR B 32 40.72 13.42 -89.99
C THR B 32 39.45 13.90 -89.29
N ALA B 33 38.90 13.03 -88.45
CA ALA B 33 37.73 13.35 -87.66
C ALA B 33 38.05 13.27 -86.18
N THR B 34 37.19 13.85 -85.35
CA THR B 34 37.34 13.83 -83.91
C THR B 34 36.02 13.47 -83.27
N LEU B 35 36.04 12.48 -82.37
CA LEU B 35 34.85 12.04 -81.66
C LEU B 35 35.11 12.10 -80.17
N CYS B 36 34.41 12.97 -79.47
CA CYS B 36 34.59 13.18 -78.05
C CYS B 36 33.38 12.65 -77.30
N LEU B 37 33.63 12.02 -76.16
CA LEU B 37 32.58 11.47 -75.31
C LEU B 37 32.45 12.29 -74.05
N GLY B 38 31.22 12.53 -73.63
CA GLY B 38 31.00 13.36 -72.47
C GLY B 38 29.67 13.09 -71.80
N HIS B 39 29.39 13.88 -70.77
CA HIS B 39 28.22 13.71 -69.94
C HIS B 39 27.58 15.06 -69.68
N HIS B 40 26.31 15.03 -69.29
CA HIS B 40 25.57 16.25 -69.06
C HIS B 40 26.01 16.94 -67.78
N ALA B 41 25.89 18.27 -67.77
CA ALA B 41 26.15 19.07 -66.60
C ALA B 41 25.08 20.15 -66.50
N VAL B 42 25.01 20.80 -65.35
CA VAL B 42 24.00 21.82 -65.10
C VAL B 42 24.68 23.09 -64.61
N PRO B 43 24.09 24.27 -64.82
CA PRO B 43 24.76 25.51 -64.40
C PRO B 43 25.12 25.53 -62.92
N ASN B 44 24.24 25.03 -62.06
CA ASN B 44 24.56 24.92 -60.64
C ASN B 44 23.79 23.74 -60.07
N GLY B 45 24.53 22.73 -59.62
CA GLY B 45 23.95 21.55 -59.02
C GLY B 45 23.74 21.72 -57.53
N THR B 46 23.63 20.58 -56.86
CA THR B 46 23.40 20.54 -55.42
C THR B 46 24.52 19.79 -54.74
N LEU B 47 24.92 20.27 -53.57
CA LEU B 47 25.97 19.62 -52.79
C LEU B 47 25.40 18.43 -52.02
N VAL B 48 26.18 17.35 -51.98
CA VAL B 48 25.82 16.16 -51.23
C VAL B 48 27.05 15.65 -50.49
N LYS B 49 26.80 14.88 -49.43
CA LYS B 49 27.85 14.21 -48.69
C LYS B 49 28.13 12.84 -49.29
N THR B 50 29.33 12.34 -49.04
CA THR B 50 29.73 11.01 -49.49
C THR B 50 30.69 10.43 -48.46
N ILE B 51 31.10 9.18 -48.69
CA ILE B 51 32.08 8.54 -47.83
C ILE B 51 33.42 9.26 -47.94
N THR B 52 33.79 9.68 -49.15
CA THR B 52 35.09 10.30 -49.38
C THR B 52 35.02 11.82 -49.25
N ASP B 53 34.19 12.45 -50.08
CA ASP B 53 34.09 13.91 -50.14
C ASP B 53 32.98 14.38 -49.22
N ASP B 54 33.31 15.35 -48.36
CA ASP B 54 32.31 15.91 -47.45
C ASP B 54 31.29 16.75 -48.19
N GLN B 55 31.67 17.32 -49.33
CA GLN B 55 30.79 18.21 -50.09
C GLN B 55 31.15 18.07 -51.56
N ILE B 56 30.27 17.42 -52.34
CA ILE B 56 30.52 17.20 -53.76
C ILE B 56 29.24 17.54 -54.52
N GLU B 57 29.40 18.21 -55.66
CA GLU B 57 28.26 18.65 -56.45
C GLU B 57 27.72 17.52 -57.32
N VAL B 58 26.39 17.48 -57.44
CA VAL B 58 25.73 16.56 -58.35
C VAL B 58 24.67 17.34 -59.12
N THR B 59 24.31 16.82 -60.29
CA THR B 59 23.36 17.51 -61.14
C THR B 59 21.97 17.56 -60.52
N ASN B 60 21.55 16.50 -59.85
CA ASN B 60 20.20 16.41 -59.31
C ASN B 60 20.24 15.64 -58.01
N ALA B 61 19.42 16.08 -57.05
CA ALA B 61 19.36 15.45 -55.75
C ALA B 61 17.95 15.58 -55.18
N THR B 62 17.65 14.73 -54.21
CA THR B 62 16.33 14.72 -53.58
C THR B 62 16.48 14.73 -52.06
N GLU B 63 15.53 15.40 -51.40
CA GLU B 63 15.53 15.47 -49.95
C GLU B 63 14.85 14.23 -49.38
N LEU B 64 15.52 13.57 -48.45
CA LEU B 64 15.01 12.35 -47.83
C LEU B 64 14.41 12.58 -46.45
N VAL B 65 14.49 13.80 -45.93
CA VAL B 65 13.95 14.15 -44.61
C VAL B 65 12.75 15.05 -44.81
N GLN B 66 11.61 14.62 -44.29
CA GLN B 66 10.39 15.42 -44.30
C GLN B 66 10.43 16.34 -43.09
N SER B 67 10.82 17.59 -43.31
CA SER B 67 11.04 18.54 -42.23
C SER B 67 9.92 19.56 -42.08
N SER B 68 8.79 19.35 -42.76
CA SER B 68 7.68 20.27 -42.70
C SER B 68 6.38 19.49 -42.57
N SER B 69 5.36 20.16 -42.03
CA SER B 69 4.08 19.54 -41.76
C SER B 69 2.95 20.37 -42.34
N THR B 70 1.84 19.71 -42.65
CA THR B 70 0.67 20.40 -43.15
C THR B 70 0.09 21.36 -42.12
N GLY B 71 0.31 21.07 -40.84
CA GLY B 71 -0.32 21.83 -39.78
C GLY B 71 -1.71 21.38 -39.41
N LYS B 72 -2.24 20.38 -40.08
CA LYS B 72 -3.58 19.85 -39.80
C LYS B 72 -3.52 18.34 -39.76
N ILE B 73 -4.43 17.76 -38.98
CA ILE B 73 -4.54 16.31 -38.85
C ILE B 73 -5.61 15.83 -39.82
N CYS B 74 -5.20 15.18 -40.89
CA CYS B 74 -6.15 14.59 -41.81
C CYS B 74 -7.00 13.55 -41.10
N ASN B 75 -8.29 13.53 -41.41
CA ASN B 75 -9.25 12.65 -40.75
C ASN B 75 -9.40 11.31 -41.43
N ASN B 76 -8.62 11.04 -42.47
CA ASN B 76 -8.67 9.77 -43.19
C ASN B 76 -7.25 9.31 -43.48
N PRO B 77 -7.03 8.00 -43.61
CA PRO B 77 -8.03 6.94 -43.48
C PRO B 77 -8.31 6.56 -42.02
N HIS B 78 -7.43 7.00 -41.13
CA HIS B 78 -7.60 6.69 -39.71
C HIS B 78 -8.80 7.42 -39.13
N ARG B 79 -9.55 6.73 -38.29
CA ARG B 79 -10.72 7.33 -37.65
C ARG B 79 -10.24 8.19 -36.48
N ILE B 80 -10.18 9.49 -36.72
CA ILE B 80 -9.73 10.43 -35.69
C ILE B 80 -10.92 10.82 -34.83
N LEU B 81 -10.70 10.83 -33.51
CA LEU B 81 -11.69 11.26 -32.54
C LEU B 81 -11.12 12.43 -31.77
N ASP B 82 -11.76 13.58 -31.87
CA ASP B 82 -11.28 14.81 -31.26
C ASP B 82 -11.81 14.91 -29.84
N GLY B 83 -10.91 14.86 -28.86
CA GLY B 83 -11.26 15.09 -27.48
C GLY B 83 -11.20 16.58 -27.16
N ILE B 84 -12.20 17.32 -27.61
CA ILE B 84 -12.14 18.78 -27.59
C ILE B 84 -11.81 19.28 -26.18
N ASP B 85 -12.69 18.98 -25.23
CA ASP B 85 -12.53 19.45 -23.86
C ASP B 85 -12.41 18.29 -22.87
N CYS B 86 -12.09 17.09 -23.34
CA CYS B 86 -12.14 15.89 -22.51
C CYS B 86 -10.86 15.10 -22.65
N THR B 87 -10.29 14.72 -21.51
CA THR B 87 -9.28 13.67 -21.50
C THR B 87 -9.94 12.31 -21.70
N LEU B 88 -9.14 11.34 -22.13
CA LEU B 88 -9.69 10.01 -22.38
C LEU B 88 -10.29 9.41 -21.12
N ILE B 89 -9.68 9.66 -19.97
CA ILE B 89 -10.20 9.09 -18.72
C ILE B 89 -11.53 9.73 -18.36
N ASP B 90 -11.68 11.03 -18.61
CA ASP B 90 -12.95 11.69 -18.32
C ASP B 90 -14.07 11.09 -19.17
N ALA B 91 -13.80 10.84 -20.45
CA ALA B 91 -14.79 10.18 -21.30
C ALA B 91 -15.07 8.77 -20.80
N LEU B 92 -14.03 8.07 -20.36
CA LEU B 92 -14.20 6.70 -19.87
C LEU B 92 -15.13 6.66 -18.66
N LEU B 93 -14.91 7.56 -17.71
CA LEU B 93 -15.71 7.56 -16.49
C LEU B 93 -17.11 8.10 -16.73
N GLY B 94 -17.26 8.98 -17.72
CA GLY B 94 -18.55 9.57 -17.99
C GLY B 94 -18.72 10.94 -17.40
N ASP B 95 -17.71 11.79 -17.57
CA ASP B 95 -17.80 13.16 -17.10
C ASP B 95 -18.99 13.84 -17.78
N PRO B 96 -19.78 14.62 -17.04
CA PRO B 96 -21.01 15.18 -17.64
C PRO B 96 -20.78 15.94 -18.93
N HIS B 97 -19.69 16.69 -19.03
CA HIS B 97 -19.38 17.40 -20.27
C HIS B 97 -18.64 16.51 -21.26
N CYS B 98 -18.50 15.22 -20.96
CA CYS B 98 -17.88 14.26 -21.86
C CYS B 98 -18.85 13.16 -22.29
N ASP B 99 -20.12 13.25 -21.89
CA ASP B 99 -21.09 12.21 -22.21
C ASP B 99 -21.32 12.08 -23.70
N VAL B 100 -20.90 13.06 -24.49
CA VAL B 100 -21.01 12.95 -25.94
C VAL B 100 -20.10 11.86 -26.50
N PHE B 101 -19.14 11.39 -25.71
CA PHE B 101 -18.19 10.38 -26.15
C PHE B 101 -18.62 8.97 -25.79
N GLN B 102 -19.84 8.78 -25.31
CA GLN B 102 -20.29 7.44 -24.93
C GLN B 102 -20.29 6.52 -26.14
N ASN B 103 -19.77 5.30 -25.93
CA ASN B 103 -19.74 4.26 -26.96
C ASN B 103 -18.94 4.67 -28.20
N GLU B 104 -18.07 5.66 -28.06
CA GLU B 104 -17.27 6.10 -29.19
C GLU B 104 -16.13 5.13 -29.47
N THR B 105 -15.64 5.17 -30.71
CA THR B 105 -14.52 4.36 -31.14
C THR B 105 -13.58 5.24 -31.96
N TRP B 106 -12.31 4.84 -31.98
CA TRP B 106 -11.30 5.66 -32.63
C TRP B 106 -10.14 4.78 -33.08
N ASP B 107 -9.43 5.27 -34.09
CA ASP B 107 -8.09 4.79 -34.40
C ASP B 107 -7.01 5.70 -33.83
N LEU B 108 -7.36 6.92 -33.48
CA LEU B 108 -6.43 7.85 -32.84
C LEU B 108 -7.25 8.85 -32.03
N PHE B 109 -7.16 8.75 -30.72
CA PHE B 109 -7.79 9.74 -29.84
C PHE B 109 -6.84 10.92 -29.66
N VAL B 110 -7.34 12.11 -29.95
CA VAL B 110 -6.54 13.32 -29.91
C VAL B 110 -6.95 14.11 -28.67
N GLU B 111 -6.04 14.26 -27.72
CA GLU B 111 -6.28 15.04 -26.52
C GLU B 111 -5.77 16.47 -26.72
N ARG B 112 -6.57 17.43 -26.29
CA ARG B 112 -6.23 18.84 -26.40
C ARG B 112 -5.69 19.36 -25.09
N SER B 113 -4.74 20.29 -25.18
CA SER B 113 -4.14 20.86 -23.98
C SER B 113 -5.16 21.61 -23.15
N LYS B 114 -6.23 22.10 -23.77
CA LYS B 114 -7.27 22.82 -23.06
C LYS B 114 -8.22 21.90 -22.29
N ALA B 115 -8.08 20.59 -22.44
CA ALA B 115 -9.01 19.67 -21.81
C ALA B 115 -8.99 19.81 -20.30
N PHE B 116 -10.15 19.65 -19.67
CA PHE B 116 -10.31 19.84 -18.25
C PHE B 116 -11.32 18.84 -17.71
N SER B 117 -11.27 18.64 -16.40
CA SER B 117 -12.24 17.80 -15.70
C SER B 117 -13.22 18.68 -14.94
N ASN B 118 -14.51 18.32 -15.02
CA ASN B 118 -15.57 19.14 -14.43
C ASN B 118 -16.52 18.29 -13.58
N CYS B 119 -16.03 17.20 -13.02
CA CYS B 119 -16.80 16.37 -12.12
C CYS B 119 -16.02 16.17 -10.83
N TYR B 120 -16.45 15.25 -9.99
CA TYR B 120 -15.80 14.99 -8.71
C TYR B 120 -14.29 14.87 -8.91
N PRO B 121 -13.48 15.50 -8.06
CA PRO B 121 -12.02 15.38 -8.22
C PRO B 121 -11.58 13.94 -8.00
N TYR B 122 -10.77 13.43 -8.92
CA TYR B 122 -10.32 12.05 -8.89
C TYR B 122 -8.85 11.97 -9.24
N ASP B 123 -8.22 10.90 -8.79
CA ASP B 123 -6.85 10.57 -9.15
C ASP B 123 -6.77 9.10 -9.48
N VAL B 124 -6.02 8.77 -10.53
CA VAL B 124 -5.90 7.40 -11.00
C VAL B 124 -4.50 6.91 -10.65
N PRO B 125 -4.33 6.05 -9.65
CA PRO B 125 -3.04 5.40 -9.44
C PRO B 125 -2.63 4.63 -10.68
N ASP B 126 -1.45 4.95 -11.21
CA ASP B 126 -1.01 4.42 -12.50
C ASP B 126 -1.91 4.93 -13.61
N TYR B 127 -2.11 6.24 -13.63
CA TYR B 127 -2.95 6.87 -14.64
C TYR B 127 -2.49 6.52 -16.05
N ALA B 128 -1.17 6.47 -16.26
CA ALA B 128 -0.64 6.21 -17.58
C ALA B 128 -1.04 4.83 -18.08
N SER B 129 -1.00 3.83 -17.20
CA SER B 129 -1.33 2.47 -17.62
C SER B 129 -2.79 2.38 -18.08
N LEU B 130 -3.70 2.95 -17.30
CA LEU B 130 -5.11 2.91 -17.68
C LEU B 130 -5.34 3.68 -18.97
N ARG B 131 -4.74 4.86 -19.09
CA ARG B 131 -4.90 5.65 -20.30
C ARG B 131 -4.40 4.89 -21.51
N SER B 132 -3.22 4.28 -21.40
CA SER B 132 -2.64 3.57 -22.52
C SER B 132 -3.46 2.35 -22.91
N LEU B 133 -3.92 1.57 -21.94
CA LEU B 133 -4.68 0.37 -22.29
C LEU B 133 -6.04 0.72 -22.84
N VAL B 134 -6.68 1.79 -22.34
CA VAL B 134 -7.95 2.21 -22.92
C VAL B 134 -7.74 2.70 -24.35
N ALA B 135 -6.69 3.48 -24.58
CA ALA B 135 -6.41 3.95 -25.93
C ALA B 135 -6.13 2.80 -26.88
N SER B 136 -5.34 1.82 -26.44
CA SER B 136 -5.07 0.66 -27.27
C SER B 136 -6.33 -0.16 -27.53
N SER B 137 -7.24 -0.19 -26.56
CA SER B 137 -8.51 -0.88 -26.78
C SER B 137 -9.28 -0.26 -27.94
N GLY B 138 -9.29 1.06 -28.02
CA GLY B 138 -9.87 1.77 -29.13
C GLY B 138 -11.35 2.02 -29.06
N THR B 139 -12.02 1.59 -27.98
CA THR B 139 -13.45 1.77 -27.87
C THR B 139 -13.81 2.08 -26.43
N LEU B 140 -14.89 2.85 -26.27
CA LEU B 140 -15.54 3.07 -24.98
C LEU B 140 -16.88 2.34 -24.89
N GLU B 141 -17.05 1.28 -25.67
CA GLU B 141 -18.30 0.54 -25.70
C GLU B 141 -18.60 -0.03 -24.31
N PHE B 142 -19.62 0.50 -23.67
CA PHE B 142 -19.96 0.17 -22.30
C PHE B 142 -21.24 -0.64 -22.26
N ILE B 143 -21.19 -1.81 -21.62
CA ILE B 143 -22.34 -2.66 -21.43
C ILE B 143 -22.69 -2.64 -19.94
N THR B 144 -23.91 -2.22 -19.64
CA THR B 144 -24.39 -2.22 -18.26
C THR B 144 -24.67 -3.64 -17.81
N GLU B 145 -24.43 -3.90 -16.52
CA GLU B 145 -24.63 -5.22 -15.94
C GLU B 145 -25.49 -5.09 -14.70
N GLY B 146 -26.25 -6.14 -14.42
CA GLY B 146 -27.21 -6.12 -13.34
C GLY B 146 -26.62 -6.41 -11.98
N PHE B 147 -25.69 -5.57 -11.54
CA PHE B 147 -25.16 -5.70 -10.19
C PHE B 147 -26.30 -5.51 -9.19
N THR B 148 -26.40 -6.43 -8.23
CA THR B 148 -27.44 -6.39 -7.21
C THR B 148 -26.84 -5.86 -5.92
N TRP B 149 -26.78 -4.54 -5.80
CA TRP B 149 -26.28 -3.88 -4.61
C TRP B 149 -27.39 -3.85 -3.58
N THR B 150 -27.33 -4.78 -2.63
CA THR B 150 -28.40 -4.97 -1.66
C THR B 150 -28.09 -4.20 -0.38
N GLY B 151 -29.09 -3.49 0.13
CA GLY B 151 -28.95 -2.81 1.40
C GLY B 151 -28.16 -1.52 1.36
N VAL B 152 -28.04 -0.90 0.20
CA VAL B 152 -27.30 0.35 0.07
C VAL B 152 -28.04 1.28 -0.90
N THR B 153 -27.68 2.55 -0.85
CA THR B 153 -28.29 3.57 -1.67
C THR B 153 -27.46 3.74 -2.95
N GLN B 154 -28.07 3.48 -4.09
CA GLN B 154 -27.39 3.61 -5.37
C GLN B 154 -27.55 5.02 -5.92
N ASN B 155 -26.76 5.31 -6.95
CA ASN B 155 -26.88 6.57 -7.70
C ASN B 155 -26.62 7.78 -6.81
N GLY B 156 -25.52 7.74 -6.08
CA GLY B 156 -25.11 8.90 -5.32
C GLY B 156 -24.56 10.00 -6.21
N GLY B 157 -24.45 11.19 -5.63
CA GLY B 157 -24.01 12.34 -6.38
C GLY B 157 -23.34 13.37 -5.49
N SER B 158 -22.90 14.46 -6.11
CA SER B 158 -22.21 15.53 -5.42
C SER B 158 -22.52 16.85 -6.09
N ASN B 159 -22.29 17.93 -5.35
CA ASN B 159 -22.54 19.27 -5.89
C ASN B 159 -21.57 19.61 -7.00
N ALA B 160 -20.35 19.11 -6.92
CA ALA B 160 -19.32 19.47 -7.89
C ALA B 160 -19.64 18.96 -9.29
N CYS B 161 -20.40 17.86 -9.39
CA CYS B 161 -20.60 17.16 -10.64
C CYS B 161 -22.07 17.34 -11.03
N LYS B 162 -22.35 18.44 -11.71
CA LYS B 162 -23.71 18.83 -12.05
C LYS B 162 -24.08 18.23 -13.40
N ARG B 163 -24.82 17.12 -13.37
CA ARG B 163 -25.24 16.46 -14.60
C ARG B 163 -26.36 17.23 -15.28
N GLY B 164 -27.27 17.80 -14.51
CA GLY B 164 -28.39 18.54 -15.04
C GLY B 164 -28.72 19.73 -14.18
N PRO B 165 -30.00 19.90 -13.82
CA PRO B 165 -30.36 21.06 -12.98
C PRO B 165 -29.74 21.01 -11.60
N GLY B 166 -29.30 19.85 -11.14
CA GLY B 166 -28.76 19.71 -9.78
C GLY B 166 -27.58 18.77 -9.75
N SER B 167 -27.49 18.00 -8.67
CA SER B 167 -26.33 17.16 -8.43
C SER B 167 -26.27 16.00 -9.42
N GLY B 168 -25.07 15.43 -9.55
CA GLY B 168 -24.85 14.32 -10.45
C GLY B 168 -23.57 13.61 -10.11
N PHE B 169 -23.15 12.73 -11.02
CA PHE B 169 -21.97 11.93 -10.81
C PHE B 169 -21.54 11.32 -12.14
N PHE B 170 -20.40 10.66 -12.13
CA PHE B 170 -19.92 9.96 -13.32
C PHE B 170 -20.99 8.98 -13.80
N SER B 171 -21.24 8.99 -15.11
CA SER B 171 -22.30 8.16 -15.67
C SER B 171 -21.93 6.69 -15.70
N ARG B 172 -20.64 6.36 -15.70
CA ARG B 172 -20.19 4.98 -15.73
C ARG B 172 -19.79 4.46 -14.36
N LEU B 173 -20.08 5.21 -13.30
CA LEU B 173 -19.80 4.79 -11.94
C LEU B 173 -21.05 4.97 -11.10
N ASN B 174 -21.14 4.18 -10.04
CA ASN B 174 -22.29 4.15 -9.15
C ASN B 174 -21.80 4.42 -7.73
N TRP B 175 -22.13 5.59 -7.18
CA TRP B 175 -21.69 5.97 -5.85
C TRP B 175 -22.64 5.35 -4.84
N LEU B 176 -22.22 4.24 -4.24
CA LEU B 176 -23.02 3.57 -3.24
C LEU B 176 -22.92 4.30 -1.91
N THR B 177 -24.06 4.45 -1.24
CA THR B 177 -24.15 5.15 0.02
C THR B 177 -24.97 4.32 0.99
N LYS B 178 -24.74 4.52 2.28
CA LYS B 178 -25.45 3.81 3.32
C LYS B 178 -26.95 3.78 3.07
N SER B 179 -27.62 2.73 3.55
CA SER B 179 -29.06 2.73 3.63
C SER B 179 -29.45 3.62 4.81
N GLY B 180 -30.72 3.59 5.19
CA GLY B 180 -31.21 4.41 6.28
C GLY B 180 -30.21 4.53 7.42
N SER B 181 -29.76 3.39 7.95
CA SER B 181 -28.74 3.44 9.01
C SER B 181 -27.73 2.30 8.92
N THR B 182 -27.61 1.62 7.79
CA THR B 182 -26.74 0.47 7.68
C THR B 182 -26.04 0.44 6.33
N TYR B 183 -24.82 -0.11 6.32
CA TYR B 183 -24.06 -0.33 5.10
C TYR B 183 -23.51 -1.75 5.15
N PRO B 184 -24.28 -2.73 4.66
CA PRO B 184 -23.86 -4.12 4.77
C PRO B 184 -22.54 -4.37 4.06
N VAL B 185 -22.00 -5.57 4.27
CA VAL B 185 -20.79 -6.02 3.60
C VAL B 185 -21.20 -6.53 2.22
N LEU B 186 -21.19 -5.65 1.23
CA LEU B 186 -21.52 -6.04 -0.13
C LEU B 186 -20.58 -7.15 -0.58
N ASN B 187 -21.14 -8.19 -1.19
CA ASN B 187 -20.39 -9.36 -1.64
C ASN B 187 -20.84 -9.79 -3.02
N VAL B 188 -20.90 -8.84 -3.96
CA VAL B 188 -21.49 -9.18 -5.26
C VAL B 188 -20.46 -9.88 -6.15
N THR B 189 -20.97 -10.51 -7.20
CA THR B 189 -20.14 -11.26 -8.13
C THR B 189 -20.72 -11.13 -9.53
N MET B 190 -19.86 -11.37 -10.52
CA MET B 190 -20.23 -11.24 -11.92
C MET B 190 -19.33 -12.17 -12.73
N PRO B 191 -19.87 -13.28 -13.24
CA PRO B 191 -19.05 -14.14 -14.10
C PRO B 191 -18.94 -13.61 -15.51
N ASN B 192 -17.82 -13.92 -16.16
CA ASN B 192 -17.59 -13.56 -17.55
C ASN B 192 -17.83 -14.79 -18.40
N ASN B 193 -19.10 -15.02 -18.72
CA ASN B 193 -19.48 -16.11 -19.61
C ASN B 193 -19.29 -15.74 -21.07
N ASP B 194 -18.94 -14.50 -21.38
CA ASP B 194 -18.73 -14.07 -22.75
C ASP B 194 -17.37 -14.54 -23.26
N ASN B 195 -17.06 -14.13 -24.50
CA ASN B 195 -15.88 -14.59 -25.20
C ASN B 195 -14.84 -13.49 -25.36
N PHE B 196 -14.85 -12.49 -24.48
CA PHE B 196 -13.91 -11.38 -24.59
C PHE B 196 -13.59 -10.86 -23.20
N ASP B 197 -12.48 -10.13 -23.11
CA ASP B 197 -12.08 -9.53 -21.84
C ASP B 197 -13.02 -8.39 -21.47
N LYS B 198 -13.31 -8.29 -20.19
CA LYS B 198 -14.17 -7.24 -19.65
C LYS B 198 -13.35 -6.30 -18.78
N LEU B 199 -13.44 -5.01 -19.04
CA LEU B 199 -12.73 -3.99 -18.29
C LEU B 199 -13.71 -3.30 -17.35
N TYR B 200 -13.53 -3.51 -16.05
CA TYR B 200 -14.37 -2.90 -15.03
C TYR B 200 -13.61 -1.74 -14.40
N ILE B 201 -14.20 -0.55 -14.45
CA ILE B 201 -13.64 0.63 -13.83
C ILE B 201 -14.41 0.90 -12.55
N TRP B 202 -13.70 0.91 -11.42
CA TRP B 202 -14.31 1.16 -10.13
C TRP B 202 -13.44 2.14 -9.37
N GLY B 203 -13.84 2.43 -8.13
CA GLY B 203 -13.08 3.40 -7.36
C GLY B 203 -13.38 3.29 -5.88
N ILE B 204 -12.59 4.04 -5.11
CA ILE B 204 -12.70 4.10 -3.62
C ILE B 204 -12.77 5.59 -3.22
N HIS B 205 -13.76 5.93 -2.38
CA HIS B 205 -13.95 7.30 -1.93
C HIS B 205 -13.04 7.62 -0.75
N HIS B 206 -12.46 8.82 -0.78
CA HIS B 206 -11.59 9.31 0.28
C HIS B 206 -12.25 10.54 0.89
N PRO B 207 -12.98 10.37 1.99
CA PRO B 207 -13.63 11.52 2.63
C PRO B 207 -12.63 12.45 3.29
N SER B 208 -13.04 13.70 3.47
CA SER B 208 -12.16 14.69 4.06
C SER B 208 -12.04 14.53 5.56
N THR B 209 -13.12 14.11 6.22
CA THR B 209 -13.16 14.04 7.68
C THR B 209 -13.80 12.73 8.11
N ASP B 210 -13.47 12.33 9.34
CA ASP B 210 -14.00 11.07 9.95
C ASP B 210 -15.53 11.16 10.03
N GLN B 211 -16.06 12.31 10.44
CA GLN B 211 -17.51 12.47 10.55
C GLN B 211 -18.17 12.29 9.17
N GLU B 212 -17.54 12.82 8.13
CA GLU B 212 -18.07 12.63 6.78
C GLU B 212 -18.08 11.17 6.40
N GLN B 213 -17.00 10.45 6.73
CA GLN B 213 -16.93 9.02 6.47
C GLN B 213 -18.07 8.29 7.15
N THR B 214 -18.27 8.54 8.44
CA THR B 214 -19.34 7.90 9.18
C THR B 214 -20.71 8.29 8.65
N SER B 215 -20.86 9.51 8.14
CA SER B 215 -22.14 9.96 7.61
C SER B 215 -22.49 9.25 6.31
N LEU B 216 -21.52 9.15 5.39
CA LEU B 216 -21.77 8.45 4.14
C LEU B 216 -21.84 6.94 4.37
N TYR B 217 -20.95 6.41 5.20
CA TYR B 217 -20.85 5.00 5.46
C TYR B 217 -20.82 4.77 6.96
N VAL B 218 -21.67 3.85 7.44
CA VAL B 218 -21.84 3.69 8.88
C VAL B 218 -20.52 3.33 9.54
N GLN B 219 -19.67 2.58 8.86
CA GLN B 219 -18.41 2.14 9.45
C GLN B 219 -17.43 3.30 9.55
N ALA B 220 -16.63 3.30 10.61
CA ALA B 220 -15.64 4.35 10.79
C ALA B 220 -14.53 4.26 9.74
N SER B 221 -14.25 3.06 9.25
CA SER B 221 -13.24 2.86 8.22
C SER B 221 -13.79 1.93 7.16
N GLY B 222 -13.52 2.26 5.90
CA GLY B 222 -14.01 1.48 4.79
C GLY B 222 -13.01 0.46 4.31
N ARG B 223 -13.43 -0.29 3.29
CA ARG B 223 -12.60 -1.35 2.71
C ARG B 223 -13.23 -1.80 1.40
N VAL B 224 -12.42 -1.85 0.33
CA VAL B 224 -12.89 -2.32 -0.97
C VAL B 224 -11.96 -3.43 -1.41
N THR B 225 -12.53 -4.53 -1.91
CA THR B 225 -11.76 -5.65 -2.44
C THR B 225 -12.40 -6.05 -3.77
N VAL B 226 -11.59 -6.11 -4.81
CA VAL B 226 -12.05 -6.52 -6.13
C VAL B 226 -11.08 -7.58 -6.63
N SER B 227 -11.61 -8.77 -6.95
CA SER B 227 -10.74 -9.90 -7.20
C SER B 227 -11.30 -10.77 -8.31
N THR B 228 -10.39 -11.53 -8.91
CA THR B 228 -10.69 -12.58 -9.87
C THR B 228 -10.10 -13.88 -9.34
N ARG B 229 -10.11 -14.93 -10.17
CA ARG B 229 -9.58 -16.21 -9.74
C ARG B 229 -8.10 -16.09 -9.36
N ARG B 230 -7.33 -15.36 -10.16
CA ARG B 230 -5.91 -15.17 -9.91
C ARG B 230 -5.63 -13.86 -9.17
N SER B 231 -6.01 -12.74 -9.75
CA SER B 231 -5.61 -11.45 -9.23
C SER B 231 -6.54 -10.99 -8.11
N GLN B 232 -6.09 -9.97 -7.38
CA GLN B 232 -6.89 -9.34 -6.34
C GLN B 232 -6.32 -7.96 -6.07
N GLN B 233 -7.20 -7.05 -5.67
CA GLN B 233 -6.81 -5.71 -5.25
C GLN B 233 -7.65 -5.33 -4.05
N THR B 234 -7.01 -4.76 -3.04
CA THR B 234 -7.71 -4.24 -1.88
C THR B 234 -7.25 -2.82 -1.60
N ILE B 235 -8.22 -1.94 -1.39
CA ILE B 235 -7.97 -0.53 -1.14
C ILE B 235 -8.60 -0.14 0.19
N ILE B 236 -7.81 0.52 1.02
CA ILE B 236 -8.25 1.05 2.30
C ILE B 236 -8.43 2.56 2.15
N PRO B 237 -9.64 3.10 2.29
CA PRO B 237 -9.80 4.54 2.16
C PRO B 237 -9.00 5.29 3.20
N ASN B 238 -8.45 6.44 2.79
CA ASN B 238 -7.72 7.34 3.67
C ASN B 238 -8.56 8.57 3.92
N ILE B 239 -8.83 8.85 5.19
CA ILE B 239 -9.70 9.94 5.59
C ILE B 239 -8.82 11.13 5.94
N GLY B 240 -8.78 12.11 5.06
CA GLY B 240 -7.97 13.30 5.27
C GLY B 240 -8.34 14.36 4.27
N SER B 241 -7.96 15.59 4.61
CA SER B 241 -8.33 16.74 3.81
C SER B 241 -7.32 16.98 2.69
N ARG B 242 -7.83 17.07 1.47
CA ARG B 242 -7.04 17.42 0.30
C ARG B 242 -7.34 18.84 -0.11
N PRO B 243 -6.55 19.40 -1.03
CA PRO B 243 -6.78 20.79 -1.46
C PRO B 243 -8.17 20.98 -2.04
N TRP B 244 -8.73 22.15 -1.78
CA TRP B 244 -10.05 22.52 -2.29
C TRP B 244 -10.05 22.44 -3.82
N VAL B 245 -10.86 21.52 -4.35
CA VAL B 245 -11.06 21.40 -5.79
C VAL B 245 -12.56 21.35 -6.06
N ARG B 246 -13.06 22.34 -6.79
CA ARG B 246 -14.48 22.40 -7.14
C ARG B 246 -15.36 22.20 -5.92
N GLY B 247 -14.98 22.84 -4.81
CA GLY B 247 -15.77 22.83 -3.61
C GLY B 247 -15.59 21.61 -2.72
N LEU B 248 -14.63 20.73 -3.03
CA LEU B 248 -14.48 19.47 -2.32
C LEU B 248 -13.05 19.28 -1.86
N SER B 249 -12.90 18.77 -0.63
CA SER B 249 -11.61 18.35 -0.10
C SER B 249 -11.44 16.83 -0.11
N SER B 250 -12.43 16.10 -0.60
CA SER B 250 -12.36 14.66 -0.70
C SER B 250 -11.88 14.26 -2.10
N ARG B 251 -11.70 12.94 -2.29
CA ARG B 251 -11.21 12.45 -3.57
C ARG B 251 -11.84 11.11 -3.90
N ILE B 252 -11.61 10.67 -5.13
CA ILE B 252 -11.95 9.32 -5.57
C ILE B 252 -10.73 8.75 -6.27
N SER B 253 -10.27 7.60 -5.80
CA SER B 253 -9.16 6.89 -6.42
C SER B 253 -9.72 5.83 -7.34
N ILE B 254 -9.34 5.89 -8.62
CA ILE B 254 -9.91 5.05 -9.66
C ILE B 254 -8.98 3.87 -9.90
N TYR B 255 -9.56 2.67 -9.92
CA TYR B 255 -8.83 1.45 -10.22
C TYR B 255 -9.60 0.69 -11.29
N TRP B 256 -8.90 -0.26 -11.92
CA TRP B 256 -9.48 -1.05 -13.00
C TRP B 256 -9.13 -2.51 -12.82
N THR B 257 -10.03 -3.36 -13.30
CA THR B 257 -9.83 -4.80 -13.26
C THR B 257 -10.22 -5.38 -14.62
N ILE B 258 -9.42 -6.33 -15.10
CA ILE B 258 -9.68 -6.98 -16.38
C ILE B 258 -10.01 -8.44 -16.11
N VAL B 259 -11.14 -8.89 -16.64
CA VAL B 259 -11.66 -10.23 -16.40
C VAL B 259 -11.62 -10.98 -17.73
N LYS B 260 -10.92 -12.11 -17.74
CA LYS B 260 -10.82 -12.93 -18.93
C LYS B 260 -12.04 -13.85 -19.05
N PRO B 261 -12.29 -14.40 -20.23
CA PRO B 261 -13.40 -15.35 -20.37
C PRO B 261 -13.25 -16.51 -19.41
N GLY B 262 -14.37 -16.92 -18.82
CA GLY B 262 -14.38 -17.96 -17.82
C GLY B 262 -14.04 -17.48 -16.42
N ASP B 263 -13.30 -16.38 -16.28
CA ASP B 263 -13.01 -15.81 -14.98
C ASP B 263 -14.22 -15.08 -14.44
N VAL B 264 -14.21 -14.82 -13.14
CA VAL B 264 -15.33 -14.24 -12.43
C VAL B 264 -14.84 -13.11 -11.54
N LEU B 265 -15.56 -11.99 -11.56
CA LEU B 265 -15.27 -10.85 -10.71
C LEU B 265 -16.03 -10.98 -9.40
N VAL B 266 -15.36 -10.63 -8.30
CA VAL B 266 -16.01 -10.56 -7.00
C VAL B 266 -15.67 -9.22 -6.37
N ILE B 267 -16.68 -8.49 -5.92
CA ILE B 267 -16.53 -7.21 -5.25
C ILE B 267 -17.06 -7.36 -3.83
N ASN B 268 -16.16 -7.23 -2.86
CA ASN B 268 -16.49 -7.31 -1.45
C ASN B 268 -16.07 -6.01 -0.78
N SER B 269 -17.05 -5.31 -0.21
CA SER B 269 -16.76 -4.00 0.36
C SER B 269 -17.56 -3.79 1.63
N ASN B 270 -17.00 -3.00 2.54
CA ASN B 270 -17.71 -2.57 3.74
C ASN B 270 -17.82 -1.06 3.84
N GLY B 271 -17.62 -0.35 2.75
CA GLY B 271 -17.71 1.10 2.75
C GLY B 271 -16.77 1.70 1.72
N ASN B 272 -17.12 2.90 1.28
CA ASN B 272 -16.28 3.70 0.39
C ASN B 272 -16.10 3.04 -0.96
N LEU B 273 -17.14 2.41 -1.48
CA LEU B 273 -17.08 1.75 -2.78
C LEU B 273 -17.73 2.62 -3.84
N ILE B 274 -16.95 2.99 -4.86
CA ILE B 274 -17.50 3.61 -6.06
C ILE B 274 -17.66 2.50 -7.09
N ALA B 275 -18.81 1.84 -7.08
CA ALA B 275 -18.97 0.61 -7.82
C ALA B 275 -19.04 0.87 -9.32
N PRO B 276 -18.81 -0.16 -10.13
CA PRO B 276 -19.04 -0.05 -11.57
C PRO B 276 -20.50 -0.30 -11.90
N ARG B 277 -20.93 0.29 -13.02
CA ARG B 277 -22.24 0.05 -13.58
C ARG B 277 -22.23 -1.02 -14.66
N GLY B 278 -21.06 -1.54 -14.99
CA GLY B 278 -20.94 -2.49 -16.08
C GLY B 278 -19.48 -2.67 -16.46
N TYR B 279 -19.26 -2.95 -17.74
CA TYR B 279 -17.91 -3.21 -18.23
C TYR B 279 -17.72 -2.62 -19.61
N PHE B 280 -16.47 -2.26 -19.91
CA PHE B 280 -16.09 -1.79 -21.23
C PHE B 280 -15.54 -2.96 -22.04
N LYS B 281 -16.09 -3.16 -23.22
CA LYS B 281 -15.67 -4.26 -24.08
C LYS B 281 -14.28 -3.97 -24.64
N MET B 282 -13.29 -4.72 -24.18
CA MET B 282 -11.92 -4.53 -24.62
C MET B 282 -11.72 -5.09 -26.03
N ARG B 283 -10.79 -4.49 -26.76
CA ARG B 283 -10.44 -4.93 -28.09
C ARG B 283 -8.94 -4.79 -28.29
N THR B 284 -8.43 -5.46 -29.32
CA THR B 284 -7.04 -5.38 -29.72
C THR B 284 -6.97 -4.89 -31.16
N GLY B 285 -6.14 -3.90 -31.42
CA GLY B 285 -6.06 -3.35 -32.76
C GLY B 285 -5.09 -2.20 -32.85
N LYS B 286 -5.33 -1.36 -33.85
CA LYS B 286 -4.43 -0.26 -34.23
C LYS B 286 -4.71 1.02 -33.45
N SER B 287 -5.67 1.02 -32.54
CA SER B 287 -6.04 2.25 -31.86
C SER B 287 -4.91 2.74 -30.96
N SER B 288 -4.86 4.06 -30.78
CA SER B 288 -3.86 4.70 -29.95
C SER B 288 -4.40 6.05 -29.50
N ILE B 289 -3.53 6.85 -28.89
CA ILE B 289 -3.89 8.16 -28.37
C ILE B 289 -2.73 9.12 -28.61
N MET B 290 -3.06 10.40 -28.71
CA MET B 290 -2.05 11.42 -29.01
C MET B 290 -2.48 12.74 -28.40
N ARG B 291 -1.50 13.53 -27.96
CA ARG B 291 -1.74 14.88 -27.47
C ARG B 291 -1.39 15.85 -28.59
N SER B 292 -2.35 16.67 -29.00
CA SER B 292 -2.13 17.59 -30.09
C SER B 292 -3.17 18.69 -30.04
N ASP B 293 -2.74 19.91 -30.34
CA ASP B 293 -3.64 21.05 -30.49
C ASP B 293 -3.95 21.37 -31.94
N ALA B 294 -3.47 20.57 -32.87
CA ALA B 294 -3.66 20.86 -34.28
C ALA B 294 -5.12 20.60 -34.67
N PRO B 295 -5.66 21.38 -35.60
CA PRO B 295 -7.03 21.13 -36.06
C PRO B 295 -7.10 19.91 -36.97
N ILE B 296 -8.31 19.41 -37.14
CA ILE B 296 -8.59 18.25 -37.97
C ILE B 296 -9.30 18.70 -39.24
N ASP B 297 -8.87 18.15 -40.37
CA ASP B 297 -9.36 18.57 -41.67
C ASP B 297 -9.71 17.35 -42.50
N THR B 298 -10.53 17.59 -43.54
CA THR B 298 -10.97 16.53 -44.44
C THR B 298 -9.90 16.37 -45.52
N CYS B 299 -9.08 15.34 -45.38
CA CYS B 299 -7.97 15.08 -46.29
C CYS B 299 -7.41 13.70 -45.98
N ILE B 300 -6.51 13.24 -46.85
CA ILE B 300 -5.94 11.90 -46.78
C ILE B 300 -4.50 12.00 -46.32
N SER B 301 -4.12 11.15 -45.37
CA SER B 301 -2.73 11.04 -44.96
C SER B 301 -2.56 9.74 -44.19
N GLU B 302 -1.54 8.96 -44.55
CA GLU B 302 -1.25 7.71 -43.86
C GLU B 302 -0.47 7.92 -42.57
N CYS B 303 0.02 9.14 -42.32
CA CYS B 303 0.85 9.42 -41.15
C CYS B 303 0.29 10.62 -40.42
N ILE B 304 0.41 10.59 -39.09
CA ILE B 304 -0.08 11.66 -38.23
C ILE B 304 0.96 11.94 -37.16
N THR B 305 1.13 13.22 -36.84
CA THR B 305 2.00 13.67 -35.77
C THR B 305 1.33 14.79 -35.02
N PRO B 306 1.77 15.09 -33.80
CA PRO B 306 1.17 16.21 -33.06
C PRO B 306 1.28 17.53 -33.81
N ASN B 307 2.30 17.68 -34.65
CA ASN B 307 2.44 18.86 -35.48
C ASN B 307 1.55 18.83 -36.71
N GLY B 308 0.83 17.74 -36.92
CA GLY B 308 -0.05 17.58 -38.06
C GLY B 308 0.39 16.46 -38.98
N SER B 309 -0.52 16.12 -39.90
CA SER B 309 -0.24 15.08 -40.88
C SER B 309 0.92 15.48 -41.77
N ILE B 310 1.72 14.48 -42.15
CA ILE B 310 2.88 14.71 -43.01
C ILE B 310 2.92 13.65 -44.09
N PRO B 311 3.45 14.02 -45.27
CA PRO B 311 3.64 13.01 -46.32
C PRO B 311 4.62 11.94 -45.88
N ASN B 312 4.41 10.73 -46.39
CA ASN B 312 5.23 9.58 -46.03
C ASN B 312 6.01 9.04 -47.23
N ASP B 313 6.15 9.83 -48.29
CA ASP B 313 6.95 9.40 -49.43
C ASP B 313 8.42 9.32 -49.06
N LYS B 314 8.91 10.30 -48.31
CA LYS B 314 10.30 10.30 -47.90
C LYS B 314 10.53 9.27 -46.80
N PRO B 315 11.72 8.68 -46.73
CA PRO B 315 11.96 7.62 -45.74
C PRO B 315 12.20 8.13 -44.33
N PHE B 316 12.64 9.37 -44.16
CA PHE B 316 12.95 9.93 -42.86
C PHE B 316 12.20 11.24 -42.67
N GLN B 317 12.01 11.63 -41.41
CA GLN B 317 11.33 12.88 -41.09
C GLN B 317 11.95 13.47 -39.84
N ASN B 318 11.84 14.80 -39.74
CA ASN B 318 12.38 15.56 -38.61
C ASN B 318 11.29 16.37 -37.92
N VAL B 319 10.02 16.02 -38.14
CA VAL B 319 8.92 16.82 -37.60
C VAL B 319 8.75 16.54 -36.12
N ASN B 320 8.44 15.29 -35.76
CA ASN B 320 8.23 14.92 -34.37
C ASN B 320 8.50 13.44 -34.21
N LYS B 321 9.00 13.07 -33.03
CA LYS B 321 9.25 11.67 -32.72
C LYS B 321 7.96 10.94 -32.34
N ILE B 322 6.91 11.67 -31.99
CA ILE B 322 5.60 11.07 -31.76
C ILE B 322 4.92 10.91 -33.10
N THR B 323 4.55 9.68 -33.44
CA THR B 323 4.01 9.38 -34.76
C THR B 323 2.91 8.34 -34.65
N TYR B 324 2.03 8.33 -35.65
CA TYR B 324 0.99 7.34 -35.78
C TYR B 324 0.81 6.98 -37.25
N GLY B 325 0.75 5.70 -37.53
CA GLY B 325 0.55 5.22 -38.88
C GLY B 325 1.85 4.90 -39.58
N ALA B 326 1.78 4.90 -40.91
CA ALA B 326 2.94 4.61 -41.75
C ALA B 326 3.82 5.86 -41.89
N CYS B 327 4.33 6.29 -40.76
CA CYS B 327 5.14 7.49 -40.71
C CYS B 327 6.59 7.19 -41.06
N PRO B 328 7.32 8.16 -41.62
CA PRO B 328 8.75 7.98 -41.80
C PRO B 328 9.48 7.96 -40.46
N LYS B 329 10.63 7.31 -40.46
CA LYS B 329 11.42 7.19 -39.25
C LYS B 329 12.00 8.54 -38.85
N TYR B 330 11.95 8.83 -37.55
CA TYR B 330 12.45 10.11 -37.05
C TYR B 330 13.98 10.12 -37.04
N VAL B 331 14.55 11.26 -37.41
CA VAL B 331 15.99 11.46 -37.41
C VAL B 331 16.28 12.88 -36.98
N LYS B 332 17.44 13.07 -36.36
CA LYS B 332 17.82 14.39 -35.89
C LYS B 332 18.21 15.33 -37.03
N GLN B 333 18.68 14.78 -38.14
CA GLN B 333 19.11 15.61 -39.25
C GLN B 333 17.93 16.38 -39.84
N ASN B 334 18.14 17.66 -40.11
CA ASN B 334 17.13 18.46 -40.76
C ASN B 334 17.05 18.18 -42.25
N THR B 335 18.18 17.84 -42.88
CA THR B 335 18.19 17.57 -44.31
C THR B 335 19.13 16.41 -44.59
N LEU B 336 18.82 15.68 -45.66
CA LEU B 336 19.68 14.58 -46.13
C LEU B 336 19.48 14.48 -47.64
N LYS B 337 20.41 15.03 -48.40
CA LYS B 337 20.31 15.07 -49.85
C LYS B 337 20.88 13.78 -50.43
N LEU B 338 20.05 13.07 -51.18
CA LEU B 338 20.46 11.85 -51.87
C LEU B 338 20.71 12.18 -53.33
N ALA B 339 21.85 11.74 -53.84
CA ALA B 339 22.23 12.00 -55.22
C ALA B 339 21.36 11.21 -56.18
N THR B 340 20.43 11.90 -56.85
CA THR B 340 19.62 11.33 -57.91
C THR B 340 20.20 11.75 -59.25
N GLY B 341 21.51 11.88 -59.31
CA GLY B 341 22.19 12.30 -60.51
C GLY B 341 23.68 11.99 -60.38
N MET B 342 24.44 12.49 -61.34
CA MET B 342 25.86 12.20 -61.44
C MET B 342 26.68 13.45 -61.16
N ARG B 343 27.99 13.26 -61.11
CA ARG B 343 28.90 14.33 -60.75
C ARG B 343 28.78 15.51 -61.71
N ASN B 344 28.80 16.72 -61.16
CA ASN B 344 28.60 17.93 -61.93
C ASN B 344 29.93 18.63 -62.13
N VAL B 345 30.32 18.82 -63.39
CA VAL B 345 31.53 19.56 -63.74
C VAL B 345 31.18 20.55 -64.85
N PRO B 346 30.74 21.75 -64.53
CA PRO B 346 30.28 22.68 -65.57
C PRO B 346 31.42 23.16 -66.47
N GLU B 347 31.03 23.68 -67.64
CA GLU B 347 31.99 23.99 -68.69
C GLU B 347 31.67 25.29 -69.44
N LYS B 348 31.04 26.27 -68.79
CA LYS B 348 30.67 27.51 -69.49
C LYS B 348 31.71 28.14 -70.40
N GLN B 349 32.89 28.47 -69.88
CA GLN B 349 33.85 29.34 -70.56
C GLN B 349 34.88 28.60 -71.41
N THR B 350 34.56 27.39 -71.87
CA THR B 350 35.41 26.58 -72.75
C THR B 350 36.62 26.01 -72.01
N ARG B 351 36.84 26.47 -70.78
CA ARG B 351 37.69 25.80 -69.79
C ARG B 351 38.94 25.17 -70.42
N GLY B 352 39.76 26.03 -71.03
CA GLY B 352 41.08 25.62 -71.45
C GLY B 352 41.45 26.02 -72.87
N LEU B 353 40.50 25.96 -73.79
CA LEU B 353 40.73 26.31 -75.18
C LEU B 353 39.62 27.20 -75.75
N PHE B 354 39.89 27.71 -76.96
CA PHE B 354 38.90 28.51 -77.75
C PHE B 354 37.96 27.53 -78.51
N GLY B 355 36.89 28.02 -79.16
CA GLY B 355 35.92 27.17 -79.88
C GLY B 355 36.55 26.20 -80.92
N ALA B 356 37.67 26.59 -81.60
CA ALA B 356 38.40 25.75 -82.60
C ALA B 356 38.42 24.23 -82.17
N ILE B 357 39.08 23.92 -81.04
CA ILE B 357 39.21 22.53 -80.50
C ILE B 357 38.57 22.47 -79.08
N ALA B 358 37.38 21.86 -78.88
CA ALA B 358 36.64 21.69 -77.58
C ALA B 358 36.02 20.28 -77.43
N GLY B 359 35.39 19.95 -76.28
CA GLY B 359 34.72 18.66 -75.98
C GLY B 359 35.65 17.63 -75.36
N PHE B 360 35.30 17.11 -74.16
CA PHE B 360 36.11 16.09 -73.44
C PHE B 360 35.34 15.48 -72.24
N ILE B 361 35.99 14.55 -71.51
CA ILE B 361 35.44 13.86 -70.36
C ILE B 361 35.81 14.56 -69.05
N GLU B 362 36.91 15.32 -69.05
CA GLU B 362 37.32 16.04 -67.85
C GLU B 362 36.30 17.10 -67.45
N ASN B 363 35.43 17.50 -68.37
CA ASN B 363 34.45 18.55 -68.12
C ASN B 363 33.11 18.14 -68.69
N GLY B 364 32.04 18.51 -67.99
CA GLY B 364 30.70 18.19 -68.42
C GLY B 364 30.21 19.12 -69.50
N TRP B 365 29.05 18.77 -70.07
CA TRP B 365 28.41 19.55 -71.12
C TRP B 365 27.03 19.97 -70.65
N GLU B 366 26.76 21.27 -70.71
CA GLU B 366 25.43 21.80 -70.39
C GLU B 366 24.52 21.88 -71.61
N GLY B 367 25.02 21.55 -72.79
CA GLY B 367 24.28 21.76 -74.02
C GLY B 367 23.46 20.56 -74.47
N MET B 368 23.21 19.62 -73.58
CA MET B 368 22.39 18.45 -73.89
C MET B 368 21.35 18.26 -72.79
N ILE B 369 20.16 17.86 -73.20
CA ILE B 369 19.06 17.65 -72.28
C ILE B 369 18.38 16.31 -72.55
N ASP B 370 18.73 15.68 -73.68
CA ASP B 370 18.09 14.45 -74.10
C ASP B 370 18.74 13.19 -73.52
N GLY B 371 19.82 13.34 -72.77
CA GLY B 371 20.49 12.19 -72.20
C GLY B 371 21.61 12.61 -71.28
N TRP B 372 21.97 11.69 -70.38
CA TRP B 372 23.05 11.94 -69.44
C TRP B 372 24.42 11.83 -70.11
N TYR B 373 24.57 10.89 -71.03
CA TYR B 373 25.83 10.62 -71.71
C TYR B 373 25.66 10.81 -73.20
N GLY B 374 26.74 11.20 -73.88
CA GLY B 374 26.63 11.43 -75.30
C GLY B 374 27.96 11.73 -75.95
N PHE B 375 27.88 12.11 -77.23
CA PHE B 375 29.03 12.34 -78.07
C PHE B 375 28.93 13.71 -78.74
N ARG B 376 30.10 14.29 -79.01
CA ARG B 376 30.25 15.49 -79.82
C ARG B 376 31.34 15.22 -80.85
N HIS B 377 31.04 15.49 -82.12
CA HIS B 377 31.95 15.08 -83.19
C HIS B 377 32.20 16.23 -84.15
N GLN B 378 33.40 16.25 -84.71
CA GLN B 378 33.79 17.14 -85.79
C GLN B 378 34.36 16.32 -86.94
N ASN B 379 34.04 16.71 -88.17
CA ASN B 379 34.50 16.00 -89.35
C ASN B 379 34.35 16.92 -90.55
N SER B 380 34.74 16.40 -91.72
CA SER B 380 34.66 17.19 -92.94
C SER B 380 33.22 17.59 -93.25
N GLU B 381 32.25 16.77 -92.82
CA GLU B 381 30.84 17.10 -93.03
C GLU B 381 30.36 18.20 -92.10
N GLY B 382 31.12 18.54 -91.06
CA GLY B 382 30.73 19.60 -90.16
C GLY B 382 30.94 19.25 -88.69
N THR B 383 29.93 19.50 -87.88
CA THR B 383 30.00 19.24 -86.45
C THR B 383 28.62 18.79 -85.98
N GLY B 384 28.60 17.97 -84.93
CA GLY B 384 27.34 17.45 -84.45
C GLY B 384 27.45 16.97 -83.02
N GLN B 385 26.27 16.66 -82.45
CA GLN B 385 26.17 16.18 -81.08
C GLN B 385 25.01 15.20 -81.00
N ALA B 386 25.12 14.24 -80.09
CA ALA B 386 24.08 13.24 -79.90
C ALA B 386 24.20 12.67 -78.50
N ALA B 387 23.19 11.89 -78.11
CA ALA B 387 23.13 11.28 -76.79
C ALA B 387 23.11 9.76 -76.91
N ASP B 388 23.67 9.10 -75.90
CA ASP B 388 23.69 7.64 -75.82
C ASP B 388 22.54 7.20 -74.92
N LEU B 389 21.55 6.55 -75.52
CA LEU B 389 20.36 6.14 -74.76
C LEU B 389 20.64 4.95 -73.86
N LYS B 390 21.55 4.07 -74.26
CA LYS B 390 21.75 2.83 -73.51
C LYS B 390 22.33 3.11 -72.13
N SER B 391 23.47 3.79 -72.08
CA SER B 391 24.11 4.09 -70.79
C SER B 391 23.21 4.99 -69.94
N THR B 392 22.59 5.97 -70.58
CA THR B 392 21.67 6.86 -69.85
C THR B 392 20.57 6.05 -69.17
N GLN B 393 19.93 5.16 -69.93
CA GLN B 393 18.85 4.36 -69.37
C GLN B 393 19.34 3.44 -68.27
N ALA B 394 20.50 2.81 -68.46
CA ALA B 394 21.03 1.92 -67.43
C ALA B 394 21.28 2.69 -66.13
N ALA B 395 21.97 3.82 -66.23
CA ALA B 395 22.25 4.60 -65.03
C ALA B 395 20.98 5.08 -64.36
N ILE B 396 20.02 5.58 -65.15
CA ILE B 396 18.78 6.08 -64.58
C ILE B 396 18.03 4.94 -63.90
N ASP B 397 18.03 3.77 -64.51
CA ASP B 397 17.36 2.62 -63.91
C ASP B 397 17.98 2.27 -62.57
N GLN B 398 19.31 2.25 -62.50
CA GLN B 398 19.96 1.94 -61.23
C GLN B 398 19.64 2.99 -60.17
N ILE B 399 19.66 4.27 -60.56
CA ILE B 399 19.39 5.34 -59.61
C ILE B 399 17.98 5.22 -59.06
N ASN B 400 17.00 5.06 -59.96
CA ASN B 400 15.62 4.93 -59.51
C ASN B 400 15.41 3.67 -58.69
N GLY B 401 16.11 2.59 -59.03
CA GLY B 401 16.00 1.38 -58.23
C GLY B 401 16.48 1.58 -56.81
N LYS B 402 17.63 2.24 -56.65
CA LYS B 402 18.12 2.47 -55.30
C LYS B 402 17.21 3.44 -54.55
N LEU B 403 16.65 4.43 -55.25
CA LEU B 403 15.69 5.32 -54.61
C LEU B 403 14.47 4.55 -54.11
N ASN B 404 13.94 3.66 -54.95
CA ASN B 404 12.78 2.86 -54.56
C ASN B 404 13.13 1.95 -53.37
N ARG B 405 14.31 1.35 -53.39
CA ARG B 405 14.76 0.56 -52.25
C ARG B 405 14.77 1.41 -50.99
N VAL B 406 15.27 2.64 -51.09
CA VAL B 406 15.37 3.51 -49.93
C VAL B 406 13.98 3.85 -49.39
N ILE B 407 13.03 4.16 -50.28
CA ILE B 407 11.76 4.72 -49.83
C ILE B 407 10.70 3.66 -49.58
N GLU B 408 10.76 2.52 -50.27
CA GLU B 408 9.68 1.54 -50.19
C GLU B 408 9.67 0.84 -48.83
N LYS B 409 8.55 0.18 -48.55
CA LYS B 409 8.35 -0.58 -47.30
C LYS B 409 8.49 0.34 -46.09
N THR B 410 7.58 1.30 -45.99
CA THR B 410 7.52 2.19 -44.84
C THR B 410 6.97 1.44 -43.63
N ASN B 411 7.64 1.58 -42.49
CA ASN B 411 7.20 0.92 -41.28
C ASN B 411 5.93 1.56 -40.75
N GLU B 412 5.00 0.72 -40.28
CA GLU B 412 3.72 1.16 -39.75
C GLU B 412 3.68 0.90 -38.26
N LYS B 413 3.46 1.95 -37.47
CA LYS B 413 3.42 1.85 -36.02
C LYS B 413 2.19 2.58 -35.51
N PHE B 414 1.49 1.96 -34.57
CA PHE B 414 0.19 2.46 -34.12
C PHE B 414 0.21 2.91 -32.67
N HIS B 415 0.57 2.04 -31.74
CA HIS B 415 0.63 2.38 -30.32
C HIS B 415 2.06 2.29 -29.85
N GLN B 416 2.47 3.26 -29.04
CA GLN B 416 3.86 3.38 -28.63
C GLN B 416 3.93 4.00 -27.24
N ILE B 417 5.11 3.92 -26.65
CA ILE B 417 5.34 4.53 -25.35
C ILE B 417 5.11 6.03 -25.42
N GLU B 418 4.87 6.62 -24.26
CA GLU B 418 4.80 8.07 -24.18
C GLU B 418 6.20 8.66 -24.27
N LYS B 419 6.36 9.67 -25.11
CA LYS B 419 7.65 10.28 -25.38
C LYS B 419 7.77 11.71 -24.88
N GLU B 420 6.67 12.33 -24.48
CA GLU B 420 6.68 13.64 -23.86
C GLU B 420 5.95 13.55 -22.53
N PHE B 421 6.53 14.14 -21.49
CA PHE B 421 6.04 14.01 -20.13
C PHE B 421 5.83 15.39 -19.52
N SER B 422 4.71 15.54 -18.82
CA SER B 422 4.38 16.77 -18.11
C SER B 422 4.71 16.68 -16.62
N GLU B 423 5.30 15.58 -16.18
CA GLU B 423 5.56 15.33 -14.77
C GLU B 423 7.02 14.94 -14.59
N VAL B 424 7.42 14.82 -13.34
CA VAL B 424 8.71 14.25 -12.96
C VAL B 424 8.44 12.98 -12.19
N GLU B 425 8.91 11.85 -12.71
CA GLU B 425 8.60 10.55 -12.14
C GLU B 425 9.82 9.70 -11.83
N GLY B 426 10.94 9.91 -12.49
CA GLY B 426 12.19 9.26 -12.12
C GLY B 426 12.47 8.03 -12.98
N ARG B 427 12.53 6.86 -12.33
CA ARG B 427 13.16 5.70 -12.94
C ARG B 427 12.48 5.31 -14.26
N ILE B 428 11.16 5.15 -14.24
CA ILE B 428 10.46 4.67 -15.43
C ILE B 428 10.49 5.72 -16.53
N GLN B 429 10.26 6.98 -16.17
CA GLN B 429 10.28 8.05 -17.16
C GLN B 429 11.68 8.22 -17.75
N ASP B 430 12.71 8.14 -16.92
CA ASP B 430 14.07 8.22 -17.43
C ASP B 430 14.37 7.06 -18.36
N LEU B 431 13.88 5.86 -18.03
CA LEU B 431 14.08 4.71 -18.89
C LEU B 431 13.40 4.92 -20.24
N GLU B 432 12.18 5.43 -20.25
CA GLU B 432 11.48 5.68 -21.50
C GLU B 432 12.22 6.71 -22.34
N LYS B 433 12.68 7.79 -21.69
CA LYS B 433 13.44 8.81 -22.40
C LYS B 433 14.71 8.23 -23.00
N TYR B 434 15.42 7.41 -22.24
CA TYR B 434 16.66 6.81 -22.72
C TYR B 434 16.39 5.89 -23.90
N VAL B 435 15.33 5.09 -23.82
CA VAL B 435 15.00 4.19 -24.92
C VAL B 435 14.73 4.97 -26.20
N GLU B 436 13.90 6.01 -26.09
CA GLU B 436 13.57 6.79 -27.27
C GLU B 436 14.80 7.51 -27.82
N ASP B 437 15.64 8.05 -26.95
CA ASP B 437 16.84 8.75 -27.41
C ASP B 437 17.78 7.79 -28.09
N THR B 438 17.94 6.59 -27.55
CA THR B 438 18.79 5.58 -28.19
C THR B 438 18.27 5.24 -29.57
N LYS B 439 16.95 5.02 -29.69
CA LYS B 439 16.39 4.72 -31.00
C LYS B 439 16.63 5.85 -31.97
N ILE B 440 16.42 7.09 -31.52
CA ILE B 440 16.58 8.24 -32.40
C ILE B 440 18.02 8.37 -32.87
N ASP B 441 18.97 8.23 -31.94
CA ASP B 441 20.38 8.34 -32.31
C ASP B 441 20.78 7.25 -33.28
N LEU B 442 20.36 6.01 -33.02
CA LEU B 442 20.72 4.91 -33.90
C LEU B 442 20.15 5.11 -35.30
N TRP B 443 18.88 5.54 -35.38
CA TRP B 443 18.29 5.73 -36.70
C TRP B 443 18.89 6.93 -37.42
N SER B 444 19.26 7.98 -36.69
CA SER B 444 19.96 9.09 -37.32
C SER B 444 21.29 8.65 -37.90
N TYR B 445 22.06 7.87 -37.15
CA TYR B 445 23.30 7.35 -37.67
C TYR B 445 23.07 6.46 -38.88
N ASN B 446 22.04 5.61 -38.82
CA ASN B 446 21.75 4.74 -39.96
C ASN B 446 21.41 5.56 -41.20
N ALA B 447 20.61 6.61 -41.04
CA ALA B 447 20.27 7.46 -42.18
C ALA B 447 21.51 8.15 -42.73
N GLU B 448 22.36 8.69 -41.86
CA GLU B 448 23.57 9.35 -42.31
C GLU B 448 24.45 8.39 -43.12
N LEU B 449 24.71 7.21 -42.56
CA LEU B 449 25.55 6.24 -43.24
C LEU B 449 24.93 5.78 -44.55
N LEU B 450 23.62 5.53 -44.56
CA LEU B 450 22.95 5.07 -45.76
C LEU B 450 23.03 6.11 -46.86
N VAL B 451 22.78 7.38 -46.53
CA VAL B 451 22.83 8.43 -47.53
C VAL B 451 24.26 8.59 -48.05
N ALA B 452 25.24 8.56 -47.16
CA ALA B 452 26.63 8.69 -47.61
C ALA B 452 27.00 7.55 -48.56
N LEU B 453 26.67 6.32 -48.19
CA LEU B 453 27.00 5.18 -49.02
C LEU B 453 26.29 5.25 -50.37
N GLU B 454 25.01 5.62 -50.36
CA GLU B 454 24.25 5.67 -51.59
C GLU B 454 24.79 6.75 -52.52
N ASN B 455 25.12 7.93 -51.98
CA ASN B 455 25.70 8.98 -52.81
C ASN B 455 27.05 8.56 -53.37
N GLN B 456 27.88 7.95 -52.53
CA GLN B 456 29.20 7.50 -52.98
C GLN B 456 29.06 6.52 -54.13
N HIS B 457 28.18 5.52 -53.96
CA HIS B 457 28.05 4.51 -54.99
C HIS B 457 27.35 5.05 -56.23
N THR B 458 26.46 6.04 -56.06
CA THR B 458 25.85 6.69 -57.22
C THR B 458 26.91 7.37 -58.07
N ILE B 459 27.76 8.17 -57.43
CA ILE B 459 28.83 8.83 -58.17
C ILE B 459 29.76 7.80 -58.79
N ASP B 460 30.11 6.76 -58.04
CA ASP B 460 31.03 5.75 -58.55
C ASP B 460 30.44 5.03 -59.76
N LEU B 461 29.16 4.66 -59.70
CA LEU B 461 28.57 3.92 -60.80
C LEU B 461 28.34 4.80 -62.01
N THR B 462 28.06 6.09 -61.82
CA THR B 462 27.94 6.98 -62.97
C THR B 462 29.29 7.17 -63.65
N ASP B 463 30.35 7.38 -62.87
CA ASP B 463 31.68 7.46 -63.45
C ASP B 463 32.05 6.14 -64.14
N SER B 464 31.67 5.01 -63.54
CA SER B 464 31.94 3.72 -64.13
C SER B 464 31.20 3.55 -65.46
N GLU B 465 29.96 4.03 -65.53
CA GLU B 465 29.22 3.98 -66.80
C GLU B 465 29.92 4.82 -67.85
N MET B 466 30.38 6.01 -67.48
CA MET B 466 31.09 6.85 -68.44
C MET B 466 32.36 6.16 -68.94
N ASN B 467 33.13 5.58 -68.02
CA ASN B 467 34.35 4.89 -68.41
C ASN B 467 34.05 3.66 -69.26
N LYS B 468 32.96 2.96 -68.94
CA LYS B 468 32.56 1.80 -69.74
C LYS B 468 32.22 2.22 -71.16
N LEU B 469 31.47 3.31 -71.30
CA LEU B 469 31.14 3.80 -72.63
C LEU B 469 32.41 4.20 -73.39
N PHE B 470 33.33 4.88 -72.72
CA PHE B 470 34.57 5.28 -73.38
C PHE B 470 35.38 4.07 -73.82
N GLU B 471 35.46 3.07 -72.94
CA GLU B 471 36.22 1.82 -73.21
C GLU B 471 35.59 1.11 -74.41
N LYS B 472 34.26 1.01 -74.43
CA LYS B 472 33.57 0.34 -75.52
C LYS B 472 33.80 1.06 -76.84
N THR B 473 33.75 2.39 -76.82
CA THR B 473 34.03 3.15 -78.03
C THR B 473 35.46 2.93 -78.49
N ARG B 474 36.39 2.92 -77.53
CA ARG B 474 37.84 2.73 -77.82
C ARG B 474 38.07 1.35 -78.46
N ARG B 475 37.37 0.32 -77.96
CA ARG B 475 37.52 -1.03 -78.49
C ARG B 475 36.81 -1.19 -79.83
N GLN B 476 35.76 -0.40 -80.07
CA GLN B 476 35.19 -0.33 -81.41
C GLN B 476 36.18 0.28 -82.38
N LEU B 477 36.81 1.38 -81.97
CA LEU B 477 37.90 2.02 -82.79
C LEU B 477 39.14 1.13 -82.57
N ARG B 478 39.11 -0.16 -83.02
CA ARG B 478 40.20 -1.15 -82.73
C ARG B 478 41.61 -0.51 -83.02
N GLU B 479 41.78 0.01 -84.25
CA GLU B 479 43.08 0.64 -84.65
C GLU B 479 42.86 1.89 -85.51
N ASN B 480 41.65 2.12 -86.02
CA ASN B 480 41.40 3.30 -86.86
C ASN B 480 41.64 4.59 -86.12
N ALA B 481 41.63 4.58 -84.79
CA ALA B 481 41.59 5.79 -84.00
C ALA B 481 42.73 5.79 -83.00
N GLU B 482 42.88 6.91 -82.29
CA GLU B 482 43.94 7.04 -81.31
C GLU B 482 43.45 7.96 -80.21
N ASP B 483 43.60 7.51 -78.95
CA ASP B 483 42.99 8.19 -77.82
C ASP B 483 43.72 9.49 -77.50
N MET B 484 42.97 10.55 -77.22
CA MET B 484 43.56 11.86 -77.01
C MET B 484 43.98 12.10 -75.57
N GLY B 485 43.36 11.43 -74.61
CA GLY B 485 43.62 11.66 -73.21
C GLY B 485 42.68 12.64 -72.54
N ASN B 486 41.95 13.42 -73.32
CA ASN B 486 40.94 14.34 -72.80
C ASN B 486 39.52 13.79 -72.93
N GLY B 487 39.38 12.50 -73.20
CA GLY B 487 38.09 11.91 -73.45
C GLY B 487 37.70 11.86 -74.92
N CYS B 488 38.65 12.06 -75.83
CA CYS B 488 38.36 12.12 -77.25
C CYS B 488 39.22 11.12 -78.01
N PHE B 489 38.68 10.64 -79.13
CA PHE B 489 39.39 9.79 -80.07
C PHE B 489 39.59 10.57 -81.36
N LYS B 490 40.80 10.52 -81.90
CA LYS B 490 41.05 11.06 -83.23
C LYS B 490 40.96 9.93 -84.23
N ILE B 491 40.05 10.07 -85.19
CA ILE B 491 39.86 9.11 -86.26
C ILE B 491 40.71 9.55 -87.45
N TYR B 492 41.56 8.65 -87.94
CA TYR B 492 42.53 8.97 -88.97
C TYR B 492 41.99 8.80 -90.38
N HIS B 493 40.68 8.66 -90.54
CA HIS B 493 40.05 8.55 -91.86
C HIS B 493 38.85 9.49 -91.92
N LYS B 494 38.19 9.49 -93.08
CA LYS B 494 37.04 10.36 -93.32
C LYS B 494 35.82 9.71 -92.69
N CYS B 495 35.71 9.88 -91.37
CA CYS B 495 34.59 9.33 -90.60
C CYS B 495 33.43 10.31 -90.72
N ASP B 496 32.61 10.12 -91.75
CA ASP B 496 31.50 11.02 -92.02
C ASP B 496 30.40 10.82 -90.98
N ASN B 497 29.29 11.55 -91.16
CA ASN B 497 28.18 11.44 -90.22
C ASN B 497 27.63 10.01 -90.18
N ALA B 498 27.63 9.31 -91.32
CA ALA B 498 27.25 7.90 -91.30
C ALA B 498 28.25 7.08 -90.50
N CYS B 499 29.55 7.38 -90.65
CA CYS B 499 30.57 6.72 -89.85
C CYS B 499 30.35 6.98 -88.36
N ILE B 500 30.09 8.23 -87.99
CA ILE B 500 29.87 8.56 -86.58
C ILE B 500 28.64 7.86 -86.06
N GLU B 501 27.58 7.81 -86.88
CA GLU B 501 26.36 7.13 -86.48
C GLU B 501 26.61 5.65 -86.26
N SER B 502 27.40 5.03 -87.15
CA SER B 502 27.73 3.62 -86.98
C SER B 502 28.51 3.39 -85.70
N ILE B 503 29.46 4.27 -85.40
CA ILE B 503 30.22 4.15 -84.16
C ILE B 503 29.28 4.26 -82.96
N ARG B 504 28.37 5.24 -83.00
CA ARG B 504 27.50 5.48 -81.86
C ARG B 504 26.51 4.33 -81.66
N ASN B 505 26.02 3.73 -82.74
CA ASN B 505 25.00 2.71 -82.65
C ASN B 505 25.53 1.29 -82.74
N GLY B 506 26.83 1.12 -83.02
CA GLY B 506 27.48 -0.17 -82.88
C GLY B 506 27.68 -0.96 -84.14
N THR B 507 27.27 -0.46 -85.31
CA THR B 507 27.46 -1.16 -86.56
C THR B 507 28.79 -0.81 -87.23
N TYR B 508 29.64 -0.02 -86.58
CA TYR B 508 30.89 0.41 -87.18
C TYR B 508 31.78 -0.79 -87.49
N ASP B 509 32.43 -0.74 -88.66
CA ASP B 509 33.37 -1.77 -89.09
C ASP B 509 34.75 -1.12 -89.24
N HIS B 510 35.72 -1.63 -88.50
CA HIS B 510 37.06 -1.04 -88.50
C HIS B 510 37.85 -1.41 -89.75
N ASP B 511 37.68 -2.63 -90.26
CA ASP B 511 38.56 -3.14 -91.31
C ASP B 511 38.44 -2.30 -92.57
N VAL B 512 37.23 -1.91 -92.94
CA VAL B 512 37.00 -1.24 -94.22
C VAL B 512 37.57 0.17 -94.22
N TYR B 513 38.11 0.61 -93.08
CA TYR B 513 38.87 1.85 -92.99
C TYR B 513 40.30 1.64 -92.53
N ARG B 514 40.60 0.43 -92.06
CA ARG B 514 41.90 0.05 -91.44
C ARG B 514 43.13 0.48 -92.26
N ASP B 515 43.13 0.22 -93.57
CA ASP B 515 44.31 0.49 -94.38
C ASP B 515 44.66 1.97 -94.37
N GLU B 516 43.68 2.82 -94.71
CA GLU B 516 43.95 4.25 -94.75
C GLU B 516 44.20 4.81 -93.36
N ALA B 517 43.52 4.28 -92.33
CA ALA B 517 43.74 4.78 -90.99
C ALA B 517 45.17 4.54 -90.53
N LEU B 518 45.67 3.32 -90.73
CA LEU B 518 47.05 3.00 -90.38
C LEU B 518 48.03 3.83 -91.20
N ASN B 519 47.77 3.96 -92.51
CA ASN B 519 48.68 4.72 -93.35
C ASN B 519 48.78 6.16 -92.88
N ASN B 520 47.65 6.77 -92.52
CA ASN B 520 47.67 8.14 -92.01
C ASN B 520 48.33 8.19 -90.63
N ARG B 521 48.14 7.16 -89.80
CA ARG B 521 48.74 7.15 -88.48
C ARG B 521 50.26 7.18 -88.56
N PHE B 522 50.83 6.25 -89.33
CA PHE B 522 52.27 6.08 -89.36
C PHE B 522 52.96 6.80 -90.52
N GLN B 523 52.20 7.25 -91.51
CA GLN B 523 52.78 7.91 -92.67
C GLN B 523 51.94 9.11 -93.09
N SER C 31 69.58 4.66 -76.05
CA SER C 31 68.65 4.09 -77.07
C SER C 31 67.21 4.46 -76.75
N THR C 32 66.84 4.29 -75.48
CA THR C 32 65.46 4.51 -75.04
C THR C 32 65.48 4.88 -73.56
N ALA C 33 64.33 5.33 -73.08
CA ALA C 33 64.16 5.69 -71.68
C ALA C 33 63.09 4.80 -71.05
N THR C 34 63.06 4.77 -69.72
CA THR C 34 62.08 4.01 -68.98
C THR C 34 61.51 4.87 -67.87
N LEU C 35 60.19 4.92 -67.77
CA LEU C 35 59.50 5.71 -66.75
C LEU C 35 58.53 4.79 -66.01
N CYS C 36 58.80 4.56 -64.73
CA CYS C 36 58.00 3.67 -63.91
C CYS C 36 57.22 4.48 -62.89
N LEU C 37 55.98 4.09 -62.66
CA LEU C 37 55.11 4.75 -61.69
C LEU C 37 54.91 3.86 -60.49
N GLY C 38 54.92 4.45 -59.30
CA GLY C 38 54.80 3.67 -58.10
C GLY C 38 54.29 4.48 -56.93
N HIS C 39 54.22 3.81 -55.78
CA HIS C 39 53.66 4.39 -54.57
C HIS C 39 54.55 4.07 -53.39
N HIS C 40 54.39 4.84 -52.32
CA HIS C 40 55.23 4.67 -51.15
C HIS C 40 54.86 3.41 -50.38
N ALA C 41 55.85 2.84 -49.70
CA ALA C 41 55.65 1.70 -48.83
C ALA C 41 56.50 1.92 -47.57
N VAL C 42 56.23 1.11 -46.55
CA VAL C 42 56.93 1.23 -45.28
C VAL C 42 57.50 -0.13 -44.89
N PRO C 43 58.57 -0.17 -44.10
CA PRO C 43 59.15 -1.48 -43.74
C PRO C 43 58.15 -2.43 -43.10
N ASN C 44 57.30 -1.93 -42.21
CA ASN C 44 56.25 -2.76 -41.62
C ASN C 44 55.07 -1.88 -41.29
N GLY C 45 53.95 -2.12 -41.96
CA GLY C 45 52.73 -1.37 -41.74
C GLY C 45 51.90 -1.98 -40.64
N THR C 46 50.61 -1.65 -40.66
CA THR C 46 49.66 -2.12 -39.66
C THR C 46 48.53 -2.88 -40.34
N LEU C 47 48.08 -3.96 -39.69
CA LEU C 47 46.99 -4.76 -40.22
C LEU C 47 45.65 -4.10 -39.91
N VAL C 48 44.75 -4.16 -40.87
CA VAL C 48 43.40 -3.65 -40.72
C VAL C 48 42.41 -4.63 -41.33
N LYS C 49 41.17 -4.55 -40.87
CA LYS C 49 40.07 -5.33 -41.42
C LYS C 49 39.41 -4.58 -42.57
N THR C 50 38.77 -5.32 -43.46
CA THR C 50 38.03 -4.76 -44.57
C THR C 50 36.83 -5.64 -44.86
N ILE C 51 36.01 -5.22 -45.82
CA ILE C 51 34.88 -6.02 -46.24
C ILE C 51 35.36 -7.32 -46.89
N THR C 52 36.42 -7.24 -47.68
CA THR C 52 36.93 -8.40 -48.41
C THR C 52 37.98 -9.16 -47.61
N ASP C 53 39.08 -8.49 -47.27
CA ASP C 53 40.20 -9.11 -46.60
C ASP C 53 40.06 -8.95 -45.10
N ASP C 54 40.19 -10.07 -44.38
CA ASP C 54 40.11 -10.02 -42.93
C ASP C 54 41.32 -9.36 -42.30
N GLN C 55 42.46 -9.40 -42.99
CA GLN C 55 43.70 -8.84 -42.46
C GLN C 55 44.53 -8.36 -43.63
N ILE C 56 44.64 -7.04 -43.80
CA ILE C 56 45.40 -6.46 -44.91
C ILE C 56 46.28 -5.34 -44.36
N GLU C 57 47.50 -5.27 -44.86
CA GLU C 57 48.46 -4.29 -44.36
C GLU C 57 48.24 -2.94 -45.03
N VAL C 58 48.42 -1.87 -44.23
CA VAL C 58 48.39 -0.51 -44.73
C VAL C 58 49.58 0.24 -44.13
N THR C 59 49.99 1.30 -44.82
CA THR C 59 51.17 2.05 -44.40
C THR C 59 50.93 2.76 -43.07
N ASN C 60 49.72 3.29 -42.85
CA ASN C 60 49.43 4.07 -41.66
C ASN C 60 48.00 3.83 -41.25
N ALA C 61 47.77 3.78 -39.94
CA ALA C 61 46.44 3.53 -39.40
C ALA C 61 46.31 4.25 -38.06
N THR C 62 45.06 4.46 -37.65
CA THR C 62 44.76 5.14 -36.40
C THR C 62 43.76 4.34 -35.59
N GLU C 63 43.91 4.39 -34.26
CA GLU C 63 43.01 3.69 -33.36
C GLU C 63 41.78 4.55 -33.11
N LEU C 64 40.60 3.96 -33.30
CA LEU C 64 39.33 4.66 -33.13
C LEU C 64 38.66 4.35 -31.80
N VAL C 65 39.22 3.44 -31.00
CA VAL C 65 38.66 3.07 -29.71
C VAL C 65 39.57 3.60 -28.62
N GLN C 66 39.02 4.42 -27.74
CA GLN C 66 39.74 4.91 -26.57
C GLN C 66 39.62 3.86 -25.46
N SER C 67 40.67 3.06 -25.30
CA SER C 67 40.65 1.93 -24.39
C SER C 67 41.42 2.18 -23.10
N SER C 68 41.81 3.42 -22.85
CA SER C 68 42.57 3.76 -21.65
C SER C 68 42.03 5.05 -21.05
N SER C 69 42.25 5.21 -19.75
CA SER C 69 41.74 6.34 -19.00
C SER C 69 42.86 7.02 -18.23
N THR C 70 42.66 8.31 -17.96
CA THR C 70 43.62 9.06 -17.17
C THR C 70 43.71 8.55 -15.76
N GLY C 71 42.64 7.94 -15.25
CA GLY C 71 42.56 7.52 -13.87
C GLY C 71 42.12 8.61 -12.91
N LYS C 72 41.86 9.81 -13.40
CA LYS C 72 41.42 10.93 -12.58
C LYS C 72 40.25 11.63 -13.25
N ILE C 73 39.38 12.23 -12.44
CA ILE C 73 38.23 12.96 -12.92
C ILE C 73 38.62 14.44 -12.99
N CYS C 74 38.80 14.94 -14.20
CA CYS C 74 39.06 16.37 -14.37
C CYS C 74 37.88 17.17 -13.84
N ASN C 75 38.20 18.29 -13.17
CA ASN C 75 37.20 19.11 -12.52
C ASN C 75 36.66 20.21 -13.42
N ASN C 76 37.07 20.25 -14.68
CA ASN C 76 36.60 21.25 -15.63
C ASN C 76 36.31 20.57 -16.97
N PRO C 77 35.39 21.12 -17.78
CA PRO C 77 34.61 22.32 -17.48
C PRO C 77 33.40 22.05 -16.60
N HIS C 78 33.05 20.78 -16.45
CA HIS C 78 31.90 20.41 -15.64
C HIS C 78 32.19 20.65 -14.16
N ARG C 79 31.19 21.17 -13.46
CA ARG C 79 31.31 21.44 -12.03
C ARG C 79 31.15 20.13 -11.28
N ILE C 80 32.27 19.53 -10.89
CA ILE C 80 32.25 18.27 -10.16
C ILE C 80 32.09 18.55 -8.67
N LEU C 81 31.20 17.78 -8.04
CA LEU C 81 30.98 17.86 -6.60
C LEU C 81 31.29 16.50 -6.01
N ASP C 82 32.28 16.45 -5.12
CA ASP C 82 32.75 15.20 -4.54
C ASP C 82 31.94 14.89 -3.29
N GLY C 83 31.17 13.80 -3.34
CA GLY C 83 30.48 13.31 -2.17
C GLY C 83 31.36 12.38 -1.36
N ILE C 84 32.32 12.96 -0.65
CA ILE C 84 33.38 12.17 -0.02
C ILE C 84 32.79 11.04 0.82
N ASP C 85 32.03 11.39 1.84
CA ASP C 85 31.45 10.42 2.76
C ASP C 85 29.93 10.45 2.77
N CYS C 86 29.31 11.03 1.74
CA CYS C 86 27.88 11.29 1.74
C CYS C 86 27.26 10.79 0.44
N THR C 87 26.17 10.04 0.57
CA THR C 87 25.29 9.82 -0.56
C THR C 87 24.47 11.07 -0.83
N LEU C 88 23.94 11.17 -2.06
CA LEU C 88 23.17 12.34 -2.42
C LEU C 88 21.95 12.51 -1.53
N ILE C 89 21.32 11.40 -1.14
CA ILE C 89 20.12 11.50 -0.30
C ILE C 89 20.49 12.00 1.08
N ASP C 90 21.64 11.57 1.61
CA ASP C 90 22.06 12.06 2.93
C ASP C 90 22.27 13.56 2.90
N ALA C 91 22.91 14.08 1.85
CA ALA C 91 23.06 15.52 1.71
C ALA C 91 21.71 16.20 1.58
N LEU C 92 20.80 15.58 0.83
CA LEU C 92 19.47 16.16 0.64
C LEU C 92 18.74 16.32 1.96
N LEU C 93 18.76 15.26 2.78
CA LEU C 93 18.03 15.30 4.05
C LEU C 93 18.73 16.17 5.07
N GLY C 94 20.05 16.29 4.99
CA GLY C 94 20.79 17.09 5.94
C GLY C 94 21.44 16.25 7.02
N ASP C 95 22.09 15.17 6.60
CA ASP C 95 22.81 14.33 7.55
C ASP C 95 23.88 15.18 8.24
N PRO C 96 24.06 15.04 9.56
CA PRO C 96 24.98 15.95 10.27
C PRO C 96 26.38 15.99 9.68
N HIS C 97 26.90 14.85 9.23
CA HIS C 97 28.21 14.84 8.59
C HIS C 97 28.14 15.19 7.11
N CYS C 98 26.96 15.59 6.63
CA CYS C 98 26.78 16.04 5.24
C CYS C 98 26.33 17.49 5.16
N ASP C 99 26.25 18.19 6.30
CA ASP C 99 25.78 19.57 6.29
C ASP C 99 26.68 20.49 5.49
N VAL C 100 27.90 20.06 5.17
CA VAL C 100 28.78 20.85 4.33
C VAL C 100 28.25 20.98 2.91
N PHE C 101 27.28 20.15 2.53
CA PHE C 101 26.74 20.15 1.18
C PHE C 101 25.48 21.01 1.05
N GLN C 102 25.14 21.78 2.08
CA GLN C 102 23.94 22.60 2.03
C GLN C 102 24.04 23.61 0.89
N ASN C 103 22.95 23.75 0.13
CA ASN C 103 22.84 24.70 -0.97
C ASN C 103 23.89 24.48 -2.05
N GLU C 104 24.45 23.28 -2.13
CA GLU C 104 25.45 23.00 -3.13
C GLU C 104 24.81 22.78 -4.50
N THR C 105 25.61 22.95 -5.54
CA THR C 105 25.18 22.73 -6.91
C THR C 105 26.29 21.98 -7.64
N TRP C 106 25.89 21.24 -8.67
CA TRP C 106 26.82 20.39 -9.39
C TRP C 106 26.35 20.18 -10.81
N ASP C 107 27.32 19.87 -11.69
CA ASP C 107 27.03 19.28 -12.98
C ASP C 107 27.23 17.77 -12.96
N LEU C 108 27.96 17.25 -11.97
CA LEU C 108 28.14 15.82 -11.80
C LEU C 108 28.43 15.55 -10.33
N PHE C 109 27.47 14.93 -9.64
CA PHE C 109 27.70 14.50 -8.27
C PHE C 109 28.38 13.13 -8.28
N VAL C 110 29.51 13.04 -7.59
CA VAL C 110 30.30 11.82 -7.56
C VAL C 110 30.11 11.17 -6.20
N GLU C 111 29.51 9.98 -6.18
CA GLU C 111 29.33 9.23 -4.95
C GLU C 111 30.47 8.23 -4.79
N ARG C 112 30.99 8.15 -3.57
CA ARG C 112 32.08 7.26 -3.24
C ARG C 112 31.55 5.98 -2.59
N SER C 113 32.22 4.87 -2.87
CA SER C 113 31.80 3.59 -2.32
C SER C 113 31.90 3.59 -0.79
N LYS C 114 32.77 4.43 -0.23
CA LYS C 114 32.95 4.51 1.21
C LYS C 114 31.85 5.30 1.89
N ALA C 115 30.95 5.92 1.14
CA ALA C 115 29.94 6.78 1.73
C ALA C 115 29.05 5.99 2.68
N PHE C 116 28.64 6.65 3.75
CA PHE C 116 27.84 6.02 4.80
C PHE C 116 26.84 7.01 5.36
N SER C 117 25.82 6.48 6.02
CA SER C 117 24.83 7.28 6.71
C SER C 117 25.07 7.23 8.22
N ASN C 118 24.99 8.38 8.87
CA ASN C 118 25.30 8.49 10.29
C ASN C 118 24.21 9.21 11.05
N CYS C 119 22.98 9.14 10.58
CA CYS C 119 21.84 9.71 11.28
C CYS C 119 20.76 8.64 11.42
N TYR C 120 19.56 9.05 11.82
CA TYR C 120 18.46 8.10 12.02
C TYR C 120 18.37 7.14 10.85
N PRO C 121 18.20 5.84 11.09
CA PRO C 121 18.07 4.90 9.96
C PRO C 121 16.81 5.19 9.16
N TYR C 122 16.96 5.27 7.85
CA TYR C 122 15.86 5.61 6.95
C TYR C 122 15.90 4.73 5.72
N ASP C 123 14.74 4.59 5.10
CA ASP C 123 14.62 3.90 3.82
C ASP C 123 13.71 4.74 2.92
N VAL C 124 14.09 4.84 1.65
CA VAL C 124 13.36 5.64 0.68
C VAL C 124 12.64 4.69 -0.27
N PRO C 125 11.32 4.54 -0.16
CA PRO C 125 10.58 3.80 -1.19
C PRO C 125 10.78 4.46 -2.55
N ASP C 126 11.25 3.68 -3.51
CA ASP C 126 11.66 4.20 -4.81
C ASP C 126 12.86 5.14 -4.64
N TYR C 127 13.88 4.63 -3.94
CA TYR C 127 15.09 5.41 -3.70
C TYR C 127 15.71 5.88 -5.01
N ALA C 128 15.69 5.03 -6.04
CA ALA C 128 16.32 5.38 -7.30
C ALA C 128 15.65 6.58 -7.94
N SER C 129 14.32 6.66 -7.88
CA SER C 129 13.62 7.76 -8.51
C SER C 129 13.99 9.09 -7.85
N LEU C 130 13.98 9.13 -6.51
CA LEU C 130 14.34 10.35 -5.82
C LEU C 130 15.78 10.73 -6.10
N ARG C 131 16.69 9.76 -6.05
CA ARG C 131 18.09 10.04 -6.30
C ARG C 131 18.27 10.61 -7.71
N SER C 132 17.63 9.99 -8.70
CA SER C 132 17.78 10.42 -10.08
C SER C 132 17.21 11.81 -10.30
N LEU C 133 16.03 12.09 -9.74
CA LEU C 133 15.44 13.41 -9.98
C LEU C 133 16.20 14.50 -9.25
N VAL C 134 16.72 14.20 -8.06
CA VAL C 134 17.54 15.20 -7.36
C VAL C 134 18.83 15.46 -8.12
N ALA C 135 19.46 14.40 -8.63
CA ALA C 135 20.69 14.57 -9.41
C ALA C 135 20.41 15.38 -10.67
N SER C 136 19.32 15.09 -11.37
CA SER C 136 18.97 15.84 -12.57
C SER C 136 18.65 17.28 -12.24
N SER C 137 18.07 17.54 -11.06
CA SER C 137 17.82 18.92 -10.65
C SER C 137 19.13 19.70 -10.55
N GLY C 138 20.16 19.08 -10.00
CA GLY C 138 21.48 19.68 -9.98
C GLY C 138 21.76 20.61 -8.82
N THR C 139 20.79 20.82 -7.93
CA THR C 139 20.98 21.74 -6.82
C THR C 139 20.30 21.18 -5.57
N LEU C 140 20.88 21.53 -4.43
CA LEU C 140 20.25 21.30 -3.12
C LEU C 140 19.79 22.60 -2.49
N GLU C 141 19.51 23.61 -3.32
CA GLU C 141 19.09 24.92 -2.81
C GLU C 141 17.80 24.79 -2.05
N PHE C 142 17.86 24.99 -0.73
CA PHE C 142 16.74 24.77 0.16
C PHE C 142 16.23 26.11 0.69
N ILE C 143 14.93 26.35 0.52
CA ILE C 143 14.28 27.54 1.03
C ILE C 143 13.35 27.10 2.15
N THR C 144 13.58 27.64 3.34
CA THR C 144 12.72 27.36 4.49
C THR C 144 11.39 28.07 4.31
N GLU C 145 10.33 27.44 4.80
CA GLU C 145 8.99 27.99 4.70
C GLU C 145 8.33 27.98 6.08
N GLY C 146 7.43 28.94 6.29
CA GLY C 146 6.84 29.13 7.60
C GLY C 146 5.67 28.21 7.87
N PHE C 147 5.92 26.91 7.89
CA PHE C 147 4.88 25.97 8.29
C PHE C 147 4.47 26.25 9.72
N THR C 148 3.16 26.34 9.96
CA THR C 148 2.63 26.63 11.29
C THR C 148 2.09 25.34 11.88
N TRP C 149 3.01 24.58 12.49
CA TRP C 149 2.67 23.33 13.16
C TRP C 149 2.11 23.66 14.53
N THR C 150 0.79 23.65 14.66
CA THR C 150 0.12 24.08 15.87
C THR C 150 -0.19 22.88 16.76
N GLY C 151 0.10 23.03 18.05
CA GLY C 151 -0.24 22.01 19.02
C GLY C 151 0.67 20.80 19.03
N VAL C 152 1.90 20.94 18.53
CA VAL C 152 2.85 19.84 18.51
C VAL C 152 4.24 20.36 18.84
N THR C 153 5.12 19.44 19.20
CA THR C 153 6.50 19.75 19.56
C THR C 153 7.37 19.65 18.32
N GLN C 154 8.00 20.76 17.93
CA GLN C 154 8.86 20.77 16.76
C GLN C 154 10.30 20.44 17.16
N ASN C 155 11.12 20.17 16.15
CA ASN C 155 12.56 19.99 16.33
C ASN C 155 12.85 18.80 17.24
N GLY C 156 12.25 17.66 16.91
CA GLY C 156 12.57 16.44 17.60
C GLY C 156 13.92 15.89 17.19
N GLY C 157 14.43 14.96 17.99
CA GLY C 157 15.74 14.40 17.75
C GLY C 157 15.85 12.99 18.29
N SER C 158 17.03 12.40 18.10
CA SER C 158 17.30 11.05 18.53
C SER C 158 18.76 10.93 18.92
N ASN C 159 19.07 9.88 19.69
CA ASN C 159 20.44 9.65 20.12
C ASN C 159 21.34 9.27 18.96
N ALA C 160 20.79 8.58 17.96
CA ALA C 160 21.61 8.09 16.86
C ALA C 160 22.17 9.23 16.01
N CYS C 161 21.49 10.36 15.97
CA CYS C 161 21.81 11.45 15.05
C CYS C 161 22.33 12.61 15.88
N LYS C 162 23.64 12.59 16.14
CA LYS C 162 24.28 13.55 17.03
C LYS C 162 24.76 14.74 16.21
N ARG C 163 23.98 15.82 16.23
CA ARG C 163 24.34 17.02 15.49
C ARG C 163 25.47 17.78 16.17
N GLY C 164 25.47 17.82 17.49
CA GLY C 164 26.48 18.51 18.25
C GLY C 164 26.84 17.76 19.52
N PRO C 165 26.84 18.46 20.66
CA PRO C 165 27.18 17.77 21.91
C PRO C 165 26.18 16.69 22.31
N GLY C 166 24.98 16.73 21.77
CA GLY C 166 23.92 15.80 22.16
C GLY C 166 23.09 15.37 20.97
N SER C 167 21.79 15.20 21.21
CA SER C 167 20.90 14.65 20.21
C SER C 167 20.68 15.63 19.07
N GLY C 168 20.23 15.10 17.93
CA GLY C 168 19.97 15.90 16.76
C GLY C 168 19.09 15.15 15.79
N PHE C 169 18.99 15.69 14.58
CA PHE C 169 18.14 15.13 13.55
C PHE C 169 18.53 15.73 12.21
N PHE C 170 17.92 15.22 11.15
CA PHE C 170 18.14 15.75 9.81
C PHE C 170 17.82 17.24 9.81
N SER C 171 18.72 18.03 9.20
CA SER C 171 18.57 19.47 9.21
C SER C 171 17.45 19.95 8.29
N ARG C 172 17.09 19.17 7.28
CA ARG C 172 16.03 19.54 6.35
C ARG C 172 14.70 18.87 6.69
N LEU C 173 14.59 18.22 7.83
CA LEU C 173 13.35 17.60 8.28
C LEU C 173 13.05 18.05 9.69
N ASN C 174 11.77 18.02 10.05
CA ASN C 174 11.27 18.47 11.34
C ASN C 174 10.50 17.33 11.96
N TRP C 175 11.04 16.74 13.02
CA TRP C 175 10.41 15.62 13.70
C TRP C 175 9.36 16.17 14.66
N LEU C 176 8.11 16.14 14.25
CA LEU C 176 7.02 16.60 15.10
C LEU C 176 6.69 15.55 16.14
N THR C 177 6.46 16.01 17.36
CA THR C 177 6.16 15.14 18.49
C THR C 177 4.98 15.72 19.26
N LYS C 178 4.26 14.86 19.95
CA LYS C 178 3.11 15.26 20.74
C LYS C 178 3.40 16.50 21.58
N SER C 179 2.37 17.29 21.85
CA SER C 179 2.45 18.31 22.87
C SER C 179 2.37 17.62 24.23
N GLY C 180 2.21 18.39 25.28
CA GLY C 180 2.15 17.83 26.62
C GLY C 180 1.40 16.53 26.70
N SER C 181 0.16 16.51 26.20
CA SER C 181 -0.60 15.27 26.17
C SER C 181 -1.49 15.13 24.95
N THR C 182 -1.27 15.90 23.88
CA THR C 182 -2.14 15.88 22.72
C THR C 182 -1.32 16.00 21.44
N TYR C 183 -1.84 15.37 20.38
CA TYR C 183 -1.28 15.48 19.04
C TYR C 183 -2.42 15.76 18.08
N PRO C 184 -2.76 17.04 17.88
CA PRO C 184 -3.92 17.36 17.04
C PRO C 184 -3.75 16.85 15.62
N VAL C 185 -4.84 16.96 14.86
CA VAL C 185 -4.86 16.60 13.45
C VAL C 185 -4.29 17.78 12.68
N LEU C 186 -2.98 17.78 12.47
CA LEU C 186 -2.34 18.84 11.69
C LEU C 186 -2.96 18.91 10.31
N ASN C 187 -3.29 20.12 9.86
CA ASN C 187 -3.93 20.36 8.57
C ASN C 187 -3.30 21.54 7.85
N VAL C 188 -1.97 21.55 7.75
CA VAL C 188 -1.32 22.74 7.23
C VAL C 188 -1.35 22.74 5.70
N THR C 189 -1.08 23.91 5.14
CA THR C 189 -1.11 24.10 3.70
C THR C 189 -0.04 25.10 3.30
N MET C 190 0.36 25.03 2.03
CA MET C 190 1.41 25.90 1.50
C MET C 190 1.17 26.06 0.00
N PRO C 191 0.74 27.24 -0.43
CA PRO C 191 0.57 27.47 -1.87
C PRO C 191 1.89 27.77 -2.55
N ASN C 192 1.98 27.39 -3.82
CA ASN C 192 3.14 27.67 -4.65
C ASN C 192 2.80 28.87 -5.55
N ASN C 193 2.96 30.06 -4.97
CA ASN C 193 2.77 31.28 -5.73
C ASN C 193 4.00 31.64 -6.58
N ASP C 194 5.08 30.89 -6.45
CA ASP C 194 6.29 31.15 -7.21
C ASP C 194 6.15 30.63 -8.64
N ASN C 195 7.24 30.77 -9.41
CA ASN C 195 7.25 30.44 -10.82
C ASN C 195 8.07 29.20 -11.13
N PHE C 196 8.24 28.30 -10.16
CA PHE C 196 9.05 27.11 -10.35
C PHE C 196 8.49 25.98 -9.51
N ASP C 197 8.88 24.76 -9.88
CA ASP C 197 8.46 23.58 -9.14
C ASP C 197 9.15 23.53 -7.78
N LYS C 198 8.41 23.11 -6.76
CA LYS C 198 8.91 22.98 -5.40
C LYS C 198 8.96 21.50 -5.02
N LEU C 199 10.12 21.05 -4.56
CA LEU C 199 10.31 19.67 -4.12
C LEU C 199 10.30 19.63 -2.61
N TYR C 200 9.28 19.01 -2.04
CA TYR C 200 9.14 18.85 -0.60
C TYR C 200 9.51 17.43 -0.23
N ILE C 201 10.49 17.29 0.67
CA ILE C 201 10.91 15.99 1.19
C ILE C 201 10.34 15.84 2.59
N TRP C 202 9.54 14.81 2.79
CA TRP C 202 8.94 14.54 4.08
C TRP C 202 9.08 13.06 4.38
N GLY C 203 8.52 12.64 5.51
CA GLY C 203 8.67 11.25 5.89
C GLY C 203 7.64 10.85 6.93
N ILE C 204 7.62 9.53 7.20
CA ILE C 204 6.70 8.90 8.19
C ILE C 204 7.54 8.04 9.12
N HIS C 205 7.34 8.20 10.44
CA HIS C 205 8.09 7.46 11.45
C HIS C 205 7.47 6.09 11.68
N HIS C 206 8.31 5.08 11.80
CA HIS C 206 7.91 3.71 12.07
C HIS C 206 8.48 3.30 13.42
N PRO C 207 7.70 3.42 14.49
CA PRO C 207 8.20 3.04 15.82
C PRO C 207 8.37 1.53 15.93
N SER C 208 9.22 1.13 16.88
CA SER C 208 9.50 -0.28 17.07
C SER C 208 8.36 -0.98 17.83
N THR C 209 7.72 -0.28 18.76
CA THR C 209 6.71 -0.88 19.62
C THR C 209 5.51 0.05 19.73
N ASP C 210 4.37 -0.56 20.08
CA ASP C 210 3.08 0.17 20.24
C ASP C 210 3.23 1.22 21.34
N GLN C 211 3.88 0.85 22.46
CA GLN C 211 4.06 1.80 23.55
C GLN C 211 4.91 2.99 23.11
N GLU C 212 5.93 2.74 22.29
CA GLU C 212 6.72 3.85 21.76
C GLU C 212 5.87 4.75 20.89
N GLN C 213 5.02 4.17 20.05
CA GLN C 213 4.12 4.95 19.21
C GLN C 213 3.24 5.84 20.06
N THR C 214 2.60 5.27 21.08
CA THR C 214 1.72 6.04 21.95
C THR C 214 2.50 7.10 22.73
N SER C 215 3.75 6.83 23.06
CA SER C 215 4.56 7.79 23.80
C SER C 215 4.92 8.99 22.94
N LEU C 216 5.36 8.75 21.70
CA LEU C 216 5.68 9.87 20.81
C LEU C 216 4.42 10.56 20.33
N TYR C 217 3.39 9.79 19.99
CA TYR C 217 2.15 10.30 19.45
C TYR C 217 0.99 9.70 20.24
N VAL C 218 0.08 10.56 20.68
CA VAL C 218 -0.97 10.11 21.58
C VAL C 218 -1.81 9.02 20.95
N GLN C 219 -2.00 9.08 19.63
CA GLN C 219 -2.84 8.10 18.96
C GLN C 219 -2.13 6.76 18.85
N ALA C 220 -2.91 5.68 18.96
CA ALA C 220 -2.33 4.34 18.86
C ALA C 220 -1.82 4.06 17.47
N SER C 221 -2.41 4.67 16.44
CA SER C 221 -1.98 4.50 15.07
C SER C 221 -1.93 5.85 14.40
N GLY C 222 -0.88 6.07 13.60
CA GLY C 222 -0.67 7.32 12.92
C GLY C 222 -1.23 7.31 11.51
N ARG C 223 -1.07 8.47 10.86
CA ARG C 223 -1.55 8.64 9.50
C ARG C 223 -0.97 9.93 8.92
N VAL C 224 -0.38 9.86 7.74
CA VAL C 224 0.16 11.03 7.06
C VAL C 224 -0.46 11.09 5.68
N THR C 225 -0.89 12.29 5.28
CA THR C 225 -1.44 12.53 3.96
C THR C 225 -0.83 13.80 3.41
N VAL C 226 -0.25 13.71 2.22
CA VAL C 226 0.35 14.86 1.55
C VAL C 226 -0.20 14.91 0.14
N SER C 227 -0.83 16.03 -0.21
CA SER C 227 -1.59 16.07 -1.45
C SER C 227 -1.45 17.43 -2.12
N THR C 228 -1.71 17.42 -3.42
CA THR C 228 -1.84 18.60 -4.26
C THR C 228 -3.21 18.56 -4.92
N ARG C 229 -3.45 19.48 -5.86
CA ARG C 229 -4.74 19.52 -6.53
C ARG C 229 -5.04 18.21 -7.24
N ARG C 230 -4.04 17.63 -7.92
CA ARG C 230 -4.20 16.38 -8.63
C ARG C 230 -3.75 15.19 -7.80
N SER C 231 -2.48 15.16 -7.39
CA SER C 231 -1.89 13.99 -6.78
C SER C 231 -2.21 13.93 -5.28
N GLN C 232 -1.96 12.77 -4.70
CA GLN C 232 -2.10 12.56 -3.28
C GLN C 232 -1.31 11.33 -2.87
N GLN C 233 -0.79 11.35 -1.65
CA GLN C 233 -0.11 10.20 -1.07
C GLN C 233 -0.54 10.07 0.38
N THR C 234 -0.86 8.86 0.81
CA THR C 234 -1.16 8.59 2.20
C THR C 234 -0.33 7.41 2.69
N ILE C 235 0.28 7.59 3.85
CA ILE C 235 1.16 6.59 4.45
C ILE C 235 0.63 6.26 5.83
N ILE C 236 0.50 4.96 6.10
CA ILE C 236 0.09 4.43 7.40
C ILE C 236 1.34 3.89 8.08
N PRO C 237 1.76 4.44 9.22
CA PRO C 237 2.95 3.91 9.89
C PRO C 237 2.74 2.46 10.30
N ASN C 238 3.82 1.68 10.20
CA ASN C 238 3.83 0.29 10.62
C ASN C 238 4.67 0.18 11.89
N ILE C 239 4.06 -0.35 12.94
CA ILE C 239 4.70 -0.43 14.25
C ILE C 239 5.27 -1.83 14.39
N GLY C 240 6.59 -1.95 14.27
CA GLY C 240 7.24 -3.22 14.38
C GLY C 240 8.74 -3.04 14.50
N SER C 241 9.40 -4.08 14.99
CA SER C 241 10.83 -4.01 15.28
C SER C 241 11.63 -4.35 14.03
N ARG C 242 12.55 -3.47 13.68
CA ARG C 242 13.51 -3.68 12.62
C ARG C 242 14.89 -3.98 13.19
N PRO C 243 15.82 -4.43 12.37
CA PRO C 243 17.16 -4.75 12.88
C PRO C 243 17.82 -3.55 13.54
N TRP C 244 18.58 -3.85 14.60
CA TRP C 244 19.31 -2.82 15.32
C TRP C 244 20.25 -2.08 14.39
N VAL C 245 20.00 -0.78 14.20
CA VAL C 245 20.88 0.09 13.43
C VAL C 245 21.15 1.33 14.25
N ARG C 246 22.42 1.55 14.59
CA ARG C 246 22.84 2.72 15.35
C ARG C 246 21.97 2.91 16.59
N GLY C 247 21.68 1.80 17.27
CA GLY C 247 20.95 1.84 18.52
C GLY C 247 19.45 1.91 18.39
N LEU C 248 18.90 1.78 17.18
CA LEU C 248 17.48 1.98 16.94
C LEU C 248 16.89 0.80 16.16
N SER C 249 15.69 0.39 16.57
CA SER C 249 14.90 -0.60 15.85
C SER C 249 13.77 0.04 15.06
N SER C 250 13.63 1.36 15.10
CA SER C 250 12.62 2.08 14.36
C SER C 250 13.19 2.56 13.03
N ARG C 251 12.32 3.17 12.22
CA ARG C 251 12.75 3.62 10.90
C ARG C 251 12.03 4.91 10.54
N ILE C 252 12.48 5.53 9.45
CA ILE C 252 11.80 6.65 8.82
C ILE C 252 11.72 6.36 7.33
N SER C 253 10.50 6.38 6.80
CA SER C 253 10.28 6.19 5.37
C SER C 253 10.15 7.57 4.73
N ILE C 254 11.00 7.84 3.75
CA ILE C 254 11.11 9.15 3.13
C ILE C 254 10.31 9.17 1.84
N TYR C 255 9.48 10.19 1.69
CA TYR C 255 8.69 10.40 0.49
C TYR C 255 8.90 11.84 0.01
N TRP C 256 8.54 12.09 -1.24
CA TRP C 256 8.72 13.40 -1.84
C TRP C 256 7.47 13.79 -2.61
N THR C 257 7.24 15.09 -2.69
CA THR C 257 6.12 15.65 -3.42
C THR C 257 6.61 16.84 -4.24
N ILE C 258 6.16 16.95 -5.47
CA ILE C 258 6.53 18.05 -6.35
C ILE C 258 5.30 18.89 -6.62
N VAL C 259 5.41 20.19 -6.37
CA VAL C 259 4.31 21.13 -6.48
C VAL C 259 4.62 22.08 -7.63
N LYS C 260 3.73 22.14 -8.59
CA LYS C 260 3.88 23.02 -9.73
C LYS C 260 3.40 24.43 -9.38
N PRO C 261 3.78 25.42 -10.17
CA PRO C 261 3.27 26.77 -9.94
C PRO C 261 1.75 26.80 -9.98
N GLY C 262 1.16 27.56 -9.05
CA GLY C 262 -0.27 27.62 -8.90
C GLY C 262 -0.87 26.49 -8.08
N ASP C 263 -0.20 25.35 -8.01
CA ASP C 263 -0.66 24.25 -7.18
C ASP C 263 -0.35 24.53 -5.72
N VAL C 264 -1.03 23.79 -4.84
CA VAL C 264 -0.95 24.01 -3.40
C VAL C 264 -0.73 22.68 -2.72
N LEU C 265 0.17 22.67 -1.74
CA LEU C 265 0.44 21.49 -0.93
C LEU C 265 -0.44 21.51 0.30
N VAL C 266 -0.97 20.35 0.67
CA VAL C 266 -1.72 20.18 1.92
C VAL C 266 -1.17 18.97 2.65
N ILE C 267 -0.82 19.16 3.91
CA ILE C 267 -0.31 18.11 4.79
C ILE C 267 -1.31 17.92 5.91
N ASN C 268 -1.94 16.75 5.95
CA ASN C 268 -2.91 16.38 6.98
C ASN C 268 -2.41 15.12 7.68
N SER C 269 -2.17 15.22 8.97
CA SER C 269 -1.59 14.11 9.71
C SER C 269 -2.21 14.01 11.10
N ASN C 270 -2.27 12.78 11.61
CA ASN C 270 -2.67 12.55 12.99
C ASN C 270 -1.60 11.82 13.79
N GLY C 271 -0.36 11.82 13.31
CA GLY C 271 0.73 11.17 14.01
C GLY C 271 1.76 10.65 13.04
N ASN C 272 2.98 10.50 13.55
CA ASN C 272 4.08 9.90 12.81
C ASN C 272 4.47 10.72 11.58
N LEU C 273 4.44 12.04 11.69
CA LEU C 273 4.80 12.91 10.58
C LEU C 273 6.21 13.45 10.77
N ILE C 274 7.08 13.16 9.81
CA ILE C 274 8.38 13.81 9.73
C ILE C 274 8.26 14.95 8.72
N ALA C 275 7.86 16.12 9.22
CA ALA C 275 7.44 17.19 8.34
C ALA C 275 8.63 17.79 7.59
N PRO C 276 8.37 18.51 6.51
CA PRO C 276 9.42 19.28 5.86
C PRO C 276 9.61 20.64 6.52
N ARG C 277 10.81 21.17 6.40
CA ARG C 277 11.12 22.52 6.85
C ARG C 277 11.05 23.53 5.72
N GLY C 278 10.76 23.09 4.50
CA GLY C 278 10.76 23.96 3.35
C GLY C 278 10.73 23.16 2.08
N TYR C 279 11.34 23.71 1.03
CA TYR C 279 11.34 23.08 -0.27
C TYR C 279 12.68 23.28 -0.96
N PHE C 280 13.03 22.32 -1.82
CA PHE C 280 14.21 22.40 -2.66
C PHE C 280 13.82 22.95 -4.02
N LYS C 281 14.51 24.00 -4.46
CA LYS C 281 14.21 24.63 -5.74
C LYS C 281 14.66 23.72 -6.86
N MET C 282 13.69 23.15 -7.59
CA MET C 282 14.00 22.25 -8.70
C MET C 282 14.48 23.03 -9.91
N ARG C 283 15.33 22.38 -10.70
CA ARG C 283 15.85 22.96 -11.93
C ARG C 283 15.94 21.87 -12.99
N THR C 284 16.07 22.31 -14.24
CA THR C 284 16.26 21.42 -15.38
C THR C 284 17.56 21.79 -16.06
N GLY C 285 18.40 20.80 -16.34
CA GLY C 285 19.68 21.07 -16.96
C GLY C 285 20.51 19.83 -17.14
N LYS C 286 21.83 20.06 -17.22
CA LYS C 286 22.80 19.02 -17.55
C LYS C 286 23.28 18.23 -16.34
N SER C 287 22.77 18.52 -15.15
CA SER C 287 23.27 17.87 -13.95
C SER C 287 22.95 16.38 -13.96
N SER C 288 23.80 15.61 -13.30
CA SER C 288 23.64 14.17 -13.19
C SER C 288 24.40 13.68 -11.97
N ILE C 289 24.51 12.37 -11.83
CA ILE C 289 25.19 11.75 -10.70
C ILE C 289 25.95 10.52 -11.20
N MET C 290 27.01 10.17 -10.47
CA MET C 290 27.87 9.06 -10.88
C MET C 290 28.49 8.44 -9.64
N ARG C 291 28.69 7.13 -9.69
CA ARG C 291 29.41 6.40 -8.65
C ARG C 291 30.84 6.17 -9.12
N SER C 292 31.80 6.66 -8.35
CA SER C 292 33.20 6.54 -8.74
C SER C 292 34.08 6.73 -7.52
N ASP C 293 35.15 5.95 -7.45
CA ASP C 293 36.18 6.10 -6.44
C ASP C 293 37.40 6.84 -6.95
N ALA C 294 37.37 7.32 -8.20
CA ALA C 294 38.53 7.96 -8.77
C ALA C 294 38.74 9.34 -8.15
N PRO C 295 39.98 9.78 -7.98
CA PRO C 295 40.23 11.13 -7.46
C PRO C 295 39.93 12.19 -8.49
N ILE C 296 39.78 13.42 -8.00
CA ILE C 296 39.48 14.58 -8.83
C ILE C 296 40.72 15.45 -8.91
N ASP C 297 41.02 15.93 -10.12
CA ASP C 297 42.24 16.68 -10.38
C ASP C 297 41.91 17.94 -11.18
N THR C 298 42.84 18.88 -11.15
CA THR C 298 42.69 20.15 -11.86
C THR C 298 43.17 19.95 -13.29
N CYS C 299 42.23 19.78 -14.21
CA CYS C 299 42.53 19.51 -15.61
C CYS C 299 41.24 19.65 -16.41
N ILE C 300 41.39 19.62 -17.74
CA ILE C 300 40.29 19.83 -18.67
C ILE C 300 39.93 18.51 -19.31
N SER C 301 38.63 18.22 -19.38
CA SER C 301 38.14 17.06 -20.11
C SER C 301 36.65 17.23 -20.34
N GLU C 302 36.22 17.03 -21.59
CA GLU C 302 34.80 17.12 -21.92
C GLU C 302 34.03 15.85 -21.58
N CYS C 303 34.72 14.77 -21.21
CA CYS C 303 34.10 13.49 -20.95
C CYS C 303 34.56 12.96 -19.61
N ILE C 304 33.65 12.28 -18.91
CA ILE C 304 33.94 11.72 -17.59
C ILE C 304 33.33 10.31 -17.53
N THR C 305 34.06 9.41 -16.88
CA THR C 305 33.61 8.05 -16.64
C THR C 305 34.02 7.65 -15.24
N PRO C 306 33.39 6.61 -14.67
CA PRO C 306 33.81 6.15 -13.34
C PRO C 306 35.27 5.77 -13.27
N ASN C 307 35.84 5.32 -14.39
CA ASN C 307 37.26 5.01 -14.46
C ASN C 307 38.13 6.25 -14.61
N GLY C 308 37.52 7.42 -14.75
CA GLY C 308 38.24 8.66 -14.89
C GLY C 308 37.96 9.33 -16.23
N SER C 309 38.41 10.58 -16.33
CA SER C 309 38.24 11.34 -17.56
C SER C 309 39.01 10.69 -18.70
N ILE C 310 38.45 10.78 -19.89
CA ILE C 310 39.08 10.20 -21.08
C ILE C 310 38.99 11.20 -22.23
N PRO C 311 39.99 11.16 -23.12
CA PRO C 311 39.92 12.01 -24.31
C PRO C 311 38.73 11.61 -25.19
N ASN C 312 38.17 12.61 -25.88
CA ASN C 312 37.01 12.41 -26.73
C ASN C 312 37.32 12.66 -28.20
N ASP C 313 38.59 12.65 -28.58
CA ASP C 313 38.94 12.80 -29.99
C ASP C 313 38.51 11.58 -30.79
N LYS C 314 38.70 10.38 -30.23
CA LYS C 314 38.30 9.17 -30.92
C LYS C 314 36.79 9.02 -30.87
N PRO C 315 36.18 8.39 -31.89
CA PRO C 315 34.72 8.29 -31.93
C PRO C 315 34.15 7.22 -31.02
N PHE C 316 34.92 6.20 -30.67
CA PHE C 316 34.45 5.10 -29.85
C PHE C 316 35.38 4.91 -28.65
N GLN C 317 34.85 4.28 -27.61
CA GLN C 317 35.65 4.02 -26.42
C GLN C 317 35.21 2.69 -25.81
N ASN C 318 36.14 2.05 -25.10
CA ASN C 318 35.91 0.77 -24.45
C ASN C 318 36.17 0.86 -22.94
N VAL C 319 36.17 2.06 -22.38
CA VAL C 319 36.50 2.23 -20.97
C VAL C 319 35.34 1.81 -20.09
N ASN C 320 34.21 2.50 -20.22
CA ASN C 320 33.04 2.21 -19.41
C ASN C 320 31.79 2.66 -20.16
N LYS C 321 30.70 1.94 -19.95
CA LYS C 321 29.42 2.31 -20.54
C LYS C 321 28.74 3.45 -19.79
N ILE C 322 29.16 3.70 -18.55
CA ILE C 322 28.69 4.85 -17.80
C ILE C 322 29.52 6.06 -18.21
N THR C 323 28.86 7.10 -18.71
CA THR C 323 29.55 8.24 -19.28
C THR C 323 28.80 9.52 -18.92
N TYR C 324 29.54 10.62 -18.94
CA TYR C 324 28.98 11.96 -18.75
C TYR C 324 29.70 12.93 -19.66
N GLY C 325 28.93 13.75 -20.37
CA GLY C 325 29.50 14.75 -21.25
C GLY C 325 29.60 14.27 -22.68
N ALA C 326 30.47 14.94 -23.43
CA ALA C 326 30.70 14.62 -24.84
C ALA C 326 31.63 13.41 -24.95
N CYS C 327 31.17 12.30 -24.43
CA CYS C 327 31.96 11.08 -24.41
C CYS C 327 31.83 10.32 -25.72
N PRO C 328 32.85 9.57 -26.12
CA PRO C 328 32.70 8.68 -27.27
C PRO C 328 31.74 7.53 -26.96
N LYS C 329 31.14 7.01 -28.02
CA LYS C 329 30.17 5.93 -27.88
C LYS C 329 30.86 4.65 -27.43
N TYR C 330 30.23 3.94 -26.50
CA TYR C 330 30.80 2.72 -25.97
C TYR C 330 30.66 1.58 -26.98
N VAL C 331 31.71 0.77 -27.07
CA VAL C 331 31.72 -0.39 -27.96
C VAL C 331 32.47 -1.52 -27.26
N LYS C 332 32.10 -2.75 -27.59
CA LYS C 332 32.73 -3.91 -26.98
C LYS C 332 34.15 -4.14 -27.50
N GLN C 333 34.42 -3.70 -28.72
CA GLN C 333 35.74 -3.92 -29.31
C GLN C 333 36.81 -3.16 -28.54
N ASN C 334 37.92 -3.83 -28.28
CA ASN C 334 39.05 -3.18 -27.62
C ASN C 334 39.83 -2.31 -28.59
N THR C 335 39.87 -2.67 -29.87
CA THR C 335 40.61 -1.90 -30.86
C THR C 335 39.84 -1.88 -32.16
N LEU C 336 40.03 -0.80 -32.92
CA LEU C 336 39.44 -0.66 -34.26
C LEU C 336 40.38 0.22 -35.06
N LYS C 337 41.20 -0.40 -35.90
CA LYS C 337 42.19 0.32 -36.68
C LYS C 337 41.56 0.81 -37.98
N LEU C 338 41.60 2.12 -38.19
CA LEU C 338 41.11 2.74 -39.41
C LEU C 338 42.29 3.06 -40.30
N ALA C 339 42.19 2.67 -41.57
CA ALA C 339 43.26 2.90 -42.53
C ALA C 339 43.38 4.38 -42.87
N THR C 340 44.43 5.01 -42.35
CA THR C 340 44.77 6.39 -42.69
C THR C 340 45.92 6.38 -43.69
N GLY C 341 45.92 5.36 -44.55
CA GLY C 341 46.97 5.19 -45.53
C GLY C 341 46.51 4.20 -46.58
N MET C 342 47.45 3.84 -47.45
CA MET C 342 47.16 2.98 -48.59
C MET C 342 47.83 1.62 -48.41
N ARG C 343 47.53 0.73 -49.35
CA ARG C 343 48.00 -0.65 -49.27
C ARG C 343 49.52 -0.69 -49.24
N ASN C 344 50.05 -1.57 -48.40
CA ASN C 344 51.50 -1.67 -48.19
C ASN C 344 52.03 -2.92 -48.89
N VAL C 345 52.97 -2.71 -49.81
CA VAL C 345 53.63 -3.81 -50.51
C VAL C 345 55.13 -3.54 -50.50
N PRO C 346 55.87 -3.97 -49.48
CA PRO C 346 57.29 -3.60 -49.38
C PRO C 346 58.12 -4.26 -50.47
N GLU C 347 59.32 -3.71 -50.67
CA GLU C 347 60.15 -4.07 -51.81
C GLU C 347 61.64 -4.15 -51.47
N LYS C 348 62.01 -4.48 -50.23
CA LYS C 348 63.42 -4.49 -49.85
C LYS C 348 64.41 -5.15 -50.82
N GLN C 349 64.19 -6.43 -51.15
CA GLN C 349 65.20 -7.25 -51.82
C GLN C 349 65.11 -7.26 -53.35
N THR C 350 64.55 -6.21 -53.94
CA THR C 350 64.44 -6.03 -55.38
C THR C 350 63.41 -6.98 -56.00
N ARG C 351 62.91 -7.93 -55.22
CA ARG C 351 61.68 -8.68 -55.49
C ARG C 351 61.52 -9.00 -56.97
N GLY C 352 62.48 -9.75 -57.51
CA GLY C 352 62.33 -10.32 -58.84
C GLY C 352 63.51 -10.14 -59.76
N LEU C 353 64.18 -8.99 -59.68
CA LEU C 353 65.34 -8.70 -60.52
C LEU C 353 66.48 -8.07 -59.73
N PHE C 354 67.63 -7.96 -60.40
CA PHE C 354 68.84 -7.26 -59.86
C PHE C 354 68.70 -5.75 -60.12
N GLY C 355 69.59 -4.91 -59.58
CA GLY C 355 69.53 -3.44 -59.73
C GLY C 355 69.43 -2.94 -61.20
N ALA C 356 70.05 -3.65 -62.17
CA ALA C 356 70.02 -3.30 -63.64
C ALA C 356 68.60 -2.76 -64.06
N ILE C 357 67.56 -3.61 -63.98
CA ILE C 357 66.16 -3.26 -64.34
C ILE C 357 65.24 -3.41 -63.10
N ALA C 358 64.76 -2.32 -62.44
CA ALA C 358 63.85 -2.29 -61.25
C ALA C 358 62.75 -1.20 -61.37
N GLY C 359 61.81 -1.10 -60.41
CA GLY C 359 60.72 -0.10 -60.35
C GLY C 359 59.45 -0.56 -61.05
N PHE C 360 58.32 -0.59 -60.33
CA PHE C 360 56.99 -1.01 -60.90
C PHE C 360 55.82 -0.68 -59.95
N ILE C 361 54.59 -1.03 -60.35
CA ILE C 361 53.35 -0.81 -59.59
C ILE C 361 52.99 -2.04 -58.76
N GLU C 362 53.46 -3.22 -59.15
CA GLU C 362 53.16 -4.43 -58.39
C GLU C 362 53.79 -4.40 -57.01
N ASN C 363 54.77 -3.53 -56.79
CA ASN C 363 55.49 -3.45 -55.52
C ASN C 363 55.68 -2.00 -55.14
N GLY C 364 55.59 -1.72 -53.84
CA GLY C 364 55.77 -0.37 -53.35
C GLY C 364 57.23 0.03 -53.26
N TRP C 365 57.43 1.32 -52.97
CA TRP C 365 58.77 1.88 -52.83
C TRP C 365 58.91 2.47 -51.44
N GLU C 366 59.95 2.05 -50.71
CA GLU C 366 60.27 2.62 -49.41
C GLU C 366 61.21 3.81 -49.49
N GLY C 367 61.70 4.15 -50.68
CA GLY C 367 62.72 5.16 -50.81
C GLY C 367 62.21 6.56 -51.07
N MET C 368 60.93 6.80 -50.79
CA MET C 368 60.35 8.13 -50.93
C MET C 368 59.59 8.48 -49.67
N ILE C 369 59.67 9.75 -49.29
CA ILE C 369 59.01 10.25 -48.09
C ILE C 369 58.25 11.54 -48.39
N ASP C 370 58.49 12.10 -49.57
CA ASP C 370 57.90 13.38 -49.94
C ASP C 370 56.54 13.26 -50.59
N GLY C 371 56.04 12.05 -50.80
CA GLY C 371 54.74 11.87 -51.42
C GLY C 371 54.35 10.42 -51.43
N TRP C 372 53.04 10.20 -51.54
CA TRP C 372 52.50 8.84 -51.60
C TRP C 372 52.73 8.20 -52.96
N TYR C 373 52.62 8.98 -54.03
CA TYR C 373 52.75 8.49 -55.39
C TYR C 373 53.89 9.21 -56.08
N GLY C 374 54.52 8.53 -57.04
CA GLY C 374 55.63 9.15 -57.72
C GLY C 374 56.16 8.31 -58.87
N PHE C 375 57.30 8.77 -59.40
CA PHE C 375 57.92 8.19 -60.57
C PHE C 375 59.39 7.88 -60.30
N ARG C 376 59.88 6.86 -60.99
CA ARG C 376 61.30 6.53 -61.05
C ARG C 376 61.67 6.34 -62.52
N HIS C 377 62.74 7.00 -62.96
CA HIS C 377 63.06 7.02 -64.38
C HIS C 377 64.53 6.72 -64.61
N GLN C 378 64.79 6.07 -65.75
CA GLN C 378 66.13 5.83 -66.26
C GLN C 378 66.22 6.36 -67.68
N ASN C 379 67.35 6.95 -68.03
CA ASN C 379 67.55 7.52 -69.35
C ASN C 379 69.05 7.71 -69.57
N SER C 380 69.40 8.22 -70.75
CA SER C 380 70.80 8.45 -71.07
C SER C 380 71.43 9.45 -70.12
N GLU C 381 70.63 10.38 -69.58
CA GLU C 381 71.14 11.34 -68.62
C GLU C 381 71.40 10.74 -67.25
N GLY C 382 70.90 9.53 -66.99
CA GLY C 382 71.14 8.87 -65.72
C GLY C 382 69.90 8.22 -65.15
N THR C 383 69.63 8.47 -63.87
CA THR C 383 68.49 7.89 -63.18
C THR C 383 67.98 8.91 -62.17
N GLY C 384 66.68 8.85 -61.89
CA GLY C 384 66.08 9.82 -61.00
C GLY C 384 64.77 9.33 -60.43
N GLN C 385 64.28 10.08 -59.43
CA GLN C 385 63.03 9.77 -58.77
C GLN C 385 62.36 11.07 -58.37
N ALA C 386 61.03 11.05 -58.33
CA ALA C 386 60.26 12.22 -57.95
C ALA C 386 58.89 11.79 -57.45
N ALA C 387 58.16 12.74 -56.88
CA ALA C 387 56.84 12.48 -56.33
C ALA C 387 55.78 13.30 -57.06
N ASP C 388 54.57 12.76 -57.12
CA ASP C 388 53.43 13.43 -57.73
C ASP C 388 52.61 14.09 -56.62
N LEU C 389 52.62 15.42 -56.60
CA LEU C 389 51.94 16.14 -55.53
C LEU C 389 50.42 16.12 -55.70
N LYS C 390 49.94 16.08 -56.93
CA LYS C 390 48.50 16.20 -57.18
C LYS C 390 47.75 15.00 -56.61
N SER C 391 48.11 13.79 -57.05
CA SER C 391 47.43 12.60 -56.58
C SER C 391 47.63 12.42 -55.08
N THR C 392 48.84 12.68 -54.59
CA THR C 392 49.10 12.57 -53.16
C THR C 392 48.16 13.47 -52.37
N GLN C 393 48.05 14.74 -52.79
CA GLN C 393 47.20 15.68 -52.08
C GLN C 393 45.73 15.27 -52.17
N ALA C 394 45.28 14.81 -53.34
CA ALA C 394 43.89 14.39 -53.46
C ALA C 394 43.57 13.24 -52.52
N ALA C 395 44.42 12.21 -52.53
CA ALA C 395 44.19 11.05 -51.67
C ALA C 395 44.23 11.46 -50.21
N ILE C 396 45.21 12.27 -49.82
CA ILE C 396 45.32 12.68 -48.41
C ILE C 396 44.11 13.49 -48.01
N ASP C 397 43.62 14.35 -48.89
CA ASP C 397 42.44 15.14 -48.59
C ASP C 397 41.24 14.24 -48.37
N GLN C 398 41.05 13.24 -49.22
CA GLN C 398 39.92 12.33 -49.04
C GLN C 398 40.04 11.56 -47.73
N ILE C 399 41.24 11.09 -47.41
CA ILE C 399 41.44 10.32 -46.19
C ILE C 399 41.14 11.17 -44.96
N ASN C 400 41.69 12.38 -44.91
CA ASN C 400 41.44 13.25 -43.78
C ASN C 400 39.98 13.65 -43.71
N GLY C 401 39.32 13.83 -44.85
CA GLY C 401 37.90 14.16 -44.84
C GLY C 401 37.06 13.05 -44.23
N LYS C 402 37.34 11.81 -44.62
CA LYS C 402 36.58 10.70 -44.03
C LYS C 402 36.90 10.55 -42.55
N LEU C 403 38.15 10.80 -42.16
CA LEU C 403 38.49 10.76 -40.73
C LEU C 403 37.70 11.82 -39.97
N ASN C 404 37.64 13.04 -40.50
CA ASN C 404 36.89 14.10 -39.84
C ASN C 404 35.41 13.76 -39.76
N ARG C 405 34.85 13.20 -40.84
CA ARG C 405 33.47 12.73 -40.81
C ARG C 405 33.27 11.72 -39.68
N VAL C 406 34.21 10.79 -39.54
CA VAL C 406 34.08 9.75 -38.53
C VAL C 406 34.12 10.36 -37.12
N ILE C 407 35.01 11.31 -36.89
CA ILE C 407 35.26 11.77 -35.52
C ILE C 407 34.41 12.97 -35.13
N GLU C 408 34.00 13.79 -36.08
CA GLU C 408 33.33 15.04 -35.74
C GLU C 408 31.91 14.77 -35.24
N LYS C 409 31.34 15.80 -34.60
CA LYS C 409 29.97 15.75 -34.06
C LYS C 409 29.84 14.63 -33.03
N THR C 410 30.58 14.78 -31.94
CA THR C 410 30.48 13.86 -30.82
C THR C 410 29.18 14.08 -30.05
N ASN C 411 28.49 13.00 -29.76
CA ASN C 411 27.23 13.09 -29.03
C ASN C 411 27.48 13.48 -27.58
N GLU C 412 26.63 14.35 -27.05
CA GLU C 412 26.74 14.83 -25.68
C GLU C 412 25.55 14.32 -24.88
N LYS C 413 25.84 13.59 -23.80
CA LYS C 413 24.82 12.99 -22.95
C LYS C 413 25.14 13.32 -21.50
N PHE C 414 24.13 13.71 -20.73
CA PHE C 414 24.33 14.21 -19.39
C PHE C 414 23.71 13.31 -18.33
N HIS C 415 22.40 13.05 -18.39
CA HIS C 415 21.72 12.19 -17.44
C HIS C 415 21.20 10.96 -18.16
N GLN C 416 21.36 9.80 -17.52
CA GLN C 416 21.05 8.53 -18.16
C GLN C 416 20.59 7.54 -17.10
N ILE C 417 20.03 6.44 -17.58
CA ILE C 417 19.60 5.37 -16.69
C ILE C 417 20.80 4.83 -15.91
N GLU C 418 20.50 4.17 -14.79
CA GLU C 418 21.53 3.46 -14.06
C GLU C 418 21.90 2.17 -14.79
N LYS C 419 23.20 1.95 -14.95
CA LYS C 419 23.70 0.81 -15.71
C LYS C 419 24.43 -0.21 -14.86
N GLU C 420 24.74 0.11 -13.61
CA GLU C 420 25.30 -0.85 -12.67
C GLU C 420 24.43 -0.87 -11.42
N PHE C 421 24.13 -2.07 -10.94
CA PHE C 421 23.19 -2.26 -9.84
C PHE C 421 23.83 -3.08 -8.74
N SER C 422 23.59 -2.65 -7.50
CA SER C 422 24.07 -3.34 -6.31
C SER C 422 23.00 -4.22 -5.68
N GLU C 423 21.82 -4.30 -6.30
CA GLU C 423 20.69 -5.02 -5.75
C GLU C 423 20.15 -5.98 -6.79
N VAL C 424 19.19 -6.80 -6.36
CA VAL C 424 18.40 -7.63 -7.26
C VAL C 424 16.96 -7.14 -7.17
N GLU C 425 16.42 -6.70 -8.29
CA GLU C 425 15.10 -6.08 -8.32
C GLU C 425 14.15 -6.70 -9.34
N GLY C 426 14.63 -7.33 -10.38
CA GLY C 426 13.78 -8.09 -11.28
C GLY C 426 13.40 -7.29 -12.53
N ARG C 427 12.10 -7.05 -12.70
CA ARG C 427 11.57 -6.65 -14.00
C ARG C 427 12.22 -5.37 -14.50
N ILE C 428 12.20 -4.31 -13.68
CA ILE C 428 12.69 -3.02 -14.14
C ILE C 428 14.20 -3.06 -14.34
N GLN C 429 14.93 -3.69 -13.42
CA GLN C 429 16.37 -3.78 -13.56
C GLN C 429 16.76 -4.61 -14.77
N ASP C 430 16.05 -5.72 -14.99
CA ASP C 430 16.32 -6.53 -16.17
C ASP C 430 16.04 -5.74 -17.45
N LEU C 431 14.97 -4.94 -17.44
CA LEU C 431 14.66 -4.12 -18.61
C LEU C 431 15.76 -3.11 -18.87
N GLU C 432 16.27 -2.45 -17.82
CA GLU C 432 17.36 -1.49 -17.98
C GLU C 432 18.60 -2.17 -18.53
N LYS C 433 18.94 -3.34 -17.97
CA LYS C 433 20.10 -4.08 -18.46
C LYS C 433 19.94 -4.44 -19.92
N TYR C 434 18.75 -4.92 -20.31
CA TYR C 434 18.51 -5.31 -21.69
C TYR C 434 18.62 -4.11 -22.62
N VAL C 435 18.07 -2.97 -22.22
CA VAL C 435 18.15 -1.77 -23.05
C VAL C 435 19.60 -1.39 -23.28
N GLU C 436 20.39 -1.33 -22.20
CA GLU C 436 21.79 -0.94 -22.34
C GLU C 436 22.57 -1.94 -23.18
N ASP C 437 22.32 -3.24 -22.98
CA ASP C 437 23.02 -4.25 -23.75
C ASP C 437 22.67 -4.16 -25.23
N THR C 438 21.40 -3.93 -25.53
CA THR C 438 20.99 -3.76 -26.92
C THR C 438 21.69 -2.56 -27.55
N LYS C 439 21.74 -1.44 -26.84
CA LYS C 439 22.43 -0.26 -27.37
C LYS C 439 23.90 -0.57 -27.61
N ILE C 440 24.54 -1.23 -26.65
CA ILE C 440 25.96 -1.52 -26.78
C ILE C 440 26.22 -2.44 -27.97
N ASP C 441 25.42 -3.48 -28.12
CA ASP C 441 25.61 -4.41 -29.23
C ASP C 441 25.40 -3.72 -30.56
N LEU C 442 24.35 -2.91 -30.67
CA LEU C 442 24.07 -2.23 -31.92
C LEU C 442 25.19 -1.26 -32.29
N TRP C 443 25.69 -0.52 -31.30
CA TRP C 443 26.76 0.43 -31.60
C TRP C 443 28.07 -0.27 -31.90
N SER C 444 28.33 -1.41 -31.26
CA SER C 444 29.52 -2.18 -31.60
C SER C 444 29.45 -2.68 -33.03
N TYR C 445 28.29 -3.19 -33.45
CA TYR C 445 28.13 -3.62 -34.82
C TYR C 445 28.28 -2.45 -35.79
N ASN C 446 27.71 -1.29 -35.43
CA ASN C 446 27.84 -0.12 -36.29
C ASN C 446 29.30 0.28 -36.45
N ALA C 447 30.05 0.28 -35.36
CA ALA C 447 31.47 0.62 -35.43
C ALA C 447 32.23 -0.37 -36.29
N GLU C 448 31.97 -1.67 -36.11
CA GLU C 448 32.65 -2.68 -36.89
C GLU C 448 32.38 -2.47 -38.39
N LEU C 449 31.11 -2.34 -38.75
CA LEU C 449 30.75 -2.16 -40.15
C LEU C 449 31.34 -0.88 -40.72
N LEU C 450 31.27 0.21 -39.95
CA LEU C 450 31.79 1.49 -40.43
C LEU C 450 33.28 1.41 -40.68
N VAL C 451 34.03 0.80 -39.75
CA VAL C 451 35.47 0.70 -39.92
C VAL C 451 35.79 -0.18 -41.12
N ALA C 452 35.09 -1.30 -41.26
CA ALA C 452 35.35 -2.18 -42.39
C ALA C 452 35.10 -1.46 -43.71
N LEU C 453 33.96 -0.77 -43.82
CA LEU C 453 33.62 -0.06 -45.04
C LEU C 453 34.64 1.04 -45.33
N GLU C 454 35.02 1.80 -44.30
CA GLU C 454 35.96 2.90 -44.51
C GLU C 454 37.32 2.38 -44.95
N ASN C 455 37.81 1.32 -44.33
CA ASN C 455 39.09 0.75 -44.75
C ASN C 455 39.01 0.22 -46.17
N GLN C 456 37.92 -0.48 -46.50
CA GLN C 456 37.77 -1.02 -47.85
C GLN C 456 37.79 0.09 -48.88
N HIS C 457 37.02 1.16 -48.63
CA HIS C 457 36.96 2.25 -49.60
C HIS C 457 38.25 3.05 -49.62
N THR C 458 38.96 3.14 -48.50
CA THR C 458 40.26 3.80 -48.50
C THR C 458 41.23 3.06 -49.41
N ILE C 459 41.33 1.74 -49.24
CA ILE C 459 42.21 0.97 -50.11
C ILE C 459 41.76 1.09 -51.56
N ASP C 460 40.46 1.00 -51.80
CA ASP C 460 39.95 1.06 -53.16
C ASP C 460 40.25 2.40 -53.82
N LEU C 461 40.07 3.50 -53.08
CA LEU C 461 40.30 4.82 -53.67
C LEU C 461 41.78 5.09 -53.86
N THR C 462 42.64 4.58 -52.97
CA THR C 462 44.08 4.74 -53.19
C THR C 462 44.53 3.97 -54.42
N ASP C 463 44.07 2.72 -54.58
CA ASP C 463 44.39 1.98 -55.79
C ASP C 463 43.83 2.66 -57.02
N SER C 464 42.63 3.25 -56.90
CA SER C 464 42.03 3.95 -58.01
C SER C 464 42.84 5.19 -58.38
N GLU C 465 43.36 5.91 -57.38
CA GLU C 465 44.23 7.04 -57.67
C GLU C 465 45.49 6.59 -58.39
N MET C 466 46.08 5.49 -57.95
CA MET C 466 47.27 4.99 -58.63
C MET C 466 46.97 4.64 -60.08
N ASN C 467 45.86 3.93 -60.31
CA ASN C 467 45.49 3.56 -61.67
C ASN C 467 45.17 4.78 -62.51
N LYS C 468 44.53 5.78 -61.91
CA LYS C 468 44.23 7.02 -62.62
C LYS C 468 45.50 7.71 -63.06
N LEU C 469 46.48 7.78 -62.16
CA LEU C 469 47.76 8.39 -62.51
C LEU C 469 48.43 7.63 -63.64
N PHE C 470 48.41 6.29 -63.56
CA PHE C 470 49.03 5.48 -64.60
C PHE C 470 48.34 5.69 -65.93
N GLU C 471 47.00 5.71 -65.90
CA GLU C 471 46.18 5.90 -67.13
C GLU C 471 46.49 7.27 -67.74
N LYS C 472 46.56 8.31 -66.91
CA LYS C 472 46.85 9.66 -67.38
C LYS C 472 48.23 9.73 -68.02
N THR C 473 49.22 9.10 -67.37
CA THR C 473 50.56 9.06 -67.96
C THR C 473 50.56 8.33 -69.29
N ARG C 474 49.82 7.22 -69.34
CA ARG C 474 49.74 6.37 -70.57
C ARG C 474 49.11 7.19 -71.71
N ARG C 475 48.08 7.99 -71.41
CA ARG C 475 47.41 8.79 -72.42
C ARG C 475 48.22 10.01 -72.80
N GLN C 476 49.08 10.49 -71.91
CA GLN C 476 50.07 11.50 -72.28
C GLN C 476 51.07 10.91 -73.27
N LEU C 477 51.56 9.70 -72.96
CA LEU C 477 52.48 8.96 -73.88
C LEU C 477 51.55 8.39 -74.99
N ARG C 478 50.89 9.26 -75.79
CA ARG C 478 49.85 8.82 -76.80
C ARG C 478 50.39 7.60 -77.63
N GLU C 479 51.57 7.77 -78.26
CA GLU C 479 52.18 6.68 -79.08
C GLU C 479 53.70 6.61 -78.89
N ASN C 480 54.33 7.63 -78.28
CA ASN C 480 55.77 7.61 -78.10
C ASN C 480 56.24 6.45 -77.24
N ALA C 481 55.35 5.86 -76.45
CA ALA C 481 55.73 4.92 -75.42
C ALA C 481 54.97 3.62 -75.59
N GLU C 482 55.33 2.64 -74.77
CA GLU C 482 54.67 1.34 -74.84
C GLU C 482 54.68 0.73 -73.44
N ASP C 483 53.51 0.28 -72.99
CA ASP C 483 53.33 -0.14 -71.60
C ASP C 483 54.01 -1.47 -71.34
N MET C 484 54.69 -1.57 -70.20
CA MET C 484 55.48 -2.75 -69.89
C MET C 484 54.67 -3.84 -69.20
N GLY C 485 53.59 -3.49 -68.51
CA GLY C 485 52.83 -4.44 -67.74
C GLY C 485 53.20 -4.55 -66.29
N ASN C 486 54.37 -4.03 -65.91
CA ASN C 486 54.81 -3.98 -64.52
C ASN C 486 54.62 -2.61 -63.90
N GLY C 487 53.84 -1.75 -64.53
CA GLY C 487 53.69 -0.38 -64.08
C GLY C 487 54.66 0.60 -64.71
N CYS C 488 55.31 0.23 -65.80
CA CYS C 488 56.32 1.05 -66.44
C CYS C 488 56.00 1.27 -67.91
N PHE C 489 56.42 2.42 -68.42
CA PHE C 489 56.35 2.75 -69.83
C PHE C 489 57.75 2.81 -70.40
N LYS C 490 57.97 2.19 -71.55
CA LYS C 490 59.22 2.34 -72.27
C LYS C 490 59.04 3.45 -73.31
N ILE C 491 59.86 4.48 -73.21
CA ILE C 491 59.86 5.59 -74.15
C ILE C 491 60.90 5.29 -75.23
N TYR C 492 60.47 5.32 -76.48
CA TYR C 492 61.30 4.92 -77.61
C TYR C 492 62.14 6.05 -78.17
N HIS C 493 62.28 7.17 -77.44
CA HIS C 493 63.11 8.28 -77.87
C HIS C 493 63.97 8.73 -76.69
N LYS C 494 64.80 9.74 -76.93
CA LYS C 494 65.72 10.27 -75.92
C LYS C 494 64.94 11.20 -75.00
N CYS C 495 64.20 10.60 -74.06
CA CYS C 495 63.39 11.34 -73.11
C CYS C 495 64.31 11.76 -71.97
N ASP C 496 64.93 12.94 -72.12
CA ASP C 496 65.88 13.43 -71.14
C ASP C 496 65.15 13.86 -69.87
N ASN C 497 65.92 14.39 -68.91
CA ASN C 497 65.31 14.83 -67.66
C ASN C 497 64.29 15.94 -67.89
N ALA C 498 64.51 16.80 -68.88
CA ALA C 498 63.49 17.78 -69.24
C ALA C 498 62.25 17.08 -69.80
N CYS C 499 62.45 16.04 -70.62
CA CYS C 499 61.33 15.25 -71.12
C CYS C 499 60.55 14.60 -69.97
N ILE C 500 61.28 14.00 -69.02
CA ILE C 500 60.61 13.35 -67.89
C ILE C 500 59.87 14.38 -67.05
N GLU C 501 60.47 15.55 -66.85
CA GLU C 501 59.81 16.61 -66.10
C GLU C 501 58.54 17.06 -66.81
N SER C 502 58.58 17.19 -68.14
CA SER C 502 57.40 17.58 -68.88
C SER C 502 56.30 16.53 -68.74
N ILE C 503 56.68 15.25 -68.80
CA ILE C 503 55.70 14.18 -68.62
C ILE C 503 55.08 14.28 -67.23
N ARG C 504 55.92 14.48 -66.22
CA ARG C 504 55.43 14.47 -64.84
C ARG C 504 54.53 15.67 -64.56
N ASN C 505 54.85 16.83 -65.15
CA ASN C 505 54.12 18.06 -64.86
C ASN C 505 53.07 18.41 -65.90
N GLY C 506 53.00 17.67 -67.02
CA GLY C 506 51.88 17.77 -67.93
C GLY C 506 52.11 18.60 -69.18
N THR C 507 53.29 19.17 -69.36
CA THR C 507 53.58 19.96 -70.56
C THR C 507 54.15 19.12 -71.69
N TYR C 508 54.23 17.80 -71.51
CA TYR C 508 54.82 16.94 -72.52
C TYR C 508 54.06 17.03 -73.84
N ASP C 509 54.79 17.06 -74.94
CA ASP C 509 54.23 17.07 -76.29
C ASP C 509 54.68 15.80 -77.01
N HIS C 510 53.71 15.00 -77.46
CA HIS C 510 54.02 13.72 -78.09
C HIS C 510 54.50 13.90 -79.53
N ASP C 511 53.93 14.86 -80.25
CA ASP C 511 54.17 14.94 -81.69
C ASP C 511 55.64 15.20 -82.01
N VAL C 512 56.30 16.06 -81.23
CA VAL C 512 57.65 16.49 -81.55
C VAL C 512 58.65 15.36 -81.31
N TYR C 513 58.17 14.22 -80.80
CA TYR C 513 58.97 13.01 -80.70
C TYR C 513 58.37 11.85 -81.47
N ARG C 514 57.13 12.02 -81.94
CA ARG C 514 56.32 10.95 -82.61
C ARG C 514 57.07 10.22 -83.73
N ASP C 515 57.73 10.94 -84.63
CA ASP C 515 58.36 10.31 -85.79
C ASP C 515 59.43 9.32 -85.36
N GLU C 516 60.37 9.77 -84.54
CA GLU C 516 61.44 8.88 -84.09
C GLU C 516 60.92 7.78 -83.19
N ALA C 517 59.92 8.08 -82.36
CA ALA C 517 59.39 7.04 -81.47
C ALA C 517 58.77 5.91 -82.27
N LEU C 518 57.94 6.24 -83.27
CA LEU C 518 57.34 5.21 -84.11
C LEU C 518 58.41 4.46 -84.90
N ASN C 519 59.39 5.18 -85.45
CA ASN C 519 60.43 4.52 -86.22
C ASN C 519 61.19 3.51 -85.37
N ASN C 520 61.51 3.88 -84.14
CA ASN C 520 62.18 2.94 -83.24
C ASN C 520 61.25 1.80 -82.83
N ARG C 521 59.96 2.07 -82.67
CA ARG C 521 59.03 1.03 -82.28
C ARG C 521 58.96 -0.06 -83.34
N PHE C 522 58.72 0.33 -84.59
CA PHE C 522 58.47 -0.64 -85.65
C PHE C 522 59.71 -0.96 -86.48
N GLN C 523 60.76 -0.17 -86.37
CA GLN C 523 61.97 -0.40 -87.16
C GLN C 523 63.22 -0.18 -86.32
N GLN D 3 -30.64 -19.05 18.28
CA GLN D 3 -30.87 -20.38 17.63
C GLN D 3 -29.61 -20.87 16.94
N VAL D 4 -28.77 -21.57 17.71
CA VAL D 4 -27.57 -22.21 17.17
C VAL D 4 -27.39 -23.54 17.88
N GLN D 5 -27.03 -24.57 17.10
CA GLN D 5 -26.91 -25.89 17.70
C GLN D 5 -26.05 -26.79 16.81
N LEU D 6 -25.51 -27.82 17.44
CA LEU D 6 -24.80 -28.90 16.78
C LEU D 6 -25.54 -30.20 17.07
N GLN D 7 -25.87 -30.95 16.02
CA GLN D 7 -26.55 -32.24 16.17
C GLN D 7 -25.74 -33.31 15.45
N GLN D 8 -25.47 -34.41 16.16
CA GLN D 8 -24.56 -35.44 15.71
C GLN D 8 -25.32 -36.67 15.23
N SER D 9 -24.56 -37.65 14.75
CA SER D 9 -25.13 -38.90 14.30
C SER D 9 -25.59 -39.75 15.48
N GLY D 10 -26.28 -40.84 15.18
CA GLY D 10 -26.74 -41.75 16.20
C GLY D 10 -25.65 -42.68 16.67
N ALA D 11 -26.03 -43.59 17.56
CA ALA D 11 -25.08 -44.52 18.14
C ALA D 11 -24.54 -45.48 17.08
N GLU D 12 -23.37 -46.05 17.37
CA GLU D 12 -22.68 -46.95 16.45
C GLU D 12 -22.23 -48.19 17.20
N LEU D 13 -22.30 -49.32 16.51
CA LEU D 13 -21.88 -50.62 17.03
C LEU D 13 -20.89 -51.21 16.02
N MET D 14 -19.61 -51.14 16.35
CA MET D 14 -18.54 -51.47 15.41
C MET D 14 -17.78 -52.71 15.88
N GLN D 15 -17.31 -53.49 14.91
CA GLN D 15 -16.40 -54.58 15.19
C GLN D 15 -14.97 -54.06 15.30
N PRO D 16 -14.11 -54.74 16.05
CA PRO D 16 -12.70 -54.33 16.11
C PRO D 16 -12.06 -54.35 14.72
N GLY D 17 -11.17 -53.39 14.49
CA GLY D 17 -10.48 -53.29 13.21
C GLY D 17 -11.26 -52.58 12.13
N ALA D 18 -12.45 -52.08 12.41
CA ALA D 18 -13.27 -51.40 11.42
C ALA D 18 -12.98 -49.91 11.46
N SER D 19 -13.80 -49.13 10.76
CA SER D 19 -13.71 -47.67 10.76
C SER D 19 -15.10 -47.09 10.69
N VAL D 20 -15.31 -45.98 11.39
CA VAL D 20 -16.63 -45.35 11.47
C VAL D 20 -16.47 -43.85 11.32
N LYS D 21 -17.38 -43.23 10.56
CA LYS D 21 -17.38 -41.80 10.32
C LYS D 21 -18.50 -41.16 11.13
N LEU D 22 -18.13 -40.55 12.26
CA LEU D 22 -19.08 -39.76 13.02
C LEU D 22 -19.31 -38.41 12.34
N SER D 23 -20.52 -37.89 12.46
CA SER D 23 -20.92 -36.68 11.78
C SER D 23 -21.48 -35.66 12.76
N CYS D 24 -21.42 -34.39 12.38
CA CYS D 24 -21.90 -33.30 13.22
C CYS D 24 -22.37 -32.18 12.31
N LYS D 25 -23.69 -31.99 12.24
CA LYS D 25 -24.25 -30.87 11.49
C LYS D 25 -24.40 -29.66 12.42
N ALA D 26 -24.13 -28.48 11.86
CA ALA D 26 -24.17 -27.23 12.62
C ALA D 26 -25.19 -26.30 11.98
N THR D 27 -26.01 -25.67 12.80
CA THR D 27 -27.01 -24.73 12.31
C THR D 27 -27.03 -23.49 13.18
N GLY D 28 -27.32 -22.35 12.57
CA GLY D 28 -27.47 -21.10 13.27
C GLY D 28 -26.31 -20.14 13.15
N TYR D 29 -25.32 -20.43 12.32
CA TYR D 29 -24.18 -19.53 12.18
C TYR D 29 -23.41 -19.91 10.93
N THR D 30 -22.39 -19.10 10.63
CA THR D 30 -21.50 -19.38 9.50
C THR D 30 -20.57 -20.54 9.85
N PHE D 31 -20.90 -21.72 9.34
CA PHE D 31 -20.17 -22.93 9.70
C PHE D 31 -18.70 -22.85 9.32
N ALA D 32 -18.38 -22.06 8.29
CA ALA D 32 -17.03 -22.05 7.76
C ALA D 32 -16.06 -21.29 8.67
N GLY D 33 -16.57 -20.43 9.54
CA GLY D 33 -15.72 -19.52 10.28
C GLY D 33 -15.26 -20.02 11.64
N TYR D 34 -16.02 -20.92 12.26
CA TYR D 34 -15.74 -21.35 13.61
C TYR D 34 -15.06 -22.72 13.61
N TRP D 35 -14.26 -22.96 14.63
CA TRP D 35 -13.65 -24.27 14.82
C TRP D 35 -14.70 -25.27 15.29
N ILE D 36 -14.62 -26.48 14.75
CA ILE D 36 -15.38 -27.63 15.25
C ILE D 36 -14.38 -28.53 15.96
N GLU D 37 -14.60 -28.75 17.25
CA GLU D 37 -13.64 -29.44 18.09
C GLU D 37 -14.25 -30.75 18.58
N TRP D 38 -13.48 -31.82 18.44
CA TRP D 38 -13.93 -33.16 18.78
C TRP D 38 -13.28 -33.61 20.08
N VAL D 39 -14.12 -34.07 21.01
CA VAL D 39 -13.74 -34.45 22.36
C VAL D 39 -14.20 -35.87 22.62
N LYS D 40 -13.41 -36.64 23.35
CA LYS D 40 -13.74 -38.00 23.73
C LYS D 40 -14.07 -38.06 25.22
N GLN D 41 -15.12 -38.80 25.57
CA GLN D 41 -15.51 -39.02 26.96
C GLN D 41 -15.79 -40.49 27.16
N ARG D 42 -15.32 -41.02 28.29
CA ARG D 42 -15.66 -42.39 28.68
C ARG D 42 -15.51 -42.49 30.19
N PRO D 43 -16.14 -43.47 30.81
CA PRO D 43 -16.18 -43.51 32.29
C PRO D 43 -14.78 -43.51 32.89
N GLY D 44 -14.63 -42.74 33.97
CA GLY D 44 -13.36 -42.69 34.68
C GLY D 44 -12.36 -41.74 34.05
N HIS D 45 -12.14 -41.88 32.75
CA HIS D 45 -11.16 -41.04 32.07
C HIS D 45 -11.66 -39.62 31.91
N GLY D 46 -12.97 -39.45 31.74
CA GLY D 46 -13.54 -38.13 31.57
C GLY D 46 -13.26 -37.56 30.18
N LEU D 47 -13.56 -36.28 30.05
CA LEU D 47 -13.40 -35.60 28.77
C LEU D 47 -11.94 -35.65 28.32
N GLU D 48 -11.75 -35.98 27.04
CA GLU D 48 -10.42 -36.04 26.44
C GLU D 48 -10.50 -35.42 25.06
N TRP D 49 -9.74 -34.35 24.84
CA TRP D 49 -9.83 -33.58 23.61
C TRP D 49 -9.13 -34.31 22.48
N ILE D 50 -9.89 -34.65 21.44
CA ILE D 50 -9.33 -35.36 20.30
C ILE D 50 -8.63 -34.38 19.37
N GLY D 51 -9.34 -33.36 18.91
CA GLY D 51 -8.75 -32.45 17.95
C GLY D 51 -9.73 -31.38 17.54
N GLU D 52 -9.41 -30.72 16.42
CA GLU D 52 -10.28 -29.69 15.88
C GLU D 52 -10.00 -29.48 14.40
N ILE D 53 -10.98 -28.87 13.75
CA ILE D 53 -10.89 -28.52 12.33
C ILE D 53 -11.58 -27.18 12.11
N LEU D 54 -10.97 -26.33 11.29
CA LEU D 54 -11.60 -25.11 10.82
C LEU D 54 -12.22 -25.40 9.45
N PRO D 55 -13.53 -25.65 9.38
CA PRO D 55 -14.10 -26.19 8.14
C PRO D 55 -13.87 -25.34 6.91
N GLY D 56 -13.95 -24.02 7.03
CA GLY D 56 -13.78 -23.18 5.87
C GLY D 56 -12.43 -23.36 5.21
N ILE D 57 -11.37 -23.38 6.03
CA ILE D 57 -10.03 -23.61 5.51
C ILE D 57 -9.77 -25.09 5.35
N GLY D 58 -10.36 -25.91 6.20
CA GLY D 58 -9.98 -27.30 6.32
C GLY D 58 -8.79 -27.53 7.21
N SER D 59 -8.25 -26.48 7.83
CA SER D 59 -7.13 -26.61 8.74
C SER D 59 -7.46 -27.62 9.83
N THR D 60 -6.77 -28.75 9.84
CA THR D 60 -6.99 -29.79 10.83
C THR D 60 -5.84 -29.77 11.83
N ASN D 61 -6.14 -30.15 13.07
CA ASN D 61 -5.14 -30.09 14.12
C ASN D 61 -5.52 -31.08 15.21
N TYR D 62 -4.64 -32.05 15.46
CA TYR D 62 -4.97 -33.21 16.29
C TYR D 62 -4.16 -33.21 17.58
N ASN D 63 -4.71 -33.89 18.58
CA ASN D 63 -3.93 -34.27 19.75
C ASN D 63 -2.97 -35.39 19.38
N GLY D 64 -1.80 -35.40 20.02
CA GLY D 64 -0.80 -36.41 19.70
C GLY D 64 -1.31 -37.82 19.91
N LYS D 65 -2.08 -38.04 20.98
CA LYS D 65 -2.59 -39.37 21.27
C LYS D 65 -3.56 -39.86 20.21
N PHE D 66 -4.12 -38.97 19.41
CA PHE D 66 -5.07 -39.33 18.36
C PHE D 66 -4.58 -38.95 16.97
N LYS D 67 -3.26 -38.85 16.79
CA LYS D 67 -2.72 -38.40 15.51
C LYS D 67 -3.14 -39.33 14.38
N GLY D 68 -2.97 -40.64 14.56
CA GLY D 68 -3.31 -41.59 13.53
C GLY D 68 -4.69 -42.19 13.70
N LYS D 69 -5.29 -42.02 14.88
CA LYS D 69 -6.58 -42.63 15.14
C LYS D 69 -7.71 -41.88 14.42
N ALA D 70 -7.67 -40.55 14.43
CA ALA D 70 -8.75 -39.73 13.92
C ALA D 70 -8.34 -39.00 12.65
N THR D 71 -9.35 -38.51 11.94
CA THR D 71 -9.13 -37.76 10.70
C THR D 71 -10.36 -36.91 10.45
N PHE D 72 -10.20 -35.59 10.55
CA PHE D 72 -11.32 -34.69 10.40
C PHE D 72 -11.54 -34.33 8.94
N THR D 73 -12.79 -34.00 8.61
CA THR D 73 -13.18 -33.59 7.28
C THR D 73 -14.38 -32.68 7.42
N ALA D 74 -14.66 -31.88 6.39
CA ALA D 74 -15.80 -30.98 6.43
C ALA D 74 -16.44 -30.86 5.06
N ASP D 75 -17.77 -30.80 5.05
CA ASP D 75 -18.56 -30.49 3.87
C ASP D 75 -19.29 -29.19 4.19
N SER D 76 -18.87 -28.11 3.54
CA SER D 76 -19.44 -26.80 3.80
C SER D 76 -20.82 -26.64 3.18
N SER D 77 -21.13 -27.40 2.12
CA SER D 77 -22.45 -27.30 1.51
C SER D 77 -23.55 -27.71 2.48
N SER D 78 -23.33 -28.80 3.23
CA SER D 78 -24.28 -29.27 4.22
C SER D 78 -23.92 -28.86 5.64
N ASN D 79 -22.90 -28.03 5.81
CA ASN D 79 -22.49 -27.55 7.13
C ASN D 79 -22.24 -28.73 8.07
N THR D 80 -21.54 -29.74 7.57
CA THR D 80 -21.38 -30.99 8.31
C THR D 80 -19.90 -31.33 8.45
N ALA D 81 -19.45 -31.48 9.69
CA ALA D 81 -18.11 -31.97 9.98
C ALA D 81 -18.16 -33.48 10.19
N TYR D 82 -17.03 -34.12 9.92
CA TYR D 82 -16.91 -35.57 10.01
C TYR D 82 -15.60 -35.93 10.69
N MET D 83 -15.63 -37.03 11.45
CA MET D 83 -14.44 -37.59 12.07
C MET D 83 -14.41 -39.08 11.77
N GLU D 84 -13.35 -39.53 11.11
CA GLU D 84 -13.22 -40.93 10.71
C GLU D 84 -12.31 -41.64 11.71
N LEU D 85 -12.91 -42.35 12.66
CA LEU D 85 -12.15 -43.19 13.58
C LEU D 85 -11.80 -44.48 12.88
N SER D 86 -10.51 -44.78 12.81
CA SER D 86 -9.98 -45.89 12.02
C SER D 86 -9.33 -46.92 12.93
N SER D 87 -9.41 -48.18 12.52
CA SER D 87 -8.84 -49.30 13.26
C SER D 87 -9.34 -49.31 14.69
N LEU D 88 -10.66 -49.45 14.83
CA LEU D 88 -11.28 -49.39 16.13
C LEU D 88 -10.80 -50.53 17.03
N THR D 89 -10.66 -50.23 18.31
CA THR D 89 -10.35 -51.22 19.33
C THR D 89 -11.27 -50.99 20.52
N THR D 90 -11.25 -51.95 21.45
CA THR D 90 -12.14 -51.88 22.60
C THR D 90 -11.96 -50.58 23.37
N GLU D 91 -10.74 -50.03 23.36
CA GLU D 91 -10.48 -48.80 24.10
C GLU D 91 -11.20 -47.60 23.50
N ASP D 92 -11.64 -47.69 22.25
CA ASP D 92 -12.31 -46.57 21.59
C ASP D 92 -13.79 -46.47 21.96
N SER D 93 -14.34 -47.47 22.63
CA SER D 93 -15.74 -47.41 23.05
C SER D 93 -15.95 -46.21 23.95
N ALA D 94 -16.73 -45.24 23.48
CA ALA D 94 -16.83 -43.97 24.20
C ALA D 94 -17.86 -43.08 23.53
N ILE D 95 -18.20 -41.99 24.20
CA ILE D 95 -19.04 -40.94 23.63
C ILE D 95 -18.12 -39.89 23.02
N TYR D 96 -18.52 -39.35 21.88
CA TYR D 96 -17.73 -38.35 21.16
C TYR D 96 -18.60 -37.13 20.97
N TYR D 97 -18.07 -35.97 21.32
CA TYR D 97 -18.78 -34.69 21.21
C TYR D 97 -18.11 -33.81 20.17
N CYS D 98 -18.93 -33.18 19.33
CA CYS D 98 -18.50 -32.06 18.51
C CYS D 98 -18.95 -30.77 19.16
N ALA D 99 -18.08 -29.77 19.16
CA ALA D 99 -18.36 -28.53 19.87
C ALA D 99 -17.93 -27.33 19.03
N ARG D 100 -18.69 -26.25 19.14
CA ARG D 100 -18.39 -25.01 18.47
C ARG D 100 -17.34 -24.25 19.27
N SER D 101 -16.41 -23.61 18.55
CA SER D 101 -15.37 -22.84 19.22
C SER D 101 -15.00 -21.65 18.37
N GLY D 102 -14.62 -20.56 19.03
CA GLY D 102 -14.24 -19.35 18.32
C GLY D 102 -13.78 -18.30 19.30
N ALA D 103 -13.35 -17.16 18.73
CA ALA D 103 -12.85 -16.06 19.55
C ALA D 103 -13.95 -15.39 20.36
N GLN D 104 -15.22 -15.65 20.03
CA GLN D 104 -16.31 -15.05 20.78
C GLN D 104 -16.25 -15.44 22.25
N ALA D 105 -15.99 -16.72 22.52
CA ALA D 105 -15.85 -17.24 23.87
C ALA D 105 -14.39 -17.47 24.23
N THR D 106 -13.48 -16.79 23.54
CA THR D 106 -12.04 -16.98 23.74
C THR D 106 -11.67 -18.46 23.58
N PHE D 107 -12.31 -19.10 22.61
CA PHE D 107 -12.03 -20.48 22.22
C PHE D 107 -12.44 -21.50 23.28
N ALA D 108 -13.23 -21.08 24.27
CA ALA D 108 -13.95 -22.04 25.08
C ALA D 108 -15.21 -22.48 24.35
N MET D 109 -15.49 -23.78 24.43
CA MET D 109 -16.56 -24.38 23.63
C MET D 109 -17.91 -23.93 24.19
N ASP D 110 -18.54 -22.97 23.50
CA ASP D 110 -19.76 -22.36 24.00
C ASP D 110 -21.02 -23.11 23.57
N TYR D 111 -20.92 -24.08 22.67
CA TYR D 111 -22.03 -24.94 22.33
C TYR D 111 -21.50 -26.33 21.99
N TRP D 112 -22.31 -27.35 22.29
CA TRP D 112 -21.88 -28.73 22.19
C TRP D 112 -22.95 -29.55 21.48
N GLY D 113 -22.51 -30.66 20.88
CA GLY D 113 -23.43 -31.64 20.36
C GLY D 113 -24.00 -32.50 21.47
N GLN D 114 -24.94 -33.36 21.09
CA GLN D 114 -25.58 -34.23 22.08
C GLN D 114 -24.74 -35.45 22.41
N GLY D 115 -23.70 -35.75 21.64
CA GLY D 115 -22.82 -36.85 21.94
C GLY D 115 -23.20 -38.14 21.24
N THR D 116 -22.35 -38.58 20.31
CA THR D 116 -22.59 -39.84 19.63
C THR D 116 -21.80 -40.95 20.32
N SER D 117 -22.48 -42.03 20.68
CA SER D 117 -21.86 -43.13 21.40
C SER D 117 -21.39 -44.19 20.42
N VAL D 118 -20.19 -44.72 20.66
CA VAL D 118 -19.61 -45.77 19.84
C VAL D 118 -19.25 -46.93 20.75
N THR D 119 -19.72 -48.11 20.41
CA THR D 119 -19.41 -49.33 21.16
C THR D 119 -18.66 -50.28 20.23
N VAL D 120 -17.44 -50.63 20.64
CA VAL D 120 -16.59 -51.55 19.88
C VAL D 120 -16.55 -52.86 20.65
N SER D 121 -16.93 -53.95 19.98
CA SER D 121 -16.92 -55.26 20.60
C SER D 121 -17.12 -56.31 19.52
N GLY D 122 -16.39 -57.42 19.66
CA GLY D 122 -16.55 -58.55 18.78
C GLY D 122 -17.68 -59.48 19.14
N ALA D 123 -18.42 -59.16 20.20
CA ALA D 123 -19.53 -60.00 20.63
C ALA D 123 -20.65 -59.96 19.62
N SER D 124 -21.24 -61.12 19.36
CA SER D 124 -22.40 -61.21 18.49
C SER D 124 -23.66 -60.82 19.24
N THR D 125 -24.70 -60.48 18.49
CA THR D 125 -25.98 -60.12 19.11
C THR D 125 -26.53 -61.31 19.87
N LYS D 126 -27.01 -61.07 21.09
CA LYS D 126 -27.56 -62.15 21.90
C LYS D 126 -28.67 -61.68 22.83
N GLY D 127 -29.73 -62.48 22.89
CA GLY D 127 -30.81 -62.26 23.82
C GLY D 127 -30.44 -62.65 25.24
N PRO D 128 -31.04 -61.99 26.22
CA PRO D 128 -30.67 -62.24 27.61
C PRO D 128 -31.25 -63.54 28.16
N SER D 129 -30.60 -64.02 29.22
CA SER D 129 -31.17 -64.99 30.13
C SER D 129 -31.70 -64.23 31.35
N VAL D 130 -32.94 -64.52 31.73
CA VAL D 130 -33.66 -63.75 32.74
C VAL D 130 -33.95 -64.67 33.91
N PHE D 131 -33.53 -64.27 35.10
CA PHE D 131 -33.53 -65.12 36.28
C PHE D 131 -34.14 -64.38 37.45
N PRO D 132 -34.70 -65.12 38.43
CA PRO D 132 -35.32 -64.46 39.58
C PRO D 132 -34.37 -64.27 40.76
N LEU D 133 -34.67 -63.32 41.64
CA LEU D 133 -33.91 -63.06 42.86
C LEU D 133 -34.91 -63.05 44.01
N ALA D 134 -34.97 -64.18 44.74
CA ALA D 134 -35.97 -64.45 45.75
C ALA D 134 -35.71 -63.64 47.01
N PRO D 135 -36.76 -63.14 47.67
CA PRO D 135 -36.59 -62.50 48.98
C PRO D 135 -36.69 -63.53 50.10
N SER D 136 -36.58 -63.05 51.33
CA SER D 136 -36.71 -63.88 52.52
C SER D 136 -35.88 -65.16 52.39
N SER D 137 -34.58 -64.97 52.20
CA SER D 137 -33.69 -66.11 52.02
C SER D 137 -33.70 -67.03 53.24
N LYS D 138 -33.64 -66.44 54.44
CA LYS D 138 -33.67 -67.21 55.68
C LYS D 138 -34.85 -66.83 56.57
N SER D 139 -35.07 -65.53 56.79
CA SER D 139 -36.15 -65.06 57.64
C SER D 139 -37.37 -64.74 56.79
N THR D 140 -38.54 -65.18 57.26
CA THR D 140 -39.75 -65.06 56.46
C THR D 140 -40.20 -63.61 56.32
N SER D 141 -40.25 -62.88 57.43
CA SER D 141 -40.81 -61.52 57.46
C SER D 141 -39.81 -60.57 58.09
N GLY D 142 -39.59 -59.44 57.43
CA GLY D 142 -38.71 -58.35 57.90
C GLY D 142 -39.26 -56.93 57.54
N GLY D 143 -40.58 -56.72 57.75
CA GLY D 143 -41.29 -55.48 57.36
C GLY D 143 -41.46 -55.51 55.81
N THR D 144 -40.52 -54.92 55.03
CA THR D 144 -40.43 -54.88 53.53
C THR D 144 -39.11 -55.54 53.09
N ALA D 145 -39.13 -56.36 52.03
CA ALA D 145 -37.96 -57.03 51.51
C ALA D 145 -37.81 -56.73 50.03
N ALA D 146 -36.57 -56.81 49.54
CA ALA D 146 -36.32 -56.58 48.12
C ALA D 146 -36.44 -57.88 47.34
N LEU D 147 -37.02 -57.77 46.15
CA LEU D 147 -37.26 -58.87 45.25
C LEU D 147 -36.80 -58.44 43.86
N GLY D 148 -36.02 -59.30 43.19
CA GLY D 148 -35.26 -58.85 42.04
C GLY D 148 -35.39 -59.75 40.82
N CYS D 149 -34.86 -59.25 39.71
CA CYS D 149 -34.80 -59.97 38.46
C CYS D 149 -33.47 -59.62 37.81
N LEU D 150 -32.69 -60.65 37.48
CA LEU D 150 -31.36 -60.49 36.90
C LEU D 150 -31.39 -60.83 35.42
N VAL D 151 -30.90 -59.93 34.59
CA VAL D 151 -30.78 -60.14 33.15
C VAL D 151 -29.29 -60.29 32.85
N LYS D 152 -28.94 -61.32 32.07
CA LYS D 152 -27.53 -61.64 31.90
C LYS D 152 -27.28 -62.12 30.48
N ASP D 153 -26.01 -62.02 30.06
CA ASP D 153 -25.55 -62.64 28.82
C ASP D 153 -26.32 -62.10 27.61
N TYR D 154 -26.35 -60.78 27.48
CA TYR D 154 -26.98 -60.11 26.36
C TYR D 154 -26.04 -59.08 25.75
N PHE D 155 -26.16 -58.89 24.44
CA PHE D 155 -25.43 -57.88 23.73
C PHE D 155 -26.19 -57.57 22.45
N PRO D 156 -26.28 -56.29 22.04
CA PRO D 156 -25.80 -55.10 22.73
C PRO D 156 -26.82 -54.53 23.70
N GLU D 157 -26.45 -53.44 24.36
CA GLU D 157 -27.41 -52.68 25.14
C GLU D 157 -28.43 -52.02 24.21
N PRO D 158 -29.61 -51.65 24.72
CA PRO D 158 -30.09 -51.80 26.09
C PRO D 158 -31.06 -52.96 26.26
N VAL D 159 -31.40 -53.25 27.51
CA VAL D 159 -32.54 -54.11 27.85
C VAL D 159 -33.51 -53.29 28.65
N THR D 160 -34.77 -53.24 28.20
CA THR D 160 -35.79 -52.43 28.84
C THR D 160 -36.62 -53.30 29.75
N VAL D 161 -36.70 -52.92 31.03
CA VAL D 161 -37.32 -53.74 32.06
C VAL D 161 -38.47 -52.98 32.70
N SER D 162 -39.45 -53.73 33.18
CA SER D 162 -40.55 -53.21 33.95
C SER D 162 -41.05 -54.30 34.88
N TRP D 163 -41.80 -53.91 35.90
CA TRP D 163 -42.31 -54.82 36.91
C TRP D 163 -43.83 -54.86 36.83
N ASN D 164 -44.39 -56.07 36.72
CA ASN D 164 -45.83 -56.26 36.65
C ASN D 164 -46.44 -55.44 35.51
N SER D 165 -45.76 -55.46 34.37
CA SER D 165 -46.21 -54.72 33.19
C SER D 165 -46.31 -53.22 33.45
N GLY D 166 -45.42 -52.70 34.28
CA GLY D 166 -45.41 -51.30 34.62
C GLY D 166 -46.37 -50.90 35.73
N ALA D 167 -47.15 -51.85 36.27
CA ALA D 167 -48.06 -51.53 37.35
C ALA D 167 -47.33 -51.28 38.66
N LEU D 168 -46.11 -51.79 38.80
CA LEU D 168 -45.31 -51.61 40.00
C LEU D 168 -44.18 -50.63 39.70
N THR D 169 -44.17 -49.51 40.42
CA THR D 169 -43.12 -48.51 40.26
C THR D 169 -42.54 -48.00 41.57
N SER D 170 -43.20 -48.23 42.70
CA SER D 170 -42.68 -47.76 43.98
C SER D 170 -41.44 -48.56 44.36
N GLY D 171 -40.35 -47.85 44.64
CA GLY D 171 -39.14 -48.50 45.08
C GLY D 171 -38.44 -49.32 44.03
N VAL D 172 -38.72 -49.06 42.75
CA VAL D 172 -38.08 -49.79 41.67
C VAL D 172 -36.72 -49.16 41.37
N HIS D 173 -35.68 -49.99 41.34
CA HIS D 173 -34.34 -49.55 41.01
C HIS D 173 -33.71 -50.54 40.04
N THR D 174 -33.22 -50.01 38.91
CA THR D 174 -32.54 -50.81 37.91
C THR D 174 -31.09 -50.36 37.83
N PHE D 175 -30.17 -51.25 38.16
CA PHE D 175 -28.75 -50.93 38.15
C PHE D 175 -28.24 -50.98 36.71
N PRO D 176 -27.68 -49.88 36.17
CA PRO D 176 -27.16 -49.94 34.81
C PRO D 176 -26.23 -51.13 34.57
N ALA D 177 -26.09 -51.51 33.31
CA ALA D 177 -25.49 -52.80 32.99
C ALA D 177 -24.01 -52.84 33.33
N VAL D 178 -23.49 -54.06 33.43
CA VAL D 178 -22.08 -54.33 33.68
C VAL D 178 -21.56 -55.19 32.53
N LEU D 179 -20.42 -54.82 31.98
CA LEU D 179 -19.78 -55.60 30.93
C LEU D 179 -18.88 -56.64 31.58
N GLN D 180 -19.13 -57.91 31.28
CA GLN D 180 -18.35 -59.00 31.85
C GLN D 180 -17.19 -59.37 30.94
N SER D 181 -16.25 -60.12 31.50
CA SER D 181 -15.07 -60.54 30.74
C SER D 181 -15.45 -61.40 29.54
N SER D 182 -16.63 -62.01 29.56
CA SER D 182 -17.09 -62.80 28.42
C SER D 182 -17.49 -61.95 27.23
N GLY D 183 -17.55 -60.62 27.39
CA GLY D 183 -17.99 -59.73 26.34
C GLY D 183 -19.48 -59.45 26.34
N LEU D 184 -20.24 -60.06 27.24
CA LEU D 184 -21.68 -59.88 27.32
C LEU D 184 -22.04 -59.02 28.52
N TYR D 185 -23.19 -58.38 28.43
CA TYR D 185 -23.67 -57.47 29.48
C TYR D 185 -24.51 -58.21 30.51
N SER D 186 -24.52 -57.65 31.72
CA SER D 186 -25.40 -58.11 32.78
C SER D 186 -26.00 -56.89 33.48
N LEU D 187 -27.16 -57.10 34.09
CA LEU D 187 -27.95 -56.01 34.65
C LEU D 187 -28.87 -56.59 35.72
N SER D 188 -29.15 -55.78 36.73
CA SER D 188 -30.03 -56.17 37.82
C SER D 188 -31.17 -55.18 37.95
N SER D 189 -32.36 -55.68 38.29
CA SER D 189 -33.50 -54.84 38.59
C SER D 189 -34.11 -55.35 39.89
N VAL D 190 -34.65 -54.44 40.71
CA VAL D 190 -35.14 -54.81 42.02
C VAL D 190 -36.27 -53.88 42.44
N VAL D 191 -37.14 -54.41 43.30
CA VAL D 191 -38.24 -53.66 43.88
C VAL D 191 -38.30 -53.99 45.37
N THR D 192 -38.96 -53.12 46.12
CA THR D 192 -39.21 -53.33 47.54
C THR D 192 -40.68 -53.65 47.75
N VAL D 193 -40.96 -54.78 48.37
CA VAL D 193 -42.33 -55.28 48.51
C VAL D 193 -42.61 -55.62 49.96
N PRO D 194 -43.85 -55.47 50.44
CA PRO D 194 -44.16 -55.88 51.82
C PRO D 194 -43.92 -57.37 52.01
N SER D 195 -43.48 -57.72 53.22
CA SER D 195 -43.16 -59.12 53.52
C SER D 195 -44.39 -60.01 53.40
N SER D 196 -45.55 -59.55 53.88
CA SER D 196 -46.75 -60.36 53.84
C SER D 196 -47.17 -60.66 52.40
N SER D 197 -46.99 -59.70 51.49
CA SER D 197 -47.44 -59.88 50.11
C SER D 197 -46.81 -61.09 49.45
N LEU D 198 -45.68 -61.57 49.97
CA LEU D 198 -45.05 -62.76 49.41
C LEU D 198 -46.01 -63.94 49.42
N GLY D 199 -46.91 -64.01 50.39
CA GLY D 199 -47.84 -65.13 50.50
C GLY D 199 -49.09 -65.04 49.66
N THR D 200 -49.37 -63.88 49.08
CA THR D 200 -50.58 -63.71 48.28
C THR D 200 -50.39 -62.92 46.99
N GLN D 201 -49.19 -62.45 46.68
CA GLN D 201 -48.95 -61.63 45.50
C GLN D 201 -47.80 -62.21 44.70
N THR D 202 -47.87 -62.03 43.38
CA THR D 202 -46.85 -62.51 42.45
C THR D 202 -46.19 -61.31 41.78
N TYR D 203 -44.87 -61.26 41.82
CA TYR D 203 -44.10 -60.19 41.20
C TYR D 203 -43.33 -60.77 40.01
N ILE D 204 -43.53 -60.17 38.84
CA ILE D 204 -43.03 -60.69 37.58
C ILE D 204 -42.28 -59.57 36.86
N CYS D 205 -41.07 -59.88 36.38
CA CYS D 205 -40.27 -58.95 35.62
C CYS D 205 -40.50 -59.19 34.13
N ASN D 206 -40.82 -58.10 33.42
CA ASN D 206 -40.97 -58.08 31.97
C ASN D 206 -39.77 -57.37 31.36
N VAL D 207 -39.09 -58.02 30.42
CA VAL D 207 -37.89 -57.45 29.83
C VAL D 207 -37.93 -57.63 28.32
N ASN D 208 -37.49 -56.61 27.60
CA ASN D 208 -37.32 -56.67 26.16
C ASN D 208 -35.88 -56.34 25.81
N HIS D 209 -35.22 -57.27 25.12
CA HIS D 209 -33.94 -57.00 24.46
C HIS D 209 -34.27 -56.61 23.03
N LYS D 210 -34.40 -55.30 22.83
CA LYS D 210 -34.92 -54.81 21.54
C LYS D 210 -34.05 -55.14 20.34
N PRO D 211 -32.71 -55.07 20.39
CA PRO D 211 -31.95 -55.27 19.15
C PRO D 211 -32.17 -56.64 18.53
N SER D 212 -32.64 -57.61 19.31
CA SER D 212 -33.14 -58.87 18.77
C SER D 212 -34.62 -59.07 19.06
N ASN D 213 -35.25 -58.13 19.75
CA ASN D 213 -36.67 -58.23 20.09
C ASN D 213 -36.97 -59.50 20.90
N THR D 214 -36.08 -59.80 21.85
CA THR D 214 -36.26 -60.96 22.71
C THR D 214 -37.10 -60.53 23.91
N LYS D 215 -38.33 -61.02 23.98
CA LYS D 215 -39.27 -60.70 25.03
C LYS D 215 -39.26 -61.82 26.06
N VAL D 216 -39.16 -61.45 27.34
CA VAL D 216 -39.14 -62.45 28.41
C VAL D 216 -39.99 -61.98 29.59
N ASP D 217 -40.81 -62.89 30.10
CA ASP D 217 -41.57 -62.73 31.33
C ASP D 217 -41.02 -63.74 32.34
N LYS D 218 -40.67 -63.26 33.54
CA LYS D 218 -40.10 -64.16 34.55
C LYS D 218 -40.62 -63.80 35.93
N ARG D 219 -41.22 -64.78 36.59
CA ARG D 219 -41.81 -64.58 37.91
C ARG D 219 -40.75 -64.77 39.00
N VAL D 220 -41.04 -64.21 40.17
CA VAL D 220 -40.11 -64.26 41.31
C VAL D 220 -40.91 -64.53 42.58
N GLU D 221 -40.32 -65.27 43.51
CA GLU D 221 -40.96 -65.59 44.76
C GLU D 221 -39.90 -66.02 45.76
N PRO D 222 -40.22 -66.02 47.06
CA PRO D 222 -39.27 -66.54 48.05
C PRO D 222 -38.98 -68.01 47.81
N LYS D 223 -37.76 -68.42 48.16
CA LYS D 223 -37.28 -69.78 47.92
C LYS D 223 -37.33 -70.12 46.44
N GLN E 3 -23.30 23.66 23.05
CA GLN E 3 -23.83 24.80 22.23
C GLN E 3 -23.88 24.43 20.75
N VAL E 4 -24.98 23.82 20.33
CA VAL E 4 -25.22 23.49 18.94
C VAL E 4 -26.69 23.71 18.64
N GLN E 5 -26.98 24.32 17.50
CA GLN E 5 -28.37 24.62 17.17
C GLN E 5 -28.53 24.84 15.68
N LEU E 6 -29.77 24.68 15.23
CA LEU E 6 -30.22 25.00 13.89
C LEU E 6 -31.29 26.06 13.98
N GLN E 7 -31.13 27.16 13.26
CA GLN E 7 -32.12 28.23 13.23
C GLN E 7 -32.52 28.50 11.79
N GLN E 8 -33.83 28.54 11.55
CA GLN E 8 -34.40 28.59 10.22
C GLN E 8 -34.92 29.99 9.89
N SER E 9 -35.42 30.13 8.67
CA SER E 9 -35.99 31.39 8.24
C SER E 9 -37.36 31.60 8.87
N GLY E 10 -37.89 32.80 8.67
CA GLY E 10 -39.20 33.13 9.19
C GLY E 10 -40.32 32.57 8.32
N ALA E 11 -41.55 32.91 8.70
CA ALA E 11 -42.71 32.41 8.00
C ALA E 11 -42.77 32.97 6.59
N GLU E 12 -43.51 32.27 5.73
CA GLU E 12 -43.64 32.63 4.33
C GLU E 12 -45.10 32.58 3.91
N LEU E 13 -45.48 33.52 3.04
CA LEU E 13 -46.83 33.62 2.50
C LEU E 13 -46.69 33.64 0.98
N MET E 14 -46.98 32.52 0.34
CA MET E 14 -46.72 32.33 -1.08
C MET E 14 -48.02 32.18 -1.85
N GLN E 15 -48.00 32.67 -3.09
CA GLN E 15 -49.10 32.42 -4.01
C GLN E 15 -48.92 31.06 -4.68
N PRO E 16 -50.01 30.42 -5.11
CA PRO E 16 -49.88 29.16 -5.83
C PRO E 16 -49.04 29.34 -7.10
N GLY E 17 -48.26 28.31 -7.42
CA GLY E 17 -47.42 28.34 -8.59
C GLY E 17 -46.09 29.04 -8.41
N ALA E 18 -45.79 29.54 -7.22
CA ALA E 18 -44.55 30.25 -6.97
C ALA E 18 -43.49 29.27 -6.46
N SER E 19 -42.36 29.81 -6.00
CA SER E 19 -41.29 29.00 -5.42
C SER E 19 -40.68 29.77 -4.26
N VAL E 20 -40.28 29.05 -3.22
CA VAL E 20 -39.74 29.66 -2.01
C VAL E 20 -38.54 28.86 -1.54
N LYS E 21 -37.50 29.57 -1.11
CA LYS E 21 -36.27 28.96 -0.63
C LYS E 21 -36.22 29.09 0.89
N LEU E 22 -36.54 28.00 1.58
CA LEU E 22 -36.37 27.96 3.02
C LEU E 22 -34.89 27.75 3.36
N SER E 23 -34.47 28.32 4.48
CA SER E 23 -33.07 28.32 4.88
C SER E 23 -32.92 27.78 6.29
N CYS E 24 -31.72 27.28 6.57
CA CYS E 24 -31.42 26.69 7.89
C CYS E 24 -29.93 26.90 8.16
N LYS E 25 -29.61 27.80 9.08
CA LYS E 25 -28.24 27.99 9.51
C LYS E 25 -27.94 27.07 10.68
N ALA E 26 -26.72 26.54 10.70
CA ALA E 26 -26.28 25.60 11.72
C ALA E 26 -25.06 26.17 12.44
N THR E 27 -25.06 26.08 13.77
CA THR E 27 -23.94 26.57 14.55
C THR E 27 -23.59 25.56 15.63
N GLY E 28 -22.30 25.49 15.96
CA GLY E 28 -21.82 24.65 17.04
C GLY E 28 -21.14 23.37 16.61
N TYR E 29 -20.90 23.16 15.32
CA TYR E 29 -20.26 21.95 14.86
C TYR E 29 -19.79 22.14 13.42
N THR E 30 -19.08 21.13 12.92
CA THR E 30 -18.64 21.12 11.54
C THR E 30 -19.82 20.86 10.61
N PHE E 31 -20.33 21.94 10.00
CA PHE E 31 -21.54 21.84 9.20
C PHE E 31 -21.37 20.89 8.02
N ALA E 32 -20.14 20.74 7.54
CA ALA E 32 -19.91 19.97 6.32
C ALA E 32 -20.04 18.46 6.54
N GLY E 33 -19.92 18.02 7.79
CA GLY E 33 -19.82 16.59 8.06
C GLY E 33 -21.12 15.88 8.36
N TYR E 34 -22.13 16.61 8.83
CA TYR E 34 -23.38 16.00 9.24
C TYR E 34 -24.47 16.20 8.19
N TRP E 35 -25.39 15.25 8.15
CA TRP E 35 -26.56 15.38 7.29
C TRP E 35 -27.50 16.44 7.82
N ILE E 36 -28.05 17.24 6.92
CA ILE E 36 -29.17 18.12 7.22
C ILE E 36 -30.40 17.53 6.58
N GLU E 37 -31.39 17.21 7.39
CA GLU E 37 -32.57 16.46 6.95
C GLU E 37 -33.80 17.34 7.06
N TRP E 38 -34.59 17.38 6.00
CA TRP E 38 -35.76 18.23 5.90
C TRP E 38 -37.01 17.38 6.05
N VAL E 39 -37.89 17.81 6.97
CA VAL E 39 -39.10 17.09 7.34
C VAL E 39 -40.29 18.05 7.19
N LYS E 40 -41.42 17.50 6.75
CA LYS E 40 -42.65 18.26 6.60
C LYS E 40 -43.64 17.85 7.69
N GLN E 41 -44.32 18.84 8.27
CA GLN E 41 -45.37 18.59 9.26
C GLN E 41 -46.58 19.44 8.92
N ARG E 42 -47.76 18.84 9.04
CA ARG E 42 -48.99 19.60 8.90
C ARG E 42 -50.08 18.85 9.65
N PRO E 43 -51.18 19.52 10.02
CA PRO E 43 -52.16 18.90 10.90
C PRO E 43 -52.69 17.59 10.33
N GLY E 44 -52.86 16.61 11.20
CA GLY E 44 -53.41 15.32 10.81
C GLY E 44 -52.39 14.39 10.17
N HIS E 45 -51.66 14.90 9.18
CA HIS E 45 -50.68 14.07 8.49
C HIS E 45 -49.46 13.81 9.37
N GLY E 46 -49.10 14.76 10.22
CA GLY E 46 -47.94 14.58 11.08
C GLY E 46 -46.64 14.74 10.32
N LEU E 47 -45.56 14.37 11.00
CA LEU E 47 -44.23 14.50 10.43
C LEU E 47 -44.10 13.66 9.16
N GLU E 48 -43.53 14.26 8.12
CA GLU E 48 -43.31 13.59 6.85
C GLU E 48 -41.92 13.97 6.36
N TRP E 49 -41.06 12.98 6.18
CA TRP E 49 -39.67 13.21 5.86
C TRP E 49 -39.53 13.59 4.39
N ILE E 50 -39.02 14.80 4.13
CA ILE E 50 -38.85 15.26 2.76
C ILE E 50 -37.57 14.68 2.16
N GLY E 51 -36.44 14.90 2.82
CA GLY E 51 -35.19 14.45 2.25
C GLY E 51 -34.01 14.81 3.13
N GLU E 52 -32.83 14.76 2.55
CA GLU E 52 -31.62 15.14 3.27
C GLU E 52 -30.51 15.50 2.29
N ILE E 53 -29.51 16.21 2.82
CA ILE E 53 -28.34 16.62 2.08
C ILE E 53 -27.13 16.56 2.99
N LEU E 54 -26.03 16.05 2.47
CA LEU E 54 -24.74 16.12 3.15
C LEU E 54 -23.99 17.34 2.63
N PRO E 55 -24.00 18.46 3.36
CA PRO E 55 -23.54 19.72 2.76
C PRO E 55 -22.11 19.69 2.24
N GLY E 56 -21.20 19.03 2.95
CA GLY E 56 -19.81 19.01 2.52
C GLY E 56 -19.65 18.41 1.14
N ILE E 57 -20.30 17.27 0.90
CA ILE E 57 -20.26 16.64 -0.40
C ILE E 57 -21.28 17.26 -1.33
N GLY E 58 -22.40 17.72 -0.78
CA GLY E 58 -23.55 18.07 -1.59
C GLY E 58 -24.43 16.90 -1.96
N SER E 59 -24.10 15.70 -1.49
CA SER E 59 -24.91 14.53 -1.76
C SER E 59 -26.35 14.78 -1.31
N THR E 60 -27.26 14.84 -2.28
CA THR E 60 -28.67 15.07 -2.01
C THR E 60 -29.43 13.77 -2.16
N ASN E 61 -30.51 13.61 -1.40
CA ASN E 61 -31.25 12.36 -1.42
C ASN E 61 -32.67 12.63 -0.95
N TYR E 62 -33.65 12.36 -1.81
CA TYR E 62 -35.02 12.81 -1.62
C TYR E 62 -35.96 11.62 -1.39
N ASN E 63 -37.07 11.91 -0.72
CA ASN E 63 -38.20 11.00 -0.72
C ASN E 63 -38.88 11.01 -2.08
N GLY E 64 -39.43 9.88 -2.48
CA GLY E 64 -40.06 9.79 -3.79
C GLY E 64 -41.21 10.78 -3.94
N LYS E 65 -41.99 10.96 -2.88
CA LYS E 65 -43.13 11.86 -2.95
C LYS E 65 -42.71 13.31 -3.16
N PHE E 66 -41.45 13.65 -2.86
CA PHE E 66 -40.94 15.01 -3.01
C PHE E 66 -39.78 15.08 -4.00
N LYS E 67 -39.72 14.15 -4.95
CA LYS E 67 -38.59 14.11 -5.88
C LYS E 67 -38.50 15.41 -6.67
N GLY E 68 -39.61 15.85 -7.25
CA GLY E 68 -39.61 17.05 -8.06
C GLY E 68 -40.02 18.29 -7.30
N LYS E 69 -40.62 18.11 -6.12
CA LYS E 69 -41.13 19.25 -5.36
C LYS E 69 -39.99 20.02 -4.71
N ALA E 70 -39.01 19.31 -4.14
CA ALA E 70 -37.95 19.94 -3.36
C ALA E 70 -36.60 19.85 -4.07
N THR E 71 -35.67 20.68 -3.61
CA THR E 71 -34.32 20.70 -4.17
C THR E 71 -33.40 21.28 -3.10
N PHE E 72 -32.50 20.46 -2.57
CA PHE E 72 -31.61 20.91 -1.52
C PHE E 72 -30.35 21.55 -2.08
N THR E 73 -29.79 22.46 -1.30
CA THR E 73 -28.56 23.15 -1.65
C THR E 73 -27.86 23.51 -0.34
N ALA E 74 -26.56 23.79 -0.42
CA ALA E 74 -25.81 24.16 0.77
C ALA E 74 -24.74 25.19 0.44
N ASP E 75 -24.57 26.14 1.35
CA ASP E 75 -23.48 27.10 1.31
C ASP E 75 -22.65 26.84 2.56
N SER E 76 -21.45 26.29 2.36
CA SER E 76 -20.59 25.94 3.48
C SER E 76 -19.94 27.16 4.12
N SER E 77 -19.77 28.24 3.36
CA SER E 77 -19.16 29.44 3.93
C SER E 77 -20.00 30.02 5.05
N SER E 78 -21.32 30.05 4.88
CA SER E 78 -22.24 30.54 5.89
C SER E 78 -22.90 29.42 6.69
N ASN E 79 -22.50 28.17 6.46
CA ASN E 79 -23.06 27.03 7.19
C ASN E 79 -24.58 27.00 7.07
N THR E 80 -25.08 27.23 5.85
CA THR E 80 -26.51 27.40 5.62
C THR E 80 -27.00 26.42 4.57
N ALA E 81 -27.97 25.60 4.93
CA ALA E 81 -28.65 24.73 4.00
C ALA E 81 -29.91 25.42 3.48
N TYR E 82 -30.33 25.04 2.28
CA TYR E 82 -31.47 25.63 1.61
C TYR E 82 -32.32 24.54 0.98
N MET E 83 -33.63 24.76 0.98
CA MET E 83 -34.58 23.88 0.30
C MET E 83 -35.48 24.75 -0.56
N GLU E 84 -35.49 24.50 -1.87
CA GLU E 84 -36.29 25.29 -2.80
C GLU E 84 -37.56 24.52 -3.13
N LEU E 85 -38.66 24.88 -2.47
CA LEU E 85 -39.96 24.32 -2.80
C LEU E 85 -40.49 25.04 -4.03
N SER E 86 -40.81 24.26 -5.07
CA SER E 86 -41.16 24.79 -6.37
C SER E 86 -42.59 24.41 -6.73
N SER E 87 -43.25 25.30 -7.48
CA SER E 87 -44.62 25.10 -7.92
C SER E 87 -45.54 24.81 -6.72
N LEU E 88 -45.60 25.79 -5.82
CA LEU E 88 -46.36 25.63 -4.59
C LEU E 88 -47.83 25.44 -4.89
N THR E 89 -48.48 24.60 -4.08
CA THR E 89 -49.92 24.41 -4.13
C THR E 89 -50.45 24.42 -2.71
N THR E 90 -51.77 24.47 -2.58
CA THR E 90 -52.39 24.55 -1.27
C THR E 90 -51.95 23.41 -0.36
N GLU E 91 -51.65 22.25 -0.94
CA GLU E 91 -51.25 21.10 -0.13
C GLU E 91 -49.89 21.30 0.52
N ASP E 92 -49.10 22.24 0.03
CA ASP E 92 -47.76 22.48 0.58
C ASP E 92 -47.78 23.35 1.84
N SER E 93 -48.92 23.96 2.17
CA SER E 93 -49.02 24.75 3.38
C SER E 93 -48.68 23.89 4.59
N ALA E 94 -47.59 24.19 5.27
CA ALA E 94 -47.11 23.30 6.32
C ALA E 94 -45.90 23.93 7.01
N ILE E 95 -45.50 23.31 8.11
CA ILE E 95 -44.26 23.67 8.80
C ILE E 95 -43.17 22.75 8.28
N TYR E 96 -41.97 23.29 8.10
CA TYR E 96 -40.83 22.54 7.60
C TYR E 96 -39.70 22.66 8.61
N TYR E 97 -39.12 21.52 8.97
CA TYR E 97 -38.03 21.45 9.93
C TYR E 97 -36.75 20.99 9.25
N CYS E 98 -35.66 21.66 9.58
CA CYS E 98 -34.32 21.16 9.30
C CYS E 98 -33.74 20.55 10.57
N ALA E 99 -33.08 19.40 10.42
CA ALA E 99 -32.60 18.67 11.57
C ALA E 99 -31.20 18.13 11.31
N ARG E 100 -30.40 18.10 12.37
CA ARG E 100 -29.05 17.56 12.31
C ARG E 100 -29.11 16.04 12.41
N SER E 101 -28.26 15.36 11.65
CA SER E 101 -28.23 13.91 11.69
C SER E 101 -26.80 13.43 11.46
N GLY E 102 -26.47 12.31 12.08
CA GLY E 102 -25.14 11.74 11.93
C GLY E 102 -25.04 10.43 12.67
N ALA E 103 -23.87 9.81 12.54
CA ALA E 103 -23.64 8.51 13.18
C ALA E 103 -23.57 8.62 14.69
N GLN E 104 -23.43 9.83 15.24
CA GLN E 104 -23.36 9.99 16.69
C GLN E 104 -24.64 9.47 17.35
N ALA E 105 -25.79 9.80 16.77
CA ALA E 105 -27.08 9.34 17.25
C ALA E 105 -27.63 8.21 16.39
N THR E 106 -26.76 7.52 15.66
CA THR E 106 -27.18 6.47 14.73
C THR E 106 -28.20 7.00 13.74
N PHE E 107 -27.98 8.24 13.31
CA PHE E 107 -28.77 8.91 12.28
C PHE E 107 -30.19 9.23 12.74
N ALA E 108 -30.46 9.15 14.04
CA ALA E 108 -31.65 9.79 14.58
C ALA E 108 -31.37 11.27 14.80
N MET E 109 -32.35 12.09 14.46
CA MET E 109 -32.17 13.54 14.43
C MET E 109 -32.06 14.06 15.87
N ASP E 110 -30.84 14.35 16.30
CA ASP E 110 -30.60 14.72 17.69
C ASP E 110 -30.75 16.21 17.96
N TYR E 111 -30.89 17.03 16.92
CA TYR E 111 -31.20 18.45 17.08
C TYR E 111 -32.06 18.90 15.92
N TRP E 112 -32.94 19.86 16.19
CA TRP E 112 -33.94 20.30 15.23
C TRP E 112 -33.98 21.82 15.15
N GLY E 113 -34.44 22.33 14.02
CA GLY E 113 -34.74 23.73 13.91
C GLY E 113 -36.06 24.07 14.56
N GLN E 114 -36.37 25.37 14.59
CA GLN E 114 -37.60 25.82 15.22
C GLN E 114 -38.82 25.66 14.32
N GLY E 115 -38.62 25.40 13.03
CA GLY E 115 -39.73 25.16 12.13
C GLY E 115 -40.18 26.40 11.40
N THR E 116 -39.98 26.44 10.08
CA THR E 116 -40.45 27.56 9.28
C THR E 116 -41.81 27.22 8.67
N SER E 117 -42.78 28.09 8.87
CA SER E 117 -44.14 27.86 8.40
C SER E 117 -44.33 28.50 7.03
N VAL E 118 -44.99 27.77 6.14
CA VAL E 118 -45.29 28.25 4.79
C VAL E 118 -46.79 28.14 4.58
N THR E 119 -47.41 29.24 4.17
CA THR E 119 -48.83 29.28 3.88
C THR E 119 -49.00 29.62 2.40
N VAL E 120 -49.65 28.72 1.67
CA VAL E 120 -49.92 28.90 0.24
C VAL E 120 -51.41 29.17 0.09
N SER E 121 -51.73 30.31 -0.53
CA SER E 121 -53.12 30.67 -0.74
C SER E 121 -53.18 31.84 -1.71
N GLY E 122 -54.16 31.80 -2.61
CA GLY E 122 -54.41 32.88 -3.53
C GLY E 122 -55.23 34.01 -2.96
N ALA E 123 -55.63 33.90 -1.70
CA ALA E 123 -56.43 34.95 -1.06
C ALA E 123 -55.62 36.22 -0.90
N SER E 124 -56.26 37.35 -1.17
CA SER E 124 -55.63 38.65 -0.95
C SER E 124 -55.72 39.03 0.52
N THR E 125 -54.85 39.96 0.92
CA THR E 125 -54.87 40.44 2.31
C THR E 125 -56.22 41.10 2.61
N LYS E 126 -56.80 40.77 3.76
CA LYS E 126 -58.08 41.36 4.14
C LYS E 126 -58.24 41.51 5.64
N GLY E 127 -58.76 42.66 6.05
CA GLY E 127 -59.11 42.92 7.42
C GLY E 127 -60.38 42.19 7.84
N PRO E 128 -60.48 41.85 9.12
CA PRO E 128 -61.62 41.07 9.59
C PRO E 128 -62.89 41.89 9.74
N SER E 129 -64.00 41.17 9.72
CA SER E 129 -65.28 41.66 10.21
C SER E 129 -65.47 41.12 11.63
N VAL E 130 -65.81 42.00 12.56
CA VAL E 130 -65.83 41.68 13.98
C VAL E 130 -67.27 41.83 14.47
N PHE E 131 -67.79 40.77 15.08
CA PHE E 131 -69.20 40.65 15.41
C PHE E 131 -69.37 40.20 16.84
N PRO E 132 -70.52 40.53 17.47
CA PRO E 132 -70.72 40.13 18.87
C PRO E 132 -71.45 38.80 19.01
N LEU E 133 -71.28 38.14 20.16
CA LEU E 133 -71.98 36.91 20.49
C LEU E 133 -72.64 37.11 21.84
N ALA E 134 -73.95 37.38 21.82
CA ALA E 134 -74.73 37.80 22.98
C ALA E 134 -74.97 36.61 23.92
N PRO E 135 -74.94 36.83 25.23
CA PRO E 135 -75.35 35.79 26.18
C PRO E 135 -76.85 35.88 26.46
N SER E 136 -77.31 34.99 27.34
CA SER E 136 -78.70 34.95 27.77
C SER E 136 -79.64 35.05 26.57
N SER E 137 -79.51 34.07 25.66
CA SER E 137 -80.33 34.08 24.46
C SER E 137 -81.81 33.99 24.79
N LYS E 138 -82.17 33.11 25.72
CA LYS E 138 -83.56 32.94 26.13
C LYS E 138 -83.75 33.22 27.62
N SER E 139 -82.91 32.63 28.48
CA SER E 139 -83.02 32.80 29.91
C SER E 139 -82.10 33.92 30.38
N THR E 140 -82.62 34.78 31.25
CA THR E 140 -81.88 35.98 31.63
C THR E 140 -80.67 35.64 32.50
N SER E 141 -80.85 34.80 33.52
CA SER E 141 -79.81 34.53 34.50
C SER E 141 -79.61 33.03 34.64
N GLY E 142 -78.35 32.60 34.58
CA GLY E 142 -77.94 31.18 34.75
C GLY E 142 -76.60 31.06 35.53
N GLY E 143 -76.45 31.82 36.63
CA GLY E 143 -75.20 31.90 37.43
C GLY E 143 -74.18 32.75 36.61
N THR E 144 -73.31 32.12 35.77
CA THR E 144 -72.30 32.71 34.82
C THR E 144 -72.64 32.28 33.39
N ALA E 145 -72.55 33.18 32.42
CA ALA E 145 -72.82 32.90 31.02
C ALA E 145 -71.62 33.30 30.17
N ALA E 146 -71.49 32.67 29.01
CA ALA E 146 -70.41 33.02 28.10
C ALA E 146 -70.83 34.12 27.14
N LEU E 147 -69.91 35.03 26.88
CA LEU E 147 -70.11 36.17 26.00
C LEU E 147 -68.92 36.24 25.06
N GLY E 148 -69.18 36.41 23.76
CA GLY E 148 -68.17 36.16 22.76
C GLY E 148 -68.03 37.26 21.73
N CYS E 149 -66.96 37.12 20.94
CA CYS E 149 -66.69 38.02 19.83
C CYS E 149 -66.12 37.16 18.70
N LEU E 150 -66.75 37.25 17.52
CA LEU E 150 -66.38 36.45 16.36
C LEU E 150 -65.65 37.34 15.35
N VAL E 151 -64.49 36.89 14.92
CA VAL E 151 -63.69 37.56 13.90
C VAL E 151 -63.76 36.69 12.64
N LYS E 152 -64.04 37.30 11.50
CA LYS E 152 -64.30 36.51 10.30
C LYS E 152 -63.75 37.21 9.07
N ASP E 153 -63.52 36.42 8.02
CA ASP E 153 -63.20 36.96 6.70
C ASP E 153 -61.93 37.81 6.73
N TYR E 154 -60.86 37.22 7.26
CA TYR E 154 -59.56 37.87 7.31
C TYR E 154 -58.49 36.94 6.77
N PHE E 155 -57.47 37.53 6.15
CA PHE E 155 -56.31 36.80 5.67
C PHE E 155 -55.16 37.80 5.56
N PRO E 156 -53.93 37.42 5.94
CA PRO E 156 -53.55 36.14 6.55
C PRO E 156 -53.67 36.15 8.07
N GLU E 157 -53.33 35.04 8.70
CA GLU E 157 -53.19 35.02 10.15
C GLU E 157 -51.98 35.86 10.56
N PRO E 158 -51.93 36.30 11.82
CA PRO E 158 -52.89 36.11 12.89
C PRO E 158 -53.78 37.32 13.14
N VAL E 159 -54.79 37.15 13.99
CA VAL E 159 -55.54 38.26 14.56
C VAL E 159 -55.36 38.20 16.07
N THR E 160 -54.91 39.30 16.65
CA THR E 160 -54.61 39.35 18.08
C THR E 160 -55.80 39.98 18.80
N VAL E 161 -56.35 39.27 19.78
CA VAL E 161 -57.58 39.67 20.45
C VAL E 161 -57.32 39.84 21.94
N SER E 162 -58.11 40.71 22.55
CA SER E 162 -58.11 40.91 23.99
C SER E 162 -59.49 41.40 24.39
N TRP E 163 -59.80 41.29 25.68
CA TRP E 163 -61.09 41.67 26.22
C TRP E 163 -60.93 42.84 27.17
N ASN E 164 -61.70 43.90 26.94
CA ASN E 164 -61.66 45.09 27.78
C ASN E 164 -60.23 45.64 27.88
N SER E 165 -59.55 45.68 26.74
CA SER E 165 -58.19 46.18 26.66
C SER E 165 -57.24 45.38 27.54
N GLY E 166 -57.49 44.08 27.66
CA GLY E 166 -56.67 43.22 28.48
C GLY E 166 -57.00 43.23 29.96
N ALA E 167 -58.00 44.01 30.38
CA ALA E 167 -58.38 44.04 31.79
C ALA E 167 -59.14 42.77 32.19
N LEU E 168 -59.73 42.06 31.23
CA LEU E 168 -60.46 40.84 31.49
C LEU E 168 -59.64 39.66 30.98
N THR E 169 -59.28 38.76 31.89
CA THR E 169 -58.53 37.56 31.54
C THR E 169 -59.07 36.28 32.15
N SER E 170 -59.93 36.37 33.18
CA SER E 170 -60.47 35.17 33.79
C SER E 170 -61.44 34.47 32.84
N GLY E 171 -61.20 33.20 32.58
CA GLY E 171 -62.10 32.43 31.75
C GLY E 171 -62.08 32.80 30.28
N VAL E 172 -61.02 33.46 29.83
CA VAL E 172 -60.91 33.86 28.42
C VAL E 172 -60.38 32.68 27.62
N HIS E 173 -61.07 32.34 26.53
CA HIS E 173 -60.66 31.28 25.63
C HIS E 173 -60.81 31.76 24.20
N THR E 174 -59.73 31.65 23.43
CA THR E 174 -59.73 32.01 22.02
C THR E 174 -59.48 30.76 21.20
N PHE E 175 -60.45 30.38 20.38
CA PHE E 175 -60.33 29.17 19.57
C PHE E 175 -59.47 29.48 18.35
N PRO E 176 -58.36 28.78 18.14
CA PRO E 176 -57.55 29.04 16.94
C PRO E 176 -58.37 29.06 15.66
N ALA E 177 -57.84 29.73 14.64
CA ALA E 177 -58.64 30.09 13.48
C ALA E 177 -59.04 28.85 12.68
N VAL E 178 -60.07 29.04 11.84
CA VAL E 178 -60.57 28.02 10.93
C VAL E 178 -60.51 28.60 9.52
N LEU E 179 -59.97 27.82 8.58
CA LEU E 179 -59.93 28.23 7.19
C LEU E 179 -61.21 27.79 6.51
N GLN E 180 -61.93 28.75 5.94
CA GLN E 180 -63.20 28.47 5.27
C GLN E 180 -62.98 28.21 3.79
N SER E 181 -64.02 27.63 3.16
CA SER E 181 -63.94 27.33 1.74
C SER E 181 -63.74 28.58 0.90
N SER E 182 -64.09 29.76 1.43
CA SER E 182 -63.89 31.00 0.71
C SER E 182 -62.42 31.41 0.64
N GLY E 183 -61.54 30.72 1.36
CA GLY E 183 -60.14 31.09 1.43
C GLY E 183 -59.79 32.03 2.55
N LEU E 184 -60.77 32.48 3.33
CA LEU E 184 -60.54 33.41 4.42
C LEU E 184 -60.66 32.69 5.76
N TYR E 185 -60.02 33.27 6.77
CA TYR E 185 -59.98 32.69 8.10
C TYR E 185 -61.13 33.20 8.96
N SER E 186 -61.51 32.37 9.93
CA SER E 186 -62.47 32.76 10.95
C SER E 186 -61.96 32.27 12.31
N LEU E 187 -62.40 32.96 13.36
CA LEU E 187 -61.89 32.73 14.70
C LEU E 187 -62.93 33.22 15.70
N SER E 188 -62.98 32.55 16.85
CA SER E 188 -63.91 32.89 17.92
C SER E 188 -63.13 33.19 19.20
N SER E 189 -63.62 34.14 19.97
CA SER E 189 -63.08 34.42 21.30
C SER E 189 -64.26 34.54 22.26
N VAL E 190 -64.07 34.10 23.50
CA VAL E 190 -65.17 34.05 24.46
C VAL E 190 -64.64 34.22 25.87
N VAL E 191 -65.52 34.73 26.73
CA VAL E 191 -65.23 34.89 28.15
C VAL E 191 -66.46 34.43 28.93
N THR E 192 -66.24 34.14 30.21
CA THR E 192 -67.32 33.77 31.12
C THR E 192 -67.54 34.92 32.09
N VAL E 193 -68.78 35.41 32.16
CA VAL E 193 -69.09 36.60 32.94
C VAL E 193 -70.29 36.31 33.85
N PRO E 194 -70.37 36.93 35.02
CA PRO E 194 -71.55 36.73 35.87
C PRO E 194 -72.81 37.21 35.17
N SER E 195 -73.92 36.52 35.44
CA SER E 195 -75.18 36.85 34.79
C SER E 195 -75.65 38.26 35.15
N SER E 196 -75.51 38.65 36.42
CA SER E 196 -75.97 39.97 36.84
C SER E 196 -75.20 41.09 36.14
N SER E 197 -73.90 40.89 35.89
CA SER E 197 -73.09 41.94 35.30
C SER E 197 -73.62 42.38 33.95
N LEU E 198 -74.42 41.55 33.28
CA LEU E 198 -75.00 41.94 32.00
C LEU E 198 -75.79 43.24 32.13
N GLY E 199 -76.40 43.49 33.29
CA GLY E 199 -77.21 44.68 33.48
C GLY E 199 -76.47 45.93 33.86
N THR E 200 -75.18 45.83 34.21
CA THR E 200 -74.42 46.99 34.63
C THR E 200 -73.01 47.05 34.07
N GLN E 201 -72.57 46.08 33.29
CA GLN E 201 -71.19 46.04 32.79
C GLN E 201 -71.21 45.84 31.28
N THR E 202 -70.20 46.41 30.62
CA THR E 202 -70.04 46.32 29.18
C THR E 202 -68.77 45.54 28.87
N TYR E 203 -68.89 44.53 28.02
CA TYR E 203 -67.76 43.71 27.59
C TYR E 203 -67.48 43.97 26.13
N ILE E 204 -66.24 44.35 25.83
CA ILE E 204 -65.83 44.82 24.51
C ILE E 204 -64.61 44.04 24.07
N CYS E 205 -64.64 43.52 22.84
CA CYS E 205 -63.52 42.81 22.25
C CYS E 205 -62.69 43.79 21.42
N ASN E 206 -61.38 43.80 21.67
CA ASN E 206 -60.40 44.57 20.93
C ASN E 206 -59.57 43.60 20.08
N VAL E 207 -59.51 43.86 18.77
CA VAL E 207 -58.81 42.96 17.87
C VAL E 207 -57.95 43.78 16.91
N ASN E 208 -56.75 43.27 16.64
CA ASN E 208 -55.87 43.83 15.64
C ASN E 208 -55.52 42.76 14.61
N HIS E 209 -55.83 43.06 13.34
CA HIS E 209 -55.32 42.29 12.22
C HIS E 209 -54.04 42.98 11.75
N LYS E 210 -52.92 42.52 12.30
CA LYS E 210 -51.66 43.24 12.10
C LYS E 210 -51.20 43.31 10.65
N PRO E 211 -51.31 42.28 9.82
CA PRO E 211 -50.71 42.38 8.48
C PRO E 211 -51.29 43.52 7.66
N SER E 212 -52.49 43.99 8.00
CA SER E 212 -53.02 45.23 7.46
C SER E 212 -53.23 46.29 8.54
N ASN E 213 -52.92 45.98 9.79
CA ASN E 213 -53.08 46.91 10.91
C ASN E 213 -54.52 47.39 11.02
N THR E 214 -55.47 46.46 10.86
CA THR E 214 -56.88 46.78 10.98
C THR E 214 -57.28 46.63 12.45
N LYS E 215 -57.56 47.75 13.10
CA LYS E 215 -57.93 47.80 14.51
C LYS E 215 -59.45 47.88 14.62
N VAL E 216 -60.03 47.05 15.47
CA VAL E 216 -61.48 47.04 15.66
C VAL E 216 -61.83 46.88 17.13
N ASP E 217 -62.75 47.72 17.59
CA ASP E 217 -63.38 47.63 18.91
C ASP E 217 -64.84 47.27 18.70
N LYS E 218 -65.32 46.23 19.38
CA LYS E 218 -66.71 45.79 19.20
C LYS E 218 -67.30 45.37 20.54
N ARG E 219 -68.41 46.00 20.91
CA ARG E 219 -69.08 45.72 22.18
C ARG E 219 -70.04 44.55 22.03
N VAL E 220 -70.37 43.94 23.17
CA VAL E 220 -71.24 42.77 23.19
C VAL E 220 -72.20 42.90 24.38
N GLU E 221 -73.43 42.41 24.20
CA GLU E 221 -74.43 42.48 25.24
C GLU E 221 -75.52 41.46 24.94
N PRO E 222 -76.34 41.10 25.92
CA PRO E 222 -77.48 40.21 25.64
C PRO E 222 -78.45 40.84 24.65
N LYS E 223 -79.09 39.98 23.87
CA LYS E 223 -80.00 40.42 22.81
C LYS E 223 -79.27 41.31 21.81
N GLN F 3 4.74 -5.24 39.84
CA GLN F 3 6.18 -5.05 40.21
C GLN F 3 6.88 -4.16 39.19
N VAL F 4 6.80 -2.84 39.42
CA VAL F 4 7.50 -1.86 38.59
C VAL F 4 7.99 -0.76 39.50
N GLN F 5 9.23 -0.31 39.28
CA GLN F 5 9.79 0.71 40.15
C GLN F 5 10.96 1.41 39.46
N LEU F 6 11.25 2.60 39.96
CA LEU F 6 12.42 3.38 39.59
C LEU F 6 13.25 3.61 40.84
N GLN F 7 14.54 3.27 40.78
CA GLN F 7 15.45 3.48 41.91
C GLN F 7 16.64 4.30 41.43
N GLN F 8 16.95 5.35 42.18
CA GLN F 8 17.92 6.36 41.79
C GLN F 8 19.22 6.19 42.56
N SER F 9 20.18 7.04 42.22
CA SER F 9 21.46 7.04 42.90
C SER F 9 21.34 7.66 44.30
N GLY F 10 22.40 7.55 45.07
CA GLY F 10 22.44 8.11 46.40
C GLY F 10 22.70 9.60 46.38
N ALA F 11 22.82 10.16 47.58
CA ALA F 11 23.01 11.60 47.73
C ALA F 11 24.37 12.01 47.17
N GLU F 12 24.49 13.29 46.84
CA GLU F 12 25.69 13.84 46.24
C GLU F 12 26.07 15.14 46.95
N LEU F 13 27.37 15.35 47.11
CA LEU F 13 27.93 16.54 47.73
C LEU F 13 28.94 17.13 46.74
N MET F 14 28.55 18.20 46.06
CA MET F 14 29.31 18.74 44.96
C MET F 14 29.84 20.13 45.30
N GLN F 15 31.02 20.44 44.76
CA GLN F 15 31.55 21.79 44.83
C GLN F 15 30.94 22.65 43.72
N PRO F 16 30.85 23.96 43.91
CA PRO F 16 30.38 24.82 42.82
C PRO F 16 31.26 24.71 41.59
N GLY F 17 30.63 24.79 40.42
CA GLY F 17 31.35 24.69 39.16
C GLY F 17 31.63 23.28 38.70
N ALA F 18 31.19 22.27 39.43
CA ALA F 18 31.43 20.88 39.07
C ALA F 18 30.28 20.35 38.22
N SER F 19 30.26 19.05 37.98
CA SER F 19 29.18 18.39 37.26
C SER F 19 28.93 17.03 37.87
N VAL F 20 27.67 16.63 37.92
CA VAL F 20 27.27 15.37 38.55
C VAL F 20 26.26 14.66 37.67
N LYS F 21 26.40 13.35 37.54
CA LYS F 21 25.51 12.52 36.73
C LYS F 21 24.61 11.72 37.66
N LEU F 22 23.37 12.18 37.82
CA LEU F 22 22.36 11.42 38.53
C LEU F 22 21.85 10.28 37.65
N SER F 23 21.50 9.17 38.30
CA SER F 23 21.11 7.95 37.60
C SER F 23 19.76 7.47 38.10
N CYS F 24 19.09 6.70 37.25
CA CYS F 24 17.76 6.17 37.57
C CYS F 24 17.59 4.86 36.82
N LYS F 25 17.62 3.75 37.55
CA LYS F 25 17.36 2.45 36.97
C LYS F 25 15.87 2.14 37.07
N ALA F 26 15.34 1.51 36.04
CA ALA F 26 13.92 1.18 35.93
C ALA F 26 13.76 -0.33 35.79
N THR F 27 12.83 -0.90 36.54
CA THR F 27 12.56 -2.33 36.48
C THR F 27 11.07 -2.58 36.44
N GLY F 28 10.67 -3.63 35.75
CA GLY F 28 9.30 -4.07 35.70
C GLY F 28 8.55 -3.73 34.43
N TYR F 29 9.23 -3.22 33.40
CA TYR F 29 8.56 -2.87 32.16
C TYR F 29 9.60 -2.66 31.07
N THR F 30 9.11 -2.44 29.85
CA THR F 30 9.98 -2.13 28.72
C THR F 30 10.51 -0.71 28.85
N PHE F 31 11.76 -0.59 29.30
CA PHE F 31 12.33 0.72 29.59
C PHE F 31 12.38 1.60 28.35
N ALA F 32 12.47 0.99 27.16
CA ALA F 32 12.67 1.76 25.95
C ALA F 32 11.41 2.49 25.51
N GLY F 33 10.25 2.07 25.98
CA GLY F 33 9.00 2.58 25.44
C GLY F 33 8.40 3.77 26.17
N TYR F 34 8.72 3.92 27.45
CA TYR F 34 8.12 4.95 28.27
C TYR F 34 9.06 6.14 28.46
N TRP F 35 8.46 7.31 28.63
CA TRP F 35 9.23 8.50 28.96
C TRP F 35 9.77 8.42 30.38
N ILE F 36 11.01 8.84 30.56
CA ILE F 36 11.59 9.08 31.87
C ILE F 36 11.68 10.59 32.05
N GLU F 37 11.00 11.11 33.07
CA GLU F 37 10.84 12.55 33.26
C GLU F 37 11.54 12.97 34.54
N TRP F 38 12.34 14.01 34.45
CA TRP F 38 13.15 14.49 35.55
C TRP F 38 12.54 15.77 36.11
N VAL F 39 12.33 15.79 37.43
CA VAL F 39 11.67 16.86 38.15
C VAL F 39 12.60 17.33 39.27
N LYS F 40 12.58 18.64 39.53
CA LYS F 40 13.37 19.24 40.60
C LYS F 40 12.44 19.67 41.73
N GLN F 41 12.86 19.42 42.97
CA GLN F 41 12.12 19.84 44.15
C GLN F 41 13.09 20.47 45.14
N ARG F 42 12.69 21.59 45.73
CA ARG F 42 13.46 22.18 46.82
C ARG F 42 12.51 23.02 47.66
N PRO F 43 12.87 23.31 48.91
CA PRO F 43 11.91 23.94 49.82
C PRO F 43 11.37 25.25 49.26
N GLY F 44 10.07 25.47 49.45
CA GLY F 44 9.42 26.69 49.02
C GLY F 44 9.05 26.69 47.56
N HIS F 45 10.01 26.35 46.69
CA HIS F 45 9.75 26.36 45.25
C HIS F 45 8.86 25.19 44.84
N GLY F 46 8.98 24.06 45.53
CA GLY F 46 8.18 22.91 45.20
C GLY F 46 8.68 22.22 43.94
N LEU F 47 7.84 21.29 43.46
CA LEU F 47 8.19 20.51 42.28
C LEU F 47 8.38 21.42 41.07
N GLU F 48 9.46 21.17 40.33
CA GLU F 48 9.79 21.93 39.12
C GLU F 48 10.26 20.94 38.07
N TRP F 49 9.55 20.88 36.95
CA TRP F 49 9.80 19.88 35.93
C TRP F 49 11.04 20.26 35.12
N ILE F 50 12.06 19.41 35.16
CA ILE F 50 13.30 19.68 34.43
C ILE F 50 13.14 19.31 32.96
N GLY F 51 12.76 18.07 32.70
CA GLY F 51 12.68 17.63 31.32
C GLY F 51 12.26 16.18 31.23
N GLU F 52 12.50 15.59 30.05
CA GLU F 52 12.19 14.19 29.84
C GLU F 52 13.00 13.64 28.68
N ILE F 53 13.08 12.31 28.64
CA ILE F 53 13.77 11.59 27.59
C ILE F 53 13.01 10.30 27.29
N LEU F 54 12.86 9.98 26.02
CA LEU F 54 12.35 8.69 25.59
C LEU F 54 13.53 7.77 25.32
N PRO F 55 13.89 6.89 26.26
CA PRO F 55 15.18 6.19 26.15
C PRO F 55 15.36 5.39 24.87
N GLY F 56 14.31 4.72 24.39
CA GLY F 56 14.46 3.91 23.19
C GLY F 56 14.90 4.73 22.00
N ILE F 57 14.26 5.87 21.79
CA ILE F 57 14.65 6.76 20.71
C ILE F 57 15.82 7.63 21.11
N GLY F 58 15.91 7.97 22.39
CA GLY F 58 16.81 9.01 22.83
C GLY F 58 16.27 10.41 22.69
N SER F 59 15.03 10.55 22.22
CA SER F 59 14.40 11.86 22.08
C SER F 59 14.43 12.59 23.42
N THR F 60 15.20 13.67 23.48
CA THR F 60 15.33 14.48 24.69
C THR F 60 14.53 15.75 24.53
N ASN F 61 14.01 16.27 25.63
CA ASN F 61 13.16 17.45 25.57
C ASN F 61 13.19 18.14 26.93
N TYR F 62 13.65 19.40 26.94
CA TYR F 62 13.99 20.10 28.17
C TYR F 62 13.04 21.27 28.41
N ASN F 63 12.92 21.64 29.69
CA ASN F 63 12.34 22.92 30.04
C ASN F 63 13.32 24.04 29.69
N GLY F 64 12.78 25.19 29.31
CA GLY F 64 13.64 26.29 28.93
C GLY F 64 14.59 26.72 30.03
N LYS F 65 14.11 26.73 31.28
CA LYS F 65 14.93 27.15 32.40
C LYS F 65 16.10 26.21 32.63
N PHE F 66 16.05 24.98 32.11
CA PHE F 66 17.11 23.99 32.28
C PHE F 66 17.70 23.57 30.94
N LYS F 67 17.63 24.42 29.92
CA LYS F 67 18.10 24.03 28.60
C LYS F 67 19.58 23.68 28.63
N GLY F 68 20.40 24.55 29.23
CA GLY F 68 21.83 24.31 29.28
C GLY F 68 22.30 23.65 30.56
N LYS F 69 21.44 23.65 31.57
CA LYS F 69 21.83 23.10 32.87
C LYS F 69 21.87 21.57 32.84
N ALA F 70 20.89 20.95 32.21
CA ALA F 70 20.73 19.50 32.25
C ALA F 70 21.01 18.89 30.88
N THR F 71 21.23 17.56 30.90
CA THR F 71 21.49 16.82 29.67
C THR F 71 21.14 15.36 29.95
N PHE F 72 20.09 14.87 29.30
CA PHE F 72 19.64 13.51 29.53
C PHE F 72 20.38 12.52 28.64
N THR F 73 20.48 11.29 29.12
CA THR F 73 21.11 10.20 28.40
C THR F 73 20.46 8.90 28.86
N ALA F 74 20.59 7.85 28.07
CA ALA F 74 20.01 6.57 28.44
C ALA F 74 20.90 5.43 27.98
N ASP F 75 21.00 4.40 28.82
CA ASP F 75 21.64 3.13 28.50
C ASP F 75 20.54 2.09 28.57
N SER F 76 20.14 1.57 27.42
CA SER F 76 19.06 0.60 27.35
C SER F 76 19.49 -0.78 27.83
N SER F 77 20.79 -1.10 27.74
CA SER F 77 21.25 -2.40 28.20
C SER F 77 21.02 -2.59 29.70
N SER F 78 21.29 -1.55 30.49
CA SER F 78 21.06 -1.59 31.93
C SER F 78 19.77 -0.90 32.34
N ASN F 79 18.95 -0.48 31.39
CA ASN F 79 17.68 0.17 31.70
C ASN F 79 17.88 1.37 32.63
N THR F 80 18.90 2.17 32.34
CA THR F 80 19.31 3.25 33.24
C THR F 80 19.32 4.58 32.51
N ALA F 81 18.55 5.53 33.01
CA ALA F 81 18.58 6.90 32.52
C ALA F 81 19.56 7.72 33.37
N TYR F 82 20.10 8.77 32.76
CA TYR F 82 21.10 9.62 33.39
C TYR F 82 20.77 11.07 33.10
N MET F 83 21.08 11.93 34.07
CA MET F 83 20.95 13.38 33.91
C MET F 83 22.25 14.01 34.39
N GLU F 84 22.92 14.74 33.51
CA GLU F 84 24.20 15.36 33.82
C GLU F 84 23.97 16.83 34.14
N LEU F 85 23.91 17.16 35.43
CA LEU F 85 23.84 18.54 35.87
C LEU F 85 25.23 19.14 35.80
N SER F 86 25.36 20.23 35.05
CA SER F 86 26.66 20.82 34.74
C SER F 86 26.74 22.23 35.32
N SER F 87 27.96 22.62 35.71
CA SER F 87 28.22 23.94 36.27
C SER F 87 27.31 24.19 37.46
N LEU F 88 27.45 23.35 38.48
CA LEU F 88 26.59 23.42 39.65
C LEU F 88 26.78 24.75 40.38
N THR F 89 25.70 25.27 40.92
CA THR F 89 25.71 26.44 41.78
C THR F 89 24.83 26.18 42.99
N THR F 90 24.92 27.08 43.97
CA THR F 90 24.17 26.88 45.21
C THR F 90 22.68 26.70 44.95
N GLU F 91 22.16 27.33 43.89
CA GLU F 91 20.73 27.24 43.60
C GLU F 91 20.34 25.83 43.17
N ASP F 92 21.28 25.00 42.75
CA ASP F 92 20.97 23.65 42.29
C ASP F 92 20.79 22.67 43.44
N SER F 93 21.13 23.04 44.67
CA SER F 93 20.94 22.17 45.81
C SER F 93 19.46 21.79 45.93
N ALA F 94 19.14 20.52 45.73
CA ALA F 94 17.74 20.13 45.64
C ALA F 94 17.64 18.62 45.51
N ILE F 95 16.41 18.12 45.64
CA ILE F 95 16.11 16.72 45.38
C ILE F 95 15.66 16.61 43.93
N TYR F 96 16.07 15.54 43.26
CA TYR F 96 15.74 15.30 41.86
C TYR F 96 15.05 13.96 41.76
N TYR F 97 13.91 13.93 41.08
CA TYR F 97 13.12 12.72 40.90
C TYR F 97 13.09 12.31 39.43
N CYS F 98 13.27 11.02 39.19
CA CYS F 98 12.96 10.42 37.91
C CYS F 98 11.62 9.71 38.01
N ALA F 99 10.80 9.87 36.97
CA ALA F 99 9.44 9.35 37.01
C ALA F 99 9.08 8.70 35.69
N ARG F 100 8.29 7.64 35.77
CA ARG F 100 7.79 6.95 34.59
C ARG F 100 6.60 7.70 34.02
N SER F 101 6.52 7.76 32.70
CA SER F 101 5.40 8.44 32.06
C SER F 101 5.06 7.74 30.76
N GLY F 102 3.78 7.76 30.40
CA GLY F 102 3.33 7.14 29.18
C GLY F 102 1.86 7.38 28.97
N ALA F 103 1.36 6.89 27.83
CA ALA F 103 -0.05 7.07 27.49
C ALA F 103 -0.97 6.27 28.40
N GLN F 104 -0.44 5.31 29.15
CA GLN F 104 -1.28 4.53 30.04
C GLN F 104 -1.98 5.42 31.07
N ALA F 105 -1.24 6.37 31.64
CA ALA F 105 -1.78 7.33 32.59
C ALA F 105 -2.00 8.69 31.94
N THR F 106 -2.12 8.72 30.62
CA THR F 106 -2.25 9.97 29.88
C THR F 106 -1.11 10.92 30.21
N PHE F 107 0.08 10.34 30.35
CA PHE F 107 1.34 11.07 30.57
C PHE F 107 1.41 11.74 31.93
N ALA F 108 0.51 11.38 32.85
CA ALA F 108 0.75 11.68 34.25
C ALA F 108 1.68 10.64 34.85
N MET F 109 2.62 11.11 35.67
CA MET F 109 3.70 10.27 36.17
C MET F 109 3.12 9.28 37.19
N ASP F 110 2.95 8.03 36.75
CA ASP F 110 2.28 7.03 37.58
C ASP F 110 3.23 6.28 38.50
N TYR F 111 4.54 6.45 38.34
CA TYR F 111 5.52 5.90 39.27
C TYR F 111 6.71 6.84 39.35
N TRP F 112 7.33 6.88 40.53
CA TRP F 112 8.38 7.85 40.82
C TRP F 112 9.57 7.15 41.47
N GLY F 113 10.73 7.77 41.32
CA GLY F 113 11.90 7.33 42.07
C GLY F 113 11.84 7.83 43.51
N GLN F 114 12.81 7.41 44.30
CA GLN F 114 12.86 7.80 45.70
C GLN F 114 13.45 9.19 45.91
N GLY F 115 14.09 9.77 44.89
CA GLY F 115 14.60 11.11 45.00
C GLY F 115 16.06 11.16 45.41
N THR F 116 16.92 11.60 44.50
CA THR F 116 18.33 11.76 44.83
C THR F 116 18.61 13.21 45.23
N SER F 117 19.23 13.39 46.39
CA SER F 117 19.49 14.73 46.91
C SER F 117 20.89 15.18 46.50
N VAL F 118 20.99 16.44 46.09
CA VAL F 118 22.26 17.03 45.70
C VAL F 118 22.46 18.28 46.53
N THR F 119 23.61 18.39 47.18
CA THR F 119 23.98 19.55 47.98
C THR F 119 25.22 20.19 47.36
N VAL F 120 25.09 21.44 46.96
CA VAL F 120 26.18 22.21 46.37
C VAL F 120 26.63 23.23 47.40
N SER F 121 27.92 23.20 47.75
CA SER F 121 28.46 24.12 48.72
C SER F 121 29.98 24.04 48.69
N GLY F 122 30.63 25.19 48.79
CA GLY F 122 32.08 25.26 48.88
C GLY F 122 32.62 25.03 50.27
N ALA F 123 31.74 24.80 51.25
CA ALA F 123 32.19 24.59 52.62
C ALA F 123 32.94 23.28 52.74
N SER F 124 34.03 23.31 53.51
CA SER F 124 34.79 22.10 53.79
C SER F 124 34.11 21.30 54.90
N THR F 125 34.47 20.01 54.97
CA THR F 125 33.92 19.17 56.02
C THR F 125 34.34 19.69 57.38
N LYS F 126 33.38 19.74 58.33
CA LYS F 126 33.70 20.23 59.67
C LYS F 126 32.84 19.58 60.73
N GLY F 127 33.48 19.21 61.83
CA GLY F 127 32.81 18.71 63.00
C GLY F 127 32.11 19.81 63.77
N PRO F 128 31.02 19.46 64.46
CA PRO F 128 30.23 20.47 65.16
C PRO F 128 30.86 20.93 66.47
N SER F 129 30.45 22.12 66.88
CA SER F 129 30.60 22.59 68.25
C SER F 129 29.29 22.35 68.97
N VAL F 130 29.37 21.74 70.15
CA VAL F 130 28.18 21.26 70.88
C VAL F 130 28.12 22.02 72.19
N PHE F 131 26.97 22.66 72.45
CA PHE F 131 26.81 23.61 73.52
C PHE F 131 25.53 23.30 74.30
N PRO F 132 25.48 23.69 75.58
CA PRO F 132 24.28 23.40 76.39
C PRO F 132 23.26 24.54 76.37
N LEU F 133 21.99 24.21 76.65
CA LEU F 133 20.92 25.19 76.77
C LEU F 133 20.24 24.95 78.11
N ALA F 134 20.58 25.79 79.10
CA ALA F 134 20.20 25.63 80.49
C ALA F 134 18.72 25.97 80.70
N PRO F 135 18.02 25.23 81.55
CA PRO F 135 16.66 25.61 81.93
C PRO F 135 16.68 26.54 83.15
N SER F 136 15.49 26.92 83.58
CA SER F 136 15.31 27.78 84.75
C SER F 136 16.26 28.97 84.71
N SER F 137 16.12 29.77 83.66
CA SER F 137 16.99 30.92 83.47
C SER F 137 16.84 31.90 84.63
N LYS F 138 15.61 32.18 85.04
CA LYS F 138 15.34 33.10 86.15
C LYS F 138 14.58 32.42 87.27
N SER F 139 13.50 31.71 86.98
CA SER F 139 12.69 31.04 87.98
C SER F 139 13.14 29.59 88.12
N THR F 140 13.26 29.14 89.38
CA THR F 140 13.83 27.83 89.65
C THR F 140 12.89 26.71 89.20
N SER F 141 11.62 26.80 89.55
CA SER F 141 10.67 25.72 89.32
C SER F 141 9.43 26.26 88.61
N GLY F 142 9.03 25.56 87.55
CA GLY F 142 7.82 25.89 86.75
C GLY F 142 7.09 24.61 86.26
N GLY F 143 6.91 23.61 87.15
CA GLY F 143 6.35 22.29 86.82
C GLY F 143 7.41 21.48 86.02
N THR F 144 7.41 21.55 84.66
CA THR F 144 8.38 20.94 83.69
C THR F 144 9.03 22.06 82.87
N ALA F 145 10.35 21.98 82.63
CA ALA F 145 11.07 22.98 81.85
C ALA F 145 11.83 22.27 80.72
N ALA F 146 12.10 23.03 79.65
CA ALA F 146 12.86 22.47 78.54
C ALA F 146 14.35 22.68 78.74
N LEU F 147 15.12 21.67 78.37
CA LEU F 147 16.56 21.65 78.49
C LEU F 147 17.13 21.16 77.16
N GLY F 148 18.13 21.88 76.63
CA GLY F 148 18.50 21.71 75.24
C GLY F 148 19.99 21.53 75.02
N CYS F 149 20.31 21.18 73.77
CA CYS F 149 21.69 21.03 73.31
C CYS F 149 21.74 21.57 71.89
N LEU F 150 22.64 22.53 71.65
CA LEU F 150 22.77 23.17 70.35
C LEU F 150 24.03 22.67 69.65
N VAL F 151 23.87 22.22 68.41
CA VAL F 151 24.98 21.78 67.57
C VAL F 151 25.15 22.84 66.49
N LYS F 152 26.39 23.26 66.25
CA LYS F 152 26.61 24.39 65.37
C LYS F 152 27.90 24.21 64.57
N ASP F 153 27.97 24.91 63.44
CA ASP F 153 29.21 25.01 62.68
C ASP F 153 29.70 23.65 62.23
N TYR F 154 28.82 22.91 61.56
CA TYR F 154 29.15 21.60 61.00
C TYR F 154 28.70 21.52 59.55
N PHE F 155 29.46 20.76 58.76
CA PHE F 155 29.11 20.48 57.38
C PHE F 155 29.83 19.20 56.98
N PRO F 156 29.17 18.30 56.23
CA PRO F 156 27.79 18.38 55.77
C PRO F 156 26.81 17.76 56.77
N GLU F 157 25.52 17.77 56.41
CA GLU F 157 24.55 17.02 57.17
C GLU F 157 24.79 15.53 56.97
N PRO F 158 24.28 14.69 57.89
CA PRO F 158 23.51 15.01 59.10
C PRO F 158 24.35 14.94 60.38
N VAL F 159 23.75 15.38 61.48
CA VAL F 159 24.28 15.12 62.82
C VAL F 159 23.22 14.33 63.57
N THR F 160 23.61 13.17 64.10
CA THR F 160 22.69 12.27 64.78
C THR F 160 22.80 12.50 66.28
N VAL F 161 21.67 12.82 66.91
CA VAL F 161 21.64 13.22 68.31
C VAL F 161 20.76 12.27 69.11
N SER F 162 21.10 12.13 70.38
CA SER F 162 20.29 11.38 71.34
C SER F 162 20.52 11.97 72.71
N TRP F 163 19.62 11.67 73.64
CA TRP F 163 19.68 12.18 75.00
C TRP F 163 19.90 11.03 75.98
N ASN F 164 20.92 11.18 76.82
CA ASN F 164 21.24 10.17 77.83
C ASN F 164 21.46 8.81 77.16
N SER F 165 22.18 8.80 76.05
CA SER F 165 22.48 7.58 75.31
C SER F 165 21.21 6.88 74.86
N GLY F 166 20.18 7.66 74.51
CA GLY F 166 18.91 7.10 74.07
C GLY F 166 17.99 6.66 75.18
N ALA F 167 18.39 6.81 76.45
CA ALA F 167 17.52 6.45 77.55
C ALA F 167 16.38 7.44 77.74
N LEU F 168 16.54 8.67 77.25
CA LEU F 168 15.52 9.71 77.36
C LEU F 168 14.91 9.92 75.98
N THR F 169 13.60 9.69 75.89
CA THR F 169 12.86 9.89 74.64
C THR F 169 11.55 10.64 74.81
N SER F 170 11.02 10.76 76.03
CA SER F 170 9.77 11.49 76.23
C SER F 170 9.98 12.97 76.01
N GLY F 171 9.17 13.55 75.13
CA GLY F 171 9.24 14.99 74.89
C GLY F 171 10.48 15.45 74.16
N VAL F 172 11.16 14.55 73.47
CA VAL F 172 12.38 14.92 72.74
C VAL F 172 11.97 15.48 71.39
N HIS F 173 12.51 16.65 71.06
CA HIS F 173 12.27 17.29 69.78
C HIS F 173 13.58 17.83 69.22
N THR F 174 13.91 17.43 68.00
CA THR F 174 15.11 17.90 67.32
C THR F 174 14.68 18.71 66.10
N PHE F 175 15.02 19.99 66.10
CA PHE F 175 14.65 20.88 65.01
C PHE F 175 15.60 20.65 63.84
N PRO F 176 15.11 20.28 62.65
CA PRO F 176 16.01 20.10 61.51
C PRO F 176 16.96 21.27 61.31
N ALA F 177 18.07 21.03 60.64
CA ALA F 177 19.18 21.97 60.64
C ALA F 177 18.83 23.25 59.88
N VAL F 178 19.61 24.29 60.16
CA VAL F 178 19.51 25.58 59.49
C VAL F 178 20.85 25.90 58.86
N LEU F 179 20.84 26.31 57.61
CA LEU F 179 22.06 26.72 56.92
C LEU F 179 22.30 28.20 57.19
N GLN F 180 23.47 28.51 57.74
CA GLN F 180 23.81 29.89 58.08
C GLN F 180 24.57 30.55 56.93
N SER F 181 24.66 31.88 56.99
CA SER F 181 25.36 32.62 55.96
C SER F 181 26.84 32.24 55.88
N SER F 182 27.38 31.67 56.95
CA SER F 182 28.78 31.22 56.94
C SER F 182 28.98 29.97 56.09
N GLY F 183 27.91 29.34 55.63
CA GLY F 183 28.01 28.10 54.89
C GLY F 183 27.95 26.85 55.73
N LEU F 184 27.86 27.00 57.06
CA LEU F 184 27.82 25.87 57.98
C LEU F 184 26.40 25.69 58.53
N TYR F 185 26.11 24.47 58.95
CA TYR F 185 24.80 24.13 59.47
C TYR F 185 24.72 24.32 60.99
N SER F 186 23.50 24.57 61.45
CA SER F 186 23.20 24.61 62.88
C SER F 186 21.91 23.86 63.13
N LEU F 187 21.76 23.37 64.36
CA LEU F 187 20.67 22.49 64.71
C LEU F 187 20.46 22.55 66.23
N SER F 188 19.21 22.38 66.65
CA SER F 188 18.86 22.42 68.06
C SER F 188 18.15 21.12 68.43
N SER F 189 18.41 20.64 69.65
CA SER F 189 17.70 19.50 70.20
C SER F 189 17.27 19.87 71.60
N VAL F 190 16.10 19.38 72.02
CA VAL F 190 15.53 19.77 73.31
C VAL F 190 14.69 18.65 73.88
N VAL F 191 14.57 18.65 75.21
CA VAL F 191 13.74 17.71 75.94
C VAL F 191 12.99 18.48 77.01
N THR F 192 11.91 17.88 77.51
CA THR F 192 11.14 18.44 78.61
C THR F 192 11.38 17.59 79.85
N VAL F 193 11.81 18.22 80.93
CA VAL F 193 12.23 17.50 82.13
C VAL F 193 11.52 18.12 83.34
N PRO F 194 11.22 17.33 84.38
CA PRO F 194 10.63 17.91 85.59
C PRO F 194 11.56 18.92 86.23
N SER F 195 10.97 19.95 86.83
CA SER F 195 11.77 21.01 87.42
C SER F 195 12.62 20.50 88.58
N SER F 196 12.07 19.62 89.41
CA SER F 196 12.82 19.11 90.55
C SER F 196 14.05 18.30 90.12
N SER F 197 13.93 17.56 89.02
CA SER F 197 15.02 16.71 88.57
C SER F 197 16.30 17.50 88.31
N LEU F 198 16.19 18.81 88.09
CA LEU F 198 17.38 19.63 87.90
C LEU F 198 18.35 19.51 89.07
N GLY F 199 17.83 19.29 90.28
CA GLY F 199 18.67 19.22 91.46
C GLY F 199 19.29 17.87 91.74
N THR F 200 18.85 16.82 91.05
CA THR F 200 19.37 15.48 91.29
C THR F 200 19.65 14.66 90.05
N GLN F 201 19.39 15.19 88.85
CA GLN F 201 19.57 14.43 87.62
C GLN F 201 20.41 15.23 86.64
N THR F 202 21.18 14.51 85.82
CA THR F 202 22.04 15.09 84.81
C THR F 202 21.55 14.68 83.43
N TYR F 203 21.36 15.67 82.56
CA TYR F 203 20.92 15.43 81.19
C TYR F 203 22.06 15.77 80.24
N ILE F 204 22.42 14.81 79.39
CA ILE F 204 23.60 14.88 78.54
C ILE F 204 23.19 14.56 77.11
N CYS F 205 23.62 15.40 76.18
CA CYS F 205 23.37 15.20 74.76
C CYS F 205 24.57 14.49 74.13
N ASN F 206 24.27 13.40 73.42
CA ASN F 206 25.25 12.64 72.65
C ASN F 206 25.02 12.91 71.18
N VAL F 207 26.06 13.33 70.47
CA VAL F 207 25.92 13.67 69.05
C VAL F 207 27.08 13.07 68.27
N ASN F 208 26.76 12.57 67.08
CA ASN F 208 27.77 12.09 66.14
C ASN F 208 27.61 12.85 64.83
N HIS F 209 28.69 13.50 64.40
CA HIS F 209 28.81 14.03 63.05
C HIS F 209 29.51 12.96 62.23
N LYS F 210 28.71 12.11 61.60
CA LYS F 210 29.25 10.91 60.95
C LYS F 210 30.21 11.20 59.81
N PRO F 211 29.99 12.18 58.93
CA PRO F 211 30.90 12.30 57.77
C PRO F 211 32.35 12.54 58.17
N SER F 212 32.59 13.02 59.39
CA SER F 212 33.92 13.05 59.97
C SER F 212 34.02 12.18 61.22
N ASN F 213 32.93 11.53 61.63
CA ASN F 213 32.90 10.68 62.81
C ASN F 213 33.33 11.45 64.06
N THR F 214 32.84 12.68 64.18
CA THR F 214 33.13 13.51 65.34
C THR F 214 32.08 13.19 66.41
N LYS F 215 32.52 12.56 67.49
CA LYS F 215 31.66 12.16 68.59
C LYS F 215 31.79 13.19 69.71
N VAL F 216 30.66 13.64 70.24
CA VAL F 216 30.68 14.62 71.33
C VAL F 216 29.62 14.28 72.37
N ASP F 217 30.03 14.34 73.63
CA ASP F 217 29.16 14.25 74.80
C ASP F 217 29.17 15.59 75.49
N LYS F 218 27.98 16.15 75.77
CA LYS F 218 27.90 17.47 76.39
C LYS F 218 26.77 17.51 77.40
N ARG F 219 27.10 17.84 78.64
CA ARG F 219 26.12 17.89 79.72
C ARG F 219 25.43 19.25 79.76
N VAL F 220 24.26 19.28 80.39
CA VAL F 220 23.45 20.48 80.48
C VAL F 220 22.87 20.59 81.88
N GLU F 221 22.73 21.81 82.38
CA GLU F 221 22.19 22.04 83.72
C GLU F 221 21.72 23.49 83.80
N PRO F 222 20.89 23.82 84.78
CA PRO F 222 20.52 25.23 84.99
C PRO F 222 21.74 26.08 85.32
N LYS F 223 21.68 27.34 84.91
CA LYS F 223 22.78 28.28 85.08
C LYS F 223 24.04 27.75 84.38
N ASP G 3 2.14 -30.87 27.28
CA ASP G 3 0.87 -31.53 27.69
C ASP G 3 0.55 -31.21 29.14
N VAL G 4 -0.46 -30.37 29.35
CA VAL G 4 -0.82 -29.88 30.67
C VAL G 4 -1.80 -30.87 31.29
N GLN G 5 -1.32 -31.68 32.22
CA GLN G 5 -2.22 -32.50 33.03
C GLN G 5 -2.84 -31.66 34.13
N MET G 6 -3.92 -32.17 34.72
CA MET G 6 -4.71 -31.39 35.66
C MET G 6 -5.22 -32.26 36.80
N THR G 7 -5.71 -31.57 37.83
CA THR G 7 -6.47 -32.20 38.90
C THR G 7 -7.54 -31.22 39.36
N GLN G 8 -8.79 -31.67 39.33
CA GLN G 8 -9.94 -30.89 39.77
C GLN G 8 -10.45 -31.48 41.07
N SER G 9 -10.59 -30.65 42.09
CA SER G 9 -10.92 -31.11 43.42
C SER G 9 -12.09 -30.32 43.99
N PRO G 10 -12.87 -30.92 44.91
CA PRO G 10 -12.81 -32.35 45.22
C PRO G 10 -13.47 -33.18 44.14
N SER G 11 -13.01 -34.42 43.95
CA SER G 11 -13.67 -35.30 42.98
C SER G 11 -15.12 -35.54 43.35
N TYR G 12 -15.46 -35.36 44.63
CA TYR G 12 -16.85 -35.56 45.12
C TYR G 12 -17.23 -34.40 46.06
N LEU G 13 -18.31 -33.69 45.72
CA LEU G 13 -18.77 -32.57 46.54
C LEU G 13 -20.20 -32.84 46.98
N ALA G 14 -20.43 -32.78 48.29
CA ALA G 14 -21.74 -33.00 48.89
C ALA G 14 -22.24 -31.67 49.42
N ALA G 15 -23.44 -31.26 48.99
CA ALA G 15 -23.98 -29.96 49.34
C ALA G 15 -25.50 -30.04 49.39
N SER G 16 -26.11 -28.93 49.75
CA SER G 16 -27.56 -28.80 49.81
C SER G 16 -27.96 -27.48 49.16
N PRO G 17 -29.19 -27.38 48.65
CA PRO G 17 -29.59 -26.16 47.96
C PRO G 17 -29.56 -24.95 48.88
N GLY G 18 -29.22 -23.80 48.30
CA GLY G 18 -29.25 -22.53 48.98
C GLY G 18 -27.91 -22.04 49.49
N GLU G 19 -26.92 -22.92 49.60
CA GLU G 19 -25.62 -22.55 50.14
C GLU G 19 -24.66 -22.15 49.02
N THR G 20 -23.47 -21.68 49.42
CA THR G 20 -22.44 -21.24 48.49
C THR G 20 -21.23 -22.15 48.64
N ILE G 21 -20.58 -22.44 47.51
CA ILE G 21 -19.49 -23.42 47.44
C ILE G 21 -18.45 -22.96 46.43
N THR G 22 -17.28 -23.59 46.50
CA THR G 22 -16.19 -23.34 45.58
C THR G 22 -15.60 -24.67 45.13
N ILE G 23 -15.18 -24.74 43.88
CA ILE G 23 -14.59 -25.93 43.28
C ILE G 23 -13.22 -25.55 42.72
N ASN G 24 -12.20 -26.32 43.05
CA ASN G 24 -10.82 -25.99 42.75
C ASN G 24 -10.34 -26.75 41.51
N CYS G 25 -9.48 -26.11 40.73
CA CYS G 25 -8.82 -26.74 39.59
C CYS G 25 -7.36 -26.33 39.60
N ARG G 26 -6.48 -27.29 39.34
CA ARG G 26 -5.04 -27.03 39.34
C ARG G 26 -4.41 -27.66 38.11
N ALA G 27 -3.52 -26.90 37.47
CA ALA G 27 -2.83 -27.33 36.27
C ALA G 27 -1.41 -27.79 36.61
N SER G 28 -0.85 -28.63 35.73
CA SER G 28 0.52 -29.08 35.93
C SER G 28 1.49 -27.91 35.85
N LYS G 29 1.24 -26.96 34.94
CA LYS G 29 2.09 -25.78 34.81
C LYS G 29 1.20 -24.59 34.48
N SER G 30 1.84 -23.42 34.34
CA SER G 30 1.10 -22.18 34.14
C SER G 30 0.29 -22.22 32.85
N ILE G 31 -0.94 -21.73 32.95
CA ILE G 31 -1.81 -21.53 31.80
C ILE G 31 -2.33 -20.09 31.74
N SER G 32 -1.62 -19.17 32.39
CA SER G 32 -2.01 -17.77 32.44
C SER G 32 -3.43 -17.63 32.95
N LYS G 33 -4.32 -17.02 32.15
CA LYS G 33 -5.69 -16.77 32.56
C LYS G 33 -6.71 -17.65 31.86
N PHE G 34 -6.26 -18.58 31.00
CA PHE G 34 -7.16 -19.26 30.09
C PHE G 34 -7.62 -20.58 30.72
N LEU G 35 -8.73 -20.49 31.44
CA LEU G 35 -9.44 -21.66 31.94
C LEU G 35 -10.93 -21.45 31.74
N ALA G 36 -11.65 -22.54 31.53
CA ALA G 36 -13.07 -22.53 31.30
C ALA G 36 -13.75 -23.58 32.16
N TRP G 37 -14.96 -23.27 32.58
CA TRP G 37 -15.76 -24.15 33.43
C TRP G 37 -17.04 -24.53 32.70
N TYR G 38 -17.27 -25.84 32.59
CA TYR G 38 -18.39 -26.42 31.85
C TYR G 38 -19.26 -27.24 32.77
N GLN G 39 -20.55 -27.32 32.42
CA GLN G 39 -21.53 -28.11 33.14
C GLN G 39 -22.04 -29.23 32.25
N GLU G 40 -22.08 -30.44 32.80
CA GLU G 40 -22.65 -31.62 32.15
C GLU G 40 -23.76 -32.17 33.02
N LYS G 41 -24.94 -32.35 32.42
CA LYS G 41 -26.05 -33.03 33.08
C LYS G 41 -26.71 -33.94 32.05
N PRO G 42 -27.29 -35.05 32.50
CA PRO G 42 -27.84 -36.01 31.54
C PRO G 42 -29.04 -35.44 30.79
N GLY G 43 -29.21 -35.91 29.55
CA GLY G 43 -30.37 -35.59 28.76
C GLY G 43 -30.25 -34.40 27.84
N LYS G 44 -29.16 -33.64 27.91
CA LYS G 44 -28.98 -32.52 27.01
C LYS G 44 -27.52 -32.12 26.96
N THR G 45 -27.23 -31.11 26.15
CA THR G 45 -25.85 -30.77 25.81
C THR G 45 -25.11 -30.20 27.01
N ASN G 46 -23.79 -30.38 27.00
CA ASN G 46 -22.93 -29.70 27.96
C ASN G 46 -22.98 -28.20 27.72
N LYS G 47 -22.77 -27.44 28.80
CA LYS G 47 -22.96 -26.00 28.78
C LYS G 47 -21.71 -25.30 29.28
N LEU G 48 -21.36 -24.19 28.62
CA LEU G 48 -20.22 -23.39 29.03
C LEU G 48 -20.65 -22.42 30.11
N LEU G 49 -20.02 -22.51 31.28
CA LEU G 49 -20.33 -21.61 32.39
C LEU G 49 -19.39 -20.40 32.36
N ILE G 50 -18.08 -20.66 32.43
CA ILE G 50 -17.09 -19.59 32.52
C ILE G 50 -16.02 -19.83 31.47
N TYR G 51 -15.41 -18.76 31.00
CA TYR G 51 -14.27 -18.85 30.08
C TYR G 51 -13.27 -17.76 30.42
N SER G 52 -12.02 -18.02 30.05
CA SER G 52 -10.90 -17.13 30.36
C SER G 52 -10.75 -16.94 31.86
N GLY G 53 -11.14 -17.96 32.63
CA GLY G 53 -10.94 -17.94 34.06
C GLY G 53 -12.01 -17.20 34.84
N SER G 54 -12.33 -15.97 34.42
CA SER G 54 -13.19 -15.10 35.20
C SER G 54 -14.26 -14.37 34.40
N THR G 55 -14.45 -14.70 33.13
CA THR G 55 -15.46 -14.04 32.31
C THR G 55 -16.71 -14.91 32.27
N LEU G 56 -17.85 -14.29 32.55
CA LEU G 56 -19.12 -15.03 32.61
C LEU G 56 -19.70 -15.16 31.21
N GLN G 57 -20.07 -16.39 30.84
CA GLN G 57 -20.69 -16.62 29.54
C GLN G 57 -22.09 -16.03 29.52
N SER G 58 -22.49 -15.53 28.36
CA SER G 58 -23.80 -14.89 28.24
C SER G 58 -24.91 -15.90 28.49
N GLY G 59 -25.97 -15.44 29.15
CA GLY G 59 -27.10 -16.28 29.49
C GLY G 59 -26.95 -17.08 30.76
N ILE G 60 -25.73 -17.22 31.26
CA ILE G 60 -25.52 -17.96 32.52
C ILE G 60 -25.91 -17.06 33.69
N PRO G 61 -26.61 -17.58 34.70
CA PRO G 61 -26.88 -16.76 35.89
C PRO G 61 -25.58 -16.33 36.56
N SER G 62 -25.62 -15.13 37.16
CA SER G 62 -24.42 -14.55 37.76
C SER G 62 -23.95 -15.31 39.00
N ARG G 63 -24.76 -16.24 39.52
CA ARG G 63 -24.35 -16.99 40.70
C ARG G 63 -23.13 -17.86 40.43
N PHE G 64 -22.79 -18.08 39.17
CA PHE G 64 -21.52 -18.71 38.80
C PHE G 64 -20.48 -17.62 38.58
N SER G 65 -19.32 -17.75 39.23
CA SER G 65 -18.27 -16.75 39.05
C SER G 65 -16.91 -17.39 39.29
N GLY G 66 -15.99 -17.19 38.34
CA GLY G 66 -14.68 -17.80 38.40
C GLY G 66 -13.62 -16.85 38.92
N SER G 67 -12.49 -17.44 39.32
CA SER G 67 -11.35 -16.67 39.79
C SER G 67 -10.10 -17.53 39.63
N GLY G 68 -8.95 -16.88 39.69
CA GLY G 68 -7.67 -17.57 39.68
C GLY G 68 -6.80 -17.10 38.54
N SER G 69 -5.63 -17.73 38.45
CA SER G 69 -4.65 -17.42 37.41
C SER G 69 -3.52 -18.45 37.51
N GLY G 70 -2.57 -18.33 36.59
CA GLY G 70 -1.40 -19.17 36.59
C GLY G 70 -1.74 -20.64 36.65
N THR G 71 -1.46 -21.27 37.79
CA THR G 71 -1.69 -22.70 37.97
C THR G 71 -2.86 -23.02 38.89
N ASP G 72 -3.46 -22.02 39.53
CA ASP G 72 -4.53 -22.23 40.50
C ASP G 72 -5.78 -21.51 40.06
N PHE G 73 -6.92 -22.23 40.01
CA PHE G 73 -8.17 -21.64 39.59
C PHE G 73 -9.30 -22.18 40.46
N THR G 74 -10.38 -21.42 40.54
CA THR G 74 -11.54 -21.81 41.32
C THR G 74 -12.80 -21.27 40.66
N LEU G 75 -13.90 -21.95 40.93
CA LEU G 75 -15.22 -21.51 40.50
C LEU G 75 -16.15 -21.48 41.71
N THR G 76 -16.76 -20.32 41.94
CA THR G 76 -17.72 -20.14 43.02
C THR G 76 -19.12 -20.30 42.47
N ILE G 77 -19.88 -21.20 43.09
CA ILE G 77 -21.29 -21.40 42.79
C ILE G 77 -22.05 -20.96 44.02
N SER G 78 -22.90 -19.95 43.88
CA SER G 78 -23.55 -19.30 45.01
C SER G 78 -25.05 -19.58 44.99
N SER G 79 -25.62 -19.77 46.18
CA SER G 79 -27.06 -19.95 46.34
C SER G 79 -27.56 -21.09 45.45
N LEU G 80 -27.09 -22.30 45.76
CA LEU G 80 -27.36 -23.47 44.94
C LEU G 80 -28.84 -23.66 44.65
N GLU G 81 -29.22 -23.53 43.38
CA GLU G 81 -30.53 -23.96 42.94
C GLU G 81 -30.54 -25.47 42.82
N PRO G 82 -31.73 -26.09 42.89
CA PRO G 82 -31.80 -27.55 42.71
C PRO G 82 -31.30 -28.00 41.35
N GLU G 83 -31.38 -27.15 40.32
CA GLU G 83 -30.89 -27.52 39.00
C GLU G 83 -29.37 -27.52 38.91
N ASP G 84 -28.69 -26.79 39.80
CA ASP G 84 -27.25 -26.63 39.73
C ASP G 84 -26.50 -27.90 40.12
N PHE G 85 -27.21 -28.88 40.68
CA PHE G 85 -26.60 -30.15 41.13
C PHE G 85 -26.27 -31.02 39.92
N ALA G 86 -25.18 -30.67 39.21
CA ALA G 86 -24.77 -31.44 38.04
C ALA G 86 -23.26 -31.69 38.09
N MET G 87 -22.71 -32.21 36.99
CA MET G 87 -21.28 -32.49 36.91
C MET G 87 -20.58 -31.28 36.31
N TYR G 88 -19.35 -31.02 36.75
CA TYR G 88 -18.62 -29.83 36.33
C TYR G 88 -17.19 -30.19 35.95
N TYR G 89 -16.69 -29.53 34.90
CA TYR G 89 -15.34 -29.75 34.42
C TYR G 89 -14.61 -28.42 34.24
N CYS G 90 -13.28 -28.48 34.40
CA CYS G 90 -12.40 -27.36 34.13
C CYS G 90 -11.46 -27.73 32.99
N GLN G 91 -11.24 -26.78 32.08
CA GLN G 91 -10.46 -27.02 30.86
C GLN G 91 -9.53 -25.85 30.61
N GLN G 92 -8.30 -26.14 30.22
CA GLN G 92 -7.38 -25.10 29.78
C GLN G 92 -7.44 -24.93 28.28
N HIS G 93 -7.31 -23.68 27.82
CA HIS G 93 -7.15 -23.39 26.41
C HIS G 93 -5.96 -22.45 26.17
N ASN G 94 -4.96 -22.49 27.05
CA ASN G 94 -3.71 -21.76 26.82
C ASN G 94 -2.76 -22.58 25.95
N GLU G 95 -2.33 -23.73 26.46
CA GLU G 95 -1.48 -24.61 25.67
C GLU G 95 -2.37 -25.49 24.80
N TYR G 96 -1.89 -25.80 23.59
CA TYR G 96 -2.81 -26.23 22.54
C TYR G 96 -3.58 -27.49 22.88
N PRO G 97 -2.95 -28.58 23.32
CA PRO G 97 -3.71 -29.82 23.53
C PRO G 97 -4.67 -29.69 24.69
N TYR G 98 -5.82 -29.07 24.42
CA TYR G 98 -6.83 -28.83 25.43
C TYR G 98 -7.02 -30.06 26.31
N THR G 99 -7.00 -29.85 27.62
CA THR G 99 -7.13 -30.93 28.59
C THR G 99 -8.20 -30.57 29.60
N PHE G 100 -9.01 -31.56 29.95
CA PHE G 100 -10.09 -31.40 30.91
C PHE G 100 -9.73 -32.08 32.22
N GLY G 101 -10.25 -31.52 33.32
CA GLY G 101 -10.15 -32.19 34.59
C GLY G 101 -11.06 -33.40 34.65
N ALA G 102 -10.78 -34.28 35.61
CA ALA G 102 -11.58 -35.49 35.74
C ALA G 102 -13.03 -35.18 36.11
N GLY G 103 -13.31 -33.97 36.58
CA GLY G 103 -14.66 -33.55 36.86
C GLY G 103 -15.06 -33.79 38.30
N THR G 104 -16.15 -33.14 38.69
CA THR G 104 -16.69 -33.23 40.04
C THR G 104 -18.20 -33.46 39.97
N LYS G 105 -18.70 -34.22 40.95
CA LYS G 105 -20.15 -34.54 41.08
C LYS G 105 -20.73 -33.71 42.22
N LEU G 106 -21.82 -32.99 41.94
CA LEU G 106 -22.44 -32.12 42.93
C LEU G 106 -23.84 -32.64 43.21
N GLU G 107 -24.07 -33.02 44.48
CA GLU G 107 -25.37 -33.63 44.87
C GLU G 107 -26.20 -32.61 45.67
N LEU G 108 -27.35 -33.08 46.17
CA LEU G 108 -28.27 -32.20 46.94
C LEU G 108 -28.95 -33.00 48.05
N LYS G 109 -29.48 -32.28 49.04
CA LYS G 109 -30.19 -32.82 50.20
C LYS G 109 -29.29 -33.79 50.97
N ARG G 110 -28.21 -33.22 51.50
CA ARG G 110 -27.08 -33.95 52.03
C ARG G 110 -27.37 -34.36 53.47
N THR G 111 -27.94 -35.55 53.64
CA THR G 111 -28.17 -36.17 54.94
C THR G 111 -27.61 -37.59 54.93
N VAL G 112 -27.68 -38.25 56.09
CA VAL G 112 -27.12 -39.58 56.26
C VAL G 112 -28.25 -40.59 56.33
N ALA G 113 -27.99 -41.79 55.80
CA ALA G 113 -28.96 -42.87 55.81
C ALA G 113 -28.22 -44.18 55.66
N ALA G 114 -28.74 -45.23 56.33
CA ALA G 114 -28.06 -46.52 56.34
C ALA G 114 -28.62 -47.44 55.25
N PRO G 115 -27.81 -48.38 54.77
CA PRO G 115 -28.29 -49.31 53.74
C PRO G 115 -29.21 -50.37 54.31
N SER G 116 -29.95 -51.00 53.40
CA SER G 116 -30.62 -52.27 53.67
C SER G 116 -29.89 -53.36 52.90
N VAL G 117 -29.40 -54.36 53.63
CA VAL G 117 -28.44 -55.32 53.08
C VAL G 117 -29.10 -56.68 52.98
N PHE G 118 -29.13 -57.23 51.76
CA PHE G 118 -29.79 -58.49 51.46
C PHE G 118 -28.83 -59.37 50.68
N ILE G 119 -29.13 -60.67 50.67
CA ILE G 119 -28.36 -61.66 49.93
C ILE G 119 -29.32 -62.65 49.30
N PHE G 120 -29.02 -63.10 48.09
CA PHE G 120 -29.92 -63.99 47.39
C PHE G 120 -29.18 -65.21 46.86
N PRO G 121 -29.86 -66.34 46.73
CA PRO G 121 -29.22 -67.53 46.16
C PRO G 121 -29.37 -67.54 44.64
N PRO G 122 -28.52 -68.29 43.94
CA PRO G 122 -28.75 -68.51 42.51
C PRO G 122 -29.85 -69.54 42.30
N SER G 123 -30.94 -69.12 41.67
CA SER G 123 -32.06 -70.02 41.45
C SER G 123 -31.62 -71.25 40.67
N ASP G 124 -32.42 -72.32 40.74
CA ASP G 124 -32.03 -73.59 40.14
C ASP G 124 -31.75 -73.45 38.65
N GLU G 125 -32.45 -72.53 37.98
CA GLU G 125 -32.18 -72.32 36.56
C GLU G 125 -30.82 -71.66 36.33
N GLN G 126 -30.25 -71.01 37.35
CA GLN G 126 -28.84 -70.61 37.27
C GLN G 126 -27.95 -71.84 37.37
N LEU G 127 -28.26 -72.74 38.29
CA LEU G 127 -27.39 -73.88 38.57
C LEU G 127 -27.40 -74.91 37.46
N LYS G 128 -28.50 -75.02 36.71
CA LYS G 128 -28.50 -75.95 35.59
C LYS G 128 -27.56 -75.53 34.47
N SER G 129 -27.07 -74.28 34.49
CA SER G 129 -26.04 -73.85 33.56
C SER G 129 -24.66 -74.40 33.92
N GLY G 130 -24.53 -75.07 35.06
CA GLY G 130 -23.25 -75.55 35.53
C GLY G 130 -22.46 -74.53 36.33
N THR G 131 -22.97 -73.32 36.49
CA THR G 131 -22.28 -72.27 37.24
C THR G 131 -23.26 -71.63 38.22
N ALA G 132 -22.78 -71.36 39.42
CA ALA G 132 -23.55 -70.69 40.46
C ALA G 132 -23.06 -69.27 40.62
N SER G 133 -24.00 -68.32 40.64
CA SER G 133 -23.68 -66.90 40.78
C SER G 133 -24.53 -66.31 41.89
N VAL G 134 -23.90 -66.10 43.05
CA VAL G 134 -24.58 -65.51 44.20
C VAL G 134 -24.60 -63.99 44.04
N VAL G 135 -25.68 -63.38 44.53
CA VAL G 135 -25.91 -61.95 44.42
C VAL G 135 -26.06 -61.36 45.82
N CYS G 136 -25.40 -60.22 46.05
CA CYS G 136 -25.50 -59.46 47.28
C CYS G 136 -25.97 -58.06 46.95
N LEU G 137 -26.87 -57.51 47.77
CA LEU G 137 -27.53 -56.25 47.47
C LEU G 137 -27.48 -55.30 48.66
N LEU G 138 -27.26 -54.02 48.37
CA LEU G 138 -27.40 -52.94 49.33
C LEU G 138 -28.36 -51.91 48.74
N ASN G 139 -29.27 -51.38 49.56
CA ASN G 139 -30.28 -50.44 49.00
C ASN G 139 -30.41 -49.16 49.84
N ASN G 140 -30.83 -48.09 49.18
CA ASN G 140 -31.10 -46.74 49.76
C ASN G 140 -30.07 -46.37 50.84
N PHE G 141 -28.82 -46.09 50.46
CA PHE G 141 -27.84 -45.68 51.44
C PHE G 141 -27.13 -44.41 50.98
N TYR G 142 -26.67 -43.65 51.97
CA TYR G 142 -25.81 -42.50 51.74
C TYR G 142 -25.01 -42.30 53.02
N PRO G 143 -23.70 -41.95 52.94
CA PRO G 143 -22.87 -41.71 51.76
C PRO G 143 -22.63 -42.94 50.89
N ARG G 144 -21.86 -42.76 49.82
CA ARG G 144 -21.58 -43.85 48.85
C ARG G 144 -20.25 -44.54 49.21
N GLU G 145 -19.93 -44.60 50.51
CA GLU G 145 -18.69 -45.26 50.91
C GLU G 145 -18.92 -46.72 51.29
N ALA G 146 -19.97 -47.33 50.74
CA ALA G 146 -20.26 -48.72 51.05
C ALA G 146 -19.17 -49.64 50.52
N LYS G 147 -18.88 -50.69 51.29
CA LYS G 147 -17.92 -51.71 50.90
C LYS G 147 -18.52 -53.09 51.16
N VAL G 148 -18.22 -54.03 50.26
CA VAL G 148 -18.84 -55.34 50.22
C VAL G 148 -17.78 -56.42 50.38
N GLN G 149 -18.23 -57.60 50.79
CA GLN G 149 -17.35 -58.68 51.20
C GLN G 149 -18.13 -60.00 51.15
N TRP G 150 -17.41 -61.09 50.90
CA TRP G 150 -18.05 -62.39 50.72
C TRP G 150 -17.36 -63.45 51.58
N LYS G 151 -18.13 -64.47 51.97
CA LYS G 151 -17.61 -65.64 52.66
C LYS G 151 -18.44 -66.86 52.28
N VAL G 152 -17.75 -67.98 52.07
CA VAL G 152 -18.40 -69.25 51.76
C VAL G 152 -17.93 -70.28 52.77
N ASP G 153 -18.88 -70.90 53.48
CA ASP G 153 -18.54 -71.80 54.58
C ASP G 153 -17.53 -71.14 55.51
N ASN G 154 -17.81 -69.87 55.84
CA ASN G 154 -16.92 -69.01 56.63
C ASN G 154 -15.50 -68.96 56.05
N ALA G 155 -15.36 -69.20 54.76
CA ALA G 155 -14.09 -69.05 54.05
C ALA G 155 -14.16 -67.79 53.19
N LEU G 156 -13.20 -66.90 53.37
CA LEU G 156 -13.22 -65.62 52.67
C LEU G 156 -12.95 -65.80 51.18
N GLN G 157 -13.57 -64.95 50.38
CA GLN G 157 -13.44 -65.00 48.92
C GLN G 157 -13.06 -63.62 48.38
N SER G 158 -12.34 -63.64 47.26
CA SER G 158 -11.98 -62.42 46.55
C SER G 158 -11.44 -62.80 45.19
N GLY G 159 -11.52 -61.86 44.25
CA GLY G 159 -11.06 -62.09 42.90
C GLY G 159 -12.09 -62.78 42.04
N ASN G 160 -12.74 -63.80 42.60
CA ASN G 160 -13.81 -64.53 41.92
C ASN G 160 -15.15 -63.79 42.00
N SER G 161 -15.14 -62.51 42.35
CA SER G 161 -16.36 -61.75 42.56
C SER G 161 -16.19 -60.36 41.95
N GLN G 162 -17.29 -59.60 41.96
CA GLN G 162 -17.33 -58.28 41.36
C GLN G 162 -18.41 -57.46 42.05
N GLU G 163 -18.32 -56.13 41.89
CA GLU G 163 -19.27 -55.21 42.48
C GLU G 163 -19.65 -54.14 41.47
N SER G 164 -20.82 -53.53 41.68
CA SER G 164 -21.33 -52.49 40.80
C SER G 164 -22.31 -51.63 41.59
N VAL G 165 -22.50 -50.40 41.11
CA VAL G 165 -23.27 -49.40 41.81
C VAL G 165 -24.29 -48.77 40.86
N THR G 166 -25.36 -48.23 41.44
CA THR G 166 -26.32 -47.48 40.68
C THR G 166 -25.70 -46.18 40.16
N GLU G 167 -26.35 -45.60 39.17
CA GLU G 167 -26.09 -44.21 38.83
C GLU G 167 -26.69 -43.32 39.92
N GLN G 168 -25.87 -42.43 40.46
CA GLN G 168 -26.29 -41.67 41.64
C GLN G 168 -27.61 -40.97 41.40
N ASP G 169 -28.54 -41.18 42.34
CA ASP G 169 -29.88 -40.64 42.20
C ASP G 169 -29.89 -39.13 42.41
N SER G 170 -30.65 -38.43 41.59
CA SER G 170 -30.97 -37.03 41.82
C SER G 170 -32.34 -36.85 42.44
N LYS G 171 -33.19 -37.87 42.39
CA LYS G 171 -34.52 -37.79 42.97
C LYS G 171 -34.46 -37.81 44.49
N ASP G 172 -33.66 -38.72 45.06
CA ASP G 172 -33.48 -38.79 46.50
C ASP G 172 -32.02 -38.81 46.95
N SER G 173 -31.07 -38.97 46.03
CA SER G 173 -29.65 -38.95 46.36
C SER G 173 -29.29 -40.05 47.35
N THR G 174 -30.01 -41.16 47.31
CA THR G 174 -29.65 -42.37 48.03
C THR G 174 -29.40 -43.49 47.02
N TYR G 175 -28.42 -44.34 47.32
CA TYR G 175 -27.82 -45.22 46.33
C TYR G 175 -28.05 -46.67 46.69
N SER G 176 -27.70 -47.54 45.74
CA SER G 176 -27.80 -48.98 45.90
C SER G 176 -26.62 -49.64 45.18
N LEU G 177 -26.33 -50.86 45.58
CA LEU G 177 -25.15 -51.58 45.10
C LEU G 177 -25.49 -53.05 44.91
N SER G 178 -25.01 -53.62 43.82
CA SER G 178 -25.18 -55.04 43.52
C SER G 178 -23.83 -55.69 43.26
N SER G 179 -23.57 -56.81 43.94
CA SER G 179 -22.32 -57.53 43.78
C SER G 179 -22.61 -58.99 43.49
N THR G 180 -21.66 -59.65 42.84
CA THR G 180 -21.82 -61.03 42.40
C THR G 180 -20.58 -61.84 42.75
N LEU G 181 -20.78 -63.13 43.01
CA LEU G 181 -19.71 -64.09 43.22
C LEU G 181 -19.99 -65.34 42.40
N THR G 182 -18.98 -65.84 41.71
CA THR G 182 -19.14 -66.96 40.77
C THR G 182 -18.40 -68.19 41.29
N LEU G 183 -18.99 -69.36 41.04
CA LEU G 183 -18.44 -70.62 41.51
C LEU G 183 -18.98 -71.74 40.63
N SER G 184 -18.38 -72.91 40.74
CA SER G 184 -18.88 -74.08 40.04
C SER G 184 -20.11 -74.66 40.73
N LYS G 185 -20.97 -75.30 39.95
CA LYS G 185 -22.16 -75.93 40.51
C LYS G 185 -21.79 -77.04 41.48
N ALA G 186 -20.73 -77.80 41.16
CA ALA G 186 -20.31 -78.88 42.04
C ALA G 186 -19.93 -78.36 43.43
N ASP G 187 -19.13 -77.29 43.46
CA ASP G 187 -18.77 -76.68 44.75
C ASP G 187 -19.99 -76.04 45.40
N TYR G 188 -20.89 -75.47 44.60
CA TYR G 188 -22.11 -74.88 45.15
C TYR G 188 -22.93 -75.91 45.89
N GLU G 189 -23.06 -77.12 45.33
CA GLU G 189 -23.90 -78.14 45.94
C GLU G 189 -23.40 -78.51 47.33
N LYS G 190 -22.09 -78.69 47.48
CA LYS G 190 -21.53 -79.08 48.78
C LYS G 190 -21.41 -77.90 49.73
N HIS G 191 -21.16 -76.70 49.23
CA HIS G 191 -21.08 -75.52 50.07
C HIS G 191 -22.49 -75.07 50.45
N LYS G 192 -22.80 -75.10 51.75
CA LYS G 192 -24.14 -74.83 52.22
C LYS G 192 -24.34 -73.38 52.63
N VAL G 193 -23.38 -72.83 53.38
CA VAL G 193 -23.48 -71.47 53.91
C VAL G 193 -22.96 -70.51 52.85
N TYR G 194 -23.69 -69.42 52.61
CA TYR G 194 -23.11 -68.27 51.94
C TYR G 194 -23.40 -67.03 52.77
N ALA G 195 -22.42 -66.12 52.86
CA ALA G 195 -22.60 -64.90 53.62
C ALA G 195 -21.99 -63.73 52.84
N CYS G 196 -22.67 -62.59 52.92
CA CYS G 196 -22.15 -61.33 52.39
C CYS G 196 -22.13 -60.31 53.51
N GLU G 197 -20.97 -59.69 53.70
CA GLU G 197 -20.75 -58.70 54.73
C GLU G 197 -20.51 -57.35 54.07
N VAL G 198 -20.76 -56.27 54.81
CA VAL G 198 -20.59 -54.92 54.28
C VAL G 198 -20.24 -53.97 55.41
N THR G 199 -19.67 -52.83 55.03
CA THR G 199 -19.48 -51.71 55.94
C THR G 199 -19.90 -50.43 55.25
N HIS G 200 -20.42 -49.50 56.04
CA HIS G 200 -20.97 -48.24 55.54
C HIS G 200 -20.54 -47.11 56.45
N GLN G 201 -20.34 -45.93 55.87
CA GLN G 201 -19.88 -44.78 56.65
C GLN G 201 -20.90 -44.39 57.72
N GLY G 202 -22.19 -44.60 57.44
CA GLY G 202 -23.25 -44.26 58.35
C GLY G 202 -23.60 -45.32 59.37
N LEU G 203 -22.84 -46.40 59.44
CA LEU G 203 -23.11 -47.50 60.37
C LEU G 203 -21.93 -47.70 61.31
N SER G 204 -22.23 -48.18 62.51
CA SER G 204 -21.24 -48.34 63.57
C SER G 204 -20.59 -49.72 63.60
N SER G 205 -21.09 -50.67 62.81
CA SER G 205 -20.60 -52.04 62.85
C SER G 205 -20.81 -52.68 61.48
N PRO G 206 -19.98 -53.66 61.11
CA PRO G 206 -20.23 -54.34 59.83
C PRO G 206 -21.54 -55.12 59.89
N VAL G 207 -22.20 -55.19 58.73
CA VAL G 207 -23.49 -55.86 58.61
C VAL G 207 -23.29 -57.08 57.73
N THR G 208 -23.54 -58.27 58.29
CA THR G 208 -23.35 -59.53 57.57
C THR G 208 -24.68 -60.27 57.50
N LYS G 209 -25.02 -60.73 56.29
CA LYS G 209 -26.20 -61.53 56.05
C LYS G 209 -25.76 -62.91 55.55
N SER G 210 -26.56 -63.93 55.82
CA SER G 210 -26.18 -65.29 55.45
C SER G 210 -27.41 -66.12 55.13
N PHE G 211 -27.21 -67.14 54.30
CA PHE G 211 -28.30 -68.02 53.91
C PHE G 211 -27.75 -69.42 53.68
N ASN G 212 -28.67 -70.39 53.78
CA ASN G 212 -28.36 -71.81 53.74
C ASN G 212 -29.33 -72.49 52.78
N ARG G 213 -29.08 -73.76 52.49
CA ARG G 213 -29.98 -74.51 51.62
C ARG G 213 -31.37 -74.63 52.23
N GLY G 214 -32.37 -74.77 51.35
CA GLY G 214 -33.72 -75.13 51.77
C GLY G 214 -34.59 -74.00 52.26
N GLU G 215 -34.13 -72.75 52.15
CA GLU G 215 -34.92 -71.62 52.63
C GLU G 215 -34.86 -70.47 51.62
N ASP H 3 -41.23 1.39 1.20
CA ASP H 3 -41.87 2.47 2.01
C ASP H 3 -42.55 1.87 3.23
N VAL H 4 -41.96 2.11 4.39
CA VAL H 4 -42.44 1.52 5.64
C VAL H 4 -43.49 2.46 6.23
N GLN H 5 -44.76 2.09 6.11
CA GLN H 5 -45.81 2.79 6.84
C GLN H 5 -45.86 2.31 8.28
N MET H 6 -46.52 3.10 9.12
CA MET H 6 -46.49 2.85 10.56
C MET H 6 -47.84 3.14 11.20
N THR H 7 -47.95 2.68 12.45
CA THR H 7 -49.05 3.07 13.32
C THR H 7 -48.53 3.16 14.75
N GLN H 8 -48.72 4.32 15.36
CA GLN H 8 -48.31 4.57 16.74
C GLN H 8 -49.57 4.65 17.59
N SER H 9 -49.61 3.86 18.66
CA SER H 9 -50.80 3.74 19.48
C SER H 9 -50.48 3.93 20.95
N PRO H 10 -51.46 4.39 21.75
CA PRO H 10 -52.73 4.91 21.28
C PRO H 10 -52.57 6.31 20.70
N SER H 11 -53.41 6.69 19.74
CA SER H 11 -53.36 8.05 19.22
C SER H 11 -53.64 9.07 20.31
N TYR H 12 -54.32 8.65 21.38
CA TYR H 12 -54.65 9.54 22.52
C TYR H 12 -54.38 8.81 23.84
N LEU H 13 -53.52 9.40 24.68
CA LEU H 13 -53.18 8.82 25.97
C LEU H 13 -53.54 9.79 27.07
N ALA H 14 -54.33 9.33 28.02
CA ALA H 14 -54.76 10.13 29.16
C ALA H 14 -54.08 9.59 30.41
N ALA H 15 -53.38 10.46 31.14
CA ALA H 15 -52.58 10.05 32.28
C ALA H 15 -52.53 11.18 33.28
N SER H 16 -51.88 10.92 34.41
CA SER H 16 -51.68 11.89 35.47
C SER H 16 -50.24 11.82 35.93
N PRO H 17 -49.70 12.90 36.50
CA PRO H 17 -48.29 12.90 36.91
C PRO H 17 -48.01 11.84 37.96
N GLY H 18 -46.80 11.29 37.88
CA GLY H 18 -46.30 10.36 38.88
C GLY H 18 -46.41 8.90 38.50
N GLU H 19 -47.22 8.56 37.50
CA GLU H 19 -47.43 7.17 37.13
C GLU H 19 -46.50 6.78 35.98
N THR H 20 -46.53 5.50 35.63
CA THR H 20 -45.68 4.94 34.58
C THR H 20 -46.56 4.43 33.45
N ILE H 21 -46.10 4.62 32.22
CA ILE H 21 -46.89 4.35 31.02
C ILE H 21 -45.99 3.81 29.92
N THR H 22 -46.62 3.22 28.90
CA THR H 22 -45.93 2.73 27.73
C THR H 22 -46.68 3.16 26.48
N ILE H 23 -45.94 3.46 25.42
CA ILE H 23 -46.49 3.90 24.14
C ILE H 23 -45.97 2.96 23.06
N ASN H 24 -46.86 2.44 22.23
CA ASN H 24 -46.56 1.40 21.26
C ASN H 24 -46.34 2.00 19.88
N CYS H 25 -45.44 1.40 19.11
CA CYS H 25 -45.21 1.75 17.72
C CYS H 25 -45.06 0.47 16.91
N ARG H 26 -45.69 0.41 15.74
CA ARG H 26 -45.63 -0.76 14.90
C ARG H 26 -45.36 -0.35 13.46
N ALA H 27 -44.46 -1.10 12.82
CA ALA H 27 -44.05 -0.84 11.46
C ALA H 27 -44.74 -1.81 10.50
N SER H 28 -44.85 -1.39 9.24
CA SER H 28 -45.44 -2.26 8.23
C SER H 28 -44.62 -3.53 8.05
N LYS H 29 -43.30 -3.42 8.09
CA LYS H 29 -42.41 -4.56 7.97
C LYS H 29 -41.22 -4.36 8.89
N SER H 30 -40.33 -5.34 8.89
CA SER H 30 -39.19 -5.34 9.81
C SER H 30 -38.30 -4.14 9.58
N ILE H 31 -37.86 -3.51 10.68
CA ILE H 31 -36.87 -2.45 10.67
C ILE H 31 -35.72 -2.77 11.61
N SER H 32 -35.53 -4.05 11.91
CA SER H 32 -34.48 -4.49 12.84
C SER H 32 -34.57 -3.74 14.16
N LYS H 33 -33.51 -3.03 14.54
CA LYS H 33 -33.45 -2.34 15.82
C LYS H 33 -33.55 -0.83 15.70
N PHE H 34 -33.71 -0.31 14.48
CA PHE H 34 -33.54 1.13 14.23
C PHE H 34 -34.89 1.83 14.33
N LEU H 35 -35.20 2.28 15.55
CA LEU H 35 -36.32 3.15 15.81
C LEU H 35 -35.89 4.23 16.79
N ALA H 36 -36.50 5.40 16.66
CA ALA H 36 -36.19 6.56 17.48
C ALA H 36 -37.49 7.18 17.98
N TRP H 37 -37.42 7.73 19.18
CA TRP H 37 -38.54 8.36 19.85
C TRP H 37 -38.22 9.82 20.09
N TYR H 38 -39.10 10.71 19.61
CA TYR H 38 -38.93 12.15 19.65
C TYR H 38 -40.08 12.79 20.44
N GLN H 39 -39.78 13.92 21.06
CA GLN H 39 -40.75 14.72 21.80
C GLN H 39 -40.94 16.07 21.12
N GLU H 40 -42.21 16.45 20.94
CA GLU H 40 -42.59 17.75 20.40
C GLU H 40 -43.46 18.45 21.43
N LYS H 41 -43.09 19.68 21.79
CA LYS H 41 -43.92 20.53 22.62
C LYS H 41 -43.86 21.94 22.06
N PRO H 42 -44.93 22.73 22.21
CA PRO H 42 -44.96 24.05 21.58
C PRO H 42 -43.91 24.99 22.20
N GLY H 43 -43.43 25.92 21.38
CA GLY H 43 -42.57 26.97 21.83
C GLY H 43 -41.08 26.70 21.71
N LYS H 44 -40.67 25.49 21.37
CA LYS H 44 -39.25 25.21 21.20
C LYS H 44 -39.07 23.96 20.36
N THR H 45 -37.81 23.61 20.13
CA THR H 45 -37.47 22.58 19.16
C THR H 45 -37.90 21.20 19.62
N ASN H 46 -38.16 20.33 18.65
CA ASN H 46 -38.37 18.92 18.95
C ASN H 46 -37.09 18.31 19.51
N LYS H 47 -37.25 17.29 20.34
CA LYS H 47 -36.15 16.71 21.09
C LYS H 47 -36.08 15.21 20.86
N LEU H 48 -34.86 14.70 20.72
CA LEU H 48 -34.64 13.27 20.55
C LEU H 48 -34.59 12.61 21.91
N LEU H 49 -35.49 11.65 22.15
CA LEU H 49 -35.52 10.92 23.41
C LEU H 49 -34.70 9.64 23.29
N ILE H 50 -35.07 8.78 22.35
CA ILE H 50 -34.43 7.47 22.20
C ILE H 50 -34.01 7.29 20.74
N TYR H 51 -32.96 6.51 20.52
CA TYR H 51 -32.53 6.14 19.19
C TYR H 51 -32.05 4.70 19.19
N SER H 52 -32.12 4.09 18.01
CA SER H 52 -31.76 2.67 17.85
C SER H 52 -32.63 1.78 18.72
N GLY H 53 -33.86 2.23 19.00
CA GLY H 53 -34.81 1.42 19.72
C GLY H 53 -34.66 1.48 21.23
N SER H 54 -33.44 1.30 21.74
CA SER H 54 -33.23 1.12 23.16
C SER H 54 -32.05 1.92 23.73
N THR H 55 -31.44 2.80 22.95
CA THR H 55 -30.31 3.59 23.43
C THR H 55 -30.80 4.96 23.86
N LEU H 56 -30.42 5.37 25.07
CA LEU H 56 -30.88 6.63 25.63
C LEU H 56 -30.00 7.76 25.11
N GLN H 57 -30.64 8.83 24.60
CA GLN H 57 -29.89 9.99 24.15
C GLN H 57 -29.31 10.73 25.34
N SER H 58 -28.12 11.30 25.14
CA SER H 58 -27.44 12.00 26.22
C SER H 58 -28.26 13.20 26.67
N GLY H 59 -28.24 13.45 27.99
CA GLY H 59 -28.97 14.56 28.58
C GLY H 59 -30.43 14.27 28.88
N ILE H 60 -30.99 13.21 28.30
CA ILE H 60 -32.38 12.85 28.58
C ILE H 60 -32.46 12.15 29.92
N PRO H 61 -33.44 12.45 30.78
CA PRO H 61 -33.58 11.70 32.02
C PRO H 61 -33.83 10.23 31.75
N SER H 62 -33.33 9.39 32.65
CA SER H 62 -33.42 7.94 32.46
C SER H 62 -34.84 7.41 32.56
N ARG H 63 -35.81 8.23 33.00
CA ARG H 63 -37.18 7.76 33.10
C ARG H 63 -37.77 7.43 31.73
N PHE H 64 -37.13 7.87 30.65
CA PHE H 64 -37.49 7.42 29.30
C PHE H 64 -36.63 6.21 28.96
N SER H 65 -37.27 5.13 28.51
CA SER H 65 -36.51 3.93 28.14
C SER H 65 -37.27 3.14 27.09
N GLY H 66 -36.59 2.80 25.99
CA GLY H 66 -37.21 2.11 24.88
C GLY H 66 -36.94 0.61 24.89
N SER H 67 -37.75 -0.09 24.11
CA SER H 67 -37.61 -1.53 23.96
C SER H 67 -38.26 -1.94 22.66
N GLY H 68 -37.94 -3.14 22.20
CA GLY H 68 -38.56 -3.73 21.04
C GLY H 68 -37.55 -4.08 19.98
N SER H 69 -38.07 -4.59 18.86
CA SER H 69 -37.25 -4.99 17.73
C SER H 69 -38.18 -5.35 16.58
N GLY H 70 -37.58 -5.68 15.44
CA GLY H 70 -38.33 -6.12 14.28
C GLY H 70 -39.43 -5.17 13.90
N THR H 71 -40.68 -5.58 14.11
CA THR H 71 -41.83 -4.78 13.74
C THR H 71 -42.56 -4.17 14.94
N ASP H 72 -42.18 -4.52 16.17
CA ASP H 72 -42.89 -4.08 17.36
C ASP H 72 -41.93 -3.31 18.26
N PHE H 73 -42.32 -2.11 18.67
CA PHE H 73 -41.48 -1.28 19.53
C PHE H 73 -42.35 -0.58 20.56
N THR H 74 -41.72 -0.20 21.67
CA THR H 74 -42.43 0.49 22.74
C THR H 74 -41.47 1.43 23.44
N LEU H 75 -42.04 2.47 24.04
CA LEU H 75 -41.30 3.42 24.86
C LEU H 75 -41.99 3.52 26.21
N THR H 76 -41.22 3.29 27.27
CA THR H 76 -41.71 3.41 28.64
C THR H 76 -41.33 4.77 29.19
N ILE H 77 -42.33 5.51 29.66
CA ILE H 77 -42.14 6.78 30.35
C ILE H 77 -42.55 6.56 31.79
N SER H 78 -41.63 6.73 32.72
CA SER H 78 -41.83 6.37 34.11
C SER H 78 -41.88 7.61 34.98
N SER H 79 -42.75 7.59 35.99
CA SER H 79 -42.85 8.67 36.97
C SER H 79 -43.06 10.01 36.27
N LEU H 80 -44.20 10.12 35.61
CA LEU H 80 -44.51 11.29 34.78
C LEU H 80 -44.32 12.61 35.53
N GLU H 81 -43.35 13.39 35.08
CA GLU H 81 -43.25 14.77 35.51
C GLU H 81 -44.30 15.61 34.78
N PRO H 82 -44.69 16.76 35.34
CA PRO H 82 -45.64 17.61 34.64
C PRO H 82 -45.14 18.09 33.29
N GLU H 83 -43.82 18.19 33.11
CA GLU H 83 -43.27 18.64 31.83
C GLU H 83 -43.35 17.55 30.76
N ASP H 84 -43.46 16.28 31.16
CA ASP H 84 -43.44 15.17 30.20
C ASP H 84 -44.71 15.07 29.38
N PHE H 85 -45.74 15.83 29.76
CA PHE H 85 -47.05 15.81 29.06
C PHE H 85 -46.92 16.56 27.73
N ALA H 86 -46.31 15.92 26.74
CA ALA H 86 -46.15 16.53 25.42
C ALA H 86 -46.51 15.54 24.33
N MET H 87 -46.23 15.88 23.08
CA MET H 87 -46.52 15.01 21.95
C MET H 87 -45.29 14.16 21.66
N TYR H 88 -45.51 12.93 21.20
CA TYR H 88 -44.41 11.99 20.98
C TYR H 88 -44.57 11.29 19.64
N TYR H 89 -43.44 11.08 18.97
CA TYR H 89 -43.41 10.41 17.67
C TYR H 89 -42.38 9.29 17.67
N CYS H 90 -42.65 8.27 16.85
CA CYS H 90 -41.72 7.18 16.58
C CYS H 90 -41.33 7.20 15.11
N GLN H 91 -40.06 6.98 14.84
CA GLN H 91 -39.51 7.08 13.49
C GLN H 91 -38.56 5.93 13.24
N GLN H 92 -38.64 5.34 12.04
CA GLN H 92 -37.66 4.35 11.63
C GLN H 92 -36.54 4.99 10.84
N HIS H 93 -35.32 4.48 11.04
CA HIS H 93 -34.18 4.87 10.21
C HIS H 93 -33.45 3.64 9.69
N ASN H 94 -34.14 2.52 9.52
CA ASN H 94 -33.57 1.33 8.87
C ASN H 94 -33.70 1.44 7.36
N GLU H 95 -34.93 1.47 6.85
CA GLU H 95 -35.15 1.65 5.43
C GLU H 95 -35.15 3.14 5.12
N TYR H 96 -34.62 3.50 3.94
CA TYR H 96 -34.16 4.86 3.74
C TYR H 96 -35.26 5.91 3.90
N PRO H 97 -36.41 5.80 3.26
CA PRO H 97 -37.40 6.88 3.35
C PRO H 97 -37.98 6.99 4.75
N TYR H 98 -37.22 7.64 5.64
CA TYR H 98 -37.61 7.80 7.03
C TYR H 98 -39.10 8.15 7.13
N THR H 99 -39.81 7.43 7.99
CA THR H 99 -41.23 7.63 8.16
C THR H 99 -41.54 7.77 9.65
N PHE H 100 -42.43 8.71 9.97
CA PHE H 100 -42.83 8.99 11.33
C PHE H 100 -44.24 8.46 11.59
N GLY H 101 -44.49 8.06 12.82
CA GLY H 101 -45.85 7.75 13.23
C GLY H 101 -46.70 9.00 13.34
N ALA H 102 -48.02 8.79 13.33
CA ALA H 102 -48.93 9.91 13.42
C ALA H 102 -48.79 10.66 14.74
N GLY H 103 -48.17 10.05 15.74
CA GLY H 103 -47.92 10.70 17.01
C GLY H 103 -49.01 10.45 18.03
N THR H 104 -48.67 10.75 19.28
CA THR H 104 -49.58 10.58 20.41
C THR H 104 -49.56 11.84 21.26
N LYS H 105 -50.72 12.13 21.86
CA LYS H 105 -50.91 13.31 22.76
C LYS H 105 -50.98 12.79 24.20
N LEU H 106 -50.16 13.35 25.09
CA LEU H 106 -50.10 12.93 26.47
C LEU H 106 -50.55 14.09 27.36
N GLU H 107 -51.64 13.87 28.09
CA GLU H 107 -52.22 14.94 28.93
C GLU H 107 -51.91 14.69 30.41
N LEU H 108 -52.49 15.53 31.28
CA LEU H 108 -52.24 15.42 32.74
C LEU H 108 -53.51 15.82 33.51
N LYS H 109 -53.57 15.39 34.77
CA LYS H 109 -54.68 15.65 35.70
C LYS H 109 -55.99 15.13 35.12
N ARG H 110 -56.02 13.81 34.97
CA ARG H 110 -57.04 13.10 34.20
C ARG H 110 -58.26 12.86 35.08
N THR H 111 -59.20 13.79 35.03
CA THR H 111 -60.49 13.68 35.70
C THR H 111 -61.60 13.99 34.69
N VAL H 112 -62.84 13.84 35.13
CA VAL H 112 -64.01 14.02 34.27
C VAL H 112 -64.69 15.32 34.62
N ALA H 113 -65.27 15.97 33.61
CA ALA H 113 -65.98 17.23 33.78
C ALA H 113 -66.93 17.41 32.61
N ALA H 114 -68.10 18.01 32.90
CA ALA H 114 -69.13 18.15 31.89
C ALA H 114 -69.05 19.52 31.20
N PRO H 115 -69.52 19.61 29.96
CA PRO H 115 -69.48 20.90 29.27
C PRO H 115 -70.55 21.85 29.75
N SER H 116 -70.34 23.13 29.43
CA SER H 116 -71.40 24.14 29.48
C SER H 116 -71.78 24.50 28.05
N VAL H 117 -73.06 24.30 27.71
CA VAL H 117 -73.50 24.32 26.32
C VAL H 117 -74.39 25.54 26.10
N PHE H 118 -73.99 26.40 25.17
CA PHE H 118 -74.66 27.65 24.86
C PHE H 118 -74.89 27.75 23.37
N ILE H 119 -75.82 28.62 23.00
CA ILE H 119 -76.15 28.88 21.59
C ILE H 119 -76.38 30.37 21.43
N PHE H 120 -75.95 30.94 20.31
CA PHE H 120 -76.04 32.36 20.11
C PHE H 120 -76.68 32.67 18.75
N PRO H 121 -77.37 33.79 18.63
CA PRO H 121 -77.93 34.18 17.34
C PRO H 121 -76.93 34.99 16.53
N PRO H 122 -77.12 35.06 15.21
CA PRO H 122 -76.31 36.00 14.42
C PRO H 122 -76.84 37.42 14.57
N SER H 123 -76.00 38.30 15.11
CA SER H 123 -76.41 39.68 15.34
C SER H 123 -76.85 40.32 14.04
N ASP H 124 -77.62 41.41 14.15
CA ASP H 124 -78.21 42.03 12.97
C ASP H 124 -77.15 42.44 11.95
N GLU H 125 -75.96 42.80 12.42
CA GLU H 125 -74.88 43.14 11.50
C GLU H 125 -74.37 41.92 10.74
N GLN H 126 -74.61 40.71 11.25
CA GLN H 126 -74.41 39.52 10.42
C GLN H 126 -75.47 39.43 9.33
N LEU H 127 -76.73 39.69 9.71
CA LEU H 127 -77.84 39.48 8.79
C LEU H 127 -77.87 40.52 7.68
N LYS H 128 -77.34 41.72 7.91
CA LYS H 128 -77.30 42.70 6.84
C LYS H 128 -76.34 42.31 5.73
N SER H 129 -75.47 41.32 5.97
CA SER H 129 -74.64 40.77 4.91
C SER H 129 -75.42 39.88 3.96
N GLY H 130 -76.69 39.59 4.26
CA GLY H 130 -77.48 38.68 3.47
C GLY H 130 -77.33 37.22 3.85
N THR H 131 -76.48 36.91 4.83
CA THR H 131 -76.25 35.54 5.28
C THR H 131 -76.34 35.49 6.79
N ALA H 132 -76.97 34.44 7.31
CA ALA H 132 -77.09 34.20 8.75
C ALA H 132 -76.18 33.06 9.14
N SER H 133 -75.40 33.27 10.20
CA SER H 133 -74.46 32.26 10.69
C SER H 133 -74.68 32.07 12.18
N VAL H 134 -75.34 30.98 12.54
CA VAL H 134 -75.59 30.66 13.95
C VAL H 134 -74.36 29.99 14.53
N VAL H 135 -74.12 30.25 15.82
CA VAL H 135 -72.96 29.75 16.54
C VAL H 135 -73.43 28.92 17.74
N CYS H 136 -72.80 27.76 17.93
CA CYS H 136 -73.05 26.90 19.07
C CYS H 136 -71.73 26.69 19.80
N LEU H 137 -71.78 26.70 21.13
CA LEU H 137 -70.58 26.69 21.95
C LEU H 137 -70.66 25.64 23.05
N LEU H 138 -69.54 24.97 23.30
CA LEU H 138 -69.35 24.08 24.44
C LEU H 138 -68.10 24.54 25.18
N ASN H 139 -68.17 24.56 26.53
CA ASN H 139 -67.00 25.09 27.27
C ASN H 139 -66.59 24.17 28.43
N ASN H 140 -65.31 24.25 28.80
CA ASN H 140 -64.66 23.50 29.91
C ASN H 140 -65.20 22.07 30.02
N PHE H 141 -64.86 21.19 29.08
CA PHE H 141 -65.29 19.81 29.19
C PHE H 141 -64.12 18.86 29.01
N TYR H 142 -64.25 17.68 29.61
CA TYR H 142 -63.33 16.57 29.41
C TYR H 142 -64.09 15.30 29.72
N PRO H 143 -63.92 14.21 28.95
CA PRO H 143 -63.04 14.01 27.79
C PRO H 143 -63.40 14.86 26.57
N ARG H 144 -62.62 14.69 25.50
CA ARG H 144 -62.84 15.46 24.25
C ARG H 144 -63.71 14.67 23.28
N GLU H 145 -64.65 13.88 23.79
CA GLU H 145 -65.53 13.11 22.92
C GLU H 145 -66.84 13.84 22.65
N ALA H 146 -66.83 15.16 22.76
CA ALA H 146 -68.04 15.94 22.54
C ALA H 146 -68.48 15.83 21.07
N LYS H 147 -69.79 15.80 20.88
CA LYS H 147 -70.39 15.79 19.55
C LYS H 147 -71.53 16.79 19.50
N VAL H 148 -71.66 17.46 18.35
CA VAL H 148 -72.56 18.59 18.18
C VAL H 148 -73.58 18.28 17.08
N GLN H 149 -74.68 19.01 17.09
CA GLN H 149 -75.85 18.72 16.28
C GLN H 149 -76.71 19.97 16.18
N TRP H 150 -77.43 20.12 15.07
CA TRP H 150 -78.22 21.31 14.82
C TRP H 150 -79.64 20.95 14.40
N LYS H 151 -80.58 21.84 14.70
CA LYS H 151 -81.95 21.74 14.25
C LYS H 151 -82.53 23.13 14.04
N VAL H 152 -83.30 23.29 12.97
CA VAL H 152 -83.98 24.54 12.65
C VAL H 152 -85.46 24.24 12.48
N ASP H 153 -86.29 24.93 13.27
CA ASP H 153 -87.72 24.63 13.30
C ASP H 153 -87.95 23.13 13.47
N ASN H 154 -87.21 22.55 14.42
CA ASN H 154 -87.16 21.11 14.67
C ASN H 154 -86.87 20.29 13.40
N ALA H 155 -86.22 20.91 12.42
CA ALA H 155 -85.76 20.23 11.22
C ALA H 155 -84.25 20.05 11.31
N LEU H 156 -83.79 18.81 11.16
CA LEU H 156 -82.38 18.50 11.31
C LEU H 156 -81.56 19.07 10.17
N GLN H 157 -80.33 19.46 10.48
CA GLN H 157 -79.42 20.06 9.51
C GLN H 157 -78.08 19.34 9.53
N SER H 158 -77.41 19.33 8.38
CA SER H 158 -76.07 18.76 8.25
C SER H 158 -75.51 19.19 6.91
N GLY H 159 -74.19 19.20 6.82
CA GLY H 159 -73.52 19.60 5.60
C GLY H 159 -73.36 21.10 5.48
N ASN H 160 -74.42 21.84 5.80
CA ASN H 160 -74.40 23.29 5.80
C ASN H 160 -73.79 23.88 7.07
N SER H 161 -73.06 23.07 7.84
CA SER H 161 -72.51 23.48 9.11
C SER H 161 -71.10 22.94 9.25
N GLN H 162 -70.43 23.36 10.32
CA GLN H 162 -69.05 23.01 10.57
C GLN H 162 -68.78 23.07 12.07
N GLU H 163 -67.70 22.41 12.50
CA GLU H 163 -67.31 22.38 13.90
C GLU H 163 -65.81 22.58 14.02
N SER H 164 -65.38 23.04 15.20
CA SER H 164 -63.97 23.29 15.48
C SER H 164 -63.75 23.22 16.98
N VAL H 165 -62.50 22.97 17.36
CA VAL H 165 -62.15 22.71 18.75
C VAL H 165 -60.96 23.58 19.13
N THR H 166 -60.83 23.82 20.44
CA THR H 166 -59.66 24.51 20.97
C THR H 166 -58.43 23.63 20.81
N GLU H 167 -57.27 24.28 20.91
CA GLU H 167 -56.04 23.53 21.15
C GLU H 167 -56.05 23.04 22.59
N GLN H 168 -55.81 21.74 22.77
CA GLN H 168 -55.99 21.13 24.07
C GLN H 168 -55.18 21.86 25.14
N ASP H 169 -55.86 22.22 26.22
CA ASP H 169 -55.24 23.00 27.28
C ASP H 169 -54.26 22.14 28.08
N SER H 170 -53.12 22.74 28.40
CA SER H 170 -52.20 22.16 29.38
C SER H 170 -52.34 22.79 30.74
N LYS H 171 -52.99 23.95 30.83
CA LYS H 171 -53.18 24.63 32.11
C LYS H 171 -54.21 23.90 32.97
N ASP H 172 -55.33 23.50 32.36
CA ASP H 172 -56.37 22.76 33.06
C ASP H 172 -56.80 21.48 32.34
N SER H 173 -56.41 21.28 31.10
CA SER H 173 -56.75 20.08 30.34
C SER H 173 -58.27 19.92 30.20
N THR H 174 -58.99 21.02 30.17
CA THR H 174 -60.40 21.04 29.83
C THR H 174 -60.59 21.87 28.56
N TYR H 175 -61.52 21.44 27.72
CA TYR H 175 -61.58 21.89 26.34
C TYR H 175 -62.89 22.62 26.05
N SER H 176 -62.93 23.24 24.87
CA SER H 176 -64.09 23.96 24.41
C SER H 176 -64.23 23.76 22.91
N LEU H 177 -65.44 23.97 22.40
CA LEU H 177 -65.77 23.68 21.01
C LEU H 177 -66.69 24.76 20.47
N SER H 178 -66.46 25.18 19.24
CA SER H 178 -67.30 26.16 18.56
C SER H 178 -67.74 25.61 17.21
N SER H 179 -69.05 25.68 16.94
CA SER H 179 -69.60 25.19 15.69
C SER H 179 -70.47 26.27 15.08
N THR H 180 -70.62 26.19 13.76
CA THR H 180 -71.34 27.20 12.99
C THR H 180 -72.30 26.54 12.02
N LEU H 181 -73.41 27.23 11.75
CA LEU H 181 -74.37 26.82 10.72
C LEU H 181 -74.73 28.03 9.87
N THR H 182 -74.73 27.85 8.55
CA THR H 182 -74.94 28.94 7.62
C THR H 182 -76.27 28.79 6.89
N LEU H 183 -76.92 29.92 6.61
CA LEU H 183 -78.23 29.93 5.97
C LEU H 183 -78.42 31.30 5.32
N SER H 184 -79.43 31.39 4.46
CA SER H 184 -79.79 32.67 3.86
C SER H 184 -80.56 33.54 4.85
N LYS H 185 -80.43 34.85 4.68
CA LYS H 185 -81.15 35.79 5.54
C LYS H 185 -82.66 35.63 5.37
N ALA H 186 -83.12 35.37 4.14
CA ALA H 186 -84.55 35.21 3.90
C ALA H 186 -85.10 34.04 4.70
N ASP H 187 -84.41 32.89 4.66
CA ASP H 187 -84.84 31.75 5.44
C ASP H 187 -84.68 32.02 6.93
N TYR H 188 -83.63 32.75 7.32
CA TYR H 188 -83.44 33.11 8.72
C TYR H 188 -84.63 33.89 9.26
N GLU H 189 -85.14 34.85 8.48
CA GLU H 189 -86.23 35.69 8.96
C GLU H 189 -87.46 34.88 9.29
N LYS H 190 -87.82 33.93 8.42
CA LYS H 190 -89.02 33.13 8.65
C LYS H 190 -88.79 32.02 9.66
N HIS H 191 -87.59 31.46 9.71
CA HIS H 191 -87.27 30.42 10.68
C HIS H 191 -87.05 31.06 12.05
N LYS H 192 -87.90 30.70 13.01
CA LYS H 192 -87.88 31.34 14.32
C LYS H 192 -87.05 30.57 15.33
N VAL H 193 -87.23 29.25 15.39
CA VAL H 193 -86.56 28.41 16.36
C VAL H 193 -85.19 28.03 15.81
N TYR H 194 -84.16 28.12 16.64
CA TYR H 194 -82.91 27.43 16.36
C TYR H 194 -82.51 26.63 17.59
N ALA H 195 -81.98 25.43 17.39
CA ALA H 195 -81.56 24.59 18.49
C ALA H 195 -80.23 23.92 18.14
N CYS H 196 -79.37 23.81 19.15
CA CYS H 196 -78.13 23.05 19.04
C CYS H 196 -78.12 21.99 20.14
N GLU H 197 -77.90 20.74 19.75
CA GLU H 197 -77.85 19.61 20.67
C GLU H 197 -76.44 19.06 20.69
N VAL H 198 -76.09 18.37 21.77
CA VAL H 198 -74.76 17.81 21.94
C VAL H 198 -74.84 16.56 22.80
N THR H 199 -73.79 15.74 22.69
CA THR H 199 -73.58 14.63 23.60
C THR H 199 -72.12 14.61 24.04
N HIS H 200 -71.90 14.16 25.27
CA HIS H 200 -70.58 14.17 25.88
C HIS H 200 -70.38 12.86 26.65
N GLN H 201 -69.13 12.39 26.68
CA GLN H 201 -68.85 11.13 27.36
C GLN H 201 -69.16 11.19 28.84
N GLY H 202 -69.01 12.36 29.44
CA GLY H 202 -69.25 12.57 30.86
C GLY H 202 -70.68 12.89 31.23
N LEU H 203 -71.61 12.83 30.29
CA LEU H 203 -73.01 13.16 30.53
C LEU H 203 -73.90 11.96 30.22
N SER H 204 -75.02 11.88 30.93
CA SER H 204 -75.93 10.75 30.81
C SER H 204 -77.03 10.96 29.79
N SER H 205 -77.18 12.16 29.23
CA SER H 205 -78.27 12.46 28.34
C SER H 205 -77.82 13.55 27.37
N PRO H 206 -78.39 13.62 26.17
CA PRO H 206 -78.03 14.72 25.27
C PRO H 206 -78.52 16.04 25.83
N VAL H 207 -77.74 17.10 25.56
CA VAL H 207 -78.04 18.44 26.06
C VAL H 207 -78.38 19.31 24.86
N THR H 208 -79.61 19.82 24.83
CA THR H 208 -80.09 20.65 23.73
C THR H 208 -80.47 22.03 24.25
N LYS H 209 -79.98 23.06 23.55
CA LYS H 209 -80.31 24.45 23.85
C LYS H 209 -81.03 25.03 22.65
N SER H 210 -81.91 26.01 22.90
CA SER H 210 -82.71 26.58 21.82
C SER H 210 -83.00 28.05 22.09
N PHE H 211 -83.22 28.80 21.02
CA PHE H 211 -83.52 30.21 21.12
C PHE H 211 -84.47 30.62 20.01
N ASN H 212 -85.17 31.73 20.25
CA ASN H 212 -86.22 32.24 19.39
C ASN H 212 -85.99 33.72 19.17
N ARG H 213 -86.78 34.32 18.27
CA ARG H 213 -86.67 35.75 18.02
C ARG H 213 -87.02 36.55 19.27
N GLY H 214 -86.47 37.76 19.35
CA GLY H 214 -86.88 38.74 20.35
C GLY H 214 -86.27 38.58 21.73
N GLU H 215 -85.31 37.68 21.90
CA GLU H 215 -84.70 37.47 23.21
C GLU H 215 -83.19 37.30 23.08
N ASP I 3 4.19 29.05 28.98
CA ASP I 3 4.54 28.62 30.36
C ASP I 3 3.35 28.86 31.29
N VAL I 4 2.70 27.77 31.69
CA VAL I 4 1.48 27.86 32.50
C VAL I 4 1.89 27.89 33.97
N GLN I 5 1.81 29.06 34.58
CA GLN I 5 1.96 29.16 36.02
C GLN I 5 0.66 28.76 36.71
N MET I 6 0.75 28.47 38.01
CA MET I 6 -0.38 27.91 38.73
C MET I 6 -0.45 28.46 40.14
N THR I 7 -1.60 28.22 40.76
CA THR I 7 -1.79 28.43 42.19
C THR I 7 -2.71 27.35 42.73
N GLN I 8 -2.23 26.62 43.74
CA GLN I 8 -2.99 25.57 44.40
C GLN I 8 -3.38 26.07 45.78
N SER I 9 -4.67 25.99 46.10
CA SER I 9 -5.19 26.56 47.34
C SER I 9 -6.04 25.54 48.08
N PRO I 10 -6.13 25.67 49.41
CA PRO I 10 -5.30 26.58 50.22
C PRO I 10 -3.90 26.02 50.39
N SER I 11 -2.90 26.90 50.54
CA SER I 11 -1.55 26.42 50.80
C SER I 11 -1.47 25.61 52.09
N TYR I 12 -2.43 25.84 52.99
CA TYR I 12 -2.49 25.12 54.29
C TYR I 12 -3.92 24.67 54.57
N LEU I 13 -4.12 23.36 54.76
CA LEU I 13 -5.44 22.81 55.04
C LEU I 13 -5.39 22.09 56.37
N ALA I 14 -6.30 22.46 57.28
CA ALA I 14 -6.41 21.85 58.59
C ALA I 14 -7.70 21.04 58.64
N ALA I 15 -7.59 19.77 58.99
CA ALA I 15 -8.73 18.87 58.96
C ALA I 15 -8.55 17.79 60.03
N SER I 16 -9.55 16.93 60.14
CA SER I 16 -9.54 15.82 61.07
C SER I 16 -10.04 14.58 60.35
N PRO I 17 -9.65 13.39 60.80
CA PRO I 17 -10.05 12.16 60.10
C PRO I 17 -11.57 12.00 60.07
N GLY I 18 -12.04 11.42 58.97
CA GLY I 18 -13.44 11.06 58.83
C GLY I 18 -14.28 12.04 58.02
N GLU I 19 -13.79 13.26 57.82
CA GLU I 19 -14.56 14.29 57.13
C GLU I 19 -14.19 14.31 55.65
N THR I 20 -14.91 15.13 54.88
CA THR I 20 -14.72 15.27 53.45
C THR I 20 -14.28 16.70 53.14
N ILE I 21 -13.36 16.82 52.18
CA ILE I 21 -12.70 18.09 51.88
C ILE I 21 -12.46 18.19 50.37
N THR I 22 -12.17 19.42 49.92
CA THR I 22 -11.83 19.69 48.54
C THR I 22 -10.61 20.61 48.50
N ILE I 23 -9.76 20.40 47.50
CA ILE I 23 -8.54 21.18 47.30
C ILE I 23 -8.57 21.74 45.89
N ASN I 24 -8.33 23.05 45.76
CA ASN I 24 -8.50 23.78 44.52
C ASN I 24 -7.17 23.97 43.82
N CYS I 25 -7.20 23.94 42.48
CA CYS I 25 -6.03 24.24 41.67
C CYS I 25 -6.48 25.13 40.52
N ARG I 26 -5.70 26.16 40.22
CA ARG I 26 -6.02 27.10 39.15
C ARG I 26 -4.79 27.34 38.30
N ALA I 27 -5.01 27.35 36.98
CA ALA I 27 -3.95 27.55 36.00
C ALA I 27 -3.98 28.98 35.47
N SER I 28 -2.84 29.43 34.97
CA SER I 28 -2.76 30.76 34.38
C SER I 28 -3.67 30.87 33.16
N LYS I 29 -3.74 29.81 32.35
CA LYS I 29 -4.59 29.79 31.18
C LYS I 29 -5.16 28.38 31.02
N SER I 30 -5.98 28.22 29.98
CA SER I 30 -6.69 26.96 29.78
C SER I 30 -5.72 25.81 29.58
N ILE I 31 -6.03 24.68 30.21
CA ILE I 31 -5.31 23.43 30.01
C ILE I 31 -6.29 22.30 29.65
N SER I 32 -7.46 22.65 29.15
CA SER I 32 -8.50 21.68 28.81
C SER I 32 -8.80 20.77 29.99
N LYS I 33 -8.63 19.46 29.81
CA LYS I 33 -8.96 18.49 30.85
C LYS I 33 -7.73 17.86 31.50
N PHE I 34 -6.53 18.28 31.12
CA PHE I 34 -5.31 17.55 31.48
C PHE I 34 -4.72 18.15 32.76
N LEU I 35 -5.17 17.59 33.89
CA LEU I 35 -4.58 17.87 35.18
C LEU I 35 -4.45 16.56 35.96
N ALA I 36 -3.43 16.49 36.81
CA ALA I 36 -3.14 15.32 37.60
C ALA I 36 -2.88 15.73 39.04
N TRP I 37 -3.27 14.85 39.95
CA TRP I 37 -3.13 15.07 41.39
C TRP I 37 -2.24 13.99 41.97
N TYR I 38 -1.17 14.42 42.65
CA TYR I 38 -0.15 13.55 43.21
C TYR I 38 -0.07 13.71 44.72
N GLN I 39 0.34 12.65 45.39
CA GLN I 39 0.54 12.63 46.84
C GLN I 39 2.01 12.42 47.15
N GLU I 40 2.53 13.23 48.06
CA GLU I 40 3.89 13.11 48.57
C GLU I 40 3.82 12.94 50.08
N LYS I 41 4.47 11.89 50.60
CA LYS I 41 4.64 11.69 52.02
C LYS I 41 6.05 11.21 52.27
N PRO I 42 6.64 11.53 53.42
CA PRO I 42 8.05 11.18 53.65
C PRO I 42 8.24 9.66 53.73
N GLY I 43 9.43 9.23 53.32
CA GLY I 43 9.84 7.85 53.48
C GLY I 43 9.57 6.94 52.30
N LYS I 44 8.86 7.40 51.27
CA LYS I 44 8.63 6.58 50.11
C LYS I 44 8.22 7.46 48.93
N THR I 45 7.99 6.80 47.79
CA THR I 45 7.83 7.51 46.53
C THR I 45 6.54 8.30 46.49
N ASN I 46 6.55 9.37 45.70
CA ASN I 46 5.33 10.09 45.40
C ASN I 46 4.38 9.20 44.60
N LYS I 47 3.09 9.45 44.75
CA LYS I 47 2.06 8.57 44.21
C LYS I 47 1.08 9.38 43.36
N LEU I 48 0.68 8.80 42.23
CA LEU I 48 -0.30 9.43 41.36
C LEU I 48 -1.70 9.09 41.85
N LEU I 49 -2.48 10.12 42.17
CA LEU I 49 -3.86 9.94 42.61
C LEU I 49 -4.81 10.02 41.43
N ILE I 50 -4.80 11.15 40.73
CA ILE I 50 -5.73 11.40 39.64
C ILE I 50 -4.96 11.84 38.42
N TYR I 51 -5.49 11.56 37.24
CA TYR I 51 -4.93 12.04 35.98
C TYR I 51 -6.05 12.40 35.02
N SER I 52 -5.73 13.30 34.10
CA SER I 52 -6.70 13.81 33.14
C SER I 52 -7.86 14.50 33.85
N GLY I 53 -7.60 15.06 35.03
CA GLY I 53 -8.59 15.83 35.75
C GLY I 53 -9.55 15.00 36.58
N SER I 54 -10.13 13.96 35.98
CA SER I 54 -11.22 13.23 36.62
C SER I 54 -11.11 11.71 36.51
N THR I 55 -10.01 11.18 36.02
CA THR I 55 -9.84 9.74 35.90
C THR I 55 -9.05 9.22 37.10
N LEU I 56 -9.58 8.19 37.74
CA LEU I 56 -8.96 7.62 38.94
C LEU I 56 -7.85 6.65 38.54
N GLN I 57 -6.67 6.83 39.13
CA GLN I 57 -5.58 5.91 38.88
C GLN I 57 -5.86 4.56 39.53
N SER I 58 -5.41 3.49 38.86
CA SER I 58 -5.66 2.16 39.36
C SER I 58 -4.99 1.95 40.71
N GLY I 59 -5.67 1.21 41.59
CA GLY I 59 -5.16 0.93 42.92
C GLY I 59 -5.44 2.01 43.93
N ILE I 60 -5.79 3.22 43.51
CA ILE I 60 -6.12 4.30 44.45
C ILE I 60 -7.52 4.07 45.00
N PRO I 61 -7.75 4.26 46.29
CA PRO I 61 -9.12 4.17 46.81
C PRO I 61 -10.03 5.21 46.16
N SER I 62 -11.30 4.85 45.99
CA SER I 62 -12.24 5.72 45.30
C SER I 62 -12.56 6.98 46.08
N ARG I 63 -12.15 7.09 47.34
CA ARG I 63 -12.44 8.28 48.11
C ARG I 63 -11.73 9.51 47.56
N PHE I 64 -10.75 9.33 46.68
CA PHE I 64 -10.16 10.42 45.91
C PHE I 64 -10.93 10.55 44.59
N SER I 65 -11.37 11.77 44.27
CA SER I 65 -12.09 11.96 43.01
C SER I 65 -11.92 13.41 42.55
N GLY I 66 -11.51 13.57 41.29
CA GLY I 66 -11.23 14.88 40.74
C GLY I 66 -12.38 15.43 39.91
N SER I 67 -12.33 16.73 39.68
CA SER I 67 -13.32 17.41 38.85
C SER I 67 -12.71 18.70 38.32
N GLY I 68 -13.33 19.27 37.30
CA GLY I 68 -12.95 20.56 36.77
C GLY I 68 -12.60 20.47 35.29
N SER I 69 -12.20 21.62 34.76
CA SER I 69 -11.82 21.73 33.35
C SER I 69 -11.25 23.12 33.13
N GLY I 70 -10.81 23.36 31.90
CA GLY I 70 -10.31 24.67 31.52
C GLY I 70 -9.23 25.18 32.46
N THR I 71 -9.56 26.21 33.24
CA THR I 71 -8.61 26.82 34.15
C THR I 71 -8.88 26.51 35.61
N ASP I 72 -9.99 25.85 35.93
CA ASP I 72 -10.37 25.59 37.32
C ASP I 72 -10.49 24.09 37.55
N PHE I 73 -9.81 23.59 38.59
CA PHE I 73 -9.84 22.18 38.90
C PHE I 73 -9.92 21.99 40.41
N THR I 74 -10.43 20.83 40.83
CA THR I 74 -10.55 20.52 42.24
C THR I 74 -10.39 19.01 42.43
N LEU I 75 -9.95 18.66 43.63
CA LEU I 75 -9.87 17.26 44.04
C LEU I 75 -10.61 17.09 45.36
N THR I 76 -11.56 16.16 45.38
CA THR I 76 -12.33 15.83 46.57
C THR I 76 -11.69 14.62 47.24
N ILE I 77 -11.37 14.78 48.52
CA ILE I 77 -10.89 13.69 49.36
C ILE I 77 -11.96 13.44 50.40
N SER I 78 -12.53 12.25 50.41
CA SER I 78 -13.70 11.94 51.22
C SER I 78 -13.34 10.96 52.32
N SER I 79 -13.94 11.15 53.50
CA SER I 79 -13.77 10.24 54.63
C SER I 79 -12.29 10.04 54.94
N LEU I 80 -11.66 11.13 55.37
CA LEU I 80 -10.22 11.16 55.59
C LEU I 80 -9.75 10.02 56.48
N GLU I 81 -8.96 9.12 55.92
CA GLU I 81 -8.22 8.16 56.72
C GLU I 81 -7.01 8.85 57.35
N PRO I 82 -6.50 8.31 58.46
CA PRO I 82 -5.29 8.91 59.06
C PRO I 82 -4.10 8.92 58.12
N GLU I 83 -4.03 7.97 57.18
CA GLU I 83 -2.91 7.94 56.24
C GLU I 83 -3.00 9.02 55.18
N ASP I 84 -4.21 9.56 54.93
CA ASP I 84 -4.40 10.53 53.86
C ASP I 84 -3.82 11.90 54.16
N PHE I 85 -3.41 12.10 55.42
CA PHE I 85 -2.83 13.39 55.88
C PHE I 85 -1.40 13.53 55.33
N ALA I 86 -1.29 13.86 54.04
CA ALA I 86 0.02 14.04 53.41
C ALA I 86 0.03 15.31 52.57
N MET I 87 1.08 15.50 51.78
CA MET I 87 1.21 16.67 50.92
C MET I 87 0.64 16.32 49.55
N TYR I 88 0.04 17.30 48.87
CA TYR I 88 -0.61 17.06 47.60
C TYR I 88 -0.24 18.14 46.59
N TYR I 89 -0.06 17.72 45.34
CA TYR I 89 0.29 18.63 44.25
C TYR I 89 -0.64 18.43 43.06
N CYS I 90 -0.84 19.51 42.31
CA CYS I 90 -1.57 19.49 41.04
C CYS I 90 -0.62 19.87 39.92
N GLN I 91 -0.73 19.16 38.79
CA GLN I 91 0.19 19.32 37.67
C GLN I 91 -0.60 19.32 36.37
N GLN I 92 -0.23 20.22 35.45
CA GLN I 92 -0.80 20.17 34.11
C GLN I 92 0.09 19.39 33.17
N HIS I 93 -0.54 18.66 32.26
CA HIS I 93 0.19 18.01 31.18
C HIS I 93 -0.46 18.31 29.82
N ASN I 94 -1.12 19.47 29.69
CA ASN I 94 -1.62 19.93 28.39
C ASN I 94 -0.53 20.66 27.63
N GLU I 95 -0.06 21.79 28.17
CA GLU I 95 1.03 22.51 27.55
C GLU I 95 2.35 21.91 28.01
N TYR I 96 3.33 21.88 27.12
CA TYR I 96 4.44 20.96 27.30
C TYR I 96 5.22 21.17 28.58
N PRO I 97 5.67 22.38 28.93
CA PRO I 97 6.51 22.52 30.12
C PRO I 97 5.73 22.25 31.39
N TYR I 98 5.56 20.96 31.70
CA TYR I 98 4.80 20.53 32.86
C TYR I 98 5.14 21.40 34.06
N THR I 99 4.10 21.89 34.74
CA THR I 99 4.26 22.75 35.89
C THR I 99 3.43 22.23 37.05
N PHE I 100 4.00 22.28 38.25
CA PHE I 100 3.34 21.81 39.46
C PHE I 100 2.92 22.99 40.31
N GLY I 101 1.82 22.81 41.05
CA GLY I 101 1.46 23.79 42.05
C GLY I 101 2.40 23.74 43.24
N ALA I 102 2.37 24.81 44.03
CA ALA I 102 3.25 24.88 45.19
C ALA I 102 2.92 23.81 46.21
N GLY I 103 1.75 23.20 46.13
CA GLY I 103 1.37 22.10 47.00
C GLY I 103 0.62 22.56 48.23
N THR I 104 -0.01 21.59 48.90
CA THR I 104 -0.80 21.83 50.09
C THR I 104 -0.42 20.80 51.14
N LYS I 105 -0.49 21.23 52.41
CA LYS I 105 -0.19 20.38 53.58
C LYS I 105 -1.52 20.02 54.27
N LEU I 106 -1.75 18.73 54.50
CA LEU I 106 -2.99 18.26 55.10
C LEU I 106 -2.67 17.61 56.44
N GLU I 107 -3.20 18.20 57.51
CA GLU I 107 -2.91 17.70 58.88
C GLU I 107 -4.09 16.91 59.44
N LEU I 108 -3.99 16.52 60.72
CA LEU I 108 -5.06 15.73 61.37
C LEU I 108 -5.14 16.12 62.85
N LYS I 109 -6.29 15.79 63.47
CA LYS I 109 -6.60 16.06 64.87
C LYS I 109 -6.48 17.55 65.17
N ARG I 110 -7.38 18.29 64.52
CA ARG I 110 -7.29 19.74 64.43
C ARG I 110 -7.94 20.36 65.67
N THR I 111 -7.12 20.61 66.68
CA THR I 111 -7.52 21.32 67.90
C THR I 111 -6.52 22.45 68.17
N VAL I 112 -6.81 23.23 69.19
CA VAL I 112 -5.99 24.40 69.55
C VAL I 112 -5.19 24.09 70.79
N ALA I 113 -3.98 24.65 70.86
CA ALA I 113 -3.10 24.47 71.99
C ALA I 113 -2.11 25.61 72.02
N ALA I 114 -1.73 26.04 73.24
CA ALA I 114 -0.86 27.20 73.38
C ALA I 114 0.60 26.77 73.53
N PRO I 115 1.53 27.63 73.13
CA PRO I 115 2.96 27.29 73.27
C PRO I 115 3.46 27.38 74.70
N SER I 116 4.60 26.75 74.93
CA SER I 116 5.40 27.00 76.11
C SER I 116 6.66 27.75 75.67
N VAL I 117 6.86 28.94 76.23
CA VAL I 117 7.83 29.90 75.72
C VAL I 117 8.97 30.04 76.72
N PHE I 118 10.18 29.75 76.27
CA PHE I 118 11.39 29.76 77.09
C PHE I 118 12.46 30.57 76.39
N ILE I 119 13.45 30.99 77.18
CA ILE I 119 14.60 31.74 76.68
C ILE I 119 15.84 31.24 77.39
N PHE I 120 16.96 31.16 76.68
CA PHE I 120 18.17 30.62 77.26
C PHE I 120 19.35 31.55 77.01
N PRO I 121 20.33 31.56 77.90
CA PRO I 121 21.53 32.37 77.67
C PRO I 121 22.57 31.60 76.88
N PRO I 122 23.51 32.30 76.25
CA PRO I 122 24.66 31.61 75.64
C PRO I 122 25.66 31.22 76.71
N SER I 123 25.88 29.91 76.87
CA SER I 123 26.80 29.43 77.89
C SER I 123 28.19 30.03 77.70
N ASP I 124 28.99 30.01 78.75
CA ASP I 124 30.28 30.67 78.72
C ASP I 124 31.16 30.15 77.58
N GLU I 125 31.01 28.87 77.21
CA GLU I 125 31.78 28.34 76.09
C GLU I 125 31.31 28.91 74.77
N GLN I 126 30.10 29.47 74.69
CA GLN I 126 29.73 30.29 73.55
C GLN I 126 30.48 31.61 73.57
N LEU I 127 30.54 32.24 74.75
CA LEU I 127 31.11 33.58 74.85
C LEU I 127 32.61 33.60 74.66
N LYS I 128 33.30 32.50 74.98
CA LYS I 128 34.75 32.47 74.75
C LYS I 128 35.09 32.47 73.27
N SER I 129 34.11 32.22 72.39
CA SER I 129 34.32 32.36 70.95
C SER I 129 34.35 33.82 70.52
N GLY I 130 34.06 34.75 71.42
CA GLY I 130 33.98 36.16 71.08
C GLY I 130 32.62 36.59 70.56
N THR I 131 31.66 35.67 70.44
CA THR I 131 30.33 35.99 69.95
C THR I 131 29.29 35.37 70.88
N ALA I 132 28.24 36.13 71.15
CA ALA I 132 27.13 35.68 72.00
C ALA I 132 25.92 35.40 71.11
N SER I 133 25.30 34.23 71.31
CA SER I 133 24.14 33.81 70.53
C SER I 133 23.03 33.38 71.48
N VAL I 134 22.05 34.25 71.66
CA VAL I 134 20.91 33.96 72.52
C VAL I 134 19.90 33.11 71.76
N VAL I 135 19.24 32.21 72.48
CA VAL I 135 18.26 31.28 71.91
C VAL I 135 16.91 31.49 72.57
N CYS I 136 15.86 31.52 71.76
CA CYS I 136 14.48 31.60 72.22
C CYS I 136 13.72 30.40 71.68
N LEU I 137 12.85 29.82 72.51
CA LEU I 137 12.19 28.56 72.19
C LEU I 137 10.70 28.65 72.44
N LEU I 138 9.92 28.05 71.54
CA LEU I 138 8.50 27.82 71.70
C LEU I 138 8.24 26.33 71.52
N ASN I 139 7.37 25.76 72.37
CA ASN I 139 7.16 24.29 72.26
C ASN I 139 5.68 23.91 72.27
N ASN I 140 5.37 22.77 71.66
CA ASN I 140 4.02 22.15 71.57
C ASN I 140 2.92 23.21 71.37
N PHE I 141 2.86 23.83 70.19
CA PHE I 141 1.79 24.78 69.94
C PHE I 141 1.09 24.47 68.62
N TYR I 142 -0.17 24.88 68.54
CA TYR I 142 -0.95 24.85 67.32
C TYR I 142 -2.03 25.90 67.46
N PRO I 143 -2.36 26.67 66.40
CA PRO I 143 -1.83 26.65 65.03
C PRO I 143 -0.36 27.05 64.91
N ARG I 144 0.14 27.06 63.69
CA ARG I 144 1.57 27.40 63.42
C ARG I 144 1.70 28.89 63.08
N GLU I 145 0.86 29.73 63.66
CA GLU I 145 0.95 31.17 63.39
C GLU I 145 1.79 31.89 64.44
N ALA I 146 2.71 31.17 65.07
CA ALA I 146 3.55 31.78 66.09
C ALA I 146 4.47 32.83 65.48
N LYS I 147 4.70 33.90 66.22
CA LYS I 147 5.63 34.96 65.82
C LYS I 147 6.52 35.32 67.00
N VAL I 148 7.78 35.61 66.69
CA VAL I 148 8.83 35.79 67.69
C VAL I 148 9.41 37.20 67.57
N GLN I 149 10.05 37.63 68.66
CA GLN I 149 10.49 39.00 68.81
C GLN I 149 11.56 39.06 69.89
N TRP I 150 12.48 40.04 69.77
CA TRP I 150 13.61 40.13 70.68
C TRP I 150 13.75 41.56 71.22
N LYS I 151 14.30 41.67 72.42
CA LYS I 151 14.65 42.94 73.03
C LYS I 151 15.89 42.77 73.91
N VAL I 152 16.78 43.75 73.85
CA VAL I 152 17.99 43.77 74.67
C VAL I 152 18.02 45.08 75.43
N ASP I 153 18.08 45.00 76.76
CA ASP I 153 17.98 46.18 77.61
C ASP I 153 16.76 47.01 77.20
N ASN I 154 15.64 46.32 77.00
CA ASN I 154 14.40 46.90 76.48
C ASN I 154 14.60 47.67 75.19
N ALA I 155 15.65 47.33 74.43
CA ALA I 155 15.88 47.89 73.10
C ALA I 155 15.54 46.82 72.06
N LEU I 156 14.67 47.17 71.12
CA LEU I 156 14.20 46.21 70.13
C LEU I 156 15.31 45.84 69.15
N GLN I 157 15.29 44.60 68.69
CA GLN I 157 16.28 44.08 67.76
C GLN I 157 15.60 43.44 66.57
N SER I 158 16.28 43.49 65.43
CA SER I 158 15.82 42.84 64.21
C SER I 158 16.98 42.82 63.21
N GLY I 159 16.91 41.89 62.27
CA GLY I 159 17.95 41.75 61.27
C GLY I 159 19.14 40.94 61.76
N ASN I 160 19.58 41.21 62.99
CA ASN I 160 20.67 40.48 63.62
C ASN I 160 20.21 39.16 64.22
N SER I 161 19.03 38.67 63.83
CA SER I 161 18.44 37.47 64.41
C SER I 161 17.82 36.64 63.30
N GLN I 162 17.36 35.44 63.68
CA GLN I 162 16.80 34.48 62.75
C GLN I 162 15.83 33.58 63.49
N GLU I 163 14.96 32.91 62.73
CA GLU I 163 13.98 31.99 63.30
C GLU I 163 13.90 30.73 62.45
N SER I 164 13.43 29.66 63.06
CA SER I 164 13.30 28.36 62.40
C SER I 164 12.24 27.55 63.13
N VAL I 165 11.68 26.58 62.40
CA VAL I 165 10.54 25.81 62.88
C VAL I 165 10.83 24.33 62.70
N THR I 166 10.13 23.52 63.50
CA THR I 166 10.18 22.08 63.33
C THR I 166 9.52 21.66 62.03
N GLU I 167 9.82 20.44 61.59
CA GLU I 167 8.99 19.81 60.58
C GLU I 167 7.68 19.39 61.23
N GLN I 168 6.57 19.78 60.61
CA GLN I 168 5.27 19.61 61.23
C GLN I 168 5.03 18.17 61.65
N ASP I 169 4.66 17.99 62.91
CA ASP I 169 4.48 16.66 63.47
C ASP I 169 3.23 16.01 62.91
N SER I 170 3.35 14.72 62.60
CA SER I 170 2.19 13.88 62.32
C SER I 170 1.77 13.04 63.51
N LYS I 171 2.64 12.90 64.50
CA LYS I 171 2.33 12.12 65.68
C LYS I 171 1.31 12.85 66.56
N ASP I 172 1.52 14.15 66.79
CA ASP I 172 0.60 14.96 67.57
C ASP I 172 0.16 16.25 66.87
N SER I 173 0.79 16.63 65.77
CA SER I 173 0.43 17.83 65.02
C SER I 173 0.54 19.09 65.88
N THR I 174 1.46 19.09 66.84
CA THR I 174 1.83 20.28 67.58
C THR I 174 3.30 20.58 67.32
N TYR I 175 3.63 21.86 67.25
CA TYR I 175 4.87 22.32 66.66
C TYR I 175 5.73 23.05 67.69
N SER I 176 6.97 23.31 67.29
CA SER I 176 7.94 24.03 68.11
C SER I 176 8.78 24.92 67.21
N LEU I 177 9.39 25.94 67.81
CA LEU I 177 10.11 26.96 67.08
C LEU I 177 11.36 27.34 67.85
N SER I 178 12.48 27.53 67.15
CA SER I 178 13.73 27.97 67.74
C SER I 178 14.24 29.19 66.98
N SER I 179 14.60 30.23 67.73
CA SER I 179 15.10 31.46 67.13
C SER I 179 16.40 31.85 67.83
N THR I 180 17.23 32.61 67.11
CA THR I 180 18.55 32.98 67.58
C THR I 180 18.80 34.46 67.35
N LEU I 181 19.59 35.06 68.24
CA LEU I 181 20.05 36.44 68.08
C LEU I 181 21.54 36.49 68.36
N THR I 182 22.27 37.20 67.49
CA THR I 182 23.73 37.23 67.55
C THR I 182 24.23 38.62 67.94
N LEU I 183 25.32 38.65 68.71
CA LEU I 183 25.87 39.91 69.20
C LEU I 183 27.34 39.67 69.56
N SER I 184 28.06 40.76 69.76
CA SER I 184 29.45 40.66 70.20
C SER I 184 29.52 40.34 71.69
N LYS I 185 30.61 39.68 72.08
CA LYS I 185 30.81 39.35 73.49
C LYS I 185 30.95 40.62 74.34
N ALA I 186 31.60 41.64 73.79
CA ALA I 186 31.77 42.88 74.54
C ALA I 186 30.42 43.52 74.87
N ASP I 187 29.53 43.59 73.87
CA ASP I 187 28.19 44.11 74.12
C ASP I 187 27.41 43.18 75.03
N TYR I 188 27.61 41.87 74.88
CA TYR I 188 26.92 40.91 75.75
C TYR I 188 27.26 41.14 77.21
N GLU I 189 28.54 41.40 77.50
CA GLU I 189 28.96 41.56 78.88
C GLU I 189 28.25 42.73 79.56
N LYS I 190 28.14 43.86 78.86
CA LYS I 190 27.52 45.04 79.45
C LYS I 190 26.00 44.97 79.40
N HIS I 191 25.43 44.32 78.39
CA HIS I 191 23.99 44.17 78.29
C HIS I 191 23.54 43.06 79.24
N LYS I 192 22.72 43.42 80.24
CA LYS I 192 22.34 42.49 81.28
C LYS I 192 21.01 41.80 80.99
N VAL I 193 20.02 42.56 80.56
CA VAL I 193 18.68 42.03 80.32
C VAL I 193 18.62 41.47 78.90
N TYR I 194 18.05 40.28 78.75
CA TYR I 194 17.59 39.84 77.44
C TYR I 194 16.16 39.38 77.56
N ALA I 195 15.34 39.69 76.55
CA ALA I 195 13.95 39.28 76.55
C ALA I 195 13.55 38.81 75.16
N CYS I 196 12.72 37.77 75.13
CA CYS I 196 12.11 37.28 73.90
C CYS I 196 10.60 37.29 74.08
N GLU I 197 9.90 37.92 73.15
CA GLU I 197 8.46 38.04 73.18
C GLU I 197 7.89 37.25 72.00
N VAL I 198 6.63 36.85 72.12
CA VAL I 198 5.97 36.07 71.07
C VAL I 198 4.48 36.36 71.08
N THR I 199 3.85 36.03 69.96
CA THR I 199 2.40 36.02 69.86
C THR I 199 1.95 34.76 69.14
N HIS I 200 0.78 34.25 69.53
CA HIS I 200 0.26 33.00 69.01
C HIS I 200 -1.23 33.15 68.76
N GLN I 201 -1.73 32.46 67.74
CA GLN I 201 -3.15 32.56 67.38
C GLN I 201 -4.04 32.08 68.51
N GLY I 202 -3.58 31.11 69.30
CA GLY I 202 -4.34 30.54 70.38
C GLY I 202 -4.21 31.26 71.70
N LEU I 203 -3.54 32.40 71.74
CA LEU I 203 -3.33 33.15 72.97
C LEU I 203 -3.93 34.54 72.84
N SER I 204 -4.34 35.10 73.99
CA SER I 204 -5.03 36.38 74.03
C SER I 204 -4.10 37.56 74.26
N SER I 205 -2.82 37.32 74.55
CA SER I 205 -1.89 38.39 74.88
C SER I 205 -0.50 37.96 74.48
N PRO I 206 0.40 38.90 74.17
CA PRO I 206 1.78 38.50 73.88
C PRO I 206 2.46 37.94 75.13
N VAL I 207 3.34 36.97 74.92
CA VAL I 207 4.05 36.29 76.00
C VAL I 207 5.52 36.66 75.90
N THR I 208 6.03 37.31 76.93
CA THR I 208 7.42 37.76 76.95
C THR I 208 8.15 37.11 78.13
N LYS I 209 9.33 36.57 77.85
CA LYS I 209 10.19 35.98 78.86
C LYS I 209 11.49 36.77 78.88
N SER I 210 12.14 36.81 80.05
CA SER I 210 13.35 37.61 80.19
C SER I 210 14.30 36.97 81.19
N PHE I 211 15.59 37.26 81.03
CA PHE I 211 16.60 36.72 81.92
C PHE I 211 17.74 37.73 82.07
N ASN I 212 18.46 37.58 83.17
CA ASN I 212 19.51 38.50 83.60
C ASN I 212 20.75 37.70 83.96
N ARG I 213 21.85 38.39 84.22
CA ARG I 213 23.07 37.71 84.63
C ARG I 213 22.89 37.01 85.96
N GLY I 214 23.68 35.94 86.17
CA GLY I 214 23.79 35.31 87.47
C GLY I 214 22.72 34.31 87.81
N GLU I 215 21.83 33.97 86.89
CA GLU I 215 20.75 33.03 87.16
C GLU I 215 20.57 32.06 86.00
C1 NAG J . 54.56 -22.12 -68.95
C2 NAG J . 55.49 -23.09 -68.24
C3 NAG J . 56.73 -23.34 -69.08
C4 NAG J . 56.33 -23.82 -70.47
C5 NAG J . 55.36 -22.83 -71.11
C6 NAG J . 54.82 -23.31 -72.44
C7 NAG J . 55.34 -23.10 -65.80
C8 NAG J . 55.82 -22.48 -64.52
N2 NAG J . 55.84 -22.60 -66.92
O3 NAG J . 57.55 -24.32 -68.45
O4 NAG J . 57.49 -23.91 -71.30
O5 NAG J . 54.22 -22.64 -70.25
O6 NAG J . 54.35 -24.65 -72.36
O7 NAG J . 54.53 -24.02 -65.80
C1 NAG K . 15.43 -19.40 -64.13
C2 NAG K . 15.23 -18.64 -65.45
C3 NAG K . 14.17 -17.54 -65.37
C4 NAG K . 12.93 -18.05 -64.63
C5 NAG K . 13.20 -18.92 -63.40
C6 NAG K . 11.97 -19.63 -62.89
C7 NAG K . 17.02 -19.06 -67.07
C8 NAG K . 18.25 -18.51 -67.74
N2 NAG K . 16.42 -18.25 -66.19
O3 NAG K . 13.82 -17.12 -66.69
O4 NAG K . 11.70 -17.36 -64.79
O5 NAG K . 14.18 -19.93 -63.69
O6 NAG K . 10.88 -18.73 -62.75
O7 NAG K . 16.61 -20.19 -67.32
C1 NAG L . 27.90 -22.36 -52.97
C2 NAG L . 28.62 -23.67 -53.33
C3 NAG L . 28.68 -24.59 -52.12
C4 NAG L . 29.29 -23.87 -50.93
C5 NAG L . 28.53 -22.58 -50.65
C6 NAG L . 29.13 -21.76 -49.55
C7 NAG L . 28.39 -24.25 -55.70
C8 NAG L . 27.58 -24.99 -56.72
N2 NAG L . 27.95 -24.31 -54.44
O3 NAG L . 29.47 -25.73 -52.45
O4 NAG L . 29.24 -24.70 -49.77
O5 NAG L . 28.54 -21.76 -51.83
O6 NAG L . 30.47 -21.38 -49.85
O7 NAG L . 29.40 -23.61 -56.00
C1 NAG M . 19.07 -29.44 -0.67
C2 NAG M . 18.68 -30.53 0.33
C3 NAG M . 18.99 -30.06 1.74
C4 NAG M . 20.45 -29.62 1.85
C5 NAG M . 20.78 -28.59 0.77
C6 NAG M . 22.24 -28.23 0.73
C7 NAG M . 16.88 -32.03 -0.38
C8 NAG M . 15.39 -32.23 -0.43
N2 NAG M . 17.29 -30.89 0.19
O3 NAG M . 18.73 -31.12 2.65
O4 NAG M . 20.68 -29.05 3.13
O5 NAG M . 20.44 -29.11 -0.53
O6 NAG M . 22.47 -27.13 -0.14
O7 NAG M . 17.66 -32.84 -0.84
C1 NAG N . 23.74 2.45 -87.48
C2 NAG N . 22.45 1.92 -88.11
C3 NAG N . 22.71 1.52 -89.56
C4 NAG N . 23.31 2.68 -90.33
C5 NAG N . 24.55 3.21 -89.61
C6 NAG N . 25.13 4.45 -90.25
C7 NAG N . 20.84 0.93 -86.55
C8 NAG N . 20.41 -0.33 -85.84
N2 NAG N . 21.91 0.81 -87.34
O3 NAG N . 21.47 1.13 -90.16
O4 NAG N . 23.66 2.26 -91.64
O5 NAG N . 24.24 3.54 -88.25
O6 NAG N . 24.13 5.42 -90.49
O7 NAG N . 20.24 1.99 -86.42
C1 NAG O . 26.38 27.64 -57.14
C2 NAG O . 27.84 28.00 -57.46
C3 NAG O . 28.71 28.19 -56.22
C4 NAG O . 27.96 29.02 -55.17
C5 NAG O . 26.47 28.69 -54.99
C6 NAG O . 25.74 29.73 -54.18
C7 NAG O . 28.42 27.63 -59.82
C8 NAG O . 29.16 26.76 -60.80
N2 NAG O . 28.50 27.27 -58.53
O3 NAG O . 29.92 28.85 -56.57
O4 NAG O . 28.69 29.65 -54.13
O5 NAG O . 25.83 28.63 -56.28
O6 NAG O . 26.41 30.01 -52.96
O7 NAG O . 27.78 28.62 -60.18
C1 NAG P . 15.59 14.86 -60.16
C2 NAG P . 14.80 15.15 -61.43
C3 NAG P . 13.30 15.01 -61.17
C4 NAG P . 12.99 13.66 -60.55
C5 NAG P . 13.85 13.45 -59.31
C6 NAG P . 13.66 12.08 -58.69
C7 NAG P . 15.95 16.69 -62.96
C8 NAG P . 16.15 18.12 -63.35
N2 NAG P . 15.10 16.47 -61.94
O3 NAG P . 12.59 15.15 -62.40
O4 NAG P . 11.62 13.58 -60.19
O5 NAG P . 15.23 13.57 -59.65
O6 NAG P . 14.02 11.04 -59.59
O7 NAG P . 16.51 15.77 -63.53
C1 NAG Q . -23.35 1.00 -26.19
C2 NAG Q . -24.79 1.37 -25.82
C3 NAG Q . -25.41 0.27 -24.98
C4 NAG Q . -25.30 -1.07 -25.70
C5 NAG Q . -23.85 -1.34 -26.11
C6 NAG Q . -23.69 -2.58 -26.95
C7 NAG Q . -25.26 3.77 -25.69
C8 NAG Q . -25.24 4.99 -24.81
N2 NAG Q . -24.83 2.64 -25.12
O3 NAG Q . -26.77 0.58 -24.73
O4 NAG Q . -25.74 -2.12 -24.84
O5 NAG Q . -23.35 -0.25 -26.88
O6 NAG Q . -22.32 -2.91 -27.14
O7 NAG Q . -25.64 3.81 -26.85
C1 NAG R . 57.22 21.33 -67.01
C2 NAG R . 57.37 22.82 -66.76
C3 NAG R . 58.00 23.50 -67.97
C4 NAG R . 59.31 22.83 -68.32
C5 NAG R . 59.12 21.33 -68.50
C6 NAG R . 60.41 20.58 -68.72
C7 NAG R . 55.75 23.79 -65.20
C8 NAG R . 54.39 24.40 -65.04
N2 NAG R . 56.09 23.42 -66.44
O3 NAG R . 58.22 24.88 -67.68
O4 NAG R . 59.84 23.37 -69.53
O5 NAG R . 58.51 20.77 -67.32
O6 NAG R . 61.39 20.94 -67.75
O7 NAG R . 56.51 23.64 -64.24
C1 NAG S . 55.80 -7.06 -39.56
C2 NAG S . 56.15 -8.17 -40.56
C3 NAG S . 55.38 -9.47 -40.31
C4 NAG S . 55.39 -9.81 -38.82
C5 NAG S . 55.17 -8.64 -37.87
C6 NAG S . 55.48 -8.98 -36.44
C7 NAG S . 57.37 -7.33 -42.52
C8 NAG S . 57.29 -7.00 -43.98
N2 NAG S . 56.24 -7.80 -41.96
O3 NAG S . 56.00 -10.52 -41.06
O4 NAG S . 55.11 -11.15 -38.42
O5 NAG S . 56.02 -7.54 -38.22
O6 NAG S . 54.82 -10.17 -36.04
O7 NAG S . 58.41 -7.19 -41.87
C1 NAG T . 49.27 8.64 -39.77
C2 NAG T . 50.41 9.66 -39.86
C3 NAG T . 50.27 10.71 -38.77
C4 NAG T . 48.88 11.33 -38.79
C5 NAG T . 47.82 10.23 -38.71
C6 NAG T . 46.41 10.76 -38.82
C7 NAG T . 52.44 8.74 -40.87
C8 NAG T . 53.76 8.05 -40.60
N2 NAG T . 51.69 8.99 -39.79
O3 NAG T . 51.25 11.72 -38.96
O4 NAG T . 48.72 12.21 -37.69
O5 NAG T . 48.01 9.31 -39.79
O6 NAG T . 46.20 11.42 -40.06
O7 NAG T . 52.08 9.04 -42.00
C1 NAG U . 20.25 28.64 0.47
C2 NAG U . 20.42 29.34 1.82
C3 NAG U . 19.10 29.96 2.26
C4 NAG U . 18.56 30.87 1.16
C5 NAG U . 18.49 30.12 -0.17
C6 NAG U . 18.11 31.02 -1.33
C7 NAG U . 22.17 28.43 3.27
C8 NAG U . 22.50 27.41 4.33
N2 NAG U . 20.91 28.42 2.84
O3 NAG U . 19.29 30.70 3.45
O4 NAG U . 17.25 31.33 1.50
O5 NAG U . 19.78 29.57 -0.49
O6 NAG U . 17.87 30.26 -2.51
O7 NAG U . 23.00 29.23 2.86
#